data_7DL2
#
_entry.id   7DL2
#
loop_
_entity.id
_entity.type
_entity.pdbx_description
1 polymer Hamartin
2 polymer 'Isoform 7 of Tuberin'
3 polymer 'TBC1 domain family member 7'
4 polymer 'unknown protein'
#
loop_
_entity_poly.entity_id
_entity_poly.type
_entity_poly.pdbx_seq_one_letter_code
_entity_poly.pdbx_strand_id
1 'polypeptide(L)'
;MAQQANVGELLAMLDSPMLGVRDDVTAVFKENLNSDRGPMLVNTLVDYYLETSSQPALHILTTLQEPHDKHLLDRINEYV
GKAATRLSILSLLGHVIRLQPSWKHKLSQAPLLPSLLKCLKMDTDVVVLTTGVLVLITMLPMIPQSGKQHLLDFFDIFGR
LSSWCLKKPGHVAEVYLVHLHASVYALFHRLYGMYPCNFVSFLRSHYSMKENLETFEEVVKPMMEHVRIHPELVTGSKDH
ELDPRRWKRLETHDVVIECAKISLDPTEASYEDGYSVSHQISARFPHRSADVTTSPYADTQNSYGCATSTPYSTSRLMLL
NMPGQLPQTLSSPSTRLITEPPQATLWSPSMVCGMTTPPTSPGNVPPDLSHPYSKVFGTTAGGKGTPLGTPATSPPPAPL
CHSDDYVHISLPQATVTPPRKEERMDSARPCLHRQHHLLNDRGSEEPPGSKGSVTLSDLPGFLGDLASEEDSIEKDKEEA
AISRELSEITTAEAEPVVPRGGFDSPFYRDSLPGSQRKTHSAASSSQGASVNPEPLHSSLDKLGPDTPKQAFTPIDLPCG
SADESPAGDRECQTSLETSIFTPSPCKIPPPTRVGFGSGQPPPYDHLFEVALPKTAHHFVIRKTEELLKKAKGNTEEDGV
PSTSPMEVLDRLIQQGADAHSKELNKLPLPSKSVDWTHFGGSPPSDEIRTLRDQLLLLHNQLLYERFKRQQHALRNRRLL
RKVIKAAALEEHNAAMKDQLKLQEKDIQMWKVSLQKEQARYNQLQEQRDTMVTKLHSQIRQLQHDREEFYNQSQELQTKL
EDCRNMIAELRIELKKANNKVCHTELLLSQVSQKLSNSESVQQQMEFLNRQLLVLGEVNELYLEQLQNKHSDTTKEVEMM
KAAYRKELEKNRSHVLQQTQRLDTSQKRILELESHLAKKDHLLLEQKKYLEDVKLQARGQLQAAESRYEAQKRITQVFEL
EILDLYGRLEKDGLLKKLEEEKAEAAEAAEERLDCCNDGCSDSMVGHNEEASGHNGETKTPRPSSARGSSGSRGGGGSSS
SSSELSTPEKPPHQRAGPFSSRWETTMGEASASIPTTVGSLPSSKSFLGMKARELFRNKSESQCDEDGMTSSLSESLKTE
LGKDLGVEAKIPLNLDGPHPSPPTPDSVGQLHIMDYNETHHEHS
;
D,C
2 'polypeptide(L)'
;MECGLNNRIRMIGQICEVAKTKKFEEHAVEALWKAVADLLQPERPLEARHAVLALLKAIVQGQGERLGVLRALFFKVIKD
YPSNEDLHERLEVFKALTDNGRHITYLEEELADFVLQWMDVGLSSEFLLVLVNLVKFNSCYLDEYIARMVQMICLLCVRT
ASSVDIEVSLQVLDAVVCYNCLPAESLPLFIVTLCRTINVKELCEPCWKLMRNLLGTHLGHSAIYNMCHLMEDRAYMEDA
PLLRGAVFFVGMALWGAHRLYSLRNSPTSVLPSFYQAMACPNEVVSYEIVLSITRLIKKYRKELQVVAWDILLNIIERLL
QQLQTLDSPELRTIVHDLLTTVEELCDQNEFHGSQERYFELVERCADQRPESSLLNLISYRAQSIHPAKDGWIQNLQALM
ERFFRSESRGAVRIKVLDVLSFVLLINRQFYEEELINSVVISQLSHIPEDKDHQVRKLATQLLVDLAEGCHTHHFNSLLD
IIEKVMARSLSPPPELEERDVAAYSASLEDVKTAVLGLLVILQTKLYTLPASHATRVYEMLVSHIQLHYKHSYTLPIASS
IRLQAFDFLLLLRADSLHRLGLPNKDGVVRFSPYCVCDYMEPERGSEKKTSGPLSPPTGPPGPAPAGPAVRLGSVPYSLL
FRVLLQCLKQESDWKVLKLVLGRLPESLRYKVLIFTSPCSVDQLCSALCSMLSGPKTLERLRGAPEGFSRTDLHLAVVPV
LTALISYHNYLDKTKQREMVYCLEQGLIHRCASQCVVALSICSVEMPDIIIKALPVLVVKLTHISATASMAVPLLEFLST
LARLPHLYRNFAAEQYASVFAISLPYTNPSKFNQYIVCLAHHVIAMWFIRCRLPFRKDFVPFITKGLRSNVLLSFDDTPE
KDSFRARSTSLNERPKSRIQTSLTSASLGSADENSVAQADDSLKNLHLELTETCLDMMARYVFSNFTAVPKRSPVGEFLL
AGGRTKTWLVGNKLVTVTTSVGTGTRSLLGLDSGELQSGPESSSSPGVHVRQTKEAPAKLESQAGQQVSRGARDRVRSMS
GGHGLRVGALDVPASQFLGSATSPGPRTAPAAKPEKASAGTRVPVQEKTNLAAYVPLLTQGWAEILVRRPTGNTSWLMSL
ENPLSPFSSDINNMPLQELSNALMAAERFKEHRDTALYKSLSVPAASTAKPPPLPRSNTDSAVVMEEGSPGEVPVLVEPP
GLEDVEAALGMDRRTDAYSRSSSVSSQEEKSLHAEELVGRGIPIERVVSSEGGRPSVDLSFQPSQPLSKSSSSPELQTLQ
DILGDPGDKADVGRLSPEVKARSQSGTLDGESAAWSASGEDSRGQPEGPLPSSSPRSPSGLRPRGYTISDSAPSRRGKRV
ERDALKSRATASNAEKVPGINPSFVFLQLYHSPFFGDESNKPILLPNESQSFERSVQLLDQIPSYDTHKIAVLYVGEGQS
NSELAILSNEHGSYRYTEFLTGLGRLIELKDCQPDKVYLGGLDVCGEDGQFTYCWHDDIMQAVFHIATLMPTKDVDKHRC
DKKRHLGNDFVSIVYNDSGEDFKLGTIKGQFNFVHVIVTPLDYECNLVSLQCRKDMEGLVDTSVAKIVSDRNLPFVARQM
ALHANMASQVHHSRSNPTDIYPSKWIARLRHIKRLRQRICEEAAYSNPSLPLVHPPSHSKAPAQTPAEPTPGYEVGQRKR
LISSVEDFTEFV
;
A,B
3 'polypeptide(L)'
;GVEEKKSLEILLKDDRLDTEKLCTFSQRFPLPSMYRALVWKVLLGILPPHHESHAKVMMYRKEQYLDVLHALKVVRFVSD
ATPQAEVYLRMYQLESGKLPRSPSFPLEPDDEVFLAIAKAMEEMVEDSVDCYWITRRFVNQLNTKYRDSLPQLPKAFEQY
LNLEDGRLLTHLRMCSAAPKLPYDLWFKRCFAGCLPESSLQRVWDKVVSGSCKILVFVAVEILLTFKIKVMALNSAEKIT
KFLENIPQDSSDAIVSKAIDLWHKHCG
;
E
4 'polypeptide(L)'
;(UNK)(UNK)(UNK)(UNK)(UNK)(UNK)(UNK)(UNK)(UNK)(UNK)(UNK)(UNK)(UNK)(UNK)(UNK)(UNK)
(UNK)(UNK)(UNK)(UNK)(UNK)(UNK)(UNK)(UNK)(UNK)(UNK)(UNK)(UNK)(UNK)(UNK)(UNK)(UNK)
(UNK)(UNK)(UNK)(UNK)(UNK)(UNK)(UNK)(UNK)(UNK)(UNK)(UNK)(UNK)(UNK)(UNK)(UNK)(UNK)
(UNK)(UNK)(UNK)(UNK)(UNK)(UNK)(UNK)(UNK)(UNK)(UNK)(UNK)(UNK)(UNK)(UNK)(UNK)(UNK)
(UNK)(UNK)(UNK)(UNK)(UNK)(UNK)(UNK)(UNK)(UNK)(UNK)(UNK)(UNK)(UNK)(UNK)(UNK)(UNK)
(UNK)(UNK)(UNK)(UNK)(UNK)(UNK)(UNK)(UNK)(UNK)(UNK)(UNK)(UNK)(UNK)(UNK)(UNK)(UNK)
(UNK)(UNK)(UNK)(UNK)(UNK)(UNK)(UNK)(UNK)(UNK)(UNK)(UNK)(UNK)(UNK)(UNK)(UNK)(UNK)
(UNK)(UNK)(UNK)(UNK)(UNK)(UNK)(UNK)(UNK)(UNK)(UNK)(UNK)(UNK)(UNK)(UNK)(UNK)(UNK)
(UNK)(UNK)(UNK)(UNK)(UNK)(UNK)(UNK)(UNK)(UNK)(UNK)(UNK)(UNK)(UNK)(UNK)(UNK)(UNK)
(UNK)(UNK)(UNK)(UNK)(UNK)(UNK)(UNK)(UNK)(UNK)(UNK)(UNK)(UNK)(UNK)(UNK)(UNK)(UNK)
(UNK)(UNK)(UNK)(UNK)(UNK)(UNK)(UNK)(UNK)(UNK)(UNK)(UNK)(UNK)(UNK)(UNK)(UNK)(UNK)
(UNK)(UNK)(UNK)(UNK)(UNK)(UNK)(UNK)(UNK)(UNK)(UNK)(UNK)(UNK)(UNK)(UNK)(UNK)(UNK)
(UNK)(UNK)(UNK)(UNK)(UNK)(UNK)(UNK)(UNK)(UNK)(UNK)(UNK)(UNK)(UNK)(UNK)(UNK)(UNK)
(UNK)(UNK)(UNK)(UNK)(UNK)(UNK)(UNK)(UNK)(UNK)(UNK)(UNK)(UNK)(UNK)(UNK)(UNK)(UNK)
(UNK)(UNK)(UNK)(UNK)(UNK)(UNK)(UNK)(UNK)(UNK)(UNK)(UNK)(UNK)(UNK)(UNK)(UNK)(UNK)
(UNK)(UNK)(UNK)(UNK)(UNK)(UNK)(UNK)(UNK)(UNK)(UNK)(UNK)(UNK)(UNK)(UNK)(UNK)(UNK)
(UNK)(UNK)(UNK)(UNK)(UNK)
;
F
#
# COMPACT_ATOMS: atom_id res chain seq x y z
N ASP A 746 11.08 -144.18 -11.18
CA ASP A 746 10.49 -142.88 -11.43
C ASP A 746 10.31 -142.08 -10.14
N ILE A 747 11.38 -142.00 -9.35
CA ILE A 747 11.33 -141.23 -8.12
C ILE A 747 11.31 -139.74 -8.42
N GLN A 748 11.90 -139.33 -9.55
CA GLN A 748 11.89 -137.91 -9.92
C GLN A 748 10.47 -137.42 -10.19
N MET A 749 9.57 -138.32 -10.59
CA MET A 749 8.16 -137.94 -10.70
C MET A 749 7.60 -137.56 -9.34
N TRP A 750 7.95 -138.33 -8.30
CA TRP A 750 7.54 -137.97 -6.95
C TRP A 750 8.16 -136.64 -6.53
N LYS A 751 9.40 -136.39 -6.94
CA LYS A 751 10.05 -135.12 -6.63
C LYS A 751 9.28 -133.95 -7.23
N VAL A 752 9.03 -134.00 -8.54
CA VAL A 752 8.33 -132.90 -9.20
C VAL A 752 6.91 -132.78 -8.68
N SER A 753 6.28 -133.90 -8.28
CA SER A 753 4.97 -133.82 -7.65
C SER A 753 5.03 -132.97 -6.39
N LEU A 754 5.91 -133.32 -5.45
CA LEU A 754 6.04 -132.57 -4.21
C LEU A 754 6.33 -131.09 -4.50
N GLN A 755 7.23 -130.82 -5.45
CA GLN A 755 7.60 -129.44 -5.73
C GLN A 755 6.42 -128.63 -6.26
N LYS A 756 5.71 -129.18 -7.26
CA LYS A 756 4.57 -128.47 -7.82
C LYS A 756 3.47 -128.30 -6.79
N GLU A 757 3.31 -129.25 -5.88
CA GLU A 757 2.33 -129.10 -4.80
C GLU A 757 2.69 -127.92 -3.91
N GLN A 758 3.95 -127.85 -3.48
CA GLN A 758 4.39 -126.71 -2.68
C GLN A 758 4.14 -125.39 -3.41
N ALA A 759 4.43 -125.36 -4.71
CA ALA A 759 4.23 -124.13 -5.49
C ALA A 759 2.75 -123.75 -5.53
N ARG A 760 1.88 -124.71 -5.82
CA ARG A 760 0.45 -124.47 -5.77
C ARG A 760 0.04 -123.84 -4.45
N TYR A 761 0.62 -124.34 -3.35
CA TYR A 761 0.21 -123.82 -2.05
C TYR A 761 0.76 -122.42 -1.80
N ASN A 762 1.94 -122.10 -2.35
CA ASN A 762 2.40 -120.72 -2.30
C ASN A 762 1.43 -119.79 -3.03
N GLN A 763 0.95 -120.21 -4.21
CA GLN A 763 -0.02 -119.38 -4.93
C GLN A 763 -1.30 -119.22 -4.12
N LEU A 764 -1.76 -120.30 -3.49
CA LEU A 764 -2.94 -120.21 -2.62
C LEU A 764 -2.73 -119.17 -1.54
N GLN A 765 -1.57 -119.21 -0.87
CA GLN A 765 -1.30 -118.26 0.21
C GLN A 765 -1.31 -116.82 -0.30
N GLU A 766 -0.60 -116.55 -1.40
CA GLU A 766 -0.52 -115.17 -1.87
C GLU A 766 -1.88 -114.65 -2.31
N GLN A 767 -2.68 -115.49 -2.96
CA GLN A 767 -4.01 -115.04 -3.37
C GLN A 767 -4.90 -114.81 -2.15
N ARG A 768 -4.74 -115.63 -1.12
CA ARG A 768 -5.47 -115.39 0.13
C ARG A 768 -5.11 -114.04 0.72
N ASP A 769 -3.82 -113.69 0.73
CA ASP A 769 -3.41 -112.41 1.29
C ASP A 769 -3.94 -111.24 0.47
N THR A 770 -3.96 -111.38 -0.86
CA THR A 770 -4.54 -110.35 -1.71
C THR A 770 -6.02 -110.16 -1.37
N MET A 771 -6.77 -111.26 -1.26
CA MET A 771 -8.16 -111.14 -0.86
C MET A 771 -8.29 -110.51 0.52
N VAL A 772 -7.35 -110.78 1.42
CA VAL A 772 -7.37 -110.17 2.75
C VAL A 772 -7.31 -108.66 2.64
N THR A 773 -6.31 -108.14 1.92
CA THR A 773 -6.19 -106.69 1.85
C THR A 773 -7.35 -106.07 1.07
N LYS A 774 -7.94 -106.81 0.13
CA LYS A 774 -9.12 -106.29 -0.55
C LYS A 774 -10.31 -106.18 0.39
N LEU A 775 -10.51 -107.19 1.25
CA LEU A 775 -11.57 -107.12 2.25
C LEU A 775 -11.32 -105.95 3.20
N HIS A 776 -10.07 -105.76 3.60
CA HIS A 776 -9.72 -104.62 4.44
C HIS A 776 -10.13 -103.31 3.78
N SER A 777 -9.80 -103.16 2.49
CA SER A 777 -10.18 -101.96 1.75
C SER A 777 -11.69 -101.77 1.75
N GLN A 778 -12.44 -102.83 1.47
CA GLN A 778 -13.89 -102.72 1.39
C GLN A 778 -14.51 -102.31 2.73
N ILE A 779 -14.06 -102.93 3.83
CA ILE A 779 -14.60 -102.58 5.13
C ILE A 779 -14.20 -101.17 5.52
N ARG A 780 -12.97 -100.76 5.18
CA ARG A 780 -12.54 -99.40 5.46
C ARG A 780 -13.41 -98.39 4.74
N GLN A 781 -13.72 -98.65 3.46
CA GLN A 781 -14.59 -97.73 2.73
C GLN A 781 -16.02 -97.78 3.25
N LEU A 782 -16.46 -98.92 3.79
CA LEU A 782 -17.76 -98.95 4.44
C LEU A 782 -17.80 -98.02 5.64
N GLN A 783 -16.76 -98.09 6.49
CA GLN A 783 -16.68 -97.17 7.62
C GLN A 783 -16.63 -95.73 7.15
N HIS A 784 -15.84 -95.45 6.10
CA HIS A 784 -15.78 -94.12 5.50
C HIS A 784 -17.17 -93.62 5.16
N ASP A 785 -17.91 -94.40 4.35
CA ASP A 785 -19.24 -93.99 3.92
C ASP A 785 -20.21 -93.90 5.09
N ARG A 786 -19.96 -94.68 6.16
CA ARG A 786 -20.74 -94.53 7.38
C ARG A 786 -20.56 -93.15 7.98
N GLU A 787 -19.31 -92.74 8.21
CA GLU A 787 -19.08 -91.39 8.73
C GLU A 787 -19.56 -90.32 7.75
N GLU A 788 -19.55 -90.64 6.45
CA GLU A 788 -20.07 -89.70 5.45
C GLU A 788 -21.56 -89.48 5.65
N PHE A 789 -22.35 -90.56 5.69
CA PHE A 789 -23.77 -90.45 5.97
C PHE A 789 -24.02 -89.78 7.32
N TYR A 790 -23.12 -89.98 8.29
CA TYR A 790 -23.32 -89.38 9.60
C TYR A 790 -23.16 -87.87 9.55
N ASN A 791 -22.04 -87.37 9.00
CA ASN A 791 -21.88 -85.93 8.88
C ASN A 791 -22.92 -85.35 7.93
N GLN A 792 -23.43 -86.15 7.00
CA GLN A 792 -24.53 -85.69 6.15
C GLN A 792 -25.79 -85.47 6.97
N SER A 793 -26.12 -86.40 7.87
CA SER A 793 -27.24 -86.19 8.78
C SER A 793 -27.02 -84.95 9.63
N GLN A 794 -25.78 -84.76 10.09
CA GLN A 794 -25.46 -83.58 10.89
C GLN A 794 -25.75 -82.30 10.13
N GLU A 795 -25.19 -82.17 8.93
CA GLU A 795 -25.43 -80.96 8.14
C GLU A 795 -26.89 -80.84 7.74
N LEU A 796 -27.60 -81.96 7.57
CA LEU A 796 -29.01 -81.88 7.21
C LEU A 796 -29.84 -81.30 8.35
N GLN A 797 -29.62 -81.78 9.57
CA GLN A 797 -30.40 -81.24 10.69
C GLN A 797 -29.98 -79.81 10.99
N THR A 798 -28.69 -79.49 10.88
CA THR A 798 -28.29 -78.10 11.10
C THR A 798 -28.80 -77.20 9.98
N LYS A 799 -29.00 -77.76 8.78
CA LYS A 799 -29.60 -77.01 7.68
C LYS A 799 -31.08 -76.76 7.92
N LEU A 800 -31.77 -77.74 8.52
CA LEU A 800 -33.15 -77.50 8.94
C LEU A 800 -33.19 -76.40 9.98
N GLU A 801 -32.23 -76.39 10.90
CA GLU A 801 -32.15 -75.31 11.89
C GLU A 801 -31.88 -73.97 11.21
N ASP A 802 -31.05 -73.98 10.17
CA ASP A 802 -30.75 -72.75 9.43
C ASP A 802 -31.99 -72.23 8.72
N CYS A 803 -32.77 -73.13 8.11
CA CYS A 803 -34.03 -72.71 7.50
C CYS A 803 -35.02 -72.21 8.54
N ARG A 804 -34.97 -72.78 9.75
CA ARG A 804 -35.76 -72.26 10.85
C ARG A 804 -35.38 -70.81 11.15
N ASN A 805 -34.08 -70.54 11.30
CA ASN A 805 -33.62 -69.17 11.53
C ASN A 805 -33.96 -68.29 10.34
N MET A 806 -34.02 -68.85 9.14
CA MET A 806 -34.42 -68.10 7.96
C MET A 806 -35.87 -67.64 8.08
N ILE A 807 -36.77 -68.54 8.47
CA ILE A 807 -38.16 -68.16 8.65
C ILE A 807 -38.30 -67.22 9.84
N ALA A 808 -37.38 -67.29 10.80
CA ALA A 808 -37.37 -66.32 11.89
C ALA A 808 -36.99 -64.92 11.37
N GLU A 809 -35.99 -64.85 10.50
CA GLU A 809 -35.70 -63.59 9.83
C GLU A 809 -36.88 -63.10 9.01
N LEU A 810 -37.65 -64.04 8.44
CA LEU A 810 -38.85 -63.65 7.71
C LEU A 810 -39.90 -63.06 8.63
N ARG A 811 -40.05 -63.63 9.82
CA ARG A 811 -40.96 -63.05 10.80
C ARG A 811 -40.49 -61.66 11.23
N ILE A 812 -39.19 -61.48 11.35
CA ILE A 812 -38.65 -60.14 11.62
C ILE A 812 -38.90 -59.22 10.43
N GLU A 813 -38.92 -59.78 9.21
CA GLU A 813 -39.28 -59.00 8.04
C GLU A 813 -40.72 -58.53 8.12
N LEU A 814 -41.61 -59.38 8.61
CA LEU A 814 -43.00 -58.95 8.78
C LEU A 814 -43.14 -57.95 9.94
N LYS A 815 -42.27 -58.04 10.94
CA LYS A 815 -42.18 -56.99 11.96
C LYS A 815 -41.79 -55.67 11.31
N LYS A 816 -40.78 -55.71 10.44
CA LYS A 816 -40.42 -54.53 9.67
C LYS A 816 -41.52 -54.10 8.73
N ALA A 817 -42.45 -54.99 8.38
CA ALA A 817 -43.61 -54.59 7.58
C ALA A 817 -44.64 -53.85 8.41
N ASN A 818 -44.83 -54.27 9.67
CA ASN A 818 -45.57 -53.43 10.61
C ASN A 818 -44.93 -52.06 10.71
N ASN A 819 -43.60 -52.03 10.80
CA ASN A 819 -42.88 -50.76 10.74
C ASN A 819 -43.14 -50.04 9.42
N LYS A 820 -43.29 -50.79 8.33
CA LYS A 820 -43.61 -50.18 7.03
C LYS A 820 -44.93 -49.43 7.09
N VAL A 821 -45.95 -50.04 7.68
CA VAL A 821 -47.27 -49.42 7.66
C VAL A 821 -47.31 -48.22 8.59
N CYS A 822 -46.70 -48.32 9.77
CA CYS A 822 -46.64 -47.11 10.61
C CYS A 822 -45.78 -46.03 9.96
N HIS A 823 -44.76 -46.45 9.22
CA HIS A 823 -43.90 -45.51 8.52
C HIS A 823 -44.65 -44.79 7.42
N THR A 824 -45.50 -45.50 6.68
CA THR A 824 -46.25 -44.83 5.62
C THR A 824 -47.33 -43.93 6.20
N GLU A 825 -47.86 -44.25 7.38
CA GLU A 825 -48.70 -43.30 8.09
C GLU A 825 -47.93 -42.03 8.41
N LEU A 826 -46.72 -42.19 8.95
CA LEU A 826 -45.85 -41.04 9.20
C LEU A 826 -45.56 -40.29 7.91
N LEU A 827 -45.43 -41.00 6.79
CA LEU A 827 -45.16 -40.37 5.50
C LEU A 827 -46.34 -39.49 5.08
N LEU A 828 -47.56 -40.01 5.23
CA LEU A 828 -48.73 -39.21 4.91
C LEU A 828 -48.77 -37.93 5.74
N SER A 829 -48.64 -38.08 7.07
CA SER A 829 -48.62 -36.90 7.93
C SER A 829 -47.52 -35.93 7.50
N GLN A 830 -46.34 -36.48 7.17
CA GLN A 830 -45.17 -35.64 6.89
C GLN A 830 -45.34 -34.86 5.61
N VAL A 831 -45.88 -35.48 4.55
CA VAL A 831 -46.07 -34.74 3.31
C VAL A 831 -47.17 -33.70 3.47
N SER A 832 -48.27 -34.08 4.15
CA SER A 832 -49.37 -33.15 4.36
C SER A 832 -48.91 -31.91 5.13
N GLN A 833 -47.93 -32.08 6.03
CA GLN A 833 -47.38 -30.92 6.70
C GLN A 833 -46.27 -30.25 5.91
N LYS A 834 -45.51 -31.01 5.10
CA LYS A 834 -44.29 -30.51 4.49
C LYS A 834 -44.55 -29.63 3.28
N LEU A 835 -45.65 -29.86 2.56
CA LEU A 835 -45.99 -28.94 1.48
C LEU A 835 -46.14 -27.51 2.00
N SER A 836 -47.02 -27.34 2.99
CA SER A 836 -47.18 -26.04 3.63
C SER A 836 -45.89 -25.57 4.28
N ASN A 837 -45.13 -26.50 4.86
CA ASN A 837 -43.81 -26.17 5.43
C ASN A 837 -42.96 -25.43 4.41
N SER A 838 -42.70 -26.08 3.27
CA SER A 838 -41.83 -25.49 2.26
C SER A 838 -42.39 -24.15 1.77
N GLU A 839 -43.69 -24.10 1.49
CA GLU A 839 -44.28 -22.86 1.00
C GLU A 839 -44.07 -21.71 1.99
N SER A 840 -44.54 -21.90 3.23
CA SER A 840 -44.44 -20.85 4.23
C SER A 840 -42.99 -20.52 4.56
N VAL A 841 -42.07 -21.48 4.43
CA VAL A 841 -40.67 -21.18 4.72
C VAL A 841 -40.10 -20.27 3.65
N GLN A 842 -40.39 -20.55 2.38
CA GLN A 842 -40.00 -19.63 1.31
C GLN A 842 -40.62 -18.25 1.56
N GLN A 843 -41.87 -18.22 2.01
CA GLN A 843 -42.49 -16.95 2.37
C GLN A 843 -41.65 -16.21 3.41
N GLN A 844 -41.50 -16.90 4.55
CA GLN A 844 -40.68 -16.50 5.74
C GLN A 844 -39.37 -15.86 5.26
N MET A 845 -38.76 -16.49 4.25
CA MET A 845 -37.51 -16.05 3.65
C MET A 845 -37.67 -14.70 2.96
N GLU A 846 -38.55 -14.65 1.96
CA GLU A 846 -38.77 -13.41 1.16
C GLU A 846 -39.21 -12.27 2.09
N PHE A 847 -40.06 -12.56 3.08
CA PHE A 847 -40.53 -11.51 4.01
C PHE A 847 -39.35 -10.90 4.76
N LEU A 848 -38.50 -11.75 5.36
CA LEU A 848 -37.35 -11.30 6.16
C LEU A 848 -36.38 -10.49 5.29
N ASN A 849 -36.13 -10.92 4.05
CA ASN A 849 -35.19 -10.18 3.16
C ASN A 849 -35.74 -8.78 2.90
N ARG A 850 -37.05 -8.66 2.61
CA ARG A 850 -37.65 -7.32 2.36
C ARG A 850 -37.59 -6.47 3.63
N GLN A 851 -37.79 -7.10 4.79
CA GLN A 851 -37.74 -6.38 6.09
C GLN A 851 -36.33 -5.80 6.26
N LEU A 852 -35.30 -6.60 5.93
CA LEU A 852 -33.88 -6.17 6.03
C LEU A 852 -33.67 -5.00 5.06
N LEU A 853 -34.26 -5.08 3.87
CA LEU A 853 -34.12 -3.98 2.86
C LEU A 853 -34.77 -2.70 3.40
N VAL A 854 -35.92 -2.82 4.06
CA VAL A 854 -36.67 -1.64 4.60
C VAL A 854 -35.80 -0.86 5.59
N LEU A 855 -34.74 -1.47 6.11
CA LEU A 855 -33.86 -0.80 7.05
C LEU A 855 -32.94 0.20 6.37
N GLY A 856 -32.38 -0.16 5.23
CA GLY A 856 -31.58 0.79 4.48
C GLY A 856 -32.37 2.04 4.14
N GLU A 857 -33.60 1.86 3.69
CA GLU A 857 -34.48 3.00 3.43
C GLU A 857 -34.62 3.87 4.66
N VAL A 858 -34.89 3.25 5.81
CA VAL A 858 -35.12 4.04 7.01
C VAL A 858 -33.85 4.77 7.42
N ASN A 859 -32.69 4.14 7.23
CA ASN A 859 -31.43 4.80 7.57
C ASN A 859 -31.19 6.01 6.69
N GLU A 860 -31.39 5.86 5.38
CA GLU A 860 -31.26 7.01 4.49
C GLU A 860 -32.23 8.11 4.89
N LEU A 861 -33.45 7.72 5.27
CA LEU A 861 -34.41 8.69 5.77
C LEU A 861 -33.86 9.46 6.96
N TYR A 862 -33.28 8.73 7.92
CA TYR A 862 -32.74 9.37 9.12
C TYR A 862 -31.65 10.37 8.76
N LEU A 863 -30.76 9.96 7.86
CA LEU A 863 -29.64 10.84 7.50
C LEU A 863 -30.14 12.08 6.77
N GLU A 864 -31.08 11.91 5.83
CA GLU A 864 -31.63 13.06 5.15
C GLU A 864 -32.42 13.94 6.10
N GLN A 865 -33.01 13.33 7.12
CA GLN A 865 -33.78 14.08 8.15
C GLN A 865 -32.80 15.02 8.87
N LEU A 866 -31.64 14.48 9.27
CA LEU A 866 -30.59 15.27 9.96
C LEU A 866 -30.10 16.38 9.02
N GLN A 867 -29.79 16.01 7.76
CA GLN A 867 -29.33 16.98 6.73
C GLN A 867 -30.30 18.17 6.70
N ASN A 868 -31.60 17.88 6.54
CA ASN A 868 -32.67 18.91 6.53
C ASN A 868 -32.74 19.57 7.92
N LYS A 869 -32.87 18.71 8.94
CA LYS A 869 -33.01 19.13 10.36
C LYS A 869 -31.74 19.87 10.74
N HIS A 870 -30.72 19.80 9.87
CA HIS A 870 -29.45 20.50 10.15
C HIS A 870 -29.73 22.01 10.21
N SER A 871 -30.54 22.49 9.26
CA SER A 871 -30.94 23.93 9.20
C SER A 871 -31.96 24.23 10.30
N ASP A 872 -31.98 25.45 10.85
CA ASP A 872 -32.94 25.70 11.95
C ASP A 872 -34.15 26.52 11.46
N THR A 873 -35.32 26.22 12.02
CA THR A 873 -36.63 26.86 11.69
C THR A 873 -36.77 28.21 12.40
N THR A 874 -37.81 28.98 12.00
CA THR A 874 -38.21 30.33 12.52
C THR A 874 -37.37 31.44 11.87
N LYS A 875 -36.52 31.09 10.91
CA LYS A 875 -35.72 32.11 10.17
C LYS A 875 -34.97 33.03 11.15
N GLU A 876 -34.17 32.43 12.04
CA GLU A 876 -33.36 33.17 13.04
C GLU A 876 -34.22 34.18 13.79
N VAL A 877 -35.39 33.74 14.28
CA VAL A 877 -36.35 34.57 15.08
C VAL A 877 -36.68 35.88 14.35
N GLU A 878 -36.92 35.81 13.04
CA GLU A 878 -37.29 37.01 12.23
C GLU A 878 -36.24 38.11 12.43
N MET A 879 -34.94 37.78 12.35
CA MET A 879 -33.88 38.80 12.51
C MET A 879 -34.02 39.85 11.41
N MET A 880 -34.29 39.41 10.17
CA MET A 880 -34.48 40.35 9.04
C MET A 880 -35.97 40.74 8.99
N LYS A 881 -36.46 41.36 10.06
CA LYS A 881 -37.89 41.74 10.18
C LYS A 881 -37.89 42.74 11.35
N ALA A 882 -36.92 42.52 12.25
CA ALA A 882 -36.71 43.32 13.48
C ALA A 882 -35.76 44.46 13.13
N ALA A 883 -34.72 44.18 12.34
CA ALA A 883 -33.79 45.23 11.88
C ALA A 883 -34.58 46.19 10.99
N TYR A 884 -35.42 45.63 10.12
CA TYR A 884 -36.31 46.41 9.23
C TYR A 884 -37.05 47.44 10.09
N ARG A 885 -37.67 46.96 11.17
CA ARG A 885 -38.40 47.85 12.12
C ARG A 885 -37.42 48.86 12.71
N LYS A 886 -36.22 48.40 13.10
CA LYS A 886 -35.20 49.29 13.72
C LYS A 886 -34.79 50.36 12.70
N GLU A 887 -34.60 49.97 11.43
CA GLU A 887 -34.20 50.92 10.36
C GLU A 887 -35.32 51.96 10.20
N LEU A 888 -36.57 51.50 10.23
CA LEU A 888 -37.73 52.44 10.07
C LEU A 888 -37.71 53.43 11.24
N GLU A 889 -37.46 52.93 12.46
CA GLU A 889 -37.45 53.82 13.65
C GLU A 889 -36.34 54.86 13.49
N LYS A 890 -35.15 54.42 13.05
CA LYS A 890 -34.02 55.36 12.88
C LYS A 890 -34.39 56.42 11.84
N ASN A 891 -35.00 56.00 10.72
CA ASN A 891 -35.37 56.98 9.67
C ASN A 891 -36.38 57.98 10.23
N ARG A 892 -37.42 57.52 10.93
CA ARG A 892 -38.47 58.46 11.43
C ARG A 892 -37.86 59.57 12.30
N SER A 893 -37.24 59.19 13.41
CA SER A 893 -36.67 60.18 14.36
C SER A 893 -35.60 61.02 13.66
N HIS A 894 -34.73 60.37 12.87
CA HIS A 894 -33.65 61.12 12.18
C HIS A 894 -34.27 62.15 11.22
N VAL A 895 -35.30 61.75 10.47
CA VAL A 895 -35.93 62.70 9.51
C VAL A 895 -36.51 63.88 10.29
N LEU A 896 -37.28 63.61 11.34
CA LEU A 896 -37.91 64.69 12.16
C LEU A 896 -36.87 65.69 12.65
N GLN A 897 -35.81 65.19 13.31
CA GLN A 897 -34.77 66.08 13.89
C GLN A 897 -34.09 66.90 12.78
N GLN A 898 -33.78 66.27 11.64
CA GLN A 898 -33.10 67.00 10.54
C GLN A 898 -34.02 68.13 10.06
N THR A 899 -35.31 67.87 9.90
CA THR A 899 -36.27 68.91 9.43
C THR A 899 -36.34 70.02 10.47
N GLN A 900 -36.35 69.67 11.76
CA GLN A 900 -36.43 70.67 12.85
C GLN A 900 -35.20 71.58 12.78
N ARG A 901 -34.02 71.01 12.53
CA ARG A 901 -32.78 71.84 12.45
C ARG A 901 -32.76 72.65 11.14
N LEU A 902 -32.96 71.98 10.01
CA LEU A 902 -32.98 72.59 8.65
C LEU A 902 -33.78 73.90 8.66
N ASP A 903 -34.92 73.93 9.36
CA ASP A 903 -35.78 75.14 9.43
C ASP A 903 -35.04 76.27 10.16
N THR A 904 -34.48 75.96 11.33
CA THR A 904 -33.74 76.95 12.16
C THR A 904 -32.58 77.55 11.34
N SER A 905 -31.82 76.71 10.65
CA SER A 905 -30.67 77.19 9.84
C SER A 905 -31.18 78.13 8.74
N GLN A 906 -32.29 77.76 8.09
CA GLN A 906 -32.86 78.59 7.00
C GLN A 906 -33.30 79.95 7.58
N LYS A 907 -33.93 79.93 8.77
CA LYS A 907 -34.40 81.17 9.43
C LYS A 907 -33.17 82.06 9.77
N ARG A 908 -32.08 81.43 10.20
CA ARG A 908 -30.83 82.16 10.56
C ARG A 908 -30.25 82.81 9.29
N ILE A 909 -30.13 82.04 8.21
CA ILE A 909 -29.60 82.56 6.91
C ILE A 909 -30.46 83.75 6.49
N LEU A 910 -31.78 83.64 6.67
CA LEU A 910 -32.71 84.75 6.29
C LEU A 910 -32.37 85.97 7.15
N GLU A 911 -32.11 85.75 8.44
CA GLU A 911 -31.78 86.86 9.37
C GLU A 911 -30.46 87.50 8.92
N LEU A 912 -29.48 86.69 8.53
CA LEU A 912 -28.16 87.22 8.07
C LEU A 912 -28.38 88.07 6.81
N GLU A 913 -29.25 87.63 5.91
CA GLU A 913 -29.52 88.34 4.64
C GLU A 913 -30.11 89.74 4.88
N SER A 914 -30.21 90.20 6.13
CA SER A 914 -30.77 91.52 6.35
C SER A 914 -29.76 92.44 7.02
N HIS A 915 -29.12 91.91 8.08
CA HIS A 915 -28.08 92.67 8.82
C HIS A 915 -26.96 93.06 7.85
N LEU A 916 -26.59 92.14 6.95
CA LEU A 916 -25.53 92.39 5.99
C LEU A 916 -25.90 93.51 5.01
N ALA A 917 -27.13 93.50 4.53
CA ALA A 917 -27.58 94.57 3.65
C ALA A 917 -27.51 95.92 4.34
N LYS A 918 -27.96 95.98 5.59
CA LYS A 918 -27.84 97.21 6.36
C LYS A 918 -26.38 97.69 6.39
N LYS A 919 -25.47 96.76 6.67
CA LYS A 919 -24.05 97.11 6.77
C LYS A 919 -23.53 97.66 5.44
N ASP A 920 -23.90 97.02 4.34
CA ASP A 920 -23.48 97.51 3.02
C ASP A 920 -23.98 98.94 2.80
N HIS A 921 -25.23 99.19 3.16
CA HIS A 921 -25.78 100.54 3.03
C HIS A 921 -24.91 101.55 3.77
N LEU A 922 -24.61 101.25 5.04
CA LEU A 922 -23.77 102.14 5.83
C LEU A 922 -22.42 102.36 5.16
N LEU A 923 -21.86 101.31 4.58
CA LEU A 923 -20.59 101.44 3.87
C LEU A 923 -20.69 102.48 2.77
N LEU A 924 -21.66 102.33 1.88
CA LEU A 924 -21.82 103.29 0.79
C LEU A 924 -21.98 104.71 1.32
N GLU A 925 -22.74 104.86 2.39
CA GLU A 925 -22.98 106.18 2.96
C GLU A 925 -21.67 106.80 3.42
N GLN A 926 -20.85 106.04 4.14
CA GLN A 926 -19.55 106.53 4.57
C GLN A 926 -18.71 106.94 3.36
N LYS A 927 -18.78 106.13 2.29
CA LYS A 927 -18.04 106.46 1.08
C LYS A 927 -18.41 107.86 0.58
N LYS A 928 -19.69 108.12 0.40
CA LYS A 928 -20.09 109.41 -0.15
C LYS A 928 -19.72 110.55 0.79
N TYR A 929 -19.75 110.28 2.10
CA TYR A 929 -19.37 111.29 3.11
C TYR A 929 -17.92 111.68 2.85
N LEU A 930 -17.05 110.67 2.72
CA LEU A 930 -15.64 110.88 2.43
C LEU A 930 -15.47 111.72 1.17
N GLU A 931 -16.21 111.39 0.12
CA GLU A 931 -16.07 112.08 -1.15
C GLU A 931 -16.38 113.57 -1.00
N ASP A 932 -17.52 113.88 -0.37
CA ASP A 932 -17.91 115.26 -0.19
C ASP A 932 -16.87 116.02 0.63
N VAL A 933 -16.38 115.41 1.71
CA VAL A 933 -15.39 116.08 2.54
C VAL A 933 -14.12 116.39 1.75
N LYS A 934 -13.68 115.41 0.94
CA LYS A 934 -12.52 115.63 0.09
C LYS A 934 -12.73 116.83 -0.83
N LEU A 935 -13.89 116.88 -1.49
CA LEU A 935 -14.20 118.00 -2.36
C LEU A 935 -14.10 119.32 -1.63
N GLN A 936 -14.76 119.41 -0.47
CA GLN A 936 -14.78 120.65 0.30
C GLN A 936 -13.36 121.09 0.62
N ALA A 937 -12.57 120.18 1.17
CA ALA A 937 -11.21 120.52 1.60
C ALA A 937 -10.39 121.02 0.42
N ARG A 938 -10.44 120.30 -0.71
CA ARG A 938 -9.61 120.70 -1.84
C ARG A 938 -10.02 122.06 -2.38
N GLY A 939 -11.33 122.34 -2.39
CA GLY A 939 -11.78 123.65 -2.83
C GLY A 939 -11.23 124.76 -1.97
N GLN A 940 -11.45 124.66 -0.65
CA GLN A 940 -10.97 125.72 0.22
C GLN A 940 -9.46 125.80 0.24
N LEU A 941 -8.76 124.73 -0.16
CA LEU A 941 -7.31 124.81 -0.23
C LEU A 941 -6.86 125.60 -1.46
N GLN A 942 -7.34 125.22 -2.64
CA GLN A 942 -6.95 125.96 -3.84
C GLN A 942 -7.36 127.42 -3.71
N ALA A 943 -8.40 127.71 -2.93
CA ALA A 943 -8.73 129.09 -2.61
C ALA A 943 -7.50 129.86 -2.15
N ALA A 944 -6.85 129.38 -1.08
CA ALA A 944 -5.66 130.05 -0.57
C ALA A 944 -4.48 129.92 -1.54
N GLU A 945 -4.46 128.84 -2.31
CA GLU A 945 -3.42 128.73 -3.34
C GLU A 945 -3.47 129.90 -4.31
N SER A 946 -4.67 130.46 -4.52
CA SER A 946 -4.76 131.67 -5.32
C SER A 946 -3.97 132.81 -4.71
N ARG A 947 -4.09 132.95 -3.38
CA ARG A 947 -3.33 133.97 -2.63
C ARG A 947 -1.83 133.70 -2.86
N TYR A 948 -1.44 132.43 -2.81
CA TYR A 948 -0.05 132.02 -3.03
C TYR A 948 0.45 132.52 -4.38
N GLU A 949 -0.29 132.18 -5.43
CA GLU A 949 0.09 132.58 -6.79
C GLU A 949 0.23 134.09 -6.90
N ALA A 950 -0.78 134.80 -6.38
CA ALA A 950 -0.82 136.28 -6.41
C ALA A 950 0.40 136.86 -5.70
N GLN A 951 0.74 136.31 -4.53
CA GLN A 951 1.90 136.81 -3.74
C GLN A 951 3.19 136.62 -4.55
N LYS A 952 3.34 135.48 -5.22
CA LYS A 952 4.56 135.21 -6.04
C LYS A 952 4.63 136.24 -7.17
N ARG A 953 3.49 136.51 -7.81
CA ARG A 953 3.43 137.50 -8.91
C ARG A 953 3.86 138.87 -8.37
N ILE A 954 3.37 139.25 -7.19
CA ILE A 954 3.69 140.56 -6.56
C ILE A 954 5.20 140.63 -6.29
N THR A 955 5.77 139.53 -5.78
CA THR A 955 7.23 139.45 -5.49
C THR A 955 8.01 139.66 -6.80
N GLN A 956 7.54 139.00 -7.87
CA GLN A 956 8.20 139.04 -9.21
C GLN A 956 8.29 140.48 -9.73
N VAL A 957 7.14 141.10 -9.99
CA VAL A 957 7.11 142.47 -10.52
C VAL A 957 7.88 143.41 -9.61
N PHE A 958 7.87 143.14 -8.30
CA PHE A 958 8.68 143.93 -7.38
C PHE A 958 10.14 143.90 -7.78
N GLU A 959 10.75 142.72 -7.75
CA GLU A 959 12.17 142.63 -8.10
C GLU A 959 12.45 143.20 -9.48
N LEU A 960 11.49 143.07 -10.40
CA LEU A 960 11.63 143.69 -11.72
C LEU A 960 11.87 145.18 -11.57
N GLU A 961 10.93 145.89 -10.95
CA GLU A 961 11.10 147.33 -10.81
C GLU A 961 12.30 147.67 -9.93
N ILE A 962 12.65 146.78 -9.01
CA ILE A 962 13.85 146.96 -8.21
C ILE A 962 15.05 147.13 -9.12
N LEU A 963 15.28 146.16 -9.99
CA LEU A 963 16.39 146.27 -10.93
C LEU A 963 16.22 147.45 -11.87
N ASP A 964 14.97 147.76 -12.23
CA ASP A 964 14.72 148.91 -13.10
C ASP A 964 15.29 150.18 -12.48
N LEU A 965 14.86 150.49 -11.25
CA LEU A 965 15.35 151.70 -10.61
C LEU A 965 16.83 151.60 -10.27
N TYR A 966 17.34 150.39 -10.04
CA TYR A 966 18.78 150.20 -9.96
C TYR A 966 19.46 150.77 -11.19
N GLY A 967 18.92 150.46 -12.37
CA GLY A 967 19.42 151.11 -13.57
C GLY A 967 19.22 152.61 -13.53
N ARG A 968 18.06 153.07 -13.04
CA ARG A 968 17.78 154.48 -12.93
C ARG A 968 18.61 155.17 -11.85
N LEU A 969 19.33 154.41 -11.04
CA LEU A 969 19.96 154.95 -9.83
C LEU A 969 20.97 156.05 -10.12
N GLU A 970 22.07 155.71 -10.78
CA GLU A 970 23.22 156.61 -10.83
C GLU A 970 22.94 157.79 -11.75
N LYS A 971 22.99 159.00 -11.19
CA LYS A 971 22.83 160.22 -11.96
C LYS A 971 23.65 161.35 -11.34
N ILE B 78 53.92 173.92 -53.32
CA ILE B 78 53.24 172.69 -52.97
C ILE B 78 53.80 171.54 -53.77
N LYS B 79 54.29 170.51 -53.09
CA LYS B 79 54.87 169.36 -53.75
C LYS B 79 54.64 168.12 -52.90
N ASP B 80 54.48 166.98 -53.58
CA ASP B 80 54.53 165.70 -52.90
C ASP B 80 55.91 165.42 -52.33
N TYR B 81 56.91 166.18 -52.77
CA TYR B 81 58.24 166.14 -52.20
C TYR B 81 58.17 166.27 -50.68
N PRO B 82 58.68 165.30 -49.93
CA PRO B 82 58.50 165.31 -48.47
C PRO B 82 59.27 166.46 -47.83
N SER B 83 58.96 166.68 -46.55
CA SER B 83 59.63 167.68 -45.74
C SER B 83 59.96 167.10 -44.37
N ASN B 84 60.53 165.90 -44.36
CA ASN B 84 60.70 165.13 -43.14
C ASN B 84 62.00 165.48 -42.43
N GLU B 85 61.96 165.50 -41.11
CA GLU B 85 63.12 165.78 -40.28
C GLU B 85 63.08 164.91 -39.04
N ASP B 86 64.27 164.68 -38.49
CA ASP B 86 64.44 163.94 -37.23
C ASP B 86 65.36 164.80 -36.35
N LEU B 87 64.77 165.72 -35.61
CA LEU B 87 65.50 166.72 -34.82
C LEU B 87 65.19 166.54 -33.34
N HIS B 88 65.67 167.49 -32.53
CA HIS B 88 65.71 167.35 -31.07
C HIS B 88 64.67 168.27 -30.43
N GLU B 89 63.47 167.74 -30.25
CA GLU B 89 62.41 168.37 -29.44
C GLU B 89 62.30 169.86 -29.72
N ARG B 90 61.90 170.16 -30.96
CA ARG B 90 61.79 171.55 -31.42
C ARG B 90 61.00 172.40 -30.43
N LEU B 91 59.78 171.98 -30.12
CA LEU B 91 58.90 172.69 -29.19
C LEU B 91 58.59 174.10 -29.68
N GLU B 92 58.54 174.29 -31.00
CA GLU B 92 58.25 175.59 -31.56
C GLU B 92 57.07 175.53 -32.54
N VAL B 93 56.84 176.62 -33.27
CA VAL B 93 55.62 176.80 -34.02
C VAL B 93 55.72 176.28 -35.46
N PHE B 94 56.92 175.91 -35.92
CA PHE B 94 57.10 175.47 -37.30
C PHE B 94 56.04 174.44 -37.71
N LYS B 95 55.77 173.48 -36.83
CA LYS B 95 54.72 172.51 -37.11
C LYS B 95 53.36 173.20 -37.22
N ALA B 96 53.11 174.19 -36.35
CA ALA B 96 51.84 174.91 -36.42
C ALA B 96 51.82 175.85 -37.62
N LEU B 97 52.98 176.40 -37.98
CA LEU B 97 53.07 177.17 -39.22
C LEU B 97 52.62 176.33 -40.42
N THR B 98 53.26 175.18 -40.62
CA THR B 98 52.91 174.30 -41.72
C THR B 98 51.62 173.52 -41.48
N ASP B 99 50.99 173.70 -40.32
CA ASP B 99 49.82 172.95 -39.92
C ASP B 99 48.52 173.61 -40.37
N ASN B 100 48.55 174.38 -41.45
CA ASN B 100 47.41 175.19 -41.85
C ASN B 100 47.15 175.03 -43.35
N GLY B 101 45.88 175.03 -43.71
CA GLY B 101 45.48 175.03 -45.10
C GLY B 101 45.75 173.74 -45.87
N ARG B 102 45.88 172.62 -45.17
CA ARG B 102 46.10 171.31 -45.79
C ARG B 102 44.78 170.54 -45.79
N HIS B 103 44.44 169.96 -46.93
CA HIS B 103 43.19 169.21 -47.02
C HIS B 103 43.35 167.82 -47.65
N ILE B 104 44.29 167.69 -48.59
CA ILE B 104 44.39 166.46 -49.36
C ILE B 104 45.12 165.39 -48.54
N THR B 105 45.03 164.14 -49.01
CA THR B 105 45.39 162.97 -48.21
C THR B 105 46.84 163.02 -47.76
N TYR B 106 47.77 163.10 -48.70
CA TYR B 106 49.19 163.01 -48.32
C TYR B 106 49.59 164.18 -47.42
N LEU B 107 48.93 165.33 -47.58
CA LEU B 107 49.18 166.47 -46.70
C LEU B 107 48.98 166.08 -45.24
N GLU B 108 47.76 165.71 -44.88
CA GLU B 108 47.49 165.28 -43.51
C GLU B 108 48.33 164.09 -43.12
N GLU B 109 48.55 163.16 -44.06
CA GLU B 109 49.35 161.97 -43.76
C GLU B 109 50.71 162.37 -43.19
N GLU B 110 51.51 163.06 -44.01
CA GLU B 110 52.84 163.44 -43.56
C GLU B 110 52.78 164.40 -42.39
N LEU B 111 51.84 165.35 -42.44
CA LEU B 111 51.74 166.37 -41.39
C LEU B 111 51.58 165.73 -40.01
N ALA B 112 50.53 164.95 -39.83
CA ALA B 112 50.34 164.29 -38.55
C ALA B 112 51.23 163.06 -38.39
N ASP B 113 51.99 162.68 -39.41
CA ASP B 113 53.15 161.83 -39.16
C ASP B 113 54.20 162.58 -38.36
N PHE B 114 54.31 163.89 -38.57
CA PHE B 114 55.22 164.67 -37.74
C PHE B 114 54.76 164.78 -36.30
N VAL B 115 53.67 164.14 -35.90
CA VAL B 115 53.36 164.05 -34.48
C VAL B 115 54.54 163.38 -33.80
N LEU B 116 54.86 163.83 -32.60
CA LEU B 116 56.00 163.26 -31.89
C LEU B 116 55.62 162.02 -31.08
N GLN B 117 54.36 161.58 -31.19
CA GLN B 117 53.86 160.38 -30.53
C GLN B 117 54.04 160.41 -29.02
N TRP B 118 54.31 161.59 -28.45
CA TRP B 118 54.36 161.73 -27.01
C TRP B 118 52.95 161.75 -26.43
N MET B 119 52.89 161.93 -25.12
CA MET B 119 51.64 162.10 -24.40
C MET B 119 51.32 163.57 -24.11
N ASP B 120 52.14 164.49 -24.60
CA ASP B 120 52.03 165.89 -24.23
C ASP B 120 51.15 166.67 -25.20
N VAL B 121 50.52 167.72 -24.69
CA VAL B 121 49.76 168.66 -25.50
C VAL B 121 50.07 170.11 -25.15
N GLY B 122 50.85 170.35 -24.12
CA GLY B 122 51.07 171.70 -23.60
C GLY B 122 51.60 172.69 -24.61
N LEU B 123 52.20 172.21 -25.70
CA LEU B 123 52.63 173.11 -26.76
C LEU B 123 51.43 173.82 -27.37
N SER B 124 50.43 173.06 -27.81
CA SER B 124 49.19 173.61 -28.32
C SER B 124 48.14 172.50 -28.29
N SER B 125 46.89 172.90 -28.06
CA SER B 125 45.78 171.95 -27.97
C SER B 125 44.76 172.14 -29.08
N GLU B 126 45.20 172.64 -30.23
CA GLU B 126 44.33 172.93 -31.36
C GLU B 126 44.36 171.77 -32.35
N PHE B 127 43.80 171.99 -33.54
CA PHE B 127 43.73 170.97 -34.60
C PHE B 127 42.89 169.78 -34.13
N LEU B 128 41.64 170.08 -33.77
CA LEU B 128 40.69 169.07 -33.31
C LEU B 128 39.66 168.68 -34.34
N LEU B 129 39.11 169.66 -35.07
CA LEU B 129 38.13 169.35 -36.10
C LEU B 129 38.77 168.51 -37.21
N VAL B 130 40.03 168.77 -37.52
CA VAL B 130 40.74 167.93 -38.50
C VAL B 130 40.71 166.48 -38.07
N LEU B 131 40.77 166.21 -36.76
CA LEU B 131 40.73 164.84 -36.28
C LEU B 131 39.38 164.19 -36.58
N VAL B 132 38.29 164.85 -36.18
CA VAL B 132 36.97 164.29 -36.45
C VAL B 132 36.71 164.20 -37.94
N ASN B 133 37.48 164.92 -38.76
CA ASN B 133 37.39 164.73 -40.21
C ASN B 133 38.01 163.40 -40.64
N LEU B 134 39.18 163.07 -40.09
CA LEU B 134 39.87 161.85 -40.49
C LEU B 134 39.13 160.61 -39.99
N VAL B 135 39.39 159.49 -40.66
CA VAL B 135 38.77 158.22 -40.28
C VAL B 135 39.82 157.14 -40.03
N LYS B 136 40.63 156.81 -41.04
CA LYS B 136 41.57 155.70 -40.92
C LYS B 136 42.89 156.15 -40.32
N PHE B 137 43.50 157.20 -40.87
CA PHE B 137 44.62 157.82 -40.20
C PHE B 137 44.23 158.20 -38.78
N ASN B 138 43.02 158.73 -38.61
CA ASN B 138 42.51 158.99 -37.27
C ASN B 138 42.52 157.74 -36.42
N SER B 139 42.21 156.59 -37.02
CA SER B 139 42.23 155.34 -36.26
C SER B 139 43.64 154.98 -35.81
N CYS B 140 44.57 154.91 -36.75
CA CYS B 140 45.95 154.61 -36.36
C CYS B 140 46.62 155.77 -35.62
N TYR B 141 45.91 156.87 -35.41
CA TYR B 141 46.46 158.07 -34.76
C TYR B 141 46.00 158.21 -33.32
N LEU B 142 44.70 158.12 -33.07
CA LEU B 142 44.18 158.33 -31.72
C LEU B 142 44.64 157.27 -30.74
N ASP B 143 45.23 156.17 -31.24
CA ASP B 143 45.86 155.22 -30.33
C ASP B 143 46.93 155.87 -29.47
N GLU B 144 47.47 157.02 -29.89
CA GLU B 144 48.39 157.78 -29.07
C GLU B 144 47.73 158.36 -27.83
N TYR B 145 46.41 158.48 -27.84
CA TYR B 145 45.66 159.20 -26.82
C TYR B 145 45.85 158.60 -25.43
N ILE B 146 46.18 159.46 -24.47
CA ILE B 146 46.18 159.10 -23.05
C ILE B 146 44.87 159.57 -22.45
N ALA B 147 44.50 159.01 -21.29
CA ALA B 147 43.13 159.13 -20.80
C ALA B 147 42.77 160.57 -20.43
N ARG B 148 43.68 161.51 -20.61
CA ARG B 148 43.38 162.91 -20.31
C ARG B 148 42.41 163.49 -21.33
N MET B 149 41.45 164.29 -20.87
CA MET B 149 40.48 164.93 -21.74
C MET B 149 40.41 166.42 -21.41
N VAL B 150 41.27 167.21 -22.07
CA VAL B 150 41.08 168.65 -22.08
C VAL B 150 40.10 169.07 -23.17
N GLN B 151 39.47 168.11 -23.82
CA GLN B 151 38.57 168.35 -24.94
C GLN B 151 37.15 167.95 -24.57
N MET B 152 36.24 168.06 -25.54
CA MET B 152 34.85 167.69 -25.32
C MET B 152 34.21 166.88 -26.43
N ILE B 153 34.71 166.94 -27.66
CA ILE B 153 34.01 166.43 -28.83
C ILE B 153 34.12 164.91 -28.89
N CYS B 154 34.70 164.32 -27.84
CA CYS B 154 34.87 162.87 -27.77
C CYS B 154 33.58 162.12 -28.07
N LEU B 155 32.45 162.64 -27.62
CA LEU B 155 31.18 161.97 -27.90
C LEU B 155 30.93 161.89 -29.40
N LEU B 156 31.31 162.93 -30.14
CA LEU B 156 31.15 162.89 -31.57
C LEU B 156 32.12 161.91 -32.22
N CYS B 157 33.36 161.83 -31.71
CA CYS B 157 34.29 160.88 -32.32
C CYS B 157 33.86 159.45 -32.07
N VAL B 158 33.27 159.15 -30.92
CA VAL B 158 32.73 157.80 -30.72
C VAL B 158 31.46 157.59 -31.55
N ARG B 159 30.65 158.64 -31.78
CA ARG B 159 29.60 158.53 -32.78
C ARG B 159 30.18 158.11 -34.12
N THR B 160 31.34 158.66 -34.49
CA THR B 160 31.97 158.31 -35.75
C THR B 160 32.45 156.87 -35.75
N ALA B 161 33.07 156.47 -34.63
CA ALA B 161 33.57 155.08 -34.48
C ALA B 161 32.38 154.14 -34.68
N SER B 162 31.22 154.52 -34.14
CA SER B 162 30.00 153.74 -34.29
C SER B 162 29.57 153.68 -35.75
N SER B 163 29.44 154.84 -36.39
CA SER B 163 29.00 154.88 -37.78
C SER B 163 29.91 154.04 -38.67
N VAL B 164 31.20 154.01 -38.38
CA VAL B 164 32.13 153.35 -39.28
C VAL B 164 32.29 151.86 -38.97
N ASP B 165 32.14 151.45 -37.70
CA ASP B 165 32.42 150.06 -37.36
C ASP B 165 31.45 149.09 -38.02
N ILE B 166 30.32 149.58 -38.51
CA ILE B 166 29.36 148.69 -39.17
C ILE B 166 30.00 148.04 -40.41
N GLU B 167 30.98 148.70 -41.01
CA GLU B 167 31.71 148.15 -42.14
C GLU B 167 33.18 148.48 -41.98
N VAL B 168 33.97 147.49 -41.57
CA VAL B 168 35.41 147.60 -41.39
C VAL B 168 36.04 146.29 -41.81
N SER B 169 37.36 146.21 -41.70
CA SER B 169 38.06 144.96 -41.94
C SER B 169 37.54 143.88 -40.99
N LEU B 170 37.65 142.63 -41.41
CA LEU B 170 37.11 141.55 -40.62
C LEU B 170 38.02 141.13 -39.48
N GLN B 171 39.30 141.51 -39.50
CA GLN B 171 40.20 141.13 -38.42
C GLN B 171 41.14 142.22 -37.94
N VAL B 172 41.30 143.34 -38.64
CA VAL B 172 42.26 144.34 -38.18
C VAL B 172 41.58 145.68 -37.89
N LEU B 173 40.94 146.29 -38.87
CA LEU B 173 40.33 147.60 -38.64
C LEU B 173 39.22 147.51 -37.61
N ASP B 174 38.54 146.38 -37.51
CA ASP B 174 37.65 146.15 -36.39
C ASP B 174 38.43 146.13 -35.08
N ALA B 175 39.58 145.47 -35.07
CA ALA B 175 40.43 145.50 -33.89
C ALA B 175 40.82 146.93 -33.54
N VAL B 176 41.10 147.75 -34.56
CA VAL B 176 41.48 149.13 -34.31
C VAL B 176 40.31 149.92 -33.74
N VAL B 177 39.10 149.70 -34.25
CA VAL B 177 37.98 150.51 -33.78
C VAL B 177 37.58 150.09 -32.36
N CYS B 178 37.59 148.79 -32.07
CA CYS B 178 37.35 148.42 -30.68
C CYS B 178 38.50 148.88 -29.79
N TYR B 179 39.71 148.98 -30.35
CA TYR B 179 40.84 149.49 -29.58
C TYR B 179 40.64 150.96 -29.23
N ASN B 180 40.08 151.74 -30.16
CA ASN B 180 39.79 153.13 -29.86
C ASN B 180 38.60 153.26 -28.92
N CYS B 181 37.69 152.28 -28.94
CA CYS B 181 36.62 152.24 -27.95
C CYS B 181 37.17 151.92 -26.56
N LEU B 182 38.26 151.16 -26.50
CA LEU B 182 38.85 150.78 -25.21
C LEU B 182 39.09 151.96 -24.27
N PRO B 183 39.78 153.05 -24.67
CA PRO B 183 40.02 154.12 -23.71
C PRO B 183 38.78 154.94 -23.38
N ALA B 184 37.66 154.71 -24.06
CA ALA B 184 36.43 155.42 -23.71
C ALA B 184 36.10 155.21 -22.23
N GLU B 185 36.11 153.95 -21.78
CA GLU B 185 35.90 153.69 -20.36
C GLU B 185 36.99 154.30 -19.50
N SER B 186 38.16 154.58 -20.06
CA SER B 186 39.21 155.26 -19.30
C SER B 186 38.91 156.74 -19.13
N LEU B 187 37.67 157.10 -19.45
CA LEU B 187 37.14 158.43 -19.29
C LEU B 187 35.65 158.34 -18.93
N PRO B 188 35.12 159.31 -18.20
CA PRO B 188 33.66 159.43 -18.10
C PRO B 188 33.04 159.50 -19.49
N LEU B 189 31.78 159.07 -19.58
CA LEU B 189 31.17 158.83 -20.88
C LEU B 189 29.79 159.46 -20.90
N PHE B 190 29.02 159.12 -21.93
CA PHE B 190 27.75 159.78 -22.23
C PHE B 190 26.65 158.72 -22.31
N ILE B 191 25.44 159.09 -22.74
CA ILE B 191 24.42 158.13 -23.08
C ILE B 191 24.97 157.23 -24.18
N VAL B 192 25.11 155.94 -23.88
CA VAL B 192 25.84 155.04 -24.76
C VAL B 192 24.99 153.82 -25.10
N THR B 193 23.67 153.99 -25.14
CA THR B 193 22.83 152.97 -25.75
C THR B 193 23.38 152.56 -27.11
N LEU B 194 23.94 153.52 -27.84
CA LEU B 194 24.66 153.20 -29.07
C LEU B 194 25.78 152.21 -28.80
N CYS B 195 26.58 152.46 -27.74
CA CYS B 195 27.66 151.53 -27.42
C CYS B 195 27.13 150.13 -27.21
N ARG B 196 25.96 149.99 -26.56
CA ARG B 196 25.32 148.70 -26.46
C ARG B 196 25.06 148.13 -27.85
N THR B 197 24.24 148.82 -28.64
CA THR B 197 23.81 148.26 -29.91
C THR B 197 24.93 148.08 -30.92
N ILE B 198 26.13 148.59 -30.63
CA ILE B 198 27.25 148.44 -31.55
C ILE B 198 28.33 147.52 -30.99
N ASN B 199 28.39 147.31 -29.68
CA ASN B 199 29.31 146.35 -29.09
C ASN B 199 28.63 145.01 -28.85
N VAL B 200 27.65 144.67 -29.70
CA VAL B 200 26.84 143.48 -29.52
C VAL B 200 26.89 142.57 -30.74
N LYS B 201 26.80 143.13 -31.95
CA LYS B 201 26.83 142.30 -33.14
C LYS B 201 28.27 141.98 -33.51
N GLU B 202 29.05 141.54 -32.53
CA GLU B 202 30.45 141.18 -32.71
C GLU B 202 30.83 139.87 -32.05
N LEU B 203 30.07 139.40 -31.07
CA LEU B 203 30.42 138.21 -30.32
C LEU B 203 30.36 136.95 -31.19
N CYS B 204 29.67 137.02 -32.32
CA CYS B 204 29.60 135.86 -33.21
C CYS B 204 30.98 135.51 -33.74
N GLU B 205 31.62 136.42 -34.47
CA GLU B 205 32.94 136.15 -34.99
C GLU B 205 33.91 135.96 -33.83
N PRO B 206 35.00 135.21 -34.04
CA PRO B 206 35.93 134.98 -32.93
C PRO B 206 36.72 136.24 -32.59
N CYS B 207 36.26 136.94 -31.56
CA CYS B 207 37.02 138.00 -30.92
C CYS B 207 36.74 137.98 -29.43
N TRP B 208 36.22 136.85 -28.92
CA TRP B 208 35.58 136.76 -27.62
C TRP B 208 36.29 137.52 -26.53
N LYS B 209 37.62 137.38 -26.45
CA LYS B 209 38.35 137.94 -25.32
C LYS B 209 38.36 139.46 -25.35
N LEU B 210 38.48 140.06 -26.54
CA LEU B 210 38.51 141.50 -26.64
C LEU B 210 37.21 142.11 -26.15
N MET B 211 36.09 141.67 -26.73
CA MET B 211 34.78 142.17 -26.31
C MET B 211 34.52 141.84 -24.84
N ARG B 212 34.96 140.67 -24.40
CA ARG B 212 34.77 140.28 -23.01
C ARG B 212 35.45 141.27 -22.07
N ASN B 213 36.72 141.56 -22.32
CA ASN B 213 37.44 142.55 -21.52
C ASN B 213 36.74 143.90 -21.57
N LEU B 214 36.44 144.38 -22.79
CA LEU B 214 35.82 145.68 -22.93
C LEU B 214 34.57 145.78 -22.09
N LEU B 215 33.67 144.81 -22.22
CA LEU B 215 32.38 144.91 -21.57
C LEU B 215 32.50 144.67 -20.07
N GLY B 216 33.35 143.72 -19.67
CA GLY B 216 33.60 143.54 -18.25
C GLY B 216 34.03 144.82 -17.57
N THR B 217 35.10 145.45 -18.08
CA THR B 217 35.53 146.69 -17.48
C THR B 217 34.55 147.83 -17.75
N HIS B 218 33.68 147.67 -18.74
CA HIS B 218 32.66 148.67 -19.01
C HIS B 218 31.56 148.66 -17.97
N LEU B 219 31.31 147.50 -17.36
CA LEU B 219 30.23 147.37 -16.40
C LEU B 219 30.46 148.18 -15.13
N GLY B 220 31.58 148.89 -15.02
CA GLY B 220 31.77 149.80 -13.93
C GLY B 220 31.05 151.11 -14.14
N HIS B 221 30.87 151.83 -13.02
CA HIS B 221 30.27 153.16 -13.01
C HIS B 221 28.83 153.16 -13.52
N SER B 222 28.28 151.98 -13.75
CA SER B 222 26.89 151.87 -14.17
C SER B 222 26.43 150.44 -13.96
N ALA B 223 25.11 150.26 -14.01
CA ALA B 223 24.50 148.94 -14.09
C ALA B 223 23.38 148.89 -15.10
N ILE B 224 22.90 150.03 -15.59
CA ILE B 224 21.69 150.15 -16.39
C ILE B 224 21.88 149.45 -17.74
N TYR B 225 23.08 148.91 -17.97
CA TYR B 225 23.33 148.14 -19.17
C TYR B 225 22.22 147.15 -19.44
N ASN B 226 21.99 146.26 -18.49
CA ASN B 226 20.95 145.24 -18.62
C ASN B 226 19.60 145.86 -18.94
N MET B 227 19.31 147.03 -18.37
CA MET B 227 18.00 147.64 -18.57
C MET B 227 17.76 147.90 -20.06
N CYS B 228 18.68 148.63 -20.71
CA CYS B 228 18.53 148.85 -22.13
C CYS B 228 18.67 147.54 -22.91
N HIS B 229 19.47 146.61 -22.41
CA HIS B 229 19.53 145.28 -23.02
C HIS B 229 18.14 144.70 -23.19
N LEU B 230 17.35 144.75 -22.13
CA LEU B 230 16.00 144.22 -22.20
C LEU B 230 15.07 145.16 -22.94
N MET B 231 15.37 146.45 -22.94
CA MET B 231 14.70 147.38 -23.84
C MET B 231 14.97 147.07 -25.30
N GLU B 232 15.95 146.21 -25.57
CA GLU B 232 16.20 145.71 -26.93
C GLU B 232 15.45 144.41 -27.20
N ASP B 233 14.27 144.26 -26.62
CA ASP B 233 13.44 143.07 -26.82
C ASP B 233 12.13 143.44 -27.52
N ARG B 234 12.21 144.34 -28.49
CA ARG B 234 11.04 144.75 -29.26
C ARG B 234 11.46 145.08 -30.68
N ALA B 235 10.63 144.69 -31.65
CA ALA B 235 10.87 144.93 -33.07
C ALA B 235 12.16 144.28 -33.55
N TYR B 236 12.74 143.40 -32.74
CA TYR B 236 14.06 142.84 -33.00
C TYR B 236 14.03 141.33 -33.10
N MET B 237 12.83 140.74 -33.22
CA MET B 237 12.69 139.29 -33.34
C MET B 237 13.47 138.74 -34.53
N GLU B 238 13.88 139.59 -35.46
CA GLU B 238 14.60 139.19 -36.66
C GLU B 238 16.07 139.57 -36.60
N ASP B 239 16.65 139.62 -35.40
CA ASP B 239 18.01 140.09 -35.19
C ASP B 239 18.81 139.06 -34.41
N ALA B 240 18.77 137.81 -34.88
CA ALA B 240 19.42 136.66 -34.26
C ALA B 240 20.83 136.97 -33.75
N PRO B 241 21.73 137.52 -34.56
CA PRO B 241 23.08 137.79 -34.03
C PRO B 241 23.07 138.81 -32.91
N LEU B 242 22.25 139.86 -33.04
CA LEU B 242 22.15 140.89 -32.01
C LEU B 242 21.77 140.28 -30.67
N LEU B 243 20.61 139.64 -30.61
CA LEU B 243 20.14 139.06 -29.36
C LEU B 243 21.12 138.00 -28.87
N ARG B 244 21.67 137.22 -29.80
CA ARG B 244 22.66 136.21 -29.45
C ARG B 244 23.78 136.82 -28.64
N GLY B 245 24.50 137.77 -29.23
CA GLY B 245 25.61 138.39 -28.54
C GLY B 245 25.18 139.05 -27.25
N ALA B 246 24.07 139.80 -27.28
CA ALA B 246 23.61 140.51 -26.09
C ALA B 246 23.42 139.56 -24.93
N VAL B 247 22.58 138.55 -25.10
CA VAL B 247 22.26 137.66 -24.00
C VAL B 247 23.46 136.80 -23.62
N PHE B 248 24.31 136.41 -24.57
CA PHE B 248 25.51 135.67 -24.22
C PHE B 248 26.39 136.48 -23.30
N PHE B 249 26.54 137.78 -23.60
CA PHE B 249 27.31 138.65 -22.73
C PHE B 249 26.64 138.80 -21.38
N VAL B 250 25.32 139.02 -21.38
CA VAL B 250 24.59 139.13 -20.13
C VAL B 250 24.79 137.90 -19.26
N GLY B 251 24.99 136.73 -19.87
CA GLY B 251 25.24 135.52 -19.13
C GLY B 251 26.35 135.67 -18.09
N MET B 252 27.19 136.69 -18.22
CA MET B 252 28.08 137.07 -17.14
C MET B 252 27.32 137.20 -15.82
N ALA B 253 26.09 137.75 -15.86
CA ALA B 253 25.30 137.85 -14.65
C ALA B 253 24.81 136.48 -14.19
N LEU B 254 25.12 135.43 -14.94
CA LEU B 254 24.69 134.10 -14.56
C LEU B 254 25.85 133.31 -13.96
N TRP B 255 25.50 132.19 -13.33
CA TRP B 255 26.42 131.40 -12.51
C TRP B 255 27.66 130.93 -13.24
N GLY B 256 27.67 130.97 -14.58
CA GLY B 256 28.80 130.41 -15.32
C GLY B 256 30.13 131.05 -14.95
N ALA B 257 30.23 132.36 -15.09
CA ALA B 257 31.43 133.08 -14.69
C ALA B 257 31.03 134.51 -14.34
N HIS B 258 31.37 134.93 -13.13
CA HIS B 258 31.02 136.27 -12.64
C HIS B 258 32.33 137.05 -12.49
N ARG B 259 32.76 137.66 -13.59
CA ARG B 259 34.00 138.43 -13.53
C ARG B 259 33.79 139.77 -12.84
N LEU B 260 32.55 140.21 -12.68
CA LEU B 260 32.28 141.41 -11.90
C LEU B 260 31.98 141.07 -10.45
N TYR B 261 31.06 140.14 -10.22
CA TYR B 261 30.78 139.58 -8.90
C TYR B 261 30.27 140.64 -7.93
N SER B 262 30.12 141.88 -8.38
CA SER B 262 29.86 142.99 -7.48
C SER B 262 28.48 143.61 -7.61
N LEU B 263 27.82 143.44 -8.75
CA LEU B 263 26.56 144.14 -8.96
C LEU B 263 25.40 143.40 -8.31
N ARG B 264 24.27 144.09 -8.22
CA ARG B 264 23.06 143.50 -7.68
C ARG B 264 22.63 142.32 -8.55
N ASN B 265 22.58 141.13 -7.94
CA ASN B 265 22.35 139.90 -8.68
C ASN B 265 21.05 139.96 -9.47
N SER B 266 19.91 140.02 -8.77
CA SER B 266 18.61 140.23 -9.37
C SER B 266 18.32 139.37 -10.61
N PRO B 267 18.52 138.06 -10.54
CA PRO B 267 18.35 137.23 -11.74
C PRO B 267 16.89 137.03 -12.12
N THR B 268 16.03 136.88 -11.11
CA THR B 268 14.61 136.72 -11.36
C THR B 268 14.09 137.87 -12.21
N SER B 269 14.60 139.07 -11.97
CA SER B 269 14.19 140.22 -12.77
C SER B 269 14.65 140.09 -14.21
N VAL B 270 15.89 139.66 -14.43
CA VAL B 270 16.41 139.62 -15.79
C VAL B 270 15.83 138.49 -16.60
N LEU B 271 15.28 137.45 -15.94
CA LEU B 271 14.83 136.28 -16.68
C LEU B 271 13.77 136.57 -17.74
N PRO B 272 12.57 137.04 -17.39
CA PRO B 272 11.47 137.03 -18.37
C PRO B 272 11.77 137.81 -19.63
N SER B 273 12.83 138.62 -19.55
CA SER B 273 13.35 139.36 -20.72
C SER B 273 13.77 138.29 -21.75
N PHE B 274 14.30 137.16 -21.24
CA PHE B 274 14.70 136.07 -22.13
C PHE B 274 13.49 135.42 -22.77
N TYR B 275 12.44 135.20 -21.99
CA TYR B 275 11.20 134.69 -22.56
C TYR B 275 10.73 135.57 -23.70
N GLN B 276 10.78 136.89 -23.49
CA GLN B 276 10.47 137.83 -24.57
C GLN B 276 11.36 137.59 -25.77
N ALA B 277 12.68 137.68 -25.56
CA ALA B 277 13.65 137.50 -26.64
C ALA B 277 13.42 136.23 -27.43
N MET B 278 12.85 135.21 -26.81
CA MET B 278 12.50 133.98 -27.51
C MET B 278 11.20 134.10 -28.30
N ALA B 279 10.73 135.32 -28.57
CA ALA B 279 9.48 135.49 -29.32
C ALA B 279 9.59 134.92 -30.74
N CYS B 280 10.79 134.79 -31.27
CA CYS B 280 11.00 134.23 -32.60
C CYS B 280 11.90 133.02 -32.51
N PRO B 281 11.55 131.91 -33.16
CA PRO B 281 12.33 130.67 -33.01
C PRO B 281 13.55 130.69 -33.93
N ASN B 282 14.74 130.63 -33.32
CA ASN B 282 15.98 130.54 -34.09
C ASN B 282 16.96 129.69 -33.31
N GLU B 283 17.79 128.94 -34.04
CA GLU B 283 18.63 127.93 -33.41
C GLU B 283 19.62 128.54 -32.43
N VAL B 284 20.52 129.37 -32.94
CA VAL B 284 21.70 129.74 -32.15
C VAL B 284 21.33 130.58 -30.93
N VAL B 285 20.29 131.40 -31.04
CA VAL B 285 19.90 132.23 -29.90
C VAL B 285 19.43 131.36 -28.75
N SER B 286 18.42 130.53 -29.01
CA SER B 286 17.97 129.57 -28.00
C SER B 286 19.10 128.67 -27.55
N TYR B 287 20.06 128.42 -28.44
CA TYR B 287 21.22 127.59 -28.08
C TYR B 287 22.00 128.22 -26.96
N GLU B 288 22.47 129.45 -27.18
CA GLU B 288 23.17 130.16 -26.13
C GLU B 288 22.28 130.34 -24.91
N ILE B 289 20.97 130.47 -25.11
CA ILE B 289 20.05 130.63 -24.00
C ILE B 289 20.10 129.42 -23.09
N VAL B 290 19.91 128.24 -23.71
CA VAL B 290 19.92 126.93 -22.99
C VAL B 290 21.29 126.74 -22.32
N LEU B 291 22.37 127.08 -23.03
CA LEU B 291 23.73 126.94 -22.44
C LEU B 291 23.83 127.85 -21.20
N SER B 292 23.36 129.10 -21.33
CA SER B 292 23.42 130.07 -20.20
C SER B 292 22.54 129.62 -19.02
N ILE B 293 21.31 129.20 -19.31
CA ILE B 293 20.38 128.76 -18.22
C ILE B 293 20.92 127.49 -17.53
N THR B 294 21.46 126.55 -18.30
CA THR B 294 22.00 125.29 -17.71
C THR B 294 23.16 125.66 -16.77
N ARG B 295 24.02 126.59 -17.19
CA ARG B 295 25.16 127.04 -16.35
C ARG B 295 24.59 127.66 -15.07
N LEU B 296 23.60 128.56 -15.21
CA LEU B 296 22.98 129.21 -14.08
C LEU B 296 22.44 128.20 -13.08
N ILE B 297 21.65 127.23 -13.56
CA ILE B 297 20.97 126.30 -12.67
C ILE B 297 21.92 125.44 -11.86
N LYS B 298 23.22 125.49 -12.13
CA LYS B 298 24.19 124.73 -11.35
C LYS B 298 24.33 125.41 -10.00
N LYS B 299 23.39 125.08 -9.11
CA LYS B 299 23.33 125.70 -7.79
C LYS B 299 22.57 124.76 -6.85
N TRP B 309 15.90 127.68 -3.74
CA TRP B 309 15.98 129.09 -3.44
C TRP B 309 14.77 129.85 -3.95
N ASP B 310 15.01 130.81 -4.84
CA ASP B 310 13.96 131.67 -5.37
C ASP B 310 13.02 130.84 -6.24
N ILE B 311 11.81 130.58 -5.74
CA ILE B 311 10.83 129.82 -6.50
C ILE B 311 10.46 130.56 -7.78
N LEU B 312 10.49 131.89 -7.75
CA LEU B 312 10.12 132.66 -8.93
C LEU B 312 11.12 132.44 -10.06
N LEU B 313 12.42 132.46 -9.74
CA LEU B 313 13.44 132.03 -10.68
C LEU B 313 12.99 130.77 -11.40
N ASN B 314 12.62 129.77 -10.61
CA ASN B 314 12.21 128.49 -11.15
C ASN B 314 11.05 128.69 -12.09
N ILE B 315 9.89 129.12 -11.58
CA ILE B 315 8.69 129.21 -12.40
C ILE B 315 8.97 129.92 -13.72
N ILE B 316 9.78 130.97 -13.69
CA ILE B 316 10.09 131.67 -14.92
C ILE B 316 10.86 130.75 -15.86
N GLU B 317 12.00 130.22 -15.42
CA GLU B 317 12.75 129.35 -16.32
C GLU B 317 11.95 128.11 -16.73
N ARG B 318 10.98 127.71 -15.91
CA ARG B 318 10.04 126.69 -16.31
C ARG B 318 9.30 127.12 -17.57
N LEU B 319 8.68 128.30 -17.53
CA LEU B 319 8.04 128.81 -18.74
C LEU B 319 9.04 128.91 -19.89
N LEU B 320 10.30 129.22 -19.57
CA LEU B 320 11.32 129.32 -20.60
C LEU B 320 11.49 128.01 -21.34
N GLN B 321 11.80 126.95 -20.60
CA GLN B 321 11.95 125.65 -21.25
C GLN B 321 10.63 125.14 -21.80
N GLN B 322 9.50 125.62 -21.29
CA GLN B 322 8.21 125.27 -21.89
C GLN B 322 8.13 125.80 -23.31
N LEU B 323 8.40 127.10 -23.49
CA LEU B 323 8.48 127.64 -24.84
C LEU B 323 9.56 126.95 -25.64
N GLN B 324 10.63 126.50 -24.97
CA GLN B 324 11.66 125.73 -25.66
C GLN B 324 11.05 124.48 -26.31
N THR B 325 10.47 123.61 -25.49
CA THR B 325 9.81 122.42 -25.98
C THR B 325 8.73 122.75 -26.99
N LEU B 326 8.12 123.93 -26.90
CA LEU B 326 7.18 124.35 -27.93
C LEU B 326 7.88 124.62 -29.24
N ASP B 327 9.11 125.14 -29.17
CA ASP B 327 9.88 125.42 -30.37
C ASP B 327 10.57 124.20 -30.93
N SER B 328 10.68 123.12 -30.15
CA SER B 328 11.33 121.92 -30.65
C SER B 328 10.61 121.26 -31.84
N PRO B 329 9.28 121.06 -31.83
CA PRO B 329 8.67 120.27 -32.91
C PRO B 329 8.77 120.88 -34.29
N GLU B 330 9.34 122.08 -34.43
CA GLU B 330 9.35 122.76 -35.72
C GLU B 330 10.77 122.89 -36.28
N LEU B 331 11.67 123.49 -35.51
CA LEU B 331 13.08 123.59 -35.90
C LEU B 331 13.78 122.38 -35.30
N ARG B 332 13.46 121.19 -35.82
CA ARG B 332 13.94 119.94 -35.25
C ARG B 332 15.42 119.76 -35.62
N THR B 333 16.27 120.55 -34.98
CA THR B 333 17.69 120.33 -35.08
C THR B 333 18.06 119.05 -34.34
N ILE B 334 19.31 118.61 -34.53
CA ILE B 334 19.74 117.36 -33.95
C ILE B 334 20.75 117.66 -32.86
N VAL B 335 20.64 118.83 -32.25
CA VAL B 335 21.46 119.21 -31.10
C VAL B 335 20.60 119.63 -29.92
N HIS B 336 19.65 120.54 -30.16
CA HIS B 336 18.81 121.01 -29.06
C HIS B 336 18.00 119.88 -28.46
N ASP B 337 17.70 118.83 -29.23
CA ASP B 337 17.11 117.63 -28.65
C ASP B 337 17.93 117.16 -27.46
N LEU B 338 19.24 117.00 -27.67
CA LEU B 338 20.16 116.62 -26.61
C LEU B 338 20.05 117.61 -25.47
N LEU B 339 20.47 118.86 -25.71
CA LEU B 339 20.55 119.84 -24.64
C LEU B 339 19.27 119.88 -23.83
N THR B 340 18.12 119.79 -24.48
CA THR B 340 16.85 119.79 -23.78
C THR B 340 16.70 118.57 -22.89
N THR B 341 16.87 117.38 -23.45
CA THR B 341 16.62 116.18 -22.66
C THR B 341 17.64 116.04 -21.53
N VAL B 342 18.91 116.33 -21.81
CA VAL B 342 19.92 116.33 -20.75
C VAL B 342 19.63 117.43 -19.75
N GLU B 343 18.95 118.49 -20.18
CA GLU B 343 18.52 119.51 -19.23
C GLU B 343 17.49 118.92 -18.27
N GLU B 344 16.51 118.20 -18.81
CA GLU B 344 15.60 117.46 -17.96
C GLU B 344 16.37 116.58 -16.99
N LEU B 345 17.40 115.90 -17.49
CA LEU B 345 18.17 115.00 -16.65
C LEU B 345 18.81 115.75 -15.47
N CYS B 346 19.65 116.73 -15.78
CA CYS B 346 20.33 117.46 -14.70
C CYS B 346 19.32 118.11 -13.77
N ASP B 347 18.15 118.47 -14.28
CA ASP B 347 17.07 118.90 -13.41
C ASP B 347 16.68 117.78 -12.46
N GLN B 348 16.59 116.55 -12.97
CA GLN B 348 16.23 115.42 -12.13
C GLN B 348 17.33 115.08 -11.14
N ASN B 349 18.55 115.56 -11.38
CA ASN B 349 19.65 115.28 -10.48
C ASN B 349 19.71 116.29 -9.33
N GLU B 350 19.71 117.59 -9.66
CA GLU B 350 19.58 118.57 -8.58
C GLU B 350 18.15 118.67 -8.06
N PHE B 351 17.31 117.75 -8.53
CA PHE B 351 15.95 117.63 -8.03
C PHE B 351 15.92 117.55 -6.50
N HIS B 352 16.88 116.84 -5.90
CA HIS B 352 16.84 116.61 -4.46
C HIS B 352 16.95 117.92 -3.68
N GLY B 353 17.62 118.92 -4.24
CA GLY B 353 17.67 120.23 -3.63
C GLY B 353 17.19 121.31 -4.58
N SER B 354 16.14 121.00 -5.34
CA SER B 354 15.71 121.88 -6.42
C SER B 354 14.83 123.03 -5.92
N GLN B 355 14.04 122.79 -4.87
CA GLN B 355 13.07 123.76 -4.36
C GLN B 355 12.10 124.17 -5.46
N GLU B 356 11.80 123.25 -6.37
CA GLU B 356 10.97 123.53 -7.53
C GLU B 356 9.59 122.89 -7.35
N ARG B 357 8.77 123.02 -8.39
CA ARG B 357 7.41 122.51 -8.38
C ARG B 357 7.34 121.23 -9.20
N TYR B 358 6.11 120.74 -9.43
CA TYR B 358 5.88 119.50 -10.12
C TYR B 358 5.59 119.68 -11.61
N PHE B 359 5.52 120.93 -12.09
CA PHE B 359 5.41 121.21 -13.51
C PHE B 359 6.36 120.32 -14.29
N GLU B 360 7.56 120.14 -13.75
CA GLU B 360 8.57 119.28 -14.36
C GLU B 360 7.95 118.00 -14.89
N LEU B 361 7.26 117.29 -14.02
CA LEU B 361 6.69 116.01 -14.43
C LEU B 361 5.69 116.20 -15.56
N VAL B 362 4.79 117.17 -15.45
CA VAL B 362 3.82 117.34 -16.52
C VAL B 362 4.51 117.79 -17.80
N GLU B 363 5.68 118.41 -17.70
CA GLU B 363 6.44 118.73 -18.92
C GLU B 363 6.79 117.45 -19.67
N ARG B 364 7.20 116.41 -18.95
CA ARG B 364 7.39 115.12 -19.58
C ARG B 364 6.14 114.69 -20.32
N CYS B 365 4.97 114.90 -19.71
CA CYS B 365 3.73 114.56 -20.39
C CYS B 365 3.61 115.32 -21.70
N ALA B 366 4.04 116.57 -21.72
CA ALA B 366 4.09 117.31 -22.98
C ALA B 366 5.20 116.78 -23.87
N ASP B 367 6.33 116.40 -23.29
CA ASP B 367 7.44 115.83 -24.05
C ASP B 367 7.43 114.30 -24.01
N GLN B 368 6.27 113.69 -23.87
CA GLN B 368 6.17 112.25 -23.75
C GLN B 368 6.76 111.52 -24.95
N ARG B 369 7.01 112.22 -26.04
CA ARG B 369 7.75 111.65 -27.15
C ARG B 369 8.98 110.93 -26.61
N PRO B 370 9.24 109.69 -27.05
CA PRO B 370 10.27 108.86 -26.42
C PRO B 370 11.67 109.46 -26.46
N GLU B 371 11.80 110.63 -27.08
CA GLU B 371 13.04 111.40 -26.96
C GLU B 371 13.52 111.44 -25.52
N SER B 372 12.60 111.73 -24.59
CA SER B 372 12.92 111.66 -23.18
C SER B 372 13.36 110.24 -22.80
N SER B 373 14.38 110.17 -21.95
CA SER B 373 14.94 108.88 -21.55
C SER B 373 13.89 108.00 -20.88
N LEU B 374 14.23 106.72 -20.74
CA LEU B 374 13.31 105.78 -20.12
C LEU B 374 13.24 105.99 -18.61
N LEU B 375 14.39 106.00 -17.94
CA LEU B 375 14.41 106.22 -16.50
C LEU B 375 13.71 107.52 -16.13
N ASN B 376 13.81 108.53 -16.99
CA ASN B 376 12.96 109.70 -16.88
C ASN B 376 11.51 109.28 -16.70
N LEU B 377 11.02 108.44 -17.62
CA LEU B 377 9.64 107.99 -17.53
C LEU B 377 9.39 107.17 -16.27
N ILE B 378 10.41 106.47 -15.78
CA ILE B 378 10.25 105.68 -14.56
C ILE B 378 9.94 106.59 -13.38
N SER B 379 10.85 107.53 -13.11
CA SER B 379 10.60 108.52 -12.07
C SER B 379 9.28 109.23 -12.32
N TYR B 380 8.95 109.45 -13.59
CA TYR B 380 7.73 110.15 -13.94
C TYR B 380 6.50 109.41 -13.45
N ARG B 381 6.33 108.17 -13.90
CA ARG B 381 5.18 107.38 -13.46
C ARG B 381 5.18 107.24 -11.95
N ALA B 382 6.36 107.16 -11.33
CA ALA B 382 6.40 107.04 -9.88
C ALA B 382 5.75 108.25 -9.22
N GLN B 383 6.23 109.45 -9.56
CA GLN B 383 5.67 110.65 -8.99
C GLN B 383 4.21 110.82 -9.37
N SER B 384 3.81 110.34 -10.55
CA SER B 384 2.46 110.57 -11.01
C SER B 384 1.47 109.63 -10.36
N ILE B 385 1.91 108.46 -9.93
CA ILE B 385 1.03 107.58 -9.17
C ILE B 385 1.04 107.94 -7.69
N HIS B 386 2.13 108.53 -7.22
CA HIS B 386 2.26 109.00 -5.85
C HIS B 386 0.96 109.63 -5.33
N PRO B 387 0.26 110.47 -6.09
CA PRO B 387 -1.02 110.97 -5.59
C PRO B 387 -2.08 109.90 -5.41
N ALA B 388 -2.30 109.07 -6.43
CA ALA B 388 -3.44 108.16 -6.43
C ALA B 388 -3.35 107.18 -5.28
N LYS B 389 -4.18 107.37 -4.27
CA LYS B 389 -4.13 106.60 -3.04
C LYS B 389 -5.48 106.01 -2.65
N ASP B 390 -6.57 106.74 -2.86
CA ASP B 390 -7.90 106.29 -2.52
C ASP B 390 -8.86 106.34 -3.69
N GLY B 391 -8.80 107.40 -4.47
CA GLY B 391 -9.70 107.57 -5.60
C GLY B 391 -9.02 108.18 -6.80
N TRP B 392 -9.59 109.27 -7.33
CA TRP B 392 -9.08 109.94 -8.51
C TRP B 392 -8.78 108.94 -9.62
N ILE B 393 -9.67 107.95 -9.74
CA ILE B 393 -9.49 106.85 -10.66
C ILE B 393 -9.26 107.35 -12.07
N GLN B 394 -10.03 108.34 -12.49
CA GLN B 394 -9.88 108.91 -13.82
C GLN B 394 -8.44 109.27 -14.12
N ASN B 395 -7.72 109.83 -13.14
CA ASN B 395 -6.32 110.14 -13.34
C ASN B 395 -5.52 108.87 -13.58
N LEU B 396 -5.76 107.84 -12.77
CA LEU B 396 -5.07 106.57 -12.93
C LEU B 396 -5.28 106.01 -14.33
N GLN B 397 -6.53 105.94 -14.77
CA GLN B 397 -6.81 105.35 -16.07
C GLN B 397 -6.29 106.21 -17.20
N ALA B 398 -6.24 107.53 -17.02
CA ALA B 398 -5.64 108.38 -18.02
C ALA B 398 -4.16 108.06 -18.17
N LEU B 399 -3.46 107.95 -17.05
CA LEU B 399 -2.07 107.51 -17.10
C LEU B 399 -1.96 106.13 -17.76
N MET B 400 -2.88 105.22 -17.40
CA MET B 400 -2.88 103.89 -17.96
C MET B 400 -2.92 103.94 -19.49
N GLU B 401 -3.89 104.69 -20.03
CA GLU B 401 -3.94 104.92 -21.46
C GLU B 401 -2.61 105.44 -21.98
N ARG B 402 -2.14 106.52 -21.38
CA ARG B 402 -0.94 107.17 -21.91
C ARG B 402 0.26 106.24 -21.88
N PHE B 403 0.20 105.17 -21.10
CA PHE B 403 1.38 104.33 -20.93
C PHE B 403 1.11 102.83 -21.00
N PHE B 404 -0.09 102.41 -21.36
CA PHE B 404 -0.31 101.02 -21.68
C PHE B 404 -0.77 100.82 -23.11
N ARG B 405 -1.82 101.54 -23.53
CA ARG B 405 -2.20 101.51 -24.94
C ARG B 405 -1.18 102.26 -25.78
N SER B 406 -0.97 103.54 -25.49
CA SER B 406 -0.06 104.39 -26.25
C SER B 406 1.33 104.28 -25.64
N GLU B 407 2.07 103.23 -26.05
CA GLU B 407 3.39 103.01 -25.51
C GLU B 407 4.09 101.94 -26.33
N SER B 408 5.42 102.01 -26.37
CA SER B 408 6.25 101.03 -27.07
C SER B 408 7.16 100.25 -26.13
N ARG B 409 7.94 100.92 -25.29
CA ARG B 409 8.89 100.24 -24.41
C ARG B 409 8.14 99.40 -23.38
N GLY B 410 8.15 98.08 -23.56
CA GLY B 410 7.39 97.21 -22.69
C GLY B 410 7.81 97.30 -21.23
N ALA B 411 9.03 97.75 -20.96
CA ALA B 411 9.50 97.84 -19.58
C ALA B 411 8.58 98.73 -18.74
N VAL B 412 8.33 99.94 -19.22
CA VAL B 412 7.43 100.83 -18.49
C VAL B 412 6.01 100.30 -18.50
N ARG B 413 5.66 99.46 -19.47
CA ARG B 413 4.36 98.81 -19.45
C ARG B 413 4.27 97.87 -18.26
N ILE B 414 5.27 97.01 -18.09
CA ILE B 414 5.37 96.19 -16.89
C ILE B 414 5.27 97.07 -15.66
N LYS B 415 5.94 98.22 -15.70
CA LYS B 415 5.97 99.10 -14.55
C LYS B 415 4.57 99.59 -14.17
N VAL B 416 3.90 100.26 -15.10
CA VAL B 416 2.55 100.74 -14.83
C VAL B 416 1.64 99.59 -14.43
N LEU B 417 1.85 98.42 -15.02
CA LEU B 417 0.98 97.29 -14.71
C LEU B 417 1.14 96.85 -13.27
N ASP B 418 2.39 96.67 -12.82
CA ASP B 418 2.60 96.30 -11.44
C ASP B 418 2.12 97.39 -10.50
N VAL B 419 2.23 98.65 -10.92
CA VAL B 419 1.69 99.74 -10.11
C VAL B 419 0.19 99.55 -9.90
N LEU B 420 -0.53 99.35 -11.01
CA LEU B 420 -1.96 99.05 -10.91
C LEU B 420 -2.22 97.87 -9.99
N SER B 421 -1.41 96.82 -10.11
CA SER B 421 -1.59 95.64 -9.28
C SER B 421 -1.46 95.99 -7.80
N PHE B 422 -0.45 96.79 -7.47
CA PHE B 422 -0.25 97.22 -6.10
C PHE B 422 -1.46 98.01 -5.61
N VAL B 423 -1.92 98.95 -6.43
CA VAL B 423 -3.09 99.74 -6.07
C VAL B 423 -4.28 98.83 -5.79
N LEU B 424 -4.46 97.81 -6.63
CA LEU B 424 -5.55 96.86 -6.43
C LEU B 424 -5.41 96.15 -5.09
N LEU B 425 -4.30 95.42 -4.92
CA LEU B 425 -4.13 94.60 -3.72
C LEU B 425 -4.24 95.43 -2.45
N ILE B 426 -3.85 96.70 -2.50
CA ILE B 426 -3.97 97.55 -1.33
C ILE B 426 -5.44 97.84 -1.02
N ASN B 427 -6.20 98.20 -2.03
CA ASN B 427 -7.49 98.84 -1.81
C ASN B 427 -8.62 97.82 -1.80
N ARG B 428 -8.61 97.02 -0.75
CA ARG B 428 -9.74 96.15 -0.46
C ARG B 428 -10.93 96.91 0.11
N GLN B 429 -10.78 98.21 0.35
CA GLN B 429 -11.82 99.01 0.98
C GLN B 429 -12.95 99.28 0.00
N PHE B 430 -13.65 98.23 -0.41
CA PHE B 430 -14.77 98.31 -1.35
C PHE B 430 -14.40 99.21 -2.53
N TYR B 431 -13.16 99.10 -2.97
CA TYR B 431 -12.65 99.88 -4.09
C TYR B 431 -12.39 98.97 -5.29
N GLU B 432 -13.28 98.01 -5.50
CA GLU B 432 -13.13 97.02 -6.55
C GLU B 432 -13.97 97.35 -7.78
N GLU B 433 -15.27 97.58 -7.59
CA GLU B 433 -16.18 97.79 -8.70
C GLU B 433 -15.65 98.85 -9.66
N GLU B 434 -15.38 100.04 -9.14
CA GLU B 434 -14.80 101.10 -9.96
C GLU B 434 -13.48 100.64 -10.57
N LEU B 435 -12.59 100.10 -9.73
CA LEU B 435 -11.32 99.63 -10.24
C LEU B 435 -11.52 98.48 -11.22
N ILE B 436 -12.57 97.70 -11.05
CA ILE B 436 -12.87 96.65 -12.03
C ILE B 436 -13.21 97.29 -13.37
N ASN B 437 -14.02 98.35 -13.36
CA ASN B 437 -14.34 99.01 -14.62
C ASN B 437 -13.14 99.76 -15.18
N SER B 438 -12.13 100.03 -14.36
CA SER B 438 -10.91 100.64 -14.86
C SER B 438 -9.91 99.62 -15.37
N VAL B 439 -10.05 98.38 -14.91
CA VAL B 439 -9.17 97.24 -15.27
C VAL B 439 -9.76 96.50 -16.48
N VAL B 440 -11.08 96.44 -16.56
CA VAL B 440 -11.78 95.72 -17.68
C VAL B 440 -11.41 96.40 -19.01
N ILE B 441 -11.37 97.73 -19.02
CA ILE B 441 -11.02 98.54 -20.23
C ILE B 441 -9.56 98.30 -20.65
N SER B 442 -8.68 98.00 -19.70
CA SER B 442 -7.24 97.75 -20.01
C SER B 442 -6.97 96.26 -20.24
N GLN B 443 -7.99 95.39 -20.13
CA GLN B 443 -7.75 93.93 -20.28
C GLN B 443 -8.61 93.29 -21.38
N LEU B 444 -9.85 93.77 -21.57
CA LEU B 444 -10.71 93.18 -22.59
C LEU B 444 -10.03 93.14 -23.94
N SER B 445 -9.12 94.09 -24.20
CA SER B 445 -8.52 94.23 -25.52
C SER B 445 -7.03 93.92 -25.53
N HIS B 446 -6.35 93.92 -24.38
CA HIS B 446 -4.92 93.67 -24.40
C HIS B 446 -4.62 92.28 -24.96
N ILE B 447 -5.51 91.33 -24.74
CA ILE B 447 -5.27 89.89 -24.75
C ILE B 447 -4.26 89.47 -25.83
N PRO B 448 -4.43 89.86 -27.10
CA PRO B 448 -3.42 89.51 -28.11
C PRO B 448 -2.24 90.47 -28.14
N GLU B 449 -1.74 90.81 -26.95
CA GLU B 449 -0.57 91.66 -26.89
C GLU B 449 0.65 90.90 -27.37
N ASP B 450 1.56 91.63 -28.02
CA ASP B 450 2.67 90.99 -28.73
C ASP B 450 3.56 90.20 -27.78
N LYS B 451 4.18 90.88 -26.82
CA LYS B 451 5.18 90.21 -26.01
C LYS B 451 4.51 89.46 -24.86
N ASP B 452 5.33 88.69 -24.13
CA ASP B 452 4.85 87.73 -23.15
C ASP B 452 4.69 88.32 -21.75
N HIS B 453 5.78 88.85 -21.18
CA HIS B 453 5.80 89.30 -19.80
C HIS B 453 4.55 90.09 -19.46
N GLN B 454 4.13 90.95 -20.37
CA GLN B 454 2.86 91.65 -20.25
C GLN B 454 1.74 90.67 -19.93
N VAL B 455 1.50 89.71 -20.83
CA VAL B 455 0.33 88.86 -20.69
C VAL B 455 0.50 87.93 -19.50
N ARG B 456 1.74 87.57 -19.16
CA ARG B 456 1.98 86.78 -17.96
C ARG B 456 1.50 87.52 -16.72
N LYS B 457 2.01 88.74 -16.53
CA LYS B 457 1.59 89.53 -15.39
C LYS B 457 0.09 89.75 -15.40
N LEU B 458 -0.48 90.05 -16.56
CA LEU B 458 -1.91 90.27 -16.65
C LEU B 458 -2.70 89.03 -16.26
N ALA B 459 -2.23 87.87 -16.68
CA ALA B 459 -2.86 86.62 -16.30
C ALA B 459 -2.88 86.58 -14.78
N THR B 460 -1.69 86.51 -14.18
CA THR B 460 -1.59 86.41 -12.72
C THR B 460 -2.51 87.42 -12.04
N GLN B 461 -2.58 88.63 -12.59
CA GLN B 461 -3.44 89.67 -12.05
C GLN B 461 -4.87 89.16 -12.02
N LEU B 462 -5.47 89.00 -13.22
CA LEU B 462 -6.85 88.49 -13.42
C LEU B 462 -7.13 87.28 -12.51
N LEU B 463 -6.16 86.36 -12.44
CA LEU B 463 -6.26 85.16 -11.62
C LEU B 463 -6.54 85.52 -10.17
N VAL B 464 -5.64 86.28 -9.54
CA VAL B 464 -5.81 86.54 -8.12
C VAL B 464 -6.98 87.48 -7.88
N ASP B 465 -7.14 88.49 -8.74
CA ASP B 465 -8.22 89.45 -8.58
C ASP B 465 -9.57 88.77 -8.58
N LEU B 466 -9.70 87.68 -9.32
CA LEU B 466 -10.98 87.00 -9.37
C LEU B 466 -11.08 85.86 -8.39
N ALA B 467 -9.96 85.29 -7.96
CA ALA B 467 -9.96 84.53 -6.73
C ALA B 467 -10.62 85.32 -5.63
N GLU B 468 -10.31 86.62 -5.57
CA GLU B 468 -11.02 87.52 -4.67
C GLU B 468 -12.42 87.83 -5.18
N GLY B 469 -12.52 88.40 -6.39
CA GLY B 469 -13.75 89.01 -6.82
C GLY B 469 -14.91 88.03 -6.86
N CYS B 470 -16.07 88.49 -6.40
CA CYS B 470 -17.31 87.72 -6.46
C CYS B 470 -18.50 88.62 -6.77
N HIS B 471 -18.27 89.72 -7.49
CA HIS B 471 -19.28 90.75 -7.71
C HIS B 471 -19.86 90.68 -9.11
N THR B 472 -20.08 89.48 -9.63
CA THR B 472 -20.58 89.22 -10.99
C THR B 472 -19.57 89.66 -12.04
N HIS B 473 -18.45 90.24 -11.65
CA HIS B 473 -17.35 90.47 -12.57
C HIS B 473 -16.49 89.23 -12.74
N HIS B 474 -16.86 88.13 -12.08
CA HIS B 474 -16.20 86.86 -12.33
C HIS B 474 -16.27 86.49 -13.80
N PHE B 475 -17.38 86.84 -14.46
CA PHE B 475 -17.69 86.28 -15.76
C PHE B 475 -16.88 86.94 -16.88
N ASN B 476 -16.93 88.28 -16.96
CA ASN B 476 -16.22 88.97 -18.04
C ASN B 476 -14.72 88.79 -17.90
N SER B 477 -14.19 89.06 -16.70
CA SER B 477 -12.79 88.78 -16.43
C SER B 477 -12.45 87.34 -16.81
N LEU B 478 -13.31 86.40 -16.39
CA LEU B 478 -13.11 85.02 -16.75
C LEU B 478 -13.08 84.82 -18.26
N LEU B 479 -13.86 85.60 -19.00
CA LEU B 479 -13.83 85.52 -20.45
C LEU B 479 -12.48 85.96 -21.00
N ASP B 480 -11.93 87.02 -20.42
CA ASP B 480 -10.55 87.39 -20.75
C ASP B 480 -9.63 86.20 -20.51
N ILE B 481 -9.81 85.52 -19.38
CA ILE B 481 -9.00 84.34 -19.10
C ILE B 481 -9.19 83.30 -20.18
N ILE B 482 -10.43 83.11 -20.63
CA ILE B 482 -10.71 82.14 -21.69
C ILE B 482 -9.91 82.47 -22.94
N GLU B 483 -10.01 83.72 -23.38
CA GLU B 483 -9.23 84.16 -24.54
C GLU B 483 -7.76 83.87 -24.34
N LYS B 484 -7.24 84.10 -23.12
CA LYS B 484 -5.86 83.75 -22.85
C LYS B 484 -5.62 82.25 -22.98
N VAL B 485 -6.61 81.44 -22.61
CA VAL B 485 -6.45 80.00 -22.76
C VAL B 485 -6.33 79.62 -24.23
N MET B 486 -7.23 80.16 -25.05
CA MET B 486 -7.12 79.96 -26.50
C MET B 486 -5.87 80.58 -27.09
N ALA B 487 -5.26 81.55 -26.40
CA ALA B 487 -4.27 82.43 -27.01
C ALA B 487 -3.19 81.67 -27.77
N ARG B 488 -2.89 80.44 -27.37
CA ARG B 488 -1.94 79.63 -28.11
C ARG B 488 -2.44 78.20 -28.13
N SER B 489 -1.87 77.40 -29.03
CA SER B 489 -2.15 75.98 -29.10
C SER B 489 -0.90 75.13 -28.91
N LEU B 490 0.12 75.33 -29.73
CA LEU B 490 1.37 74.58 -29.66
C LEU B 490 2.41 75.38 -30.42
N SER B 491 3.53 74.75 -30.76
CA SER B 491 4.45 75.33 -31.74
C SER B 491 4.05 74.92 -33.15
N PRO B 492 3.46 75.81 -33.93
CA PRO B 492 3.25 75.53 -35.35
C PRO B 492 4.57 75.34 -36.09
N PRO B 493 5.51 76.28 -36.02
CA PRO B 493 6.61 76.28 -36.99
C PRO B 493 7.70 75.29 -36.59
N PRO B 494 8.08 74.39 -37.49
CA PRO B 494 9.22 73.52 -37.22
C PRO B 494 10.56 74.20 -37.41
N GLU B 495 10.59 75.43 -37.91
CA GLU B 495 11.86 76.11 -38.14
C GLU B 495 12.54 76.54 -36.85
N LEU B 496 11.87 76.43 -35.71
CA LEU B 496 12.42 76.83 -34.42
C LEU B 496 12.82 75.64 -33.56
N GLU B 497 12.71 74.42 -34.09
CA GLU B 497 13.08 73.24 -33.32
C GLU B 497 14.58 73.23 -33.07
N GLU B 498 14.96 73.14 -31.80
CA GLU B 498 16.33 73.23 -31.34
C GLU B 498 16.83 74.67 -31.52
N ARG B 499 16.00 75.51 -32.14
CA ARG B 499 16.32 76.91 -32.36
C ARG B 499 15.62 77.80 -31.34
N ASP B 500 14.28 77.75 -31.29
CA ASP B 500 13.50 78.59 -30.39
C ASP B 500 12.46 77.78 -29.63
N VAL B 501 12.60 76.46 -29.60
CA VAL B 501 11.78 75.64 -28.71
C VAL B 501 11.84 76.20 -27.29
N ALA B 502 13.04 76.53 -26.82
CA ALA B 502 13.17 77.21 -25.54
C ALA B 502 12.42 78.53 -25.54
N ALA B 503 12.62 79.35 -26.57
CA ALA B 503 12.00 80.67 -26.64
C ALA B 503 10.47 80.54 -26.73
N TYR B 504 9.99 79.67 -27.61
CA TYR B 504 8.55 79.55 -27.78
C TYR B 504 7.90 78.98 -26.53
N SER B 505 8.57 78.04 -25.86
CA SER B 505 8.04 77.51 -24.60
C SER B 505 8.02 78.60 -23.53
N ALA B 506 9.08 79.41 -23.48
CA ALA B 506 9.10 80.54 -22.55
C ALA B 506 7.94 81.47 -22.81
N SER B 507 7.59 81.66 -24.08
CA SER B 507 6.37 82.38 -24.42
C SER B 507 5.16 81.72 -23.78
N LEU B 508 4.91 80.45 -24.16
CA LEU B 508 3.71 79.75 -23.70
C LEU B 508 3.61 79.66 -22.18
N GLU B 509 4.72 79.89 -21.46
CA GLU B 509 4.66 79.97 -20.00
C GLU B 509 3.52 80.84 -19.53
N ASP B 510 3.14 81.84 -20.32
CA ASP B 510 2.00 82.67 -19.99
C ASP B 510 0.76 81.82 -19.75
N VAL B 511 0.34 81.06 -20.76
CA VAL B 511 -0.88 80.29 -20.64
C VAL B 511 -0.69 79.16 -19.65
N LYS B 512 0.55 78.70 -19.47
CA LYS B 512 0.82 77.77 -18.38
C LYS B 512 0.36 78.34 -17.05
N THR B 513 0.93 79.50 -16.69
CA THR B 513 0.53 80.19 -15.47
C THR B 513 -0.97 80.45 -15.46
N ALA B 514 -1.52 80.82 -16.61
CA ALA B 514 -2.95 81.10 -16.70
C ALA B 514 -3.77 79.90 -16.24
N VAL B 515 -3.52 78.74 -16.83
CA VAL B 515 -4.31 77.57 -16.48
C VAL B 515 -4.04 77.14 -15.05
N LEU B 516 -2.82 77.35 -14.55
CA LEU B 516 -2.55 76.96 -13.17
C LEU B 516 -3.34 77.82 -12.19
N GLY B 517 -3.31 79.13 -12.37
CA GLY B 517 -4.14 79.99 -11.56
C GLY B 517 -5.62 79.70 -11.75
N LEU B 518 -6.02 79.33 -12.95
CA LEU B 518 -7.40 78.91 -13.17
C LEU B 518 -7.72 77.72 -12.30
N LEU B 519 -6.77 76.77 -12.20
CA LEU B 519 -6.96 75.62 -11.32
C LEU B 519 -7.12 76.06 -9.88
N VAL B 520 -6.29 76.99 -9.43
CA VAL B 520 -6.39 77.48 -8.06
C VAL B 520 -7.75 78.12 -7.82
N ILE B 521 -8.23 78.88 -8.79
CA ILE B 521 -9.55 79.49 -8.69
C ILE B 521 -10.61 78.42 -8.60
N LEU B 522 -10.49 77.37 -9.40
CA LEU B 522 -11.39 76.24 -9.28
C LEU B 522 -11.40 75.72 -7.85
N GLN B 523 -10.22 75.53 -7.28
CA GLN B 523 -10.11 75.03 -5.92
C GLN B 523 -10.88 75.93 -4.96
N THR B 524 -10.51 77.19 -4.88
CA THR B 524 -11.05 78.06 -3.83
C THR B 524 -12.49 78.47 -4.14
N LYS B 525 -12.62 79.21 -5.25
CA LYS B 525 -13.88 79.86 -5.72
C LYS B 525 -15.06 78.88 -5.70
N LEU B 526 -14.77 77.59 -5.59
CA LEU B 526 -15.87 76.60 -5.59
C LEU B 526 -16.77 76.80 -4.37
N TYR B 527 -16.20 77.02 -3.18
CA TYR B 527 -16.98 77.10 -1.92
C TYR B 527 -17.74 78.42 -1.77
N THR B 528 -18.57 78.80 -2.76
CA THR B 528 -19.32 80.04 -2.77
C THR B 528 -20.71 79.76 -3.33
N LEU B 529 -21.70 80.51 -2.83
CA LEU B 529 -23.10 80.25 -3.13
C LEU B 529 -23.40 80.12 -4.63
N PRO B 530 -23.05 81.08 -5.49
CA PRO B 530 -23.40 80.90 -6.91
C PRO B 530 -22.54 79.83 -7.56
N ALA B 531 -23.13 78.67 -7.79
CA ALA B 531 -22.37 77.52 -8.28
C ALA B 531 -21.99 77.67 -9.74
N SER B 532 -22.73 78.48 -10.50
CA SER B 532 -22.42 78.68 -11.91
C SER B 532 -20.96 79.03 -12.12
N HIS B 533 -20.35 79.71 -11.15
CA HIS B 533 -18.95 80.12 -11.27
C HIS B 533 -18.04 78.92 -11.39
N ALA B 534 -17.98 78.11 -10.33
CA ALA B 534 -17.12 76.93 -10.35
C ALA B 534 -17.55 75.96 -11.44
N THR B 535 -18.85 75.89 -11.71
CA THR B 535 -19.35 75.07 -12.81
C THR B 535 -18.64 75.44 -14.10
N ARG B 536 -18.75 76.71 -14.48
CA ARG B 536 -18.12 77.17 -15.71
C ARG B 536 -16.61 76.96 -15.65
N VAL B 537 -16.01 77.15 -14.49
CA VAL B 537 -14.57 76.95 -14.36
C VAL B 537 -14.20 75.52 -14.76
N TYR B 538 -14.82 74.55 -14.08
CA TYR B 538 -14.55 73.14 -14.33
C TYR B 538 -14.83 72.78 -15.79
N GLU B 539 -15.92 73.30 -16.34
CA GLU B 539 -16.26 72.99 -17.73
C GLU B 539 -15.21 73.54 -18.68
N MET B 540 -14.76 74.77 -18.45
CA MET B 540 -13.76 75.35 -19.33
C MET B 540 -12.45 74.61 -19.23
N LEU B 541 -12.07 74.19 -18.02
CA LEU B 541 -10.85 73.42 -17.86
C LEU B 541 -10.94 72.12 -18.66
N VAL B 542 -12.05 71.42 -18.52
CA VAL B 542 -12.25 70.17 -19.26
C VAL B 542 -12.17 70.42 -20.75
N SER B 543 -12.87 71.46 -21.23
CA SER B 543 -12.87 71.73 -22.66
C SER B 543 -11.47 72.02 -23.16
N HIS B 544 -10.72 72.84 -22.42
CA HIS B 544 -9.37 73.16 -22.85
C HIS B 544 -8.52 71.90 -22.95
N ILE B 545 -8.54 71.08 -21.90
CA ILE B 545 -7.66 69.92 -21.95
C ILE B 545 -8.11 68.93 -23.03
N GLN B 546 -9.42 68.82 -23.25
CA GLN B 546 -9.92 67.93 -24.29
C GLN B 546 -9.45 68.37 -25.66
N LEU B 547 -9.65 69.65 -25.98
CA LEU B 547 -9.16 70.15 -27.26
C LEU B 547 -7.65 70.08 -27.33
N HIS B 548 -6.98 70.20 -26.18
CA HIS B 548 -5.53 70.03 -26.13
C HIS B 548 -5.13 68.69 -26.72
N TYR B 549 -5.74 67.61 -26.21
CA TYR B 549 -5.55 66.31 -26.84
C TYR B 549 -5.97 66.34 -28.30
N LYS B 550 -7.13 66.95 -28.59
CA LYS B 550 -7.69 66.90 -29.94
C LYS B 550 -6.72 67.45 -30.98
N HIS B 551 -5.88 68.40 -30.60
CA HIS B 551 -4.84 68.87 -31.50
C HIS B 551 -3.49 68.23 -31.25
N SER B 552 -3.36 67.45 -30.17
CA SER B 552 -2.14 66.70 -29.88
C SER B 552 -0.93 67.63 -29.80
N TYR B 553 -0.97 68.53 -28.83
CA TYR B 553 0.19 69.36 -28.57
C TYR B 553 1.36 68.50 -28.09
N THR B 554 2.55 69.05 -28.18
CA THR B 554 3.74 68.22 -28.01
C THR B 554 4.75 68.80 -27.03
N LEU B 555 4.76 70.12 -26.87
CA LEU B 555 5.81 70.77 -26.11
C LEU B 555 5.78 70.32 -24.66
N PRO B 556 6.93 70.32 -23.98
CA PRO B 556 6.95 69.96 -22.56
C PRO B 556 6.03 70.82 -21.71
N ILE B 557 5.80 72.07 -22.12
CA ILE B 557 4.80 72.90 -21.44
C ILE B 557 3.47 72.19 -21.42
N ALA B 558 3.03 71.71 -22.59
CA ALA B 558 1.80 70.93 -22.67
C ALA B 558 1.83 69.76 -21.70
N SER B 559 2.97 69.07 -21.64
CA SER B 559 3.09 67.93 -20.74
C SER B 559 2.83 68.34 -19.30
N SER B 560 3.52 69.38 -18.84
CA SER B 560 3.34 69.84 -17.47
C SER B 560 1.90 70.29 -17.23
N ILE B 561 1.27 70.89 -18.24
CA ILE B 561 -0.12 71.32 -18.10
C ILE B 561 -1.01 70.12 -17.84
N ARG B 562 -0.94 69.12 -18.72
CA ARG B 562 -1.65 67.87 -18.50
C ARG B 562 -1.37 67.33 -17.11
N LEU B 563 -0.10 67.35 -16.72
CA LEU B 563 0.32 66.77 -15.45
C LEU B 563 -0.43 67.42 -14.29
N GLN B 564 -0.27 68.73 -14.13
CA GLN B 564 -0.90 69.40 -12.99
C GLN B 564 -2.42 69.32 -13.08
N ALA B 565 -2.97 69.53 -14.28
CA ALA B 565 -4.41 69.48 -14.46
C ALA B 565 -4.99 68.17 -13.95
N PHE B 566 -4.51 67.06 -14.50
CA PHE B 566 -5.02 65.76 -14.08
C PHE B 566 -4.70 65.49 -12.62
N ASP B 567 -3.49 65.81 -12.18
CA ASP B 567 -3.10 65.55 -10.81
C ASP B 567 -4.11 66.15 -9.85
N PHE B 568 -4.54 67.38 -10.11
CA PHE B 568 -5.60 67.95 -9.31
C PHE B 568 -6.91 67.20 -9.54
N LEU B 569 -7.39 67.22 -10.77
CA LEU B 569 -8.77 66.82 -11.05
C LEU B 569 -9.08 65.43 -10.55
N LEU B 570 -8.11 64.52 -10.57
CA LEU B 570 -8.38 63.18 -10.08
C LEU B 570 -8.75 63.18 -8.61
N LEU B 571 -8.18 64.10 -7.82
CA LEU B 571 -8.53 64.18 -6.42
C LEU B 571 -10.02 64.38 -6.20
N LEU B 572 -10.76 64.80 -7.22
CA LEU B 572 -12.16 65.11 -7.04
C LEU B 572 -12.92 63.87 -6.59
N ARG B 573 -13.54 63.93 -5.42
CA ARG B 573 -14.20 62.79 -4.83
C ARG B 573 -15.51 63.23 -4.19
N ALA B 574 -16.35 62.25 -3.89
CA ALA B 574 -17.69 62.49 -3.36
C ALA B 574 -17.82 61.90 -1.97
N ASP B 575 -18.51 62.64 -1.10
CA ASP B 575 -18.84 62.16 0.24
C ASP B 575 -20.34 61.96 0.41
N SER B 576 -21.13 63.00 0.18
CA SER B 576 -22.56 62.83 -0.04
C SER B 576 -22.77 62.15 -1.38
N LEU B 577 -23.93 61.53 -1.54
CA LEU B 577 -24.14 60.58 -2.60
C LEU B 577 -24.61 61.22 -3.91
N HIS B 578 -24.40 62.53 -4.09
CA HIS B 578 -24.92 63.21 -5.27
C HIS B 578 -24.05 64.42 -5.61
N ARG B 579 -23.36 64.35 -6.75
CA ARG B 579 -22.74 65.51 -7.41
C ARG B 579 -21.82 66.31 -6.50
N LEU B 580 -21.41 65.73 -5.36
CA LEU B 580 -20.63 66.46 -4.36
C LEU B 580 -19.15 66.14 -4.52
N GLY B 581 -18.62 66.55 -5.66
CA GLY B 581 -17.19 66.44 -5.90
C GLY B 581 -16.42 67.35 -4.96
N LEU B 582 -15.48 66.78 -4.22
CA LEU B 582 -14.72 67.57 -3.26
C LEU B 582 -13.24 67.23 -3.27
N PRO B 583 -12.39 68.12 -3.77
CA PRO B 583 -10.95 67.98 -3.53
C PRO B 583 -10.58 68.55 -2.18
N ASN B 584 -9.30 68.61 -1.86
CA ASN B 584 -8.88 69.03 -0.53
C ASN B 584 -7.38 69.26 -0.51
N LYS B 585 -6.93 70.09 0.43
CA LYS B 585 -5.51 70.33 0.66
C LYS B 585 -5.22 70.14 2.13
N ASP B 586 -4.26 69.26 2.43
CA ASP B 586 -3.74 69.07 3.78
C ASP B 586 -4.82 68.55 4.73
N GLY B 587 -6.02 68.37 4.21
CA GLY B 587 -7.15 67.98 5.04
C GLY B 587 -7.92 66.87 4.36
N VAL B 588 -8.64 66.12 5.19
CA VAL B 588 -9.33 64.94 4.69
C VAL B 588 -10.31 65.31 3.58
N VAL B 589 -11.11 66.36 3.80
CA VAL B 589 -12.01 66.87 2.77
C VAL B 589 -12.56 68.20 3.23
N ARG B 590 -12.97 69.02 2.27
CA ARG B 590 -13.83 70.17 2.53
C ARG B 590 -14.99 70.11 1.56
N PHE B 591 -16.05 70.87 1.84
CA PHE B 591 -17.32 70.70 1.18
C PHE B 591 -17.78 71.95 0.47
N SER B 592 -18.34 71.71 -0.73
CA SER B 592 -18.92 72.73 -1.65
C SER B 592 -19.94 72.00 -2.55
N PRO B 593 -21.00 71.37 -1.98
CA PRO B 593 -21.99 70.61 -2.76
C PRO B 593 -22.65 71.33 -3.95
N TYR B 594 -23.08 72.58 -3.73
CA TYR B 594 -23.70 73.42 -4.73
C TYR B 594 -22.75 73.74 -5.89
N SER B 634 -24.67 69.70 -9.54
CA SER B 634 -24.65 70.58 -10.75
C SER B 634 -23.32 70.38 -11.50
N VAL B 635 -22.43 69.55 -10.95
CA VAL B 635 -21.13 69.29 -11.57
C VAL B 635 -21.13 67.86 -12.11
N PRO B 636 -21.00 67.66 -13.41
CA PRO B 636 -21.05 66.30 -13.96
C PRO B 636 -19.71 65.59 -13.86
N TYR B 637 -19.64 64.37 -14.39
CA TYR B 637 -18.42 63.58 -14.28
C TYR B 637 -18.02 62.98 -15.63
N SER B 638 -19.01 62.77 -16.50
CA SER B 638 -18.76 62.14 -17.79
C SER B 638 -17.64 62.83 -18.56
N LEU B 639 -17.55 64.14 -18.45
CA LEU B 639 -16.45 64.87 -19.05
C LEU B 639 -15.11 64.27 -18.66
N LEU B 640 -15.00 63.82 -17.40
CA LEU B 640 -13.73 63.27 -16.96
C LEU B 640 -13.46 61.95 -17.65
N PHE B 641 -14.46 61.06 -17.73
CA PHE B 641 -14.28 59.82 -18.50
C PHE B 641 -13.85 60.13 -19.92
N ARG B 642 -14.49 61.12 -20.53
CA ARG B 642 -14.13 61.51 -21.89
C ARG B 642 -12.65 61.85 -21.98
N VAL B 643 -12.19 62.78 -21.15
CA VAL B 643 -10.80 63.21 -21.26
C VAL B 643 -9.85 62.07 -20.89
N LEU B 644 -10.27 61.18 -20.00
CA LEU B 644 -9.40 60.08 -19.61
C LEU B 644 -9.21 59.10 -20.75
N LEU B 645 -10.31 58.70 -21.38
CA LEU B 645 -10.20 57.86 -22.58
C LEU B 645 -9.37 58.56 -23.64
N GLN B 646 -9.54 59.87 -23.77
CA GLN B 646 -8.71 60.63 -24.71
C GLN B 646 -7.24 60.48 -24.37
N CYS B 647 -6.91 60.51 -23.08
CA CYS B 647 -5.52 60.30 -22.69
C CYS B 647 -5.06 58.90 -23.05
N LEU B 648 -5.88 57.90 -22.73
CA LEU B 648 -5.52 56.52 -22.99
C LEU B 648 -5.29 56.28 -24.47
N LYS B 649 -5.96 57.02 -25.34
CA LYS B 649 -5.85 56.80 -26.76
C LYS B 649 -4.88 57.74 -27.47
N GLN B 650 -4.53 58.88 -26.87
CA GLN B 650 -3.71 59.86 -27.54
C GLN B 650 -2.38 60.16 -26.86
N GLU B 651 -2.23 59.83 -25.59
CA GLU B 651 -1.04 60.25 -24.86
C GLU B 651 0.23 59.71 -25.50
N SER B 652 1.29 60.53 -25.46
CA SER B 652 2.59 60.13 -26.00
C SER B 652 3.73 60.30 -25.02
N ASP B 653 3.48 60.66 -23.77
CA ASP B 653 4.52 60.66 -22.75
C ASP B 653 4.46 59.33 -22.01
N TRP B 654 5.19 59.25 -20.90
CA TRP B 654 4.99 58.18 -19.94
C TRP B 654 4.38 58.67 -18.63
N LYS B 655 4.82 59.81 -18.13
CA LYS B 655 4.44 60.23 -16.77
C LYS B 655 2.95 60.48 -16.65
N VAL B 656 2.35 61.14 -17.63
CA VAL B 656 0.91 61.38 -17.60
C VAL B 656 0.16 60.07 -17.38
N LEU B 657 0.48 59.08 -18.20
CA LEU B 657 -0.13 57.76 -18.05
C LEU B 657 0.12 57.24 -16.66
N LYS B 658 1.38 56.95 -16.34
CA LYS B 658 1.73 56.39 -15.03
C LYS B 658 0.90 57.01 -13.92
N LEU B 659 0.82 58.34 -13.91
CA LEU B 659 0.08 59.04 -12.87
C LEU B 659 -1.40 58.71 -12.92
N VAL B 660 -2.04 58.94 -14.07
CA VAL B 660 -3.49 58.77 -14.14
C VAL B 660 -3.87 57.31 -13.88
N LEU B 661 -3.07 56.39 -14.41
CA LEU B 661 -3.28 54.98 -14.17
C LEU B 661 -3.23 54.68 -12.68
N GLY B 662 -2.12 55.01 -12.02
CA GLY B 662 -2.00 54.76 -10.60
C GLY B 662 -3.10 55.37 -9.78
N ARG B 663 -3.61 56.53 -10.20
CA ARG B 663 -4.64 57.20 -9.41
C ARG B 663 -6.04 56.66 -9.68
N LEU B 664 -6.24 56.08 -10.86
CA LEU B 664 -7.56 55.58 -11.25
C LEU B 664 -8.25 54.69 -10.21
N PRO B 665 -7.61 53.64 -9.67
CA PRO B 665 -8.37 52.66 -8.88
C PRO B 665 -9.14 53.25 -7.72
N GLU B 666 -8.44 53.96 -6.83
CA GLU B 666 -9.09 54.54 -5.67
C GLU B 666 -10.29 55.38 -6.08
N SER B 667 -10.13 56.18 -7.13
CA SER B 667 -11.25 56.96 -7.65
C SER B 667 -12.39 56.03 -8.06
N LEU B 668 -12.06 54.92 -8.71
CA LEU B 668 -13.09 53.96 -9.08
C LEU B 668 -13.77 53.35 -7.87
N ARG B 669 -13.11 53.36 -6.71
CA ARG B 669 -13.75 52.84 -5.51
C ARG B 669 -14.93 53.70 -5.09
N TYR B 670 -14.87 55.01 -5.35
CA TYR B 670 -16.01 55.89 -5.14
C TYR B 670 -16.99 55.65 -6.29
N LYS B 671 -17.74 54.56 -6.15
CA LYS B 671 -18.62 54.11 -7.24
C LYS B 671 -19.64 55.17 -7.61
N VAL B 672 -20.21 55.84 -6.61
CA VAL B 672 -21.34 56.75 -6.84
C VAL B 672 -21.03 57.77 -7.91
N LEU B 673 -19.78 58.24 -8.00
CA LEU B 673 -19.42 59.22 -9.01
C LEU B 673 -19.66 58.66 -10.40
N ILE B 674 -19.01 57.55 -10.72
CA ILE B 674 -19.21 56.90 -12.02
C ILE B 674 -20.68 56.58 -12.23
N PHE B 675 -21.38 56.21 -11.16
CA PHE B 675 -22.80 55.90 -11.25
C PHE B 675 -23.65 57.14 -11.47
N THR B 676 -23.10 58.32 -11.22
CA THR B 676 -23.90 59.58 -11.30
C THR B 676 -24.05 60.06 -12.74
N SER B 677 -22.94 60.41 -13.40
CA SER B 677 -22.98 60.95 -14.75
C SER B 677 -22.94 59.81 -15.76
N PRO B 678 -23.45 60.04 -16.98
CA PRO B 678 -23.34 59.02 -18.03
C PRO B 678 -21.94 58.48 -18.17
N CYS B 679 -21.75 57.19 -17.89
CA CYS B 679 -20.43 56.62 -17.73
C CYS B 679 -20.07 55.68 -18.87
N SER B 680 -20.87 54.64 -19.10
CA SER B 680 -20.53 53.55 -20.01
C SER B 680 -19.07 53.14 -19.84
N VAL B 681 -18.75 52.74 -18.61
CA VAL B 681 -17.37 52.43 -18.25
C VAL B 681 -16.79 51.39 -19.19
N ASP B 682 -17.62 50.45 -19.64
CA ASP B 682 -17.18 49.35 -20.48
C ASP B 682 -16.18 49.77 -21.54
N GLN B 683 -16.46 50.87 -22.23
CA GLN B 683 -15.57 51.37 -23.27
C GLN B 683 -14.10 51.27 -22.87
N LEU B 684 -13.75 51.90 -21.74
CA LEU B 684 -12.35 52.01 -21.37
C LEU B 684 -11.70 50.63 -21.24
N CYS B 685 -12.44 49.64 -20.72
CA CYS B 685 -11.84 48.32 -20.55
C CYS B 685 -11.35 47.80 -21.88
N SER B 686 -12.18 47.97 -22.92
CA SER B 686 -11.80 47.61 -24.31
C SER B 686 -10.50 48.37 -24.60
N ALA B 687 -10.54 49.70 -24.44
CA ALA B 687 -9.34 50.51 -24.52
C ALA B 687 -8.21 49.87 -23.71
N LEU B 688 -8.49 49.59 -22.44
CA LEU B 688 -7.55 48.87 -21.60
C LEU B 688 -7.04 47.60 -22.29
N CYS B 689 -7.96 46.74 -22.72
CA CYS B 689 -7.54 45.57 -23.49
C CYS B 689 -6.69 45.99 -24.68
N SER B 690 -7.20 46.96 -25.46
CA SER B 690 -6.38 47.51 -26.54
C SER B 690 -5.06 48.03 -25.99
N MET B 691 -5.13 48.75 -24.86
CA MET B 691 -3.92 49.19 -24.19
C MET B 691 -2.94 48.05 -23.99
N LEU B 692 -3.43 46.88 -23.58
CA LEU B 692 -2.56 45.73 -23.36
C LEU B 692 -2.43 44.88 -24.62
N SER B 693 -3.54 44.36 -25.13
CA SER B 693 -3.50 43.48 -26.28
C SER B 693 -3.09 44.26 -27.51
N GLY B 694 -2.07 43.76 -28.21
CA GLY B 694 -1.51 44.46 -29.34
C GLY B 694 -0.54 45.53 -28.89
N PRO B 695 0.60 45.63 -29.58
CA PRO B 695 1.61 46.62 -29.19
C PRO B 695 1.27 48.02 -29.65
N LYS B 696 0.02 48.24 -30.06
CA LYS B 696 -0.42 49.55 -30.53
C LYS B 696 -0.02 50.67 -29.58
N THR B 697 0.07 50.36 -28.29
CA THR B 697 0.41 51.40 -27.31
C THR B 697 1.89 51.76 -27.37
N LEU B 698 2.77 50.77 -27.23
CA LEU B 698 4.15 50.99 -26.81
C LEU B 698 4.93 51.92 -27.71
N GLU B 699 4.40 52.32 -28.87
CA GLU B 699 5.03 53.36 -29.68
C GLU B 699 4.48 54.73 -29.35
N ARG B 700 4.42 55.07 -28.06
CA ARG B 700 3.85 56.33 -27.62
C ARG B 700 4.67 56.92 -26.49
N LEU B 701 5.98 56.94 -26.64
CA LEU B 701 6.84 57.62 -25.67
C LEU B 701 7.88 58.46 -26.41
N SER B 709 10.09 46.70 -22.82
CA SER B 709 9.61 47.44 -21.65
C SER B 709 8.13 47.20 -21.44
N ARG B 710 7.54 46.32 -22.26
CA ARG B 710 6.11 46.02 -22.14
C ARG B 710 5.76 45.54 -20.74
N THR B 711 6.69 44.88 -20.06
CA THR B 711 6.50 44.50 -18.67
C THR B 711 5.97 45.69 -17.87
N ASP B 712 6.74 46.78 -17.82
CA ASP B 712 6.33 48.01 -17.17
C ASP B 712 4.87 48.35 -17.46
N LEU B 713 4.49 48.29 -18.73
CA LEU B 713 3.12 48.58 -19.11
C LEU B 713 2.14 47.66 -18.39
N HIS B 714 2.37 46.35 -18.47
CA HIS B 714 1.51 45.42 -17.75
C HIS B 714 1.42 45.80 -16.27
N LEU B 715 2.58 45.76 -15.59
CA LEU B 715 2.67 46.11 -14.18
C LEU B 715 1.80 47.32 -13.84
N ALA B 716 1.86 48.35 -14.66
CA ALA B 716 1.06 49.53 -14.40
C ALA B 716 -0.42 49.26 -14.63
N VAL B 717 -0.77 48.51 -15.68
CA VAL B 717 -2.16 48.40 -16.07
C VAL B 717 -2.94 47.49 -15.13
N VAL B 718 -2.30 46.46 -14.59
CA VAL B 718 -2.97 45.44 -13.77
C VAL B 718 -3.92 46.06 -12.75
N PRO B 719 -3.47 46.93 -11.83
CA PRO B 719 -4.38 47.40 -10.78
C PRO B 719 -5.64 48.03 -11.31
N VAL B 720 -5.59 48.62 -12.49
CA VAL B 720 -6.78 49.19 -13.11
C VAL B 720 -7.82 48.11 -13.28
N LEU B 721 -7.47 47.02 -13.96
CA LEU B 721 -8.40 45.92 -14.14
C LEU B 721 -8.85 45.36 -12.80
N THR B 722 -7.90 45.21 -11.87
CA THR B 722 -8.24 44.69 -10.56
C THR B 722 -9.40 45.46 -9.96
N ALA B 723 -9.28 46.78 -9.89
CA ALA B 723 -10.36 47.60 -9.36
C ALA B 723 -11.60 47.52 -10.25
N LEU B 724 -11.40 47.49 -11.58
CA LEU B 724 -12.50 47.60 -12.51
C LEU B 724 -13.47 46.43 -12.37
N ILE B 725 -12.94 45.25 -12.11
CA ILE B 725 -13.73 44.01 -12.12
C ILE B 725 -14.99 44.15 -11.26
N SER B 726 -14.95 45.08 -10.31
CA SER B 726 -16.09 45.24 -9.40
C SER B 726 -17.36 45.58 -10.16
N TYR B 727 -17.27 46.36 -11.22
CA TYR B 727 -18.48 46.73 -11.96
C TYR B 727 -18.90 45.58 -12.86
N HIS B 728 -19.05 44.39 -12.25
CA HIS B 728 -19.40 43.20 -13.01
C HIS B 728 -20.67 43.39 -13.80
N ASN B 729 -21.67 44.07 -13.23
CA ASN B 729 -23.00 44.08 -13.77
C ASN B 729 -23.17 45.09 -14.88
N TYR B 730 -22.08 45.54 -15.48
CA TYR B 730 -22.13 46.55 -16.52
C TYR B 730 -21.27 46.23 -17.72
N LEU B 731 -20.30 45.34 -17.61
CA LEU B 731 -19.54 44.88 -18.76
C LEU B 731 -20.37 43.83 -19.49
N ASP B 732 -19.74 43.15 -20.45
CA ASP B 732 -20.44 42.14 -21.24
C ASP B 732 -19.56 40.91 -21.42
N LYS B 733 -20.22 39.76 -21.59
CA LYS B 733 -19.57 38.48 -21.83
C LYS B 733 -18.42 38.63 -22.82
N THR B 734 -18.61 39.44 -23.85
CA THR B 734 -17.51 39.79 -24.73
C THR B 734 -16.40 40.51 -23.96
N LYS B 735 -16.75 41.63 -23.34
CA LYS B 735 -15.76 42.39 -22.60
C LYS B 735 -15.26 41.62 -21.38
N GLN B 736 -16.11 40.80 -20.78
CA GLN B 736 -15.65 39.97 -19.67
C GLN B 736 -14.63 38.94 -20.15
N ARG B 737 -14.87 38.38 -21.34
CA ARG B 737 -13.90 37.47 -21.95
C ARG B 737 -12.57 38.17 -22.16
N GLU B 738 -12.61 39.35 -22.77
CA GLU B 738 -11.38 40.10 -23.00
C GLU B 738 -10.69 40.40 -21.68
N MET B 739 -11.46 40.78 -20.67
CA MET B 739 -10.93 41.07 -19.34
C MET B 739 -10.16 39.88 -18.79
N VAL B 740 -10.85 38.75 -18.62
CA VAL B 740 -10.21 37.57 -18.04
C VAL B 740 -9.06 37.09 -18.92
N TYR B 741 -9.14 37.34 -20.22
CA TYR B 741 -8.10 36.89 -21.13
C TYR B 741 -6.80 37.65 -20.91
N CYS B 742 -6.86 38.98 -21.00
CA CYS B 742 -5.67 39.76 -20.70
C CYS B 742 -5.23 39.53 -19.26
N LEU B 743 -6.18 39.28 -18.36
CA LEU B 743 -5.86 39.02 -16.97
C LEU B 743 -4.94 37.81 -16.85
N GLU B 744 -5.35 36.68 -17.42
CA GLU B 744 -4.51 35.49 -17.35
C GLU B 744 -3.22 35.68 -18.15
N GLN B 745 -3.26 36.45 -19.24
CA GLN B 745 -2.01 36.72 -19.95
C GLN B 745 -1.04 37.49 -19.07
N GLY B 746 -1.55 38.23 -18.09
CA GLY B 746 -0.69 38.87 -17.11
C GLY B 746 0.21 37.92 -16.34
N LEU B 747 0.05 36.60 -16.52
CA LEU B 747 0.88 35.64 -15.81
C LEU B 747 2.32 35.62 -16.29
N ILE B 748 2.60 36.20 -17.46
CA ILE B 748 3.96 36.15 -18.00
C ILE B 748 4.91 36.92 -17.08
N HIS B 749 4.65 38.22 -16.90
CA HIS B 749 5.45 39.02 -16.00
C HIS B 749 5.09 38.68 -14.55
N ARG B 750 5.88 39.22 -13.62
CA ARG B 750 5.64 38.97 -12.20
C ARG B 750 4.30 39.52 -11.73
N CYS B 751 3.57 40.22 -12.59
CA CYS B 751 2.24 40.69 -12.22
C CYS B 751 1.26 39.53 -12.19
N ALA B 752 1.48 38.59 -11.28
CA ALA B 752 0.64 37.41 -11.19
C ALA B 752 -0.19 37.40 -9.91
N SER B 753 0.46 37.47 -8.75
CA SER B 753 -0.23 37.38 -7.46
C SER B 753 -1.51 38.20 -7.48
N GLN B 754 -1.39 39.48 -7.79
CA GLN B 754 -2.56 40.33 -7.94
C GLN B 754 -3.49 39.80 -9.02
N CYS B 755 -2.97 39.40 -10.17
CA CYS B 755 -3.88 38.91 -11.20
C CYS B 755 -4.50 37.60 -10.78
N VAL B 756 -3.76 36.78 -10.04
CA VAL B 756 -4.33 35.55 -9.48
C VAL B 756 -5.55 35.88 -8.63
N VAL B 757 -5.36 36.72 -7.60
CA VAL B 757 -6.49 37.02 -6.72
C VAL B 757 -7.61 37.70 -7.48
N ALA B 758 -7.27 38.44 -8.54
CA ALA B 758 -8.30 39.02 -9.40
C ALA B 758 -9.14 37.92 -10.04
N LEU B 759 -8.47 36.91 -10.62
CA LEU B 759 -9.17 35.77 -11.17
C LEU B 759 -10.05 35.11 -10.12
N SER B 760 -9.53 35.03 -8.89
CA SER B 760 -10.29 34.40 -7.82
C SER B 760 -11.60 35.15 -7.57
N ILE B 761 -11.50 36.46 -7.34
CA ILE B 761 -12.69 37.26 -7.10
C ILE B 761 -13.62 37.20 -8.30
N CYS B 762 -13.05 37.17 -9.50
CA CYS B 762 -13.86 37.04 -10.70
C CYS B 762 -14.68 35.77 -10.66
N SER B 763 -14.01 34.66 -10.34
CA SER B 763 -14.68 33.34 -10.19
C SER B 763 -15.82 33.50 -9.19
N VAL B 764 -15.55 34.17 -8.06
CA VAL B 764 -16.58 34.41 -7.04
C VAL B 764 -17.71 35.25 -7.62
N GLU B 765 -17.45 36.00 -8.67
CA GLU B 765 -18.43 36.92 -9.22
C GLU B 765 -18.87 36.60 -10.63
N MET B 766 -18.01 35.97 -11.44
CA MET B 766 -18.26 35.76 -12.86
C MET B 766 -18.32 34.27 -13.17
N PRO B 767 -19.23 33.53 -12.55
CA PRO B 767 -19.17 32.07 -12.65
C PRO B 767 -19.42 31.54 -14.04
N ASP B 768 -20.54 31.97 -14.64
CA ASP B 768 -20.93 31.47 -15.96
C ASP B 768 -19.81 31.63 -16.98
N ILE B 769 -19.22 32.82 -17.04
CA ILE B 769 -18.17 33.05 -18.02
C ILE B 769 -16.88 32.33 -17.63
N ILE B 770 -16.51 32.38 -16.35
CA ILE B 770 -15.27 31.75 -15.93
C ILE B 770 -15.30 30.24 -16.17
N ILE B 771 -16.50 29.67 -16.31
CA ILE B 771 -16.62 28.24 -16.60
C ILE B 771 -15.73 27.86 -17.78
N LYS B 772 -15.99 28.48 -18.93
CA LYS B 772 -15.28 28.09 -20.15
C LYS B 772 -13.80 28.39 -20.05
N ALA B 773 -13.41 29.41 -19.28
CA ALA B 773 -12.00 29.73 -19.17
C ALA B 773 -11.25 28.68 -18.35
N LEU B 774 -11.88 28.19 -17.28
CA LEU B 774 -11.22 27.35 -16.27
C LEU B 774 -10.16 26.38 -16.79
N PRO B 775 -10.43 25.53 -17.79
CA PRO B 775 -9.40 24.57 -18.20
C PRO B 775 -8.12 25.24 -18.64
N VAL B 776 -8.21 26.13 -19.62
CA VAL B 776 -7.05 26.89 -20.07
C VAL B 776 -6.39 27.59 -18.89
N LEU B 777 -7.21 28.07 -17.95
CA LEU B 777 -6.68 28.74 -16.78
C LEU B 777 -5.74 27.84 -16.01
N VAL B 778 -6.21 26.65 -15.62
CA VAL B 778 -5.35 25.78 -14.82
C VAL B 778 -4.17 25.30 -15.65
N VAL B 779 -4.35 25.15 -16.96
CA VAL B 779 -3.21 24.79 -17.81
C VAL B 779 -2.11 25.83 -17.70
N LYS B 780 -2.45 27.09 -17.90
CA LYS B 780 -1.47 28.15 -17.68
C LYS B 780 -0.94 28.10 -16.26
N LEU B 781 -1.82 27.85 -15.30
CA LEU B 781 -1.46 27.75 -13.89
C LEU B 781 -0.51 26.61 -13.61
N THR B 782 -0.25 25.74 -14.57
CA THR B 782 0.82 24.78 -14.41
C THR B 782 2.18 25.47 -14.46
N HIS B 783 2.42 26.25 -15.52
CA HIS B 783 3.72 26.84 -15.80
C HIS B 783 3.90 28.09 -14.92
N ILE B 784 4.36 27.86 -13.70
CA ILE B 784 4.54 28.95 -12.74
C ILE B 784 5.94 29.04 -12.18
N SER B 785 6.71 27.95 -12.19
CA SER B 785 8.00 27.79 -11.53
C SER B 785 7.87 27.70 -10.01
N ALA B 786 6.66 27.86 -9.47
CA ALA B 786 6.35 27.61 -8.06
C ALA B 786 7.41 28.20 -7.12
N THR B 787 7.54 29.52 -7.18
CA THR B 787 8.46 30.22 -6.32
C THR B 787 7.86 30.43 -4.93
N ALA B 788 8.74 30.68 -3.95
CA ALA B 788 8.29 30.82 -2.57
C ALA B 788 7.37 32.03 -2.40
N SER B 789 7.58 33.07 -3.19
CA SER B 789 6.76 34.28 -3.04
C SER B 789 5.33 34.03 -3.47
N MET B 790 5.13 33.48 -4.67
CA MET B 790 3.82 33.31 -5.26
C MET B 790 2.98 32.23 -4.58
N ALA B 791 3.44 31.71 -3.44
CA ALA B 791 2.79 30.56 -2.82
C ALA B 791 1.36 30.89 -2.41
N VAL B 792 1.20 31.82 -1.46
CA VAL B 792 -0.11 32.01 -0.84
C VAL B 792 -1.19 32.47 -1.83
N PRO B 793 -0.87 33.26 -2.87
CA PRO B 793 -1.96 33.55 -3.84
C PRO B 793 -2.50 32.30 -4.49
N LEU B 794 -1.61 31.47 -5.06
CA LEU B 794 -2.04 30.23 -5.67
C LEU B 794 -2.81 29.37 -4.68
N LEU B 795 -2.28 29.22 -3.47
CA LEU B 795 -2.94 28.39 -2.47
C LEU B 795 -4.36 28.88 -2.20
N GLU B 796 -4.49 30.16 -1.84
CA GLU B 796 -5.79 30.73 -1.54
C GLU B 796 -6.75 30.55 -2.70
N PHE B 797 -6.28 30.86 -3.91
CA PHE B 797 -7.13 30.76 -5.08
C PHE B 797 -7.63 29.33 -5.26
N LEU B 798 -6.73 28.36 -5.19
CA LEU B 798 -7.12 26.98 -5.39
C LEU B 798 -8.10 26.52 -4.32
N SER B 799 -7.90 26.97 -3.08
CA SER B 799 -8.83 26.61 -2.01
C SER B 799 -10.22 27.14 -2.33
N THR B 800 -10.33 28.45 -2.55
CA THR B 800 -11.60 29.05 -2.96
C THR B 800 -12.22 28.25 -4.09
N LEU B 801 -11.46 28.04 -5.16
CA LEU B 801 -11.93 27.26 -6.29
C LEU B 801 -12.51 25.93 -5.85
N ALA B 802 -11.81 25.24 -4.97
CA ALA B 802 -12.29 23.95 -4.48
C ALA B 802 -13.64 24.10 -3.80
N ARG B 803 -13.84 25.19 -3.07
CA ARG B 803 -15.16 25.22 -2.46
C ARG B 803 -16.24 25.71 -3.39
N LEU B 804 -16.05 25.67 -4.70
CA LEU B 804 -17.11 26.05 -5.62
C LEU B 804 -17.64 24.81 -6.32
N PRO B 805 -18.56 24.09 -5.70
CA PRO B 805 -18.90 22.75 -6.19
C PRO B 805 -19.40 22.73 -7.63
N HIS B 806 -20.47 23.47 -7.90
CA HIS B 806 -21.07 23.46 -9.22
C HIS B 806 -20.09 23.89 -10.29
N LEU B 807 -19.13 24.73 -9.93
CA LEU B 807 -18.29 25.37 -10.95
C LEU B 807 -17.44 24.35 -11.69
N TYR B 808 -16.61 23.61 -10.96
CA TYR B 808 -15.66 22.70 -11.58
C TYR B 808 -16.30 21.42 -12.12
N ARG B 809 -17.64 21.37 -12.18
CA ARG B 809 -18.36 20.11 -12.37
C ARG B 809 -17.77 19.23 -13.47
N ASN B 810 -17.79 19.72 -14.71
CA ASN B 810 -17.33 18.92 -15.84
C ASN B 810 -15.87 19.27 -16.11
N PHE B 811 -14.98 18.53 -15.45
CA PHE B 811 -13.55 18.69 -15.67
C PHE B 811 -12.99 17.46 -16.34
N ALA B 812 -11.82 17.63 -16.95
CA ALA B 812 -11.04 16.51 -17.45
C ALA B 812 -10.15 15.96 -16.34
N ALA B 813 -9.95 14.65 -16.36
CA ALA B 813 -9.05 14.02 -15.41
C ALA B 813 -7.69 14.72 -15.40
N GLU B 814 -7.20 15.10 -16.59
CA GLU B 814 -5.95 15.84 -16.66
C GLU B 814 -6.03 17.14 -15.89
N GLN B 815 -7.22 17.74 -15.78
CA GLN B 815 -7.32 18.99 -15.04
C GLN B 815 -7.12 18.76 -13.56
N TYR B 816 -7.80 17.76 -12.99
CA TYR B 816 -7.52 17.38 -11.61
C TYR B 816 -6.04 17.11 -11.43
N ALA B 817 -5.44 16.38 -12.37
CA ALA B 817 -4.02 16.04 -12.27
C ALA B 817 -3.16 17.30 -12.22
N SER B 818 -3.47 18.26 -13.09
CA SER B 818 -2.72 19.51 -13.08
C SER B 818 -2.91 20.26 -11.77
N VAL B 819 -4.14 20.22 -11.23
CA VAL B 819 -4.39 20.84 -9.92
C VAL B 819 -3.44 20.25 -8.88
N PHE B 820 -3.45 18.92 -8.76
CA PHE B 820 -2.57 18.27 -7.80
C PHE B 820 -1.11 18.61 -8.09
N ALA B 821 -0.75 18.70 -9.37
CA ALA B 821 0.64 18.97 -9.74
C ALA B 821 1.07 20.35 -9.28
N ILE B 822 0.20 21.34 -9.44
CA ILE B 822 0.53 22.69 -8.98
C ILE B 822 0.56 22.75 -7.47
N SER B 823 -0.33 22.00 -6.81
CA SER B 823 -0.39 22.09 -5.35
C SER B 823 0.81 21.43 -4.69
N LEU B 824 1.21 20.24 -5.16
CA LEU B 824 2.17 19.42 -4.44
C LEU B 824 3.54 20.07 -4.20
N PRO B 825 4.16 20.78 -5.13
CA PRO B 825 5.53 21.26 -4.87
C PRO B 825 5.59 22.20 -3.70
N TYR B 826 4.44 22.77 -3.31
CA TYR B 826 4.38 23.71 -2.16
C TYR B 826 4.14 22.94 -0.85
N THR B 827 4.44 21.63 -0.84
CA THR B 827 4.24 20.82 0.34
C THR B 827 5.53 20.49 1.07
N ASN B 828 6.64 21.08 0.67
CA ASN B 828 7.91 20.77 1.31
C ASN B 828 8.06 21.55 2.60
N PRO B 829 8.50 20.90 3.68
CA PRO B 829 8.64 21.60 4.97
C PRO B 829 9.94 22.36 5.15
N SER B 830 10.86 22.30 4.20
CA SER B 830 12.15 22.98 4.31
C SER B 830 12.34 24.08 3.28
N LYS B 831 11.45 24.19 2.29
CA LYS B 831 11.59 25.22 1.27
C LYS B 831 10.92 26.53 1.67
N PHE B 832 10.05 26.51 2.67
CA PHE B 832 9.37 27.71 3.16
C PHE B 832 8.63 27.35 4.45
N ASN B 833 7.81 28.28 4.92
CA ASN B 833 7.32 28.24 6.29
C ASN B 833 6.20 27.20 6.46
N GLN B 834 6.03 26.79 7.72
CA GLN B 834 5.10 25.72 8.04
C GLN B 834 3.68 26.04 7.64
N TYR B 835 3.30 27.31 7.73
CA TYR B 835 1.93 27.70 7.38
C TYR B 835 1.57 27.25 5.98
N ILE B 836 2.39 27.65 5.01
CA ILE B 836 2.09 27.34 3.62
C ILE B 836 2.01 25.83 3.42
N VAL B 837 2.90 25.08 4.08
CA VAL B 837 2.92 23.63 3.90
C VAL B 837 1.62 23.02 4.41
N CYS B 838 1.24 23.36 5.64
CA CYS B 838 0.02 22.81 6.20
C CYS B 838 -1.17 23.16 5.32
N LEU B 839 -1.23 24.40 4.84
CA LEU B 839 -2.33 24.79 3.97
C LEU B 839 -2.32 23.98 2.67
N ALA B 840 -1.12 23.71 2.14
CA ALA B 840 -1.02 22.94 0.91
C ALA B 840 -1.56 21.54 1.12
N HIS B 841 -1.18 20.90 2.23
CA HIS B 841 -1.71 19.57 2.49
C HIS B 841 -3.22 19.62 2.65
N HIS B 842 -3.73 20.67 3.30
CA HIS B 842 -5.18 20.76 3.47
C HIS B 842 -5.88 20.87 2.13
N VAL B 843 -5.38 21.72 1.24
CA VAL B 843 -6.07 21.91 -0.03
C VAL B 843 -5.92 20.67 -0.90
N ILE B 844 -4.79 19.98 -0.81
CA ILE B 844 -4.63 18.71 -1.53
C ILE B 844 -5.68 17.71 -1.05
N ALA B 845 -5.86 17.63 0.26
CA ALA B 845 -6.92 16.77 0.80
C ALA B 845 -8.28 17.20 0.26
N MET B 846 -8.55 18.50 0.26
CA MET B 846 -9.83 19.00 -0.25
C MET B 846 -10.11 18.47 -1.65
N TRP B 847 -9.16 18.70 -2.56
CA TRP B 847 -9.38 18.30 -3.95
C TRP B 847 -9.47 16.79 -4.07
N PHE B 848 -8.57 16.06 -3.42
CA PHE B 848 -8.67 14.60 -3.43
C PHE B 848 -9.98 14.11 -2.83
N ILE B 849 -10.68 14.94 -2.08
CA ILE B 849 -11.98 14.56 -1.56
C ILE B 849 -13.06 14.78 -2.59
N ARG B 850 -13.20 16.00 -3.07
CA ARG B 850 -14.36 16.29 -3.90
C ARG B 850 -14.25 15.76 -5.31
N CYS B 851 -13.07 15.26 -5.73
CA CYS B 851 -12.92 14.74 -7.07
C CYS B 851 -13.86 13.56 -7.29
N ARG B 852 -14.25 13.36 -8.56
CA ARG B 852 -15.18 12.30 -8.89
C ARG B 852 -14.54 10.93 -8.64
N LEU B 853 -15.40 9.95 -8.32
CA LEU B 853 -14.92 8.63 -7.90
C LEU B 853 -13.99 7.98 -8.92
N PRO B 854 -14.34 7.83 -10.19
CA PRO B 854 -13.40 7.24 -11.14
C PRO B 854 -12.14 8.07 -11.24
N PHE B 855 -11.10 7.42 -11.75
CA PHE B 855 -9.76 7.98 -11.88
C PHE B 855 -9.31 8.73 -10.64
N ARG B 856 -9.81 8.33 -9.48
CA ARG B 856 -9.26 8.84 -8.23
C ARG B 856 -7.98 8.10 -7.87
N LYS B 857 -7.93 6.80 -8.14
CA LYS B 857 -6.80 5.98 -7.72
C LYS B 857 -5.50 6.45 -8.36
N ASP B 858 -5.44 6.44 -9.69
CA ASP B 858 -4.23 6.80 -10.44
C ASP B 858 -3.61 8.10 -9.97
N PHE B 859 -4.37 8.96 -9.31
CA PHE B 859 -3.79 10.13 -8.67
C PHE B 859 -2.74 9.71 -7.65
N VAL B 860 -3.09 8.76 -6.78
CA VAL B 860 -2.26 8.34 -5.66
C VAL B 860 -0.82 8.05 -6.11
N PRO B 861 -0.60 7.38 -7.25
CA PRO B 861 0.77 7.28 -7.77
C PRO B 861 1.50 8.61 -7.82
N PHE B 862 0.92 9.59 -8.50
CA PHE B 862 1.61 10.87 -8.67
C PHE B 862 1.76 11.61 -7.36
N ILE B 863 0.73 11.56 -6.51
CA ILE B 863 0.81 12.19 -5.20
C ILE B 863 1.98 11.61 -4.42
N THR B 864 2.03 10.28 -4.30
CA THR B 864 3.11 9.63 -3.59
C THR B 864 4.46 9.95 -4.21
N LYS B 865 4.51 10.01 -5.54
CA LYS B 865 5.77 10.32 -6.21
C LYS B 865 6.27 11.69 -5.79
N GLY B 866 5.43 12.71 -5.91
CA GLY B 866 5.81 14.04 -5.46
C GLY B 866 6.21 14.03 -3.99
N LEU B 867 5.45 13.33 -3.16
CA LEU B 867 5.74 13.29 -1.73
C LEU B 867 7.14 12.76 -1.47
N ARG B 868 7.41 11.54 -1.93
CA ARG B 868 8.65 10.88 -1.56
C ARG B 868 9.85 11.45 -2.30
N SER B 869 9.64 12.01 -3.50
CA SER B 869 10.73 12.73 -4.15
C SER B 869 11.04 14.02 -3.43
N ASN B 870 10.01 14.64 -2.84
CA ASN B 870 10.20 15.85 -2.05
C ASN B 870 11.08 15.56 -0.83
N VAL B 871 10.72 14.54 -0.06
CA VAL B 871 11.51 14.09 1.08
C VAL B 871 12.77 13.44 0.53
N LEU B 872 13.72 13.13 1.41
CA LEU B 872 15.02 12.48 1.16
C LEU B 872 16.04 13.47 0.66
N LEU B 873 15.69 14.75 0.47
CA LEU B 873 16.71 15.77 0.28
C LEU B 873 17.56 15.94 1.53
N SER B 874 17.05 15.49 2.69
CA SER B 874 17.83 15.39 3.92
C SER B 874 17.17 14.30 4.75
N PHE B 875 17.77 13.10 4.73
CA PHE B 875 17.09 11.92 5.25
C PHE B 875 18.04 11.10 6.13
N ASP B 876 17.43 10.21 6.91
CA ASP B 876 18.16 9.20 7.66
C ASP B 876 17.52 7.84 7.46
N ASP B 877 16.22 7.83 7.18
CA ASP B 877 15.43 6.62 7.06
C ASP B 877 15.20 6.26 5.60
N THR B 878 15.36 4.98 5.28
CA THR B 878 15.03 4.49 3.95
C THR B 878 13.54 4.66 3.71
N PRO B 879 13.14 5.33 2.63
CA PRO B 879 11.72 5.65 2.43
C PRO B 879 10.89 4.40 2.21
N GLU B 880 9.60 4.53 2.52
CA GLU B 880 8.63 3.46 2.29
C GLU B 880 7.60 3.95 1.27
N LYS B 881 7.42 3.19 0.20
CA LYS B 881 6.45 3.51 -0.83
C LYS B 881 5.06 3.08 -0.35
N ASP B 882 4.10 3.11 -1.27
CA ASP B 882 2.77 2.59 -1.03
C ASP B 882 2.72 1.13 -1.47
N SER B 883 1.51 0.57 -1.54
CA SER B 883 1.30 -0.78 -2.06
C SER B 883 0.19 -0.81 -3.11
N PHE B 884 -0.24 0.37 -3.59
CA PHE B 884 -1.29 0.45 -4.58
C PHE B 884 -0.82 0.08 -5.98
N ARG B 885 0.42 -0.38 -6.12
CA ARG B 885 0.79 -1.10 -7.32
C ARG B 885 0.15 -2.47 -7.34
N ALA B 886 -0.17 -3.01 -6.17
CA ALA B 886 -1.02 -4.18 -6.11
C ALA B 886 -2.49 -3.82 -6.31
N ARG B 887 -2.88 -2.59 -5.95
CA ARG B 887 -4.26 -2.16 -6.12
C ARG B 887 -4.34 -0.90 -6.97
N LEU B 923 12.08 20.24 10.65
CA LEU B 923 12.65 18.96 11.00
C LEU B 923 11.96 17.84 10.23
N LYS B 924 12.75 16.93 9.68
CA LYS B 924 12.20 15.88 8.81
C LYS B 924 11.30 14.91 9.56
N ASN B 925 11.39 14.86 10.89
CA ASN B 925 10.42 14.09 11.66
C ASN B 925 9.00 14.60 11.37
N LEU B 926 8.82 15.91 11.44
CA LEU B 926 7.53 16.50 11.08
C LEU B 926 7.18 16.18 9.63
N HIS B 927 8.17 16.18 8.75
CA HIS B 927 7.92 15.83 7.35
C HIS B 927 7.33 14.43 7.25
N LEU B 928 7.92 13.47 7.96
CA LEU B 928 7.41 12.11 7.91
C LEU B 928 6.02 12.03 8.52
N GLU B 929 5.78 12.78 9.61
CA GLU B 929 4.45 12.82 10.18
C GLU B 929 3.42 13.28 9.16
N LEU B 930 3.71 14.37 8.46
CA LEU B 930 2.78 14.89 7.47
C LEU B 930 2.58 13.90 6.33
N THR B 931 3.66 13.29 5.85
CA THR B 931 3.52 12.34 4.75
C THR B 931 2.69 11.14 5.16
N GLU B 932 2.89 10.66 6.39
CA GLU B 932 2.05 9.60 6.92
C GLU B 932 0.59 10.00 6.92
N THR B 933 0.29 11.20 7.41
CA THR B 933 -1.09 11.67 7.44
C THR B 933 -1.67 11.74 6.04
N CYS B 934 -0.89 12.24 5.08
CA CYS B 934 -1.37 12.33 3.71
C CYS B 934 -1.71 10.96 3.16
N LEU B 935 -0.82 9.99 3.38
CA LEU B 935 -1.08 8.63 2.92
C LEU B 935 -2.33 8.07 3.59
N ASP B 936 -2.48 8.31 4.89
CA ASP B 936 -3.64 7.82 5.63
C ASP B 936 -4.93 8.37 5.02
N MET B 937 -4.95 9.67 4.74
CA MET B 937 -6.13 10.28 4.15
C MET B 937 -6.40 9.69 2.77
N MET B 938 -5.36 9.59 1.95
CA MET B 938 -5.52 9.00 0.62
C MET B 938 -6.17 7.63 0.70
N ALA B 939 -5.62 6.77 1.56
CA ALA B 939 -6.16 5.43 1.72
C ALA B 939 -7.62 5.47 2.16
N ARG B 940 -7.87 6.07 3.32
CA ARG B 940 -9.22 6.07 3.87
C ARG B 940 -10.22 6.76 2.95
N TYR B 941 -9.76 7.52 1.97
CA TYR B 941 -10.67 8.28 1.13
C TYR B 941 -10.62 7.93 -0.34
N VAL B 942 -9.60 7.22 -0.80
CA VAL B 942 -9.67 6.72 -2.16
C VAL B 942 -10.74 5.63 -2.24
N PHE B 943 -11.26 5.42 -3.44
CA PHE B 943 -12.14 4.30 -3.77
C PHE B 943 -13.53 4.45 -3.19
N SER B 944 -13.71 5.37 -2.25
CA SER B 944 -15.01 5.69 -1.70
C SER B 944 -14.84 6.76 -0.65
N ASN B 945 -15.97 7.25 -0.13
CA ASN B 945 -15.96 8.32 0.85
C ASN B 945 -17.26 8.29 1.64
N PHE B 946 -17.14 8.08 2.94
CA PHE B 946 -18.27 8.08 3.85
C PHE B 946 -18.01 9.08 4.97
N THR B 947 -18.89 9.05 5.97
CA THR B 947 -18.59 9.74 7.22
C THR B 947 -17.30 9.23 7.81
N ALA B 948 -16.55 10.12 8.46
CA ALA B 948 -15.29 9.73 9.08
C ALA B 948 -15.47 9.08 10.43
N VAL B 949 -16.68 9.11 10.98
CA VAL B 949 -16.95 8.51 12.29
C VAL B 949 -17.93 7.37 12.08
N PRO B 950 -17.99 6.44 13.02
CA PRO B 950 -19.03 5.41 12.96
C PRO B 950 -20.26 5.82 13.74
N LYS B 951 -21.32 5.04 13.58
CA LYS B 951 -22.48 5.14 14.45
C LYS B 951 -23.19 3.78 14.38
N ARG B 952 -22.98 2.97 15.41
CA ARG B 952 -23.56 1.63 15.39
C ARG B 952 -25.06 1.69 15.65
N SER B 953 -25.77 0.74 15.05
CA SER B 953 -27.22 0.72 15.14
C SER B 953 -27.66 0.53 16.59
N PRO B 954 -28.85 1.02 16.95
CA PRO B 954 -29.31 0.85 18.34
C PRO B 954 -29.41 -0.60 18.76
N VAL B 955 -30.15 -1.41 18.01
CA VAL B 955 -30.23 -2.84 18.32
C VAL B 955 -28.85 -3.46 18.24
N GLY B 956 -27.98 -2.96 17.37
CA GLY B 956 -26.61 -3.38 17.36
C GLY B 956 -25.98 -3.18 18.72
N GLU B 957 -25.93 -1.93 19.16
CA GLU B 957 -25.36 -1.61 20.47
C GLU B 957 -25.94 -2.49 21.56
N PHE B 958 -27.26 -2.72 21.52
CA PHE B 958 -27.86 -3.61 22.51
C PHE B 958 -27.29 -5.01 22.41
N LEU B 959 -26.98 -5.47 21.19
CA LEU B 959 -26.58 -6.86 21.01
C LEU B 959 -25.21 -7.13 21.64
N LEU B 960 -24.21 -6.35 21.26
CA LEU B 960 -22.88 -6.50 21.84
C LEU B 960 -22.71 -5.69 23.12
N ALA B 961 -23.80 -5.33 23.78
CA ALA B 961 -23.74 -4.57 25.02
C ALA B 961 -22.86 -5.28 26.04
N GLY B 962 -21.73 -4.66 26.38
CA GLY B 962 -20.84 -5.23 27.37
C GLY B 962 -20.16 -6.52 26.96
N GLY B 963 -20.16 -6.84 25.67
CA GLY B 963 -19.45 -8.02 25.21
C GLY B 963 -17.98 -7.96 25.55
N ARG B 964 -17.35 -9.13 25.60
CA ARG B 964 -15.94 -9.19 25.95
C ARG B 964 -15.12 -8.56 24.82
N THR B 965 -14.25 -7.63 25.18
CA THR B 965 -13.56 -6.84 24.17
C THR B 965 -12.06 -6.81 24.43
N LYS B 966 -11.33 -6.50 23.37
CA LYS B 966 -9.88 -6.33 23.44
C LYS B 966 -9.46 -5.33 22.38
N THR B 967 -8.16 -5.09 22.32
CA THR B 967 -7.62 -4.04 21.46
C THR B 967 -6.15 -4.29 21.24
N TRP B 968 -5.70 -4.08 20.01
CA TRP B 968 -4.30 -4.29 19.65
C TRP B 968 -3.82 -3.15 18.79
N LEU B 969 -2.84 -2.40 19.28
CA LEU B 969 -2.01 -1.61 18.41
C LEU B 969 -1.24 -2.53 17.48
N VAL B 970 -1.13 -2.16 16.21
CA VAL B 970 -0.39 -2.99 15.27
C VAL B 970 0.73 -2.20 14.60
N GLY B 971 0.37 -1.19 13.83
CA GLY B 971 1.36 -0.33 13.21
C GLY B 971 1.18 1.09 13.70
N ASN B 972 0.66 1.95 12.84
CA ASN B 972 0.15 3.25 13.23
C ASN B 972 -1.35 3.24 13.43
N LYS B 973 -1.99 2.10 13.16
CA LYS B 973 -3.42 1.96 13.36
C LYS B 973 -3.71 1.69 14.82
N LEU B 974 -4.96 1.35 15.13
CA LEU B 974 -5.32 0.88 16.46
C LEU B 974 -6.56 0.00 16.29
N VAL B 975 -6.35 -1.30 16.28
CA VAL B 975 -7.45 -2.23 16.06
C VAL B 975 -8.12 -2.52 17.39
N THR B 976 -9.43 -2.79 17.34
CA THR B 976 -10.19 -3.11 18.54
C THR B 976 -11.30 -4.04 18.13
N VAL B 977 -11.61 -5.02 18.98
CA VAL B 977 -12.70 -5.94 18.70
C VAL B 977 -13.50 -6.17 19.97
N THR B 978 -14.71 -6.66 19.78
CA THR B 978 -15.61 -6.98 20.87
C THR B 978 -16.48 -8.14 20.43
N THR B 979 -17.00 -8.90 21.38
CA THR B 979 -17.78 -10.08 21.08
C THR B 979 -18.99 -10.13 21.99
N SER B 980 -20.09 -10.65 21.44
CA SER B 980 -21.35 -10.75 22.14
C SER B 980 -21.19 -11.59 23.41
N VAL B 981 -22.21 -11.50 24.27
CA VAL B 981 -22.18 -12.14 25.57
C VAL B 981 -23.00 -13.43 25.53
N GLY B 982 -24.06 -13.43 24.73
CA GLY B 982 -24.90 -14.61 24.62
C GLY B 982 -26.38 -14.32 24.74
N THR B 983 -26.72 -13.23 25.44
CA THR B 983 -28.12 -12.86 25.62
C THR B 983 -28.79 -12.64 24.27
N GLY B 984 -30.00 -13.16 24.14
CA GLY B 984 -30.74 -13.15 22.88
C GLY B 984 -31.84 -12.11 22.90
N THR B 985 -31.89 -11.31 21.83
CA THR B 985 -33.00 -10.37 21.66
C THR B 985 -34.33 -11.12 21.56
N ARG B 986 -34.38 -12.13 20.71
CA ARG B 986 -35.58 -12.96 20.61
C ARG B 986 -35.79 -13.77 21.87
N SER B 987 -34.72 -14.17 22.55
CA SER B 987 -34.86 -14.86 23.83
C SER B 987 -35.67 -14.01 24.80
N LEU B 988 -35.38 -12.71 24.87
CA LEU B 988 -36.24 -11.79 25.61
C LEU B 988 -37.62 -11.70 24.96
N LEU B 989 -37.66 -11.70 23.62
CA LEU B 989 -38.94 -11.65 22.92
C LEU B 989 -39.72 -12.94 23.08
N GLY B 990 -39.03 -14.06 23.29
CA GLY B 990 -39.69 -15.34 23.43
C GLY B 990 -40.26 -15.86 22.13
N ASN B 1090 -38.74 -24.58 22.60
CA ASN B 1090 -38.32 -25.04 21.28
C ASN B 1090 -36.83 -24.80 21.05
N LEU B 1091 -36.53 -23.94 20.09
CA LEU B 1091 -35.16 -23.63 19.69
C LEU B 1091 -34.43 -22.72 20.69
N ALA B 1092 -35.02 -22.47 21.87
CA ALA B 1092 -34.36 -21.66 22.90
C ALA B 1092 -33.19 -22.37 23.58
N ALA B 1093 -32.80 -23.55 23.10
CA ALA B 1093 -31.68 -24.28 23.68
C ALA B 1093 -30.34 -23.83 23.14
N TYR B 1094 -30.29 -23.31 21.91
CA TYR B 1094 -29.05 -22.90 21.29
C TYR B 1094 -28.97 -21.41 21.04
N VAL B 1095 -29.81 -20.61 21.72
CA VAL B 1095 -29.74 -19.16 21.59
C VAL B 1095 -28.38 -18.63 22.02
N PRO B 1096 -27.64 -19.25 22.96
CA PRO B 1096 -26.25 -18.79 23.15
C PRO B 1096 -25.39 -19.02 21.92
N LEU B 1097 -25.58 -20.14 21.23
CA LEU B 1097 -24.83 -20.38 20.00
C LEU B 1097 -25.22 -19.39 18.91
N LEU B 1098 -26.52 -19.16 18.76
CA LEU B 1098 -26.99 -18.14 17.83
C LEU B 1098 -26.33 -16.80 18.10
N THR B 1099 -26.43 -16.32 19.34
CA THR B 1099 -25.94 -14.99 19.67
C THR B 1099 -24.43 -14.89 19.54
N GLN B 1100 -23.71 -15.89 20.06
CA GLN B 1100 -22.26 -15.82 20.18
C GLN B 1100 -21.54 -15.63 18.85
N GLY B 1101 -22.24 -15.79 17.73
CA GLY B 1101 -21.59 -15.58 16.46
C GLY B 1101 -21.12 -14.14 16.28
N TRP B 1102 -22.02 -13.18 16.48
CA TRP B 1102 -21.76 -11.82 16.03
C TRP B 1102 -20.76 -11.12 16.92
N ALA B 1103 -19.80 -10.47 16.29
CA ALA B 1103 -18.82 -9.67 17.00
C ALA B 1103 -18.77 -8.28 16.36
N GLU B 1104 -17.83 -7.45 16.78
CA GLU B 1104 -17.65 -6.15 16.18
C GLU B 1104 -16.17 -5.85 16.09
N ILE B 1105 -15.77 -5.27 14.96
CA ILE B 1105 -14.39 -4.87 14.74
C ILE B 1105 -14.40 -3.37 14.47
N LEU B 1106 -13.34 -2.69 14.91
CA LEU B 1106 -13.28 -1.24 14.82
C LEU B 1106 -11.84 -0.80 14.74
N VAL B 1107 -11.50 -0.04 13.71
CA VAL B 1107 -10.15 0.46 13.51
C VAL B 1107 -10.18 1.97 13.65
N ARG B 1108 -9.15 2.52 14.30
CA ARG B 1108 -9.03 3.95 14.55
C ARG B 1108 -7.75 4.44 13.89
N ARG B 1109 -7.83 4.76 12.63
CA ARG B 1109 -6.63 5.25 11.98
C ARG B 1109 -6.54 6.76 12.14
N PRO B 1110 -5.35 7.34 11.91
CA PRO B 1110 -5.20 8.80 12.04
C PRO B 1110 -6.34 9.56 11.39
N THR B 1111 -6.61 9.27 10.12
CA THR B 1111 -7.72 9.92 9.42
C THR B 1111 -9.04 9.21 9.75
N GLY B 1112 -9.37 9.20 11.02
CA GLY B 1112 -10.70 8.81 11.44
C GLY B 1112 -10.81 7.33 11.77
N ASN B 1113 -12.00 6.95 12.19
CA ASN B 1113 -12.24 5.60 12.66
C ASN B 1113 -13.43 5.00 11.94
N THR B 1114 -13.33 3.72 11.63
CA THR B 1114 -14.40 2.97 10.99
C THR B 1114 -14.59 1.66 11.73
N SER B 1115 -15.61 0.90 11.35
CA SER B 1115 -15.96 -0.29 12.08
C SER B 1115 -16.82 -1.20 11.21
N TRP B 1116 -17.23 -2.32 11.79
CA TRP B 1116 -18.00 -3.35 11.11
C TRP B 1116 -18.59 -4.28 12.15
N LEU B 1117 -19.76 -4.82 11.84
CA LEU B 1117 -20.39 -5.84 12.66
C LEU B 1117 -20.12 -7.19 12.00
N MET B 1118 -19.31 -8.01 12.65
CA MET B 1118 -18.92 -9.30 12.11
C MET B 1118 -19.99 -10.34 12.44
N SER B 1119 -20.18 -11.27 11.50
CA SER B 1119 -21.13 -12.35 11.64
C SER B 1119 -20.46 -13.66 11.24
N LEU B 1120 -20.56 -14.66 12.09
CA LEU B 1120 -19.92 -15.94 11.84
C LEU B 1120 -20.85 -16.86 11.05
N GLU B 1121 -20.24 -17.74 10.27
CA GLU B 1121 -21.01 -18.73 9.52
C GLU B 1121 -20.46 -20.13 9.75
N ASN B 1122 -19.15 -20.24 10.00
CA ASN B 1122 -18.55 -21.52 10.31
C ASN B 1122 -19.13 -22.01 11.63
N PRO B 1123 -19.88 -23.09 11.64
CA PRO B 1123 -20.55 -23.53 12.87
C PRO B 1123 -19.56 -24.13 13.85
N LEU B 1124 -20.08 -24.45 15.04
CA LEU B 1124 -19.28 -25.03 16.09
C LEU B 1124 -18.83 -26.44 15.72
N SER B 1125 -17.93 -27.00 16.53
CA SER B 1125 -17.50 -28.38 16.39
C SER B 1125 -18.58 -29.31 16.94
N PRO B 1126 -19.32 -30.00 16.08
CA PRO B 1126 -20.44 -30.79 16.59
C PRO B 1126 -20.02 -32.05 17.31
N PHE B 1127 -19.00 -32.74 16.80
CA PHE B 1127 -18.55 -33.99 17.38
C PHE B 1127 -17.88 -33.81 18.74
N SER B 1128 -17.41 -32.61 19.04
CA SER B 1128 -16.62 -32.37 20.24
C SER B 1128 -17.33 -31.45 21.24
N SER B 1129 -17.75 -30.28 20.79
CA SER B 1129 -18.35 -29.30 21.69
C SER B 1129 -19.78 -29.70 22.07
N GLU B 1138 -30.64 -29.16 12.38
CA GLU B 1138 -32.01 -28.80 12.70
C GLU B 1138 -32.06 -27.52 13.50
N LEU B 1139 -31.37 -26.49 13.01
CA LEU B 1139 -31.22 -25.24 13.72
C LEU B 1139 -31.56 -24.09 12.77
N SER B 1140 -32.24 -23.07 13.30
CA SER B 1140 -32.73 -21.98 12.47
C SER B 1140 -31.59 -21.21 11.84
N ASN B 1141 -31.41 -21.37 10.53
CA ASN B 1141 -30.27 -20.79 9.84
C ASN B 1141 -30.51 -19.32 9.48
N ALA B 1142 -31.54 -19.06 8.67
CA ALA B 1142 -31.77 -17.71 8.17
C ALA B 1142 -32.10 -16.75 9.31
N LEU B 1143 -33.11 -17.08 10.11
CA LEU B 1143 -33.51 -16.20 11.20
C LEU B 1143 -32.38 -15.96 12.19
N MET B 1144 -31.37 -16.83 12.20
CA MET B 1144 -30.21 -16.56 13.04
C MET B 1144 -29.55 -15.27 12.58
N ALA B 1145 -29.00 -15.27 11.36
CA ALA B 1145 -28.33 -14.08 10.85
C ALA B 1145 -29.28 -12.91 10.69
N ALA B 1146 -30.59 -13.17 10.70
CA ALA B 1146 -31.58 -12.10 10.60
C ALA B 1146 -31.34 -11.01 11.63
N GLU B 1147 -31.39 -11.38 12.92
CA GLU B 1147 -31.43 -10.40 14.01
C GLU B 1147 -30.30 -9.40 13.93
N ARG B 1148 -29.25 -9.67 13.18
CA ARG B 1148 -28.20 -8.69 12.91
C ARG B 1148 -28.63 -7.86 11.71
N PHE B 1149 -28.94 -6.59 11.94
CA PHE B 1149 -29.55 -5.72 10.94
C PHE B 1149 -29.03 -4.30 11.20
N LYS B 1150 -29.72 -3.31 10.65
CA LYS B 1150 -29.51 -1.91 11.00
C LYS B 1150 -30.82 -1.32 11.48
N GLU B 1151 -30.83 -0.86 12.74
CA GLU B 1151 -31.92 -0.09 13.36
C GLU B 1151 -33.28 -0.78 13.21
N HIS B 1152 -33.29 -2.10 13.03
CA HIS B 1152 -34.56 -2.80 13.08
C HIS B 1152 -35.09 -2.78 14.51
N ARG B 1153 -36.41 -2.90 14.63
CA ARG B 1153 -37.11 -2.72 15.91
C ARG B 1153 -36.80 -1.38 16.54
N GLY B 1379 -19.08 -16.12 26.56
CA GLY B 1379 -18.57 -15.25 25.52
C GLY B 1379 -17.34 -15.81 24.83
N ILE B 1380 -17.22 -15.55 23.53
CA ILE B 1380 -16.11 -16.04 22.74
C ILE B 1380 -14.93 -15.09 22.87
N ASN B 1381 -13.73 -15.65 22.98
CA ASN B 1381 -12.53 -14.85 23.15
C ASN B 1381 -12.32 -13.93 21.96
N PRO B 1382 -12.45 -12.63 22.15
CA PRO B 1382 -12.36 -11.70 21.03
C PRO B 1382 -11.02 -11.71 20.34
N SER B 1383 -9.97 -12.22 20.99
CA SER B 1383 -8.69 -12.38 20.31
C SER B 1383 -8.81 -13.19 19.04
N PHE B 1384 -9.87 -13.99 18.92
CA PHE B 1384 -10.04 -14.93 17.83
C PHE B 1384 -9.92 -14.24 16.48
N VAL B 1385 -10.85 -13.33 16.17
CA VAL B 1385 -10.90 -12.76 14.84
C VAL B 1385 -9.66 -11.93 14.56
N PHE B 1386 -9.09 -11.31 15.59
CA PHE B 1386 -7.87 -10.55 15.39
C PHE B 1386 -6.75 -11.46 14.89
N LEU B 1387 -6.46 -12.52 15.65
CA LEU B 1387 -5.40 -13.42 15.21
C LEU B 1387 -5.77 -14.09 13.90
N GLN B 1388 -7.06 -14.21 13.60
CA GLN B 1388 -7.47 -14.66 12.27
C GLN B 1388 -6.89 -13.74 11.20
N LEU B 1389 -7.30 -12.47 11.23
CA LEU B 1389 -6.90 -11.53 10.19
C LEU B 1389 -5.45 -11.10 10.30
N TYR B 1390 -4.72 -11.58 11.30
CA TYR B 1390 -3.31 -11.22 11.41
C TYR B 1390 -2.60 -12.43 12.03
N HIS B 1391 -2.12 -13.34 11.19
CA HIS B 1391 -1.29 -14.40 11.72
C HIS B 1391 -0.24 -14.89 10.75
N SER B 1392 0.28 -14.03 9.90
CA SER B 1392 1.44 -14.45 9.14
C SER B 1392 2.57 -14.62 10.15
N PRO B 1393 2.98 -15.84 10.48
CA PRO B 1393 3.72 -16.05 11.73
C PRO B 1393 5.19 -15.69 11.67
N PHE B 1394 5.85 -16.00 10.56
CA PHE B 1394 7.30 -16.05 10.52
C PHE B 1394 7.97 -14.68 10.47
N PHE B 1395 7.24 -13.58 10.68
CA PHE B 1395 7.88 -12.27 10.73
C PHE B 1395 6.93 -11.28 11.39
N GLY B 1396 7.34 -10.01 11.42
CA GLY B 1396 6.65 -8.98 12.17
C GLY B 1396 7.21 -8.85 13.57
N ASP B 1397 8.54 -8.72 13.66
CA ASP B 1397 9.21 -8.77 14.97
C ASP B 1397 8.89 -7.52 15.79
N GLU B 1398 9.28 -6.35 15.30
CA GLU B 1398 8.81 -5.08 15.85
C GLU B 1398 8.45 -4.08 14.78
N SER B 1399 8.85 -4.30 13.52
CA SER B 1399 8.47 -3.41 12.44
C SER B 1399 6.96 -3.31 12.32
N ASN B 1400 6.29 -4.46 12.31
CA ASN B 1400 4.84 -4.51 12.22
C ASN B 1400 4.30 -5.49 13.26
N LYS B 1401 4.81 -5.40 14.47
CA LYS B 1401 4.45 -6.36 15.51
C LYS B 1401 3.10 -6.00 16.12
N PRO B 1402 2.09 -6.84 16.00
CA PRO B 1402 0.86 -6.63 16.77
C PRO B 1402 1.17 -6.62 18.26
N ILE B 1403 0.51 -5.74 18.98
CA ILE B 1403 0.82 -5.51 20.39
C ILE B 1403 -0.48 -5.33 21.15
N LEU B 1404 -0.75 -6.23 22.09
CA LEU B 1404 -1.91 -6.09 22.93
C LEU B 1404 -1.65 -5.05 24.01
N LEU B 1405 -2.69 -4.29 24.34
CA LEU B 1405 -2.44 -3.45 25.50
C LEU B 1405 -3.11 -4.06 26.72
N PRO B 1406 -2.52 -3.89 27.90
CA PRO B 1406 -3.05 -4.56 29.10
C PRO B 1406 -4.41 -4.00 29.48
N ASN B 1407 -5.41 -4.88 29.51
CA ASN B 1407 -6.73 -4.50 30.01
C ASN B 1407 -6.64 -3.85 31.39
N GLU B 1408 -5.68 -4.28 32.20
CA GLU B 1408 -5.47 -3.66 33.50
C GLU B 1408 -4.91 -2.25 33.37
N SER B 1409 -4.16 -1.97 32.30
CA SER B 1409 -3.40 -0.72 32.17
C SER B 1409 -4.39 0.42 31.93
N GLN B 1410 -5.05 0.84 33.01
CA GLN B 1410 -6.02 1.92 32.93
C GLN B 1410 -5.39 3.19 32.40
N SER B 1411 -4.06 3.31 32.56
CA SER B 1411 -3.32 4.48 32.03
C SER B 1411 -3.43 4.44 30.49
N PHE B 1412 -3.08 3.29 29.91
CA PHE B 1412 -3.11 3.08 28.44
C PHE B 1412 -4.55 3.21 27.95
N GLU B 1413 -5.50 2.63 28.70
CA GLU B 1413 -6.94 2.71 28.32
C GLU B 1413 -7.36 4.18 28.37
N ARG B 1414 -6.92 4.91 29.41
CA ARG B 1414 -7.25 6.35 29.56
C ARG B 1414 -6.66 7.12 28.37
N SER B 1415 -5.43 6.79 27.97
CA SER B 1415 -4.77 7.48 26.83
C SER B 1415 -5.57 7.21 25.55
N VAL B 1416 -6.04 5.98 25.38
CA VAL B 1416 -6.83 5.59 24.17
C VAL B 1416 -8.13 6.41 24.18
N GLN B 1417 -8.75 6.57 25.35
CA GLN B 1417 -10.00 7.36 25.46
C GLN B 1417 -9.72 8.81 25.06
N LEU B 1418 -8.72 9.45 25.70
CA LEU B 1418 -8.35 10.86 25.39
C LEU B 1418 -8.14 11.01 23.88
N LEU B 1419 -7.58 9.98 23.23
CA LEU B 1419 -7.35 9.99 21.77
C LEU B 1419 -8.73 10.05 21.08
N ASP B 1420 -9.70 9.30 21.59
CA ASP B 1420 -11.07 9.35 21.03
C ASP B 1420 -11.69 10.74 21.25
N GLN B 1421 -11.39 11.37 22.39
CA GLN B 1421 -11.96 12.70 22.73
C GLN B 1421 -11.64 13.79 21.69
N ILE B 1422 -10.49 13.64 21.00
CA ILE B 1422 -10.05 14.63 19.97
C ILE B 1422 -10.76 14.35 18.64
N PRO B 1423 -11.30 15.39 17.95
CA PRO B 1423 -12.01 15.21 16.68
C PRO B 1423 -11.07 14.87 15.52
N SER B 1424 -11.60 14.18 14.49
CA SER B 1424 -10.81 13.77 13.30
C SER B 1424 -10.70 14.93 12.30
N TYR B 1425 -11.77 15.71 12.13
CA TYR B 1425 -11.74 16.87 11.19
C TYR B 1425 -11.02 18.07 11.82
N ASP B 1426 -10.71 19.09 11.00
CA ASP B 1426 -10.02 20.29 11.55
C ASP B 1426 -10.98 21.16 12.39
N THR B 1427 -10.41 22.01 13.24
CA THR B 1427 -11.14 22.88 14.16
C THR B 1427 -10.92 24.33 13.80
N HIS B 1428 -12.00 25.11 13.77
CA HIS B 1428 -11.89 26.54 13.64
C HIS B 1428 -13.04 27.21 14.37
N LYS B 1429 -12.74 28.26 15.12
CA LYS B 1429 -13.78 29.08 15.74
C LYS B 1429 -13.42 30.55 15.51
N ILE B 1430 -14.42 31.36 15.18
CA ILE B 1430 -14.22 32.71 14.70
C ILE B 1430 -15.22 33.64 15.37
N ALA B 1431 -14.75 34.80 15.81
CA ALA B 1431 -15.62 35.77 16.49
C ALA B 1431 -16.17 36.77 15.49
N VAL B 1432 -17.48 36.91 15.45
CA VAL B 1432 -18.14 37.88 14.57
C VAL B 1432 -18.73 38.99 15.42
N LEU B 1433 -18.32 40.23 15.13
CA LEU B 1433 -18.77 41.40 15.89
C LEU B 1433 -19.41 42.41 14.95
N TYR B 1434 -20.32 43.20 15.49
CA TYR B 1434 -20.92 44.31 14.78
C TYR B 1434 -20.70 45.58 15.58
N VAL B 1435 -19.82 46.45 15.09
CA VAL B 1435 -19.70 47.77 15.67
C VAL B 1435 -20.69 48.68 14.96
N GLY B 1436 -20.97 49.83 15.59
CA GLY B 1436 -21.93 50.76 15.04
C GLY B 1436 -21.27 51.88 14.28
N GLU B 1437 -21.80 53.10 14.39
CA GLU B 1437 -21.22 54.27 13.75
C GLU B 1437 -20.37 55.07 14.73
N GLY B 1438 -20.96 55.47 15.87
CA GLY B 1438 -20.20 56.10 16.92
C GLY B 1438 -19.59 55.14 17.89
N GLN B 1439 -19.94 53.86 17.79
CA GLN B 1439 -19.42 52.85 18.70
C GLN B 1439 -17.94 52.57 18.48
N SER B 1440 -17.31 53.23 17.52
CA SER B 1440 -15.89 53.04 17.29
C SER B 1440 -15.11 53.31 18.58
N ASN B 1441 -14.24 52.37 18.95
CA ASN B 1441 -13.39 52.48 20.13
C ASN B 1441 -14.21 52.59 21.41
N SER B 1442 -15.40 51.98 21.43
CA SER B 1442 -16.20 51.92 22.64
C SER B 1442 -15.77 50.77 23.54
N GLU B 1443 -15.52 49.61 22.94
CA GLU B 1443 -15.03 48.42 23.63
C GLU B 1443 -16.06 47.81 24.57
N LEU B 1444 -17.18 48.50 24.78
CA LEU B 1444 -18.34 47.89 25.40
C LEU B 1444 -19.56 47.93 24.49
N ALA B 1445 -19.91 49.12 23.98
CA ALA B 1445 -21.00 49.21 23.01
C ALA B 1445 -20.74 48.29 21.84
N ILE B 1446 -19.48 48.04 21.52
CA ILE B 1446 -19.14 46.96 20.57
C ILE B 1446 -19.74 45.65 21.05
N LEU B 1447 -19.30 45.19 22.23
CA LEU B 1447 -19.72 43.89 22.71
C LEU B 1447 -21.18 43.92 23.14
N SER B 1448 -21.55 44.89 23.95
CA SER B 1448 -22.92 44.99 24.45
C SER B 1448 -23.94 45.31 23.36
N ASN B 1449 -23.51 45.44 22.11
CA ASN B 1449 -24.44 45.79 21.05
C ASN B 1449 -25.44 44.68 20.82
N GLU B 1450 -26.58 45.06 20.26
CA GLU B 1450 -27.61 44.11 19.84
C GLU B 1450 -28.27 44.66 18.59
N HIS B 1451 -28.97 43.77 17.88
CA HIS B 1451 -29.74 44.12 16.68
C HIS B 1451 -28.94 45.03 15.75
N GLY B 1452 -27.88 44.46 15.19
CA GLY B 1452 -27.03 45.19 14.26
C GLY B 1452 -27.79 45.71 13.05
N SER B 1453 -27.07 46.44 12.21
CA SER B 1453 -27.67 47.01 11.00
C SER B 1453 -28.33 45.92 10.18
N TYR B 1454 -29.29 46.34 9.33
CA TYR B 1454 -30.06 45.42 8.46
C TYR B 1454 -29.12 44.68 7.50
N ARG B 1455 -28.25 45.43 6.80
CA ARG B 1455 -27.31 44.83 5.83
C ARG B 1455 -26.40 43.82 6.55
N TYR B 1456 -25.89 44.18 7.73
CA TYR B 1456 -24.99 43.29 8.51
C TYR B 1456 -25.73 41.99 8.84
N THR B 1457 -27.00 42.12 9.25
CA THR B 1457 -27.84 40.93 9.60
C THR B 1457 -28.03 40.06 8.35
N GLU B 1458 -28.26 40.68 7.19
CA GLU B 1458 -28.47 39.93 5.93
C GLU B 1458 -27.23 39.07 5.63
N PHE B 1459 -26.08 39.73 5.47
CA PHE B 1459 -24.78 39.06 5.18
C PHE B 1459 -24.60 37.86 6.13
N LEU B 1460 -24.97 38.08 7.40
CA LEU B 1460 -24.91 37.08 8.49
C LEU B 1460 -25.82 35.88 8.21
N THR B 1461 -27.04 36.10 7.71
CA THR B 1461 -27.95 34.94 7.44
C THR B 1461 -27.25 33.92 6.54
N GLY B 1462 -26.83 34.34 5.33
CA GLY B 1462 -26.15 33.44 4.43
C GLY B 1462 -24.70 33.25 4.80
N LEU B 1463 -24.46 32.55 5.91
CA LEU B 1463 -23.12 32.31 6.41
C LEU B 1463 -22.95 30.84 6.79
N GLY B 1464 -23.35 29.97 5.85
CA GLY B 1464 -23.26 28.52 6.03
C GLY B 1464 -24.53 27.95 6.65
N ARG B 1465 -24.40 27.18 7.73
CA ARG B 1465 -25.58 26.59 8.42
C ARG B 1465 -25.38 26.72 9.94
N LEU B 1466 -26.49 26.64 10.69
CA LEU B 1466 -26.44 26.72 12.17
C LEU B 1466 -27.24 25.55 12.75
N ILE B 1467 -26.99 25.23 14.02
CA ILE B 1467 -27.70 24.15 14.76
C ILE B 1467 -27.98 24.68 16.18
N GLU B 1468 -29.25 24.71 16.58
CA GLU B 1468 -29.66 25.24 17.91
C GLU B 1468 -29.02 24.37 19.01
N LEU B 1469 -28.56 25.01 20.09
CA LEU B 1469 -27.93 24.26 21.21
C LEU B 1469 -29.04 23.76 22.15
N LYS B 1470 -29.19 22.44 22.22
CA LYS B 1470 -30.21 21.73 23.05
C LYS B 1470 -29.94 20.23 22.98
N ASP B 1471 -30.92 19.42 23.38
CA ASP B 1471 -30.81 17.93 23.36
C ASP B 1471 -30.59 17.43 21.92
N CYS B 1472 -31.24 18.08 20.95
CA CYS B 1472 -31.18 17.71 19.51
C CYS B 1472 -29.73 17.65 19.01
N GLN B 1473 -28.92 18.66 19.31
CA GLN B 1473 -27.51 18.72 18.84
C GLN B 1473 -26.59 18.05 19.87
N PRO B 1474 -25.85 16.98 19.50
CA PRO B 1474 -24.93 16.30 20.42
C PRO B 1474 -23.58 17.03 20.46
N ASP B 1475 -22.71 16.65 21.40
CA ASP B 1475 -21.37 17.29 21.53
C ASP B 1475 -20.58 17.08 20.24
N LYS B 1476 -21.15 16.35 19.28
CA LYS B 1476 -20.54 16.07 17.99
C LYS B 1476 -19.93 17.33 17.37
N VAL B 1477 -20.75 18.36 17.17
CA VAL B 1477 -20.22 19.67 16.79
C VAL B 1477 -19.88 20.43 18.06
N TYR B 1478 -19.17 21.54 17.90
CA TYR B 1478 -18.66 22.30 19.04
C TYR B 1478 -19.81 22.90 19.85
N LEU B 1479 -19.89 22.51 21.12
CA LEU B 1479 -20.95 22.93 22.02
C LEU B 1479 -20.48 23.98 23.03
N GLY B 1480 -19.41 24.70 22.71
CA GLY B 1480 -18.86 25.68 23.62
C GLY B 1480 -19.87 26.70 24.09
N GLY B 1481 -20.10 26.75 25.39
CA GLY B 1481 -21.12 27.62 25.94
C GLY B 1481 -22.53 27.14 25.65
N LEU B 1482 -22.92 26.01 26.28
CA LEU B 1482 -24.25 25.47 26.11
C LEU B 1482 -25.34 26.45 26.56
N ASP B 1483 -24.98 27.38 27.43
CA ASP B 1483 -25.94 28.40 27.95
C ASP B 1483 -26.40 29.28 26.79
N VAL B 1484 -27.69 29.21 26.46
CA VAL B 1484 -28.28 30.04 25.35
C VAL B 1484 -27.43 29.85 24.10
N GLN B 1490 -27.94 32.19 20.31
CA GLN B 1490 -28.72 30.92 20.25
C GLN B 1490 -28.47 30.24 18.90
N PHE B 1491 -28.81 30.95 17.80
CA PHE B 1491 -28.66 30.42 16.42
C PHE B 1491 -27.21 29.98 16.18
N THR B 1492 -26.24 30.76 16.71
CA THR B 1492 -24.79 30.59 16.60
C THR B 1492 -24.38 29.85 15.34
N TYR B 1493 -24.62 30.49 14.19
CA TYR B 1493 -24.31 29.91 12.88
C TYR B 1493 -22.96 29.23 12.87
N CYS B 1494 -22.89 28.07 12.22
CA CYS B 1494 -21.66 27.27 12.19
C CYS B 1494 -21.45 26.69 10.81
N TRP B 1495 -20.44 27.19 10.11
CA TRP B 1495 -20.00 26.58 8.86
C TRP B 1495 -19.59 25.14 9.12
N HIS B 1496 -19.75 24.29 8.10
CA HIS B 1496 -19.50 22.89 8.32
C HIS B 1496 -19.22 22.17 7.00
N ASP B 1497 -18.14 21.41 6.98
CA ASP B 1497 -17.97 20.36 5.99
C ASP B 1497 -17.15 19.26 6.65
N ASP B 1498 -16.59 18.35 5.85
CA ASP B 1498 -16.04 17.13 6.42
C ASP B 1498 -14.59 17.30 6.85
N ILE B 1499 -13.77 17.97 6.04
CA ILE B 1499 -12.36 18.14 6.39
C ILE B 1499 -12.21 19.09 7.55
N MET B 1500 -12.75 20.30 7.42
CA MET B 1500 -12.70 21.29 8.47
C MET B 1500 -14.09 21.53 9.05
N GLN B 1501 -14.14 22.19 10.20
CA GLN B 1501 -15.41 22.62 10.75
C GLN B 1501 -15.17 23.93 11.49
N ALA B 1502 -15.89 24.97 11.08
CA ALA B 1502 -15.74 26.30 11.65
C ALA B 1502 -17.04 26.68 12.33
N VAL B 1503 -16.97 26.91 13.62
CA VAL B 1503 -18.10 27.43 14.38
C VAL B 1503 -17.86 28.91 14.61
N PHE B 1504 -18.94 29.68 14.64
CA PHE B 1504 -18.86 31.11 14.91
C PHE B 1504 -19.32 31.29 16.35
N HIS B 1505 -18.36 31.16 17.27
CA HIS B 1505 -18.70 30.86 18.66
C HIS B 1505 -19.49 31.98 19.31
N ILE B 1506 -19.28 33.22 18.88
CA ILE B 1506 -19.99 34.36 19.44
C ILE B 1506 -20.38 35.30 18.33
N ALA B 1507 -21.57 35.89 18.45
CA ALA B 1507 -22.00 37.01 17.63
C ALA B 1507 -22.60 38.06 18.55
N THR B 1508 -23.19 39.10 17.97
CA THR B 1508 -23.97 40.02 18.78
C THR B 1508 -25.18 39.32 19.39
N LEU B 1509 -25.63 38.22 18.81
CA LEU B 1509 -26.81 37.52 19.27
C LEU B 1509 -26.56 36.64 20.48
N MET B 1510 -25.30 36.42 20.86
CA MET B 1510 -25.00 35.46 21.92
C MET B 1510 -25.60 35.85 23.26
N PRO B 1511 -25.40 37.08 23.78
CA PRO B 1511 -26.03 37.38 25.08
C PRO B 1511 -27.55 37.42 25.01
N ASP B 1521 -17.52 34.58 31.72
CA ASP B 1521 -16.85 33.71 30.76
C ASP B 1521 -17.13 34.16 29.34
N LYS B 1522 -18.32 34.72 29.14
CA LYS B 1522 -18.74 35.17 27.81
C LYS B 1522 -17.77 36.23 27.27
N LYS B 1523 -17.49 37.25 28.08
CA LYS B 1523 -16.47 38.22 27.72
C LYS B 1523 -15.17 37.53 27.35
N ARG B 1524 -14.77 36.52 28.13
CA ARG B 1524 -13.60 35.73 27.76
C ARG B 1524 -13.90 34.85 26.56
N HIS B 1525 -15.15 34.40 26.41
CA HIS B 1525 -15.51 33.57 25.27
C HIS B 1525 -15.16 34.26 23.96
N LEU B 1526 -15.49 35.56 23.83
CA LEU B 1526 -15.18 36.24 22.59
C LEU B 1526 -13.84 36.96 22.61
N GLY B 1527 -13.27 37.20 23.80
CA GLY B 1527 -11.91 37.70 23.84
C GLY B 1527 -10.84 36.67 23.57
N ASN B 1528 -11.23 35.40 23.39
CA ASN B 1528 -10.29 34.31 23.19
C ASN B 1528 -10.28 33.76 21.77
N ASP B 1529 -11.25 34.13 20.95
CA ASP B 1529 -11.25 33.67 19.55
C ASP B 1529 -10.11 34.35 18.81
N PHE B 1530 -9.24 33.54 18.20
CA PHE B 1530 -7.98 34.05 17.69
C PHE B 1530 -8.19 35.06 16.56
N VAL B 1531 -9.30 34.95 15.84
CA VAL B 1531 -9.58 35.82 14.70
C VAL B 1531 -11.03 36.26 14.75
N SER B 1532 -11.29 37.48 14.27
CA SER B 1532 -12.61 38.05 14.31
C SER B 1532 -12.91 38.75 13.00
N ILE B 1533 -14.08 38.49 12.49
CA ILE B 1533 -14.70 39.30 11.46
C ILE B 1533 -15.52 40.39 12.14
N VAL B 1534 -15.46 41.61 11.64
CA VAL B 1534 -16.09 42.75 12.27
C VAL B 1534 -16.79 43.59 11.21
N TYR B 1535 -18.05 43.94 11.48
CA TYR B 1535 -18.86 44.71 10.55
C TYR B 1535 -18.67 46.19 10.88
N ASN B 1536 -18.06 46.94 9.96
CA ASN B 1536 -17.62 48.30 10.23
C ASN B 1536 -18.78 49.23 10.56
N ASP B 1537 -19.67 49.47 9.59
CA ASP B 1537 -20.88 50.26 9.80
C ASP B 1537 -20.57 51.65 10.37
N SER B 1538 -19.38 52.16 10.11
CA SER B 1538 -18.96 53.47 10.62
C SER B 1538 -18.09 54.14 9.57
N GLY B 1539 -17.39 55.20 9.99
CA GLY B 1539 -16.40 55.82 9.14
C GLY B 1539 -15.03 55.80 9.78
N GLU B 1540 -14.12 55.03 9.19
CA GLU B 1540 -12.81 54.74 9.77
C GLU B 1540 -12.96 54.38 11.25
N ASP B 1541 -13.65 53.27 11.45
CA ASP B 1541 -14.02 52.86 12.80
C ASP B 1541 -12.82 52.36 13.59
N PHE B 1542 -12.04 51.43 13.02
CA PHE B 1542 -11.29 50.48 13.82
C PHE B 1542 -9.80 50.51 13.49
N LYS B 1543 -9.01 50.35 14.55
CA LYS B 1543 -7.62 49.92 14.46
C LYS B 1543 -7.43 48.79 15.46
N LEU B 1544 -6.54 47.85 15.12
CA LEU B 1544 -6.41 46.64 15.93
C LEU B 1544 -6.19 46.98 17.40
N GLY B 1545 -5.45 48.05 17.67
CA GLY B 1545 -5.23 48.47 19.04
C GLY B 1545 -6.51 48.73 19.83
N THR B 1546 -7.63 48.93 19.14
CA THR B 1546 -8.88 49.21 19.82
C THR B 1546 -9.34 48.01 20.65
N ILE B 1547 -9.35 46.83 20.04
CA ILE B 1547 -9.94 45.67 20.70
C ILE B 1547 -9.05 45.22 21.86
N LYS B 1548 -9.69 44.93 22.99
CA LYS B 1548 -9.00 44.39 24.16
C LYS B 1548 -8.96 42.87 24.17
N GLY B 1549 -9.23 42.25 23.03
CA GLY B 1549 -9.20 40.80 22.95
C GLY B 1549 -7.80 40.29 22.66
N GLN B 1550 -7.12 39.84 23.72
CA GLN B 1550 -5.71 39.46 23.61
C GLN B 1550 -5.52 38.37 22.56
N PHE B 1551 -6.33 37.32 22.62
CA PHE B 1551 -6.19 36.22 21.66
C PHE B 1551 -6.61 36.63 20.25
N ASN B 1552 -7.44 37.66 20.13
CA ASN B 1552 -7.92 38.09 18.82
C ASN B 1552 -6.75 38.75 18.10
N PHE B 1553 -5.88 37.89 17.55
CA PHE B 1553 -4.60 38.36 17.03
C PHE B 1553 -4.78 39.17 15.76
N VAL B 1554 -5.35 38.55 14.74
CA VAL B 1554 -5.60 39.23 13.47
C VAL B 1554 -7.10 39.44 13.31
N HIS B 1555 -7.45 40.52 12.64
CA HIS B 1555 -8.83 40.87 12.40
C HIS B 1555 -9.05 41.07 10.91
N VAL B 1556 -10.31 40.98 10.51
CA VAL B 1556 -10.73 41.23 9.14
C VAL B 1556 -11.96 42.12 9.21
N ILE B 1557 -11.81 43.34 8.71
CA ILE B 1557 -12.90 44.37 8.76
C ILE B 1557 -13.54 44.52 7.38
N VAL B 1558 -14.87 44.55 7.36
CA VAL B 1558 -15.67 44.73 6.16
C VAL B 1558 -16.47 46.01 6.30
N THR B 1559 -16.35 46.88 5.31
CA THR B 1559 -17.05 48.16 5.31
C THR B 1559 -18.06 48.17 4.18
N PRO B 1560 -19.33 48.43 4.47
CA PRO B 1560 -20.32 48.51 3.42
C PRO B 1560 -20.13 49.76 2.58
N LEU B 1561 -20.53 49.67 1.32
CA LEU B 1561 -20.33 50.75 0.37
C LEU B 1561 -21.65 51.11 -0.30
N ASP B 1562 -21.57 51.89 -1.39
CA ASP B 1562 -22.73 52.67 -1.84
C ASP B 1562 -23.97 51.81 -2.05
N TYR B 1563 -23.97 50.94 -3.07
CA TYR B 1563 -25.17 50.21 -3.40
C TYR B 1563 -25.12 48.84 -2.75
N GLU B 1564 -24.24 47.96 -3.25
CA GLU B 1564 -24.15 46.57 -2.73
C GLU B 1564 -22.69 46.11 -2.57
N CYS B 1565 -21.72 46.87 -3.08
CA CYS B 1565 -20.32 46.54 -2.97
C CYS B 1565 -19.84 46.74 -1.54
N ASN B 1566 -18.78 46.03 -1.19
CA ASN B 1566 -18.22 46.10 0.15
C ASN B 1566 -16.72 45.99 0.06
N LEU B 1567 -16.02 46.73 0.90
CA LEU B 1567 -14.56 46.69 0.94
C LEU B 1567 -14.11 45.90 2.15
N VAL B 1568 -13.29 44.88 1.91
CA VAL B 1568 -12.82 44.03 3.00
C VAL B 1568 -11.31 44.10 3.07
N SER B 1569 -10.79 44.06 4.30
CA SER B 1569 -9.35 44.06 4.51
C SER B 1569 -9.08 43.43 5.86
N LEU B 1570 -7.82 43.52 6.31
CA LEU B 1570 -7.41 42.81 7.51
C LEU B 1570 -6.32 43.60 8.22
N GLN B 1571 -6.11 43.25 9.49
CA GLN B 1571 -5.11 43.88 10.33
C GLN B 1571 -4.43 42.81 11.17
N CYS B 1572 -3.10 42.77 11.12
CA CYS B 1572 -2.30 41.80 11.86
C CYS B 1572 -1.80 42.41 13.16
N ARG B 1573 -1.40 41.53 14.08
CA ARG B 1573 -0.91 41.95 15.38
C ARG B 1573 0.59 42.19 15.39
N LYS B 1574 1.19 42.46 14.23
CA LYS B 1574 2.55 42.93 14.09
C LYS B 1574 3.56 41.83 14.38
N ASP B 1575 3.10 40.68 14.86
CA ASP B 1575 3.97 39.54 15.09
C ASP B 1575 3.93 38.58 13.91
N MET B 1576 2.75 38.07 13.60
CA MET B 1576 2.50 37.27 12.41
C MET B 1576 2.44 38.11 11.16
N GLU B 1577 2.85 39.36 11.33
CA GLU B 1577 2.98 40.30 10.24
C GLU B 1577 3.75 39.70 9.06
N GLY B 1578 4.75 38.88 9.35
CA GLY B 1578 5.47 38.22 8.28
C GLY B 1578 4.63 37.16 7.59
N LEU B 1579 3.83 36.43 8.36
CA LEU B 1579 3.03 35.35 7.78
C LEU B 1579 2.05 35.87 6.76
N VAL B 1580 1.09 36.67 7.18
CA VAL B 1580 0.03 37.19 6.32
C VAL B 1580 0.32 38.64 5.99
N ASP B 1581 -0.02 39.04 4.77
CA ASP B 1581 0.12 40.43 4.37
C ASP B 1581 -1.06 41.25 4.87
N THR B 1582 -0.77 42.46 5.37
CA THR B 1582 -1.82 43.34 5.86
C THR B 1582 -2.36 44.24 4.77
N SER B 1583 -1.59 44.51 3.73
CA SER B 1583 -2.08 45.32 2.62
C SER B 1583 -3.23 44.66 1.88
N VAL B 1584 -3.52 43.39 2.15
CA VAL B 1584 -4.59 42.69 1.46
C VAL B 1584 -5.90 43.43 1.67
N ALA B 1585 -6.51 43.87 0.57
CA ALA B 1585 -7.76 44.60 0.62
C ALA B 1585 -8.43 44.46 -0.74
N LYS B 1586 -9.75 44.38 -0.74
CA LYS B 1586 -10.41 44.12 -2.00
C LYS B 1586 -11.88 44.49 -1.92
N ILE B 1587 -12.40 44.88 -3.08
CA ILE B 1587 -13.84 45.03 -3.27
C ILE B 1587 -14.48 43.65 -3.37
N VAL B 1588 -15.79 43.61 -3.14
CA VAL B 1588 -16.53 42.36 -3.30
C VAL B 1588 -18.01 42.69 -3.45
N SER B 1589 -18.69 41.92 -4.29
CA SER B 1589 -20.13 42.04 -4.40
C SER B 1589 -20.81 41.63 -3.09
N ASP B 1590 -22.11 41.87 -3.03
CA ASP B 1590 -22.82 41.69 -1.77
C ASP B 1590 -23.17 40.23 -1.51
N ARG B 1591 -23.96 39.63 -2.40
CA ARG B 1591 -24.41 38.26 -2.16
C ARG B 1591 -23.28 37.25 -2.17
N ASN B 1592 -22.05 37.66 -2.50
CA ASN B 1592 -20.90 36.80 -2.35
C ASN B 1592 -19.99 37.22 -1.21
N LEU B 1593 -20.25 38.35 -0.57
CA LEU B 1593 -19.45 38.84 0.54
C LEU B 1593 -19.22 37.76 1.59
N PRO B 1594 -20.27 37.19 2.22
CA PRO B 1594 -20.01 36.27 3.33
C PRO B 1594 -19.12 35.11 2.95
N PHE B 1595 -19.18 34.67 1.70
CA PHE B 1595 -18.30 33.61 1.23
C PHE B 1595 -16.84 33.99 1.43
N VAL B 1596 -16.40 35.06 0.76
CA VAL B 1596 -15.01 35.48 0.86
C VAL B 1596 -14.67 35.86 2.29
N ALA B 1597 -15.64 36.41 3.02
CA ALA B 1597 -15.41 36.77 4.41
C ALA B 1597 -14.98 35.55 5.21
N ARG B 1598 -15.83 34.53 5.26
CA ARG B 1598 -15.50 33.33 6.01
C ARG B 1598 -14.27 32.65 5.45
N GLN B 1599 -14.03 32.78 4.15
CA GLN B 1599 -12.81 32.21 3.56
C GLN B 1599 -11.57 32.82 4.20
N MET B 1600 -11.40 34.12 4.05
CA MET B 1600 -10.26 34.80 4.64
C MET B 1600 -10.21 34.59 6.14
N ALA B 1601 -11.38 34.47 6.79
CA ALA B 1601 -11.40 34.21 8.22
C ALA B 1601 -10.72 32.89 8.53
N LEU B 1602 -11.10 31.83 7.82
CA LEU B 1602 -10.47 30.53 7.99
C LEU B 1602 -8.97 30.63 7.76
N HIS B 1603 -8.56 31.30 6.69
CA HIS B 1603 -7.14 31.37 6.40
C HIS B 1603 -6.38 32.06 7.51
N ALA B 1604 -6.93 33.16 8.02
CA ALA B 1604 -6.31 33.85 9.13
C ALA B 1604 -6.27 32.96 10.37
N ASN B 1605 -7.31 32.17 10.59
CA ASN B 1605 -7.30 31.28 11.74
C ASN B 1605 -6.18 30.27 11.62
N MET B 1606 -5.97 29.74 10.41
CA MET B 1606 -4.89 28.78 10.23
C MET B 1606 -3.54 29.44 10.41
N ALA B 1607 -3.42 30.71 10.00
CA ALA B 1607 -2.18 31.45 10.25
C ALA B 1607 -1.92 31.58 11.74
N SER B 1608 -2.93 32.03 12.49
CA SER B 1608 -2.78 32.15 13.93
C SER B 1608 -2.46 30.81 14.57
N GLN B 1609 -3.05 29.75 14.04
CA GLN B 1609 -2.75 28.41 14.55
C GLN B 1609 -1.28 28.06 14.37
N VAL B 1610 -0.80 28.16 13.12
CA VAL B 1610 0.58 27.76 12.84
C VAL B 1610 1.56 28.65 13.59
N HIS B 1611 1.17 29.89 13.90
CA HIS B 1611 2.10 30.78 14.58
C HIS B 1611 2.11 30.53 16.09
N HIS B 1612 0.94 30.57 16.72
CA HIS B 1612 0.84 30.43 18.16
C HIS B 1612 1.52 29.15 18.63
N SER B 1613 1.50 28.11 17.81
CA SER B 1613 2.22 26.89 18.13
C SER B 1613 3.58 26.82 17.46
N ARG B 1614 3.95 27.84 16.68
CA ARG B 1614 5.35 27.95 16.28
C ARG B 1614 6.19 28.53 17.40
N SER B 1615 5.62 29.50 18.14
CA SER B 1615 6.14 29.81 19.46
C SER B 1615 6.15 28.56 20.34
N ASN B 1616 5.23 27.64 20.06
CA ASN B 1616 5.24 26.29 20.59
C ASN B 1616 5.20 26.23 22.11
N PRO B 1617 4.07 26.58 22.73
CA PRO B 1617 3.80 26.07 24.08
C PRO B 1617 3.57 24.56 24.12
N THR B 1618 3.73 23.87 22.99
CA THR B 1618 3.54 22.42 22.87
C THR B 1618 2.14 22.02 23.32
N ASP B 1619 1.14 22.59 22.66
CA ASP B 1619 -0.25 22.29 22.95
C ASP B 1619 -0.76 21.25 21.95
N ILE B 1620 -2.07 21.00 21.97
CA ILE B 1620 -2.69 20.16 20.96
C ILE B 1620 -2.45 20.78 19.59
N TYR B 1621 -1.78 20.04 18.73
CA TYR B 1621 -1.43 20.54 17.41
C TYR B 1621 -2.71 20.97 16.67
N PRO B 1622 -2.62 21.97 15.80
CA PRO B 1622 -3.83 22.45 15.11
C PRO B 1622 -4.55 21.39 14.28
N SER B 1623 -3.87 20.81 13.30
CA SER B 1623 -4.52 19.89 12.38
C SER B 1623 -4.67 18.54 13.07
N LYS B 1624 -5.88 18.27 13.57
CA LYS B 1624 -6.12 17.15 14.47
C LYS B 1624 -5.58 15.82 13.95
N TRP B 1625 -5.39 15.70 12.64
CA TRP B 1625 -4.83 14.47 12.10
C TRP B 1625 -3.43 14.21 12.65
N ILE B 1626 -2.50 15.15 12.42
CA ILE B 1626 -1.13 14.93 12.84
C ILE B 1626 -1.05 14.84 14.36
N ALA B 1627 -1.87 15.60 15.07
CA ALA B 1627 -1.88 15.50 16.52
C ALA B 1627 -2.34 14.12 16.97
N ARG B 1628 -3.37 13.58 16.33
CA ARG B 1628 -3.81 12.23 16.65
C ARG B 1628 -2.70 11.22 16.35
N LEU B 1629 -1.99 11.40 15.24
CA LEU B 1629 -0.91 10.48 14.90
C LEU B 1629 0.21 10.53 15.93
N ARG B 1630 0.55 11.74 16.38
CA ARG B 1630 1.54 11.86 17.44
C ARG B 1630 1.05 11.21 18.72
N HIS B 1631 -0.22 11.42 19.06
CA HIS B 1631 -0.81 10.73 20.19
C HIS B 1631 -0.57 9.23 20.08
N ILE B 1632 -0.85 8.67 18.91
CA ILE B 1632 -0.75 7.22 18.73
C ILE B 1632 0.69 6.77 18.89
N LYS B 1633 1.61 7.41 18.15
CA LYS B 1633 2.99 6.93 18.16
C LYS B 1633 3.65 7.15 19.52
N ARG B 1634 3.28 8.23 20.22
CA ARG B 1634 3.82 8.46 21.55
C ARG B 1634 3.26 7.45 22.54
N LEU B 1635 1.97 7.11 22.42
CA LEU B 1635 1.41 6.04 23.23
C LEU B 1635 2.19 4.76 23.02
N ARG B 1636 2.40 4.38 21.76
CA ARG B 1636 3.15 3.19 21.43
C ARG B 1636 4.52 3.21 22.11
N GLN B 1637 5.32 4.24 21.83
CA GLN B 1637 6.65 4.32 22.40
C GLN B 1637 6.61 4.35 23.92
N ARG B 1638 5.52 4.85 24.50
CA ARG B 1638 5.38 4.89 25.95
C ARG B 1638 5.16 3.49 26.51
N ILE B 1639 4.46 2.63 25.77
CA ILE B 1639 4.21 1.27 26.24
C ILE B 1639 5.51 0.58 26.61
N CYS B 1640 6.57 0.79 25.83
CA CYS B 1640 7.86 0.19 26.13
C CYS B 1640 8.45 0.77 27.41
N PHE C 75 49.69 -169.63 -10.19
CA PHE C 75 50.45 -169.18 -9.04
C PHE C 75 50.03 -169.90 -7.78
N LYS C 76 49.43 -171.09 -7.94
CA LYS C 76 48.92 -171.84 -6.80
C LYS C 76 50.06 -172.26 -5.88
N VAL C 77 51.07 -172.92 -6.44
CA VAL C 77 52.28 -173.20 -5.66
C VAL C 77 52.85 -171.90 -5.09
N ILE C 78 52.90 -170.85 -5.91
CA ILE C 78 53.35 -169.55 -5.41
C ILE C 78 52.41 -168.99 -4.35
N LYS C 79 51.10 -169.27 -4.47
CA LYS C 79 50.15 -168.81 -3.47
C LYS C 79 50.46 -169.44 -2.10
N ASP C 80 50.55 -170.77 -2.06
CA ASP C 80 50.88 -171.43 -0.81
C ASP C 80 52.27 -171.04 -0.31
N TYR C 81 53.21 -170.79 -1.22
CA TYR C 81 54.55 -170.38 -0.82
C TYR C 81 54.53 -169.04 -0.14
N PRO C 82 53.85 -168.05 -0.73
CA PRO C 82 53.74 -166.75 -0.10
C PRO C 82 52.96 -166.81 1.20
N SER C 83 51.96 -167.71 1.26
CA SER C 83 51.21 -167.89 2.50
C SER C 83 52.14 -168.34 3.63
N ASN C 84 52.88 -169.42 3.39
CA ASN C 84 53.81 -169.92 4.42
C ASN C 84 54.89 -168.91 4.73
N GLU C 85 55.34 -168.16 3.71
CA GLU C 85 56.39 -167.17 3.93
C GLU C 85 55.91 -166.05 4.84
N ASP C 86 54.72 -165.51 4.56
CA ASP C 86 54.18 -164.45 5.40
C ASP C 86 53.88 -164.96 6.80
N LEU C 87 53.38 -166.19 6.91
CA LEU C 87 53.10 -166.75 8.23
C LEU C 87 54.38 -166.89 9.06
N HIS C 88 55.44 -167.41 8.44
CA HIS C 88 56.71 -167.55 9.16
C HIS C 88 57.32 -166.20 9.49
N GLU C 89 57.22 -165.23 8.58
CA GLU C 89 57.75 -163.90 8.84
C GLU C 89 57.04 -163.25 10.01
N ARG C 90 55.71 -163.37 10.07
CA ARG C 90 54.98 -162.86 11.22
C ARG C 90 55.07 -163.78 12.42
N LEU C 91 55.39 -165.05 12.18
CA LEU C 91 55.52 -166.06 13.27
C LEU C 91 56.37 -167.23 12.79
N GLU C 110 50.88 -161.46 19.10
CA GLU C 110 50.01 -160.29 19.32
C GLU C 110 49.46 -159.80 17.97
N LEU C 111 50.36 -159.38 17.07
CA LEU C 111 49.97 -158.88 15.76
C LEU C 111 49.72 -160.01 14.76
N ALA C 112 49.37 -161.21 15.24
CA ALA C 112 49.12 -162.33 14.33
C ALA C 112 48.02 -162.01 13.33
N ASP C 113 47.10 -161.10 13.70
CA ASP C 113 46.08 -160.68 12.75
C ASP C 113 46.69 -160.15 11.46
N PHE C 114 47.78 -159.37 11.58
CA PHE C 114 48.49 -158.91 10.40
C PHE C 114 48.91 -160.08 9.52
N VAL C 115 49.41 -161.15 10.14
CA VAL C 115 49.64 -162.39 9.42
C VAL C 115 48.40 -162.82 8.66
N LEU C 116 47.28 -162.97 9.38
CA LEU C 116 46.02 -163.31 8.74
C LEU C 116 45.68 -162.34 7.62
N GLN C 117 46.09 -161.07 7.76
CA GLN C 117 45.94 -160.10 6.68
C GLN C 117 46.51 -160.64 5.39
N TRP C 118 47.81 -160.97 5.39
CA TRP C 118 48.40 -161.62 4.23
C TRP C 118 47.64 -162.90 3.89
N MET C 119 47.24 -163.66 4.91
CA MET C 119 46.45 -164.86 4.67
C MET C 119 45.17 -164.51 3.92
N ASP C 120 44.49 -163.44 4.33
CA ASP C 120 43.38 -162.94 3.53
C ASP C 120 43.85 -162.54 2.15
N VAL C 121 44.93 -161.75 2.09
CA VAL C 121 45.55 -161.42 0.82
C VAL C 121 46.00 -162.66 0.07
N GLY C 122 46.15 -163.79 0.77
CA GLY C 122 46.49 -165.06 0.13
C GLY C 122 45.40 -165.54 -0.81
N LEU C 123 44.26 -164.86 -0.89
CA LEU C 123 43.22 -165.20 -1.84
C LEU C 123 43.18 -164.23 -3.02
N SER C 124 44.27 -163.50 -3.25
CA SER C 124 44.33 -162.51 -4.33
C SER C 124 44.33 -163.15 -5.71
N SER C 125 44.30 -164.48 -5.77
CA SER C 125 44.30 -165.24 -7.04
C SER C 125 45.41 -164.72 -7.96
N LYS C 136 39.81 -171.76 -3.59
CA LYS C 136 38.72 -170.88 -3.11
C LYS C 136 39.15 -170.18 -1.81
N PHE C 137 38.39 -170.38 -0.74
CA PHE C 137 38.69 -169.77 0.55
C PHE C 137 38.58 -170.77 1.70
N ASN C 138 38.89 -172.05 1.43
CA ASN C 138 38.77 -173.06 2.46
C ASN C 138 39.95 -173.01 3.43
N SER C 139 41.16 -173.21 2.91
CA SER C 139 42.35 -173.04 3.74
C SER C 139 42.41 -171.63 4.30
N CYS C 140 41.87 -170.65 3.57
CA CYS C 140 41.77 -169.29 4.10
C CYS C 140 40.90 -169.26 5.35
N TYR C 141 39.75 -169.95 5.32
CA TYR C 141 38.89 -169.99 6.50
C TYR C 141 39.57 -170.72 7.65
N LEU C 142 40.32 -171.79 7.34
CA LEU C 142 41.04 -172.51 8.40
C LEU C 142 42.07 -171.61 9.06
N ASP C 143 42.88 -170.92 8.26
CA ASP C 143 43.87 -170.00 8.82
C ASP C 143 43.20 -168.85 9.56
N GLU C 144 42.03 -168.41 9.10
CA GLU C 144 41.32 -167.34 9.77
C GLU C 144 40.85 -167.77 11.15
N TYR C 145 40.22 -168.95 11.25
CA TYR C 145 39.78 -169.45 12.55
C TYR C 145 40.98 -169.69 13.47
N ILE C 146 42.08 -170.18 12.91
CA ILE C 146 43.30 -170.37 13.70
C ILE C 146 43.77 -169.05 14.28
N ALA C 147 44.09 -168.09 13.41
CA ALA C 147 44.57 -166.78 13.87
C ALA C 147 43.55 -166.06 14.73
N ARG C 148 42.28 -166.43 14.64
CA ARG C 148 41.29 -165.92 15.58
C ARG C 148 41.51 -166.51 16.96
N MET C 149 41.61 -167.83 17.05
CA MET C 149 42.01 -168.46 18.30
C MET C 149 43.49 -168.27 18.61
N VAL C 150 44.26 -167.70 17.68
CA VAL C 150 45.68 -167.42 17.84
C VAL C 150 45.99 -165.97 17.49
N GLN C 151 45.21 -165.05 18.06
CA GLN C 151 45.42 -163.63 17.84
C GLN C 151 46.76 -163.17 18.39
N SER C 162 45.22 -152.27 15.72
CA SER C 162 44.51 -151.01 15.61
C SER C 162 44.21 -150.66 14.16
N SER C 163 45.09 -149.86 13.55
CA SER C 163 44.90 -149.48 12.15
C SER C 163 45.15 -150.63 11.20
N VAL C 164 45.89 -151.65 11.63
CA VAL C 164 46.11 -152.83 10.79
C VAL C 164 44.79 -153.55 10.54
N ASP C 165 44.03 -153.81 11.60
CA ASP C 165 42.71 -154.42 11.44
C ASP C 165 41.78 -153.52 10.62
N ILE C 166 41.95 -152.21 10.73
CA ILE C 166 41.13 -151.29 9.95
C ILE C 166 41.40 -151.45 8.46
N GLU C 167 42.68 -151.38 8.07
CA GLU C 167 43.04 -151.57 6.66
C GLU C 167 42.67 -152.97 6.17
N VAL C 168 42.73 -153.97 7.06
CA VAL C 168 42.36 -155.33 6.68
C VAL C 168 40.87 -155.44 6.38
N SER C 169 40.04 -154.92 7.28
CA SER C 169 38.59 -154.93 7.05
C SER C 169 38.21 -154.07 5.86
N LEU C 170 38.98 -153.01 5.57
CA LEU C 170 38.70 -152.20 4.40
C LEU C 170 39.04 -152.96 3.12
N GLN C 171 40.19 -153.64 3.10
CA GLN C 171 40.58 -154.41 1.91
C GLN C 171 39.71 -155.65 1.74
N VAL C 172 39.11 -156.15 2.82
CA VAL C 172 38.27 -157.34 2.72
C VAL C 172 37.08 -157.08 1.81
N LEU C 173 36.37 -155.98 2.03
CA LEU C 173 35.19 -155.64 1.26
C LEU C 173 35.52 -154.91 -0.04
N ASP C 174 36.77 -155.01 -0.51
CA ASP C 174 37.14 -154.33 -1.74
C ASP C 174 36.45 -154.97 -2.95
N ALA C 175 36.67 -156.28 -3.14
CA ALA C 175 36.04 -156.98 -4.26
C ALA C 175 34.67 -157.53 -3.90
N VAL C 176 34.28 -157.48 -2.63
CA VAL C 176 32.98 -157.98 -2.19
C VAL C 176 32.21 -156.91 -1.43
N PRO C 183 30.18 -167.26 3.93
CA PRO C 183 31.23 -168.27 3.79
C PRO C 183 32.42 -167.93 4.67
N ALA C 184 33.62 -168.09 4.12
CA ALA C 184 34.83 -167.73 4.85
C ALA C 184 34.86 -166.23 5.16
N GLU C 185 34.27 -165.41 4.29
CA GLU C 185 34.24 -163.98 4.52
C GLU C 185 33.40 -163.62 5.74
N SER C 186 32.38 -164.43 6.06
CA SER C 186 31.59 -164.18 7.26
C SER C 186 32.43 -164.38 8.51
N LEU C 187 33.16 -165.50 8.58
CA LEU C 187 34.06 -165.72 9.71
C LEU C 187 35.16 -164.67 9.74
N PRO C 188 35.60 -164.19 8.58
CA PRO C 188 36.61 -163.14 8.55
C PRO C 188 36.07 -161.84 9.11
N LEU C 189 34.80 -161.52 8.80
CA LEU C 189 34.17 -160.34 9.39
C LEU C 189 34.04 -160.50 10.89
N PHE C 190 33.61 -161.68 11.35
CA PHE C 190 33.52 -161.92 12.79
C PHE C 190 34.89 -161.78 13.45
N ILE C 191 35.95 -162.23 12.78
CA ILE C 191 37.29 -162.17 13.37
C ILE C 191 37.79 -160.73 13.42
N VAL C 192 37.60 -159.97 12.33
CA VAL C 192 37.98 -158.56 12.35
C VAL C 192 37.20 -157.80 13.41
N THR C 193 35.93 -158.16 13.61
CA THR C 193 35.12 -157.51 14.64
C THR C 193 35.65 -157.83 16.03
N LEU C 194 35.93 -159.11 16.30
CA LEU C 194 36.49 -159.49 17.59
C LEU C 194 37.84 -158.83 17.82
N CYS C 195 38.64 -158.67 16.76
CA CYS C 195 39.93 -158.02 16.90
C CYS C 195 39.77 -156.55 17.26
N ARG C 196 38.98 -155.81 16.48
CA ARG C 196 38.78 -154.40 16.76
C ARG C 196 38.10 -154.19 18.12
N THR C 197 37.32 -155.16 18.59
CA THR C 197 36.67 -155.04 19.89
C THR C 197 37.65 -155.28 21.03
N ILE C 198 38.35 -156.43 21.01
CA ILE C 198 39.32 -156.75 22.05
C ILE C 198 40.59 -155.92 21.96
N ASN C 199 40.72 -155.05 20.95
CA ASN C 199 41.89 -154.18 20.86
C ASN C 199 41.94 -153.11 21.94
N VAL C 200 41.01 -153.12 22.89
CA VAL C 200 41.02 -152.18 24.01
C VAL C 200 41.55 -152.80 25.29
N LYS C 201 42.46 -153.77 25.16
CA LYS C 201 43.03 -154.44 26.32
C LYS C 201 44.40 -155.03 25.99
N ASN C 213 25.65 -158.34 21.80
CA ASN C 213 24.20 -158.13 21.73
C ASN C 213 23.81 -157.62 20.35
N LEU C 214 23.97 -156.31 20.15
CA LEU C 214 23.66 -155.67 18.88
C LEU C 214 24.89 -155.07 18.21
N LEU C 215 26.08 -155.30 18.76
CA LEU C 215 27.31 -154.79 18.19
C LEU C 215 27.99 -155.79 17.25
N GLY C 216 27.50 -157.02 17.18
CA GLY C 216 28.09 -158.05 16.34
C GLY C 216 27.14 -158.54 15.26
N THR C 217 25.92 -158.92 15.63
CA THR C 217 24.99 -159.48 14.65
C THR C 217 24.57 -158.45 13.60
N HIS C 218 24.58 -157.17 13.97
CA HIS C 218 24.19 -156.13 13.02
C HIS C 218 25.15 -156.05 11.84
N LEU C 219 26.46 -155.99 12.13
CA LEU C 219 27.44 -155.98 11.06
C LEU C 219 27.43 -157.27 10.27
N GLY C 220 27.08 -158.39 10.92
CA GLY C 220 26.97 -159.65 10.19
C GLY C 220 25.83 -159.60 9.18
N HIS C 221 24.67 -159.10 9.61
CA HIS C 221 23.55 -158.94 8.69
C HIS C 221 23.89 -157.96 7.57
N SER C 222 24.64 -156.90 7.89
CA SER C 222 25.05 -155.94 6.88
C SER C 222 25.95 -156.59 5.83
N ALA C 223 26.97 -157.32 6.28
CA ALA C 223 27.84 -158.03 5.35
C ALA C 223 27.09 -159.07 4.54
N ILE C 224 26.09 -159.72 5.15
CA ILE C 224 25.25 -160.68 4.44
C ILE C 224 24.09 -160.00 3.71
N TYR C 225 24.09 -158.67 3.62
CA TYR C 225 23.10 -157.93 2.86
C TYR C 225 23.67 -157.38 1.55
N ASN C 226 24.87 -157.79 1.17
CA ASN C 226 25.49 -157.33 -0.08
C ASN C 226 25.74 -158.51 -1.01
N MET C 231 29.47 -151.78 1.23
CA MET C 231 30.71 -151.02 1.39
C MET C 231 31.40 -151.39 2.68
N GLU C 232 31.39 -150.48 3.66
CA GLU C 232 32.05 -150.72 4.94
C GLU C 232 31.20 -150.23 6.11
N ASP C 233 29.88 -150.22 5.97
CA ASP C 233 29.03 -149.86 7.10
C ASP C 233 29.13 -150.89 8.22
N ARG C 234 29.11 -152.18 7.86
CA ARG C 234 29.38 -153.22 8.84
C ARG C 234 30.73 -153.02 9.51
N ALA C 235 31.70 -152.51 8.76
CA ALA C 235 33.01 -152.25 9.33
C ALA C 235 32.92 -151.21 10.44
N TYR C 236 32.15 -150.15 10.23
CA TYR C 236 31.94 -149.17 11.29
C TYR C 236 31.21 -149.79 12.47
N MET C 237 30.09 -150.47 12.20
CA MET C 237 29.28 -151.04 13.27
C MET C 237 30.07 -152.04 14.11
N GLU C 238 31.08 -152.67 13.53
CA GLU C 238 31.91 -153.62 14.27
C GLU C 238 33.06 -152.93 14.98
N ASP C 239 33.90 -152.20 14.24
CA ASP C 239 35.10 -151.60 14.79
C ASP C 239 34.81 -150.47 15.77
N ALA C 240 33.59 -149.96 15.83
CA ALA C 240 33.29 -148.95 16.84
C ALA C 240 33.16 -149.53 18.23
N PRO C 241 33.24 -150.86 18.38
CA PRO C 241 32.99 -151.49 19.68
C PRO C 241 34.00 -151.04 20.73
N LEU C 242 35.23 -150.74 20.33
CA LEU C 242 36.26 -150.30 21.26
C LEU C 242 36.77 -148.90 20.98
N LEU C 243 37.20 -148.63 19.75
CA LEU C 243 37.80 -147.35 19.39
C LEU C 243 37.01 -146.71 18.25
N ARG C 244 37.52 -145.58 17.77
CA ARG C 244 36.82 -144.78 16.78
C ARG C 244 37.62 -144.49 15.52
N GLY C 245 38.94 -144.31 15.64
CA GLY C 245 39.75 -144.00 14.45
C GLY C 245 39.62 -145.10 13.41
N ALA C 246 39.79 -146.36 13.82
CA ALA C 246 39.52 -147.47 12.91
C ALA C 246 38.09 -147.42 12.40
N VAL C 247 37.14 -147.17 13.30
CA VAL C 247 35.74 -147.04 12.87
C VAL C 247 35.53 -145.78 12.04
N PHE C 248 36.35 -144.75 12.24
CA PHE C 248 36.27 -143.56 11.38
C PHE C 248 36.64 -143.92 9.94
N PHE C 249 37.78 -144.57 9.75
CA PHE C 249 38.13 -145.05 8.42
C PHE C 249 37.11 -146.04 7.89
N VAL C 250 36.49 -146.80 8.79
CA VAL C 250 35.46 -147.76 8.38
C VAL C 250 34.25 -147.05 7.79
N GLY C 251 33.73 -146.04 8.49
CA GLY C 251 32.61 -145.27 7.97
C GLY C 251 33.00 -144.50 6.72
N MET C 252 34.27 -144.07 6.63
CA MET C 252 34.73 -143.42 5.41
C MET C 252 34.63 -144.36 4.22
N ALA C 253 35.17 -145.57 4.36
CA ALA C 253 35.06 -146.57 3.30
C ALA C 253 33.61 -146.97 3.07
N LEU C 254 32.76 -146.84 4.10
CA LEU C 254 31.34 -147.08 3.93
C LEU C 254 30.72 -146.04 3.00
N TRP C 255 31.14 -144.79 3.13
CA TRP C 255 30.60 -143.73 2.27
C TRP C 255 30.88 -144.03 0.80
N GLY C 256 32.15 -144.07 0.43
CA GLY C 256 32.53 -144.30 -0.96
C GLY C 256 32.61 -145.78 -1.28
N PRO C 267 19.57 -150.34 0.85
CA PRO C 267 19.63 -148.97 1.35
C PRO C 267 19.06 -148.83 2.76
N THR C 268 17.83 -149.29 2.96
CA THR C 268 17.19 -149.21 4.26
C THR C 268 17.44 -150.45 5.10
N SER C 269 17.85 -151.56 4.48
CA SER C 269 18.08 -152.79 5.23
C SER C 269 19.11 -152.61 6.34
N VAL C 270 20.09 -151.73 6.14
CA VAL C 270 21.09 -151.46 7.18
C VAL C 270 20.52 -150.64 8.33
N LEU C 271 19.38 -150.00 8.14
CA LEU C 271 18.90 -149.05 9.12
C LEU C 271 18.34 -149.72 10.38
N PRO C 272 17.64 -150.86 10.29
CA PRO C 272 17.32 -151.59 11.54
C PRO C 272 18.57 -151.99 12.30
N SER C 273 19.61 -152.43 11.59
CA SER C 273 20.87 -152.79 12.25
C SER C 273 21.47 -151.58 12.96
N PHE C 274 21.50 -150.42 12.30
CA PHE C 274 21.98 -149.21 12.96
C PHE C 274 21.11 -148.87 14.17
N TYR C 275 19.78 -148.92 13.99
CA TYR C 275 18.87 -148.47 15.03
C TYR C 275 18.97 -149.33 16.28
N GLN C 276 19.08 -150.65 16.12
CA GLN C 276 19.21 -151.50 17.28
C GLN C 276 20.64 -151.51 17.82
N ALA C 277 21.64 -151.31 16.95
CA ALA C 277 23.02 -151.19 17.43
C ALA C 277 23.21 -149.88 18.18
N MET C 278 22.69 -148.78 17.63
CA MET C 278 22.62 -147.54 18.40
C MET C 278 21.80 -147.72 19.66
N ALA C 279 20.85 -148.66 19.64
CA ALA C 279 20.08 -148.97 20.83
C ALA C 279 20.89 -149.86 21.76
N CYS C 280 22.12 -149.42 22.05
CA CYS C 280 22.99 -150.09 23.01
C CYS C 280 23.86 -149.00 23.62
N PRO C 281 23.46 -148.46 24.78
CA PRO C 281 24.10 -147.24 25.29
C PRO C 281 25.60 -147.33 25.44
N ASN C 282 26.31 -146.54 24.64
CA ASN C 282 27.75 -146.39 24.71
C ASN C 282 28.13 -145.16 23.90
N GLU C 283 29.28 -144.59 24.24
CA GLU C 283 29.70 -143.32 23.64
C GLU C 283 30.43 -143.49 22.31
N VAL C 284 31.28 -144.51 22.20
CA VAL C 284 32.11 -144.64 21.00
C VAL C 284 31.26 -145.06 19.81
N VAL C 285 30.38 -146.06 19.99
CA VAL C 285 29.56 -146.53 18.89
C VAL C 285 28.58 -145.46 18.44
N SER C 286 27.93 -144.78 19.38
CA SER C 286 27.03 -143.69 19.03
C SER C 286 27.77 -142.56 18.34
N TYR C 287 28.99 -142.26 18.82
CA TYR C 287 29.80 -141.21 18.22
C TYR C 287 30.14 -141.52 16.77
N GLU C 288 30.56 -142.76 16.51
CA GLU C 288 30.88 -143.15 15.14
C GLU C 288 29.63 -143.21 14.27
N ILE C 289 28.49 -143.60 14.83
CA ILE C 289 27.25 -143.58 14.06
C ILE C 289 26.88 -142.16 13.70
N VAL C 290 27.07 -141.22 14.63
CA VAL C 290 26.82 -139.80 14.34
C VAL C 290 27.72 -139.32 13.22
N LEU C 291 29.00 -139.73 13.23
CA LEU C 291 29.90 -139.35 12.15
C LEU C 291 29.43 -139.94 10.82
N SER C 292 28.99 -141.20 10.82
CA SER C 292 28.47 -141.82 9.61
C SER C 292 27.24 -141.09 9.11
N ILE C 293 26.43 -140.54 10.02
CA ILE C 293 25.26 -139.78 9.60
C ILE C 293 25.67 -138.44 9.01
N THR C 294 26.64 -137.76 9.64
CA THR C 294 27.22 -136.56 9.04
C THR C 294 27.70 -136.84 7.62
N ARG C 295 28.23 -138.04 7.40
CA ARG C 295 28.65 -138.42 6.05
C ARG C 295 27.43 -138.61 5.14
N LEU C 296 26.50 -139.47 5.54
CA LEU C 296 25.44 -139.90 4.63
C LEU C 296 24.45 -138.78 4.31
N ILE C 297 24.27 -137.82 5.22
CA ILE C 297 23.32 -136.74 4.95
C ILE C 297 23.75 -135.95 3.73
N LYS C 298 25.04 -135.94 3.42
CA LYS C 298 25.53 -135.27 2.22
C LYS C 298 25.26 -136.08 0.96
N LYS C 299 24.99 -137.37 1.09
CA LYS C 299 24.72 -138.21 -0.07
C LYS C 299 23.47 -139.08 0.16
N TRP C 309 17.97 -138.33 -1.79
CA TRP C 309 17.82 -139.49 -0.91
C TRP C 309 16.44 -140.12 -1.07
N ASP C 310 16.21 -141.22 -0.36
CA ASP C 310 14.92 -141.91 -0.34
C ASP C 310 14.22 -141.60 0.96
N ILE C 311 12.93 -141.25 0.89
CA ILE C 311 12.25 -140.63 2.03
C ILE C 311 12.25 -141.55 3.24
N LEU C 312 12.04 -142.85 3.04
CA LEU C 312 11.99 -143.76 4.18
C LEU C 312 13.32 -143.85 4.90
N LEU C 313 14.43 -143.69 4.17
CA LEU C 313 15.73 -143.55 4.83
C LEU C 313 15.72 -142.36 5.77
N ASN C 314 15.21 -141.22 5.29
CA ASN C 314 15.08 -140.04 6.14
C ASN C 314 14.21 -140.31 7.34
N ILE C 315 13.17 -141.13 7.17
CA ILE C 315 12.25 -141.40 8.29
C ILE C 315 12.93 -142.26 9.34
N ILE C 316 13.59 -143.34 8.92
CA ILE C 316 14.27 -144.19 9.88
C ILE C 316 15.42 -143.45 10.53
N GLU C 317 16.03 -142.49 9.83
CA GLU C 317 17.06 -141.71 10.51
C GLU C 317 16.47 -140.66 11.42
N ARG C 318 15.26 -140.19 11.16
CA ARG C 318 14.52 -139.44 12.17
C ARG C 318 14.40 -140.27 13.44
N LEU C 319 13.98 -141.53 13.28
CA LEU C 319 13.90 -142.43 14.42
C LEU C 319 15.26 -142.57 15.11
N LEU C 320 16.32 -142.69 14.31
CA LEU C 320 17.67 -142.80 14.86
C LEU C 320 18.02 -141.57 15.67
N GLN C 321 17.63 -140.39 15.19
CA GLN C 321 17.90 -139.15 15.92
C GLN C 321 17.07 -139.09 17.20
N GLN C 322 15.85 -139.62 17.18
CA GLN C 322 15.06 -139.70 18.41
C GLN C 322 15.75 -140.57 19.44
N LEU C 323 16.21 -141.76 19.02
CA LEU C 323 16.92 -142.63 19.96
C LEU C 323 18.23 -142.00 20.42
N GLN C 324 18.87 -141.22 19.55
CA GLN C 324 20.07 -140.49 19.95
C GLN C 324 19.74 -139.49 21.04
N THR C 325 18.70 -138.67 20.83
CA THR C 325 18.28 -137.73 21.86
C THR C 325 17.95 -138.46 23.15
N LEU C 326 17.41 -139.67 23.06
CA LEU C 326 17.24 -140.50 24.24
C LEU C 326 18.58 -140.81 24.89
N ASP C 327 19.59 -141.13 24.08
CA ASP C 327 20.91 -141.47 24.60
C ASP C 327 21.66 -140.27 25.16
N SER C 328 21.28 -139.06 24.77
CA SER C 328 22.05 -137.84 25.02
C SER C 328 22.07 -137.36 26.46
N PRO C 329 20.92 -137.20 27.14
CA PRO C 329 20.91 -136.37 28.36
C PRO C 329 21.72 -136.95 29.51
N GLU C 330 21.80 -138.28 29.62
CA GLU C 330 22.51 -138.87 30.75
C GLU C 330 24.02 -138.86 30.51
N LEU C 331 24.45 -139.42 29.38
CA LEU C 331 25.87 -139.47 29.03
C LEU C 331 26.22 -138.19 28.27
N ARG C 332 26.40 -137.11 29.04
CA ARG C 332 26.65 -135.79 28.47
C ARG C 332 28.14 -135.47 28.56
N THR C 333 28.77 -135.30 27.41
CA THR C 333 30.16 -134.87 27.31
C THR C 333 30.25 -133.96 26.10
N ILE C 334 31.10 -132.93 26.20
CA ILE C 334 31.12 -131.84 25.23
C ILE C 334 31.19 -132.37 23.79
N VAL C 335 31.97 -133.43 23.57
CA VAL C 335 32.18 -133.93 22.22
C VAL C 335 30.88 -134.43 21.61
N HIS C 336 30.25 -135.42 22.26
CA HIS C 336 29.05 -136.03 21.70
C HIS C 336 27.91 -135.03 21.62
N ASP C 337 27.72 -134.23 22.67
CA ASP C 337 26.63 -133.27 22.68
C ASP C 337 26.82 -132.21 21.61
N LEU C 338 28.06 -131.73 21.41
CA LEU C 338 28.31 -130.75 20.38
C LEU C 338 28.09 -131.33 18.98
N LEU C 339 28.55 -132.57 18.76
CA LEU C 339 28.30 -133.20 17.46
C LEU C 339 26.82 -133.36 17.20
N THR C 340 26.07 -133.78 18.21
CA THR C 340 24.63 -133.93 18.05
C THR C 340 23.96 -132.59 17.75
N THR C 341 24.41 -131.53 18.42
CA THR C 341 23.80 -130.22 18.20
C THR C 341 24.10 -129.70 16.80
N VAL C 342 25.34 -129.86 16.32
CA VAL C 342 25.63 -129.38 14.97
C VAL C 342 24.95 -130.25 13.93
N GLU C 343 24.72 -131.54 14.25
CA GLU C 343 23.93 -132.36 13.34
C GLU C 343 22.47 -131.91 13.31
N GLU C 344 21.94 -131.48 14.46
CA GLU C 344 20.64 -130.83 14.48
C GLU C 344 20.62 -129.63 13.54
N LEU C 345 21.62 -128.74 13.71
CA LEU C 345 21.76 -127.58 12.83
C LEU C 345 21.64 -127.98 11.36
N CYS C 346 22.55 -128.85 10.91
CA CYS C 346 22.57 -129.18 9.48
C CYS C 346 21.31 -129.92 9.05
N ASP C 347 20.66 -130.66 9.96
CA ASP C 347 19.35 -131.23 9.67
C ASP C 347 18.37 -130.12 9.31
N GLN C 348 18.36 -129.05 10.10
CA GLN C 348 17.48 -127.92 9.77
C GLN C 348 17.98 -127.12 8.57
N ASN C 349 19.25 -127.29 8.17
CA ASN C 349 19.83 -126.49 7.12
C ASN C 349 19.55 -127.04 5.72
N GLU C 350 19.81 -128.33 5.50
CA GLU C 350 19.66 -128.92 4.18
C GLU C 350 18.23 -128.83 3.63
N PHE C 351 17.27 -128.38 4.44
CA PHE C 351 15.88 -128.21 4.01
C PHE C 351 15.78 -127.25 2.84
N TYR C 358 11.67 -134.14 9.73
CA TYR C 358 12.37 -133.45 8.66
C TYR C 358 11.72 -132.12 8.35
N PHE C 359 10.39 -132.09 8.39
CA PHE C 359 9.63 -130.86 8.21
C PHE C 359 8.74 -130.54 9.41
N GLU C 360 8.11 -131.55 9.99
CA GLU C 360 7.29 -131.38 11.18
C GLU C 360 7.81 -132.20 12.36
N LEU C 361 8.34 -133.39 12.11
CA LEU C 361 8.99 -134.14 13.18
C LEU C 361 10.33 -133.54 13.56
N VAL C 362 10.92 -132.73 12.69
CA VAL C 362 12.12 -131.98 13.06
C VAL C 362 11.78 -131.02 14.19
N GLU C 363 10.59 -130.40 14.14
CA GLU C 363 10.14 -129.56 15.23
C GLU C 363 10.04 -130.36 16.52
N ARG C 364 9.49 -131.57 16.44
CA ARG C 364 9.39 -132.43 17.61
C ARG C 364 10.76 -132.72 18.19
N CYS C 365 11.69 -133.15 17.33
CA CYS C 365 13.04 -133.46 17.79
C CYS C 365 13.69 -132.24 18.44
N ALA C 366 13.54 -131.07 17.83
CA ALA C 366 14.09 -129.85 18.42
C ALA C 366 13.50 -129.59 19.79
N ASP C 367 12.17 -129.72 19.91
CA ASP C 367 11.52 -129.47 21.18
C ASP C 367 11.72 -130.60 22.18
N GLN C 368 12.35 -131.70 21.78
CA GLN C 368 12.68 -132.75 22.74
C GLN C 368 13.62 -132.22 23.82
N ARG C 369 14.80 -131.76 23.41
CA ARG C 369 15.74 -131.07 24.30
C ARG C 369 16.18 -129.79 23.61
N PRO C 370 15.31 -128.78 23.58
CA PRO C 370 15.70 -127.49 23.01
C PRO C 370 16.55 -126.64 23.95
N GLU C 371 16.89 -127.15 25.12
CA GLU C 371 17.68 -126.40 26.07
C GLU C 371 19.12 -126.26 25.59
N SER C 372 19.66 -125.05 25.71
CA SER C 372 21.03 -124.75 25.29
C SER C 372 21.28 -125.17 23.85
N SER C 373 20.26 -124.98 23.00
CA SER C 373 20.33 -125.36 21.60
C SER C 373 20.76 -124.22 20.70
N LEU C 374 21.63 -123.34 21.21
CA LEU C 374 22.22 -122.17 20.54
C LEU C 374 21.24 -121.01 20.51
N LEU C 375 20.10 -121.11 21.19
CA LEU C 375 19.10 -120.06 21.32
C LEU C 375 18.55 -119.59 19.97
N ASN C 376 18.88 -120.29 18.90
CA ASN C 376 18.38 -119.99 17.56
C ASN C 376 17.56 -121.13 16.98
N LEU C 377 17.96 -122.37 17.21
CA LEU C 377 17.08 -123.50 16.89
C LEU C 377 15.76 -123.37 17.62
N ILE C 378 15.78 -122.80 18.83
CA ILE C 378 14.55 -122.38 19.48
C ILE C 378 13.82 -121.39 18.58
N SER C 379 14.52 -120.35 18.14
CA SER C 379 13.92 -119.41 17.20
C SER C 379 13.58 -120.09 15.88
N TYR C 380 14.40 -121.06 15.45
CA TYR C 380 14.10 -121.78 14.22
C TYR C 380 12.76 -122.48 14.30
N ARG C 381 12.49 -123.14 15.43
CA ARG C 381 11.20 -123.80 15.60
C ARG C 381 10.08 -122.77 15.72
N ALA C 382 10.33 -121.68 16.46
CA ALA C 382 9.28 -120.69 16.65
C ALA C 382 8.96 -119.94 15.35
N GLN C 383 9.85 -120.00 14.36
CA GLN C 383 9.56 -119.42 13.06
C GLN C 383 9.08 -120.44 12.04
N SER C 384 9.41 -121.72 12.23
CA SER C 384 8.88 -122.75 11.33
C SER C 384 7.40 -122.97 11.53
N ILE C 385 6.88 -122.64 12.71
CA ILE C 385 5.44 -122.64 12.96
C ILE C 385 4.78 -121.37 12.45
N HIS C 386 5.55 -120.34 12.13
CA HIS C 386 5.02 -119.05 11.69
C HIS C 386 4.31 -119.13 10.34
N PRO C 387 4.72 -120.02 9.41
CA PRO C 387 3.90 -120.22 8.20
C PRO C 387 2.44 -120.54 8.50
N ALA C 388 2.13 -120.91 9.74
CA ALA C 388 0.75 -121.07 10.19
C ALA C 388 0.24 -119.72 10.71
N LYS C 389 0.27 -118.72 9.83
CA LYS C 389 -0.22 -117.39 10.15
C LYS C 389 -1.74 -117.32 10.19
N ASP C 390 -2.42 -118.19 9.44
CA ASP C 390 -3.88 -118.29 9.54
C ASP C 390 -4.27 -118.90 10.87
N GLY C 391 -3.84 -120.13 11.13
CA GLY C 391 -4.19 -120.82 12.35
C GLY C 391 -5.68 -120.85 12.56
N TRP C 392 -6.45 -121.18 11.52
CA TRP C 392 -7.90 -121.22 11.66
C TRP C 392 -8.33 -122.23 12.71
N ILE C 393 -7.46 -123.22 13.00
CA ILE C 393 -7.68 -124.10 14.15
C ILE C 393 -7.23 -123.43 15.44
N GLN C 394 -6.50 -122.32 15.36
CA GLN C 394 -5.94 -121.63 16.52
C GLN C 394 -5.04 -122.55 17.33
N ASN C 395 -4.22 -123.33 16.63
CA ASN C 395 -3.14 -124.07 17.26
C ASN C 395 -1.95 -123.18 17.58
N LEU C 396 -1.81 -122.06 16.85
CA LEU C 396 -0.73 -121.11 17.11
C LEU C 396 -0.75 -120.62 18.54
N GLN C 397 -1.93 -120.60 19.16
CA GLN C 397 -2.01 -120.24 20.57
C GLN C 397 -1.29 -121.27 21.44
N ALA C 398 -1.59 -122.55 21.23
CA ALA C 398 -0.87 -123.61 21.93
C ALA C 398 0.62 -123.53 21.65
N LEU C 399 0.99 -123.25 20.39
CA LEU C 399 2.41 -123.18 20.03
C LEU C 399 3.11 -122.05 20.78
N MET C 400 2.51 -120.86 20.81
CA MET C 400 3.13 -119.73 21.48
C MET C 400 3.16 -119.93 22.99
N GLU C 401 2.15 -120.59 23.55
CA GLU C 401 2.09 -120.73 25.00
C GLU C 401 3.17 -121.67 25.51
N ARG C 402 3.49 -122.72 24.75
CA ARG C 402 4.39 -123.78 25.23
C ARG C 402 5.73 -123.24 25.71
N PHE C 403 6.17 -122.10 25.19
CA PHE C 403 7.36 -121.43 25.66
C PHE C 403 7.10 -120.05 26.23
N PHE C 404 5.92 -119.48 26.01
CA PHE C 404 5.66 -118.12 26.46
C PHE C 404 5.83 -118.01 27.96
N ARG C 405 6.16 -116.80 28.42
CA ARG C 405 6.34 -116.44 29.83
C ARG C 405 7.25 -117.42 30.55
N SER C 406 7.96 -118.26 29.80
CA SER C 406 8.94 -119.19 30.35
C SER C 406 10.14 -119.15 29.41
N GLU C 407 11.06 -118.22 29.66
CA GLU C 407 12.23 -118.04 28.81
C GLU C 407 13.40 -117.67 29.69
N SER C 408 14.39 -118.55 29.77
CA SER C 408 15.61 -118.20 30.49
C SER C 408 16.46 -117.20 29.72
N ARG C 409 16.02 -116.78 28.54
CA ARG C 409 16.70 -115.76 27.76
C ARG C 409 15.65 -114.77 27.23
N GLY C 410 15.82 -113.50 27.60
CA GLY C 410 14.87 -112.49 27.17
C GLY C 410 14.74 -112.37 25.66
N ALA C 411 15.77 -112.77 24.92
CA ALA C 411 15.69 -112.71 23.46
C ALA C 411 14.65 -113.68 22.91
N VAL C 412 14.46 -114.82 23.57
CA VAL C 412 13.43 -115.77 23.14
C VAL C 412 12.06 -115.14 23.24
N ARG C 413 11.75 -114.56 24.40
CA ARG C 413 10.46 -113.88 24.54
C ARG C 413 10.39 -112.65 23.66
N ILE C 414 11.52 -112.04 23.34
CA ILE C 414 11.55 -110.97 22.34
C ILE C 414 11.01 -111.49 21.02
N LYS C 415 11.57 -112.61 20.55
CA LYS C 415 11.16 -113.14 19.25
C LYS C 415 9.70 -113.55 19.26
N VAL C 416 9.26 -114.23 20.31
CA VAL C 416 7.85 -114.65 20.34
C VAL C 416 6.94 -113.44 20.44
N LEU C 417 7.37 -112.39 21.14
CA LEU C 417 6.60 -111.15 21.20
C LEU C 417 6.48 -110.52 19.83
N ASP C 418 7.57 -110.52 19.06
CA ASP C 418 7.51 -109.97 17.71
C ASP C 418 6.59 -110.81 16.83
N VAL C 419 6.62 -112.14 17.02
CA VAL C 419 5.73 -113.02 16.28
C VAL C 419 4.27 -112.65 16.57
N LEU C 420 3.93 -112.56 17.85
CA LEU C 420 2.56 -112.28 18.26
C LEU C 420 2.23 -110.80 18.27
N SER C 421 3.14 -109.95 17.77
CA SER C 421 2.86 -108.52 17.67
C SER C 421 1.56 -108.28 16.91
N PHE C 422 1.45 -108.89 15.75
CA PHE C 422 0.19 -108.98 15.02
C PHE C 422 0.31 -110.16 14.08
N VAL C 423 -0.64 -110.26 13.15
CA VAL C 423 -0.70 -111.35 12.21
C VAL C 423 -0.77 -110.79 10.80
N LEU C 424 -0.87 -111.69 9.82
CA LEU C 424 -0.86 -111.27 8.43
C LEU C 424 -2.07 -110.40 8.10
N LEU C 425 -3.23 -110.71 8.66
CA LEU C 425 -4.49 -110.06 8.30
C LEU C 425 -4.97 -109.16 9.43
N ILE C 426 -6.07 -108.46 9.15
CA ILE C 426 -6.84 -107.82 10.21
C ILE C 426 -7.81 -108.87 10.73
N ASN C 427 -7.34 -109.69 11.66
CA ASN C 427 -8.09 -110.84 12.15
C ASN C 427 -9.02 -110.46 13.29
N ARG C 428 -9.41 -109.19 13.40
CA ARG C 428 -10.15 -108.75 14.56
C ARG C 428 -11.49 -109.46 14.67
N GLN C 429 -12.26 -109.49 13.57
CA GLN C 429 -13.56 -110.17 13.57
C GLN C 429 -13.43 -111.63 13.97
N PHE C 430 -12.43 -112.31 13.45
CA PHE C 430 -12.32 -113.75 13.62
C PHE C 430 -11.47 -114.16 14.82
N TYR C 431 -10.59 -113.28 15.32
CA TYR C 431 -9.66 -113.71 16.35
C TYR C 431 -9.67 -112.81 17.58
N GLU C 432 -9.90 -111.51 17.39
CA GLU C 432 -9.55 -110.53 18.42
C GLU C 432 -10.18 -110.85 19.77
N GLU C 433 -11.43 -111.33 19.75
CA GLU C 433 -12.15 -111.65 20.99
C GLU C 433 -11.34 -112.57 21.89
N GLU C 434 -11.01 -113.76 21.38
CA GLU C 434 -10.20 -114.69 22.17
C GLU C 434 -8.77 -114.20 22.33
N LEU C 435 -8.24 -113.52 21.31
CA LEU C 435 -6.85 -113.08 21.35
C LEU C 435 -6.62 -112.20 22.56
N ILE C 436 -7.24 -111.01 22.58
CA ILE C 436 -6.96 -110.02 23.62
C ILE C 436 -6.95 -110.67 24.99
N ASN C 437 -7.95 -111.51 25.25
CA ASN C 437 -8.04 -112.20 26.53
C ASN C 437 -6.83 -113.10 26.76
N SER C 438 -6.62 -114.07 25.87
CA SER C 438 -5.55 -115.05 26.08
C SER C 438 -4.19 -114.37 26.14
N VAL C 439 -4.00 -113.30 25.37
CA VAL C 439 -2.70 -112.68 25.28
C VAL C 439 -2.42 -111.79 26.48
N VAL C 440 -3.43 -111.09 27.00
CA VAL C 440 -3.18 -110.36 28.24
C VAL C 440 -2.97 -111.35 29.37
N ILE C 441 -3.65 -112.49 29.33
CA ILE C 441 -3.46 -113.51 30.37
C ILE C 441 -2.02 -114.01 30.33
N SER C 442 -1.51 -114.27 29.13
CA SER C 442 -0.13 -114.74 29.01
C SER C 442 0.88 -113.65 29.34
N GLN C 443 0.54 -112.39 29.08
CA GLN C 443 1.45 -111.27 29.29
C GLN C 443 1.32 -110.64 30.67
N LEU C 444 0.47 -111.20 31.54
CA LEU C 444 0.36 -110.71 32.91
C LEU C 444 1.71 -110.54 33.60
N SER C 445 2.75 -111.20 33.11
CA SER C 445 4.10 -111.04 33.65
C SER C 445 4.79 -109.77 33.15
N HIS C 446 4.03 -108.82 32.61
CA HIS C 446 4.61 -107.60 32.07
C HIS C 446 5.36 -106.81 33.15
N ILE C 447 4.63 -106.37 34.18
CA ILE C 447 5.25 -105.53 35.21
C ILE C 447 6.36 -106.25 35.97
N PRO C 448 6.18 -107.49 36.48
CA PRO C 448 7.23 -108.11 37.29
C PRO C 448 8.57 -108.19 36.59
N GLU C 449 8.60 -108.83 35.43
CA GLU C 449 9.82 -108.84 34.63
C GLU C 449 10.15 -107.43 34.18
N ASP C 450 11.36 -106.97 34.50
CA ASP C 450 11.75 -105.58 34.36
C ASP C 450 12.84 -105.38 33.31
N LYS C 451 12.70 -106.05 32.17
CA LYS C 451 13.61 -105.87 31.04
C LYS C 451 12.98 -104.87 30.07
N ASP C 452 13.52 -103.65 30.08
CA ASP C 452 12.85 -102.49 29.48
C ASP C 452 12.38 -102.74 28.06
N HIS C 453 13.14 -103.52 27.29
CA HIS C 453 12.82 -103.72 25.88
C HIS C 453 11.41 -104.26 25.70
N GLN C 454 11.16 -105.46 26.23
CA GLN C 454 9.84 -106.05 26.08
C GLN C 454 8.77 -105.22 26.76
N VAL C 455 9.15 -104.42 27.76
CA VAL C 455 8.19 -103.50 28.38
C VAL C 455 7.64 -102.54 27.34
N ARG C 456 8.53 -101.78 26.69
CA ARG C 456 8.06 -100.86 25.66
C ARG C 456 7.44 -101.61 24.49
N LYS C 457 7.89 -102.83 24.23
CA LYS C 457 7.33 -103.62 23.15
C LYS C 457 5.86 -103.91 23.39
N LEU C 458 5.55 -104.53 24.54
CA LEU C 458 4.16 -104.80 24.88
C LEU C 458 3.36 -103.52 25.00
N ALA C 459 3.99 -102.44 25.47
CA ALA C 459 3.31 -101.15 25.49
C ALA C 459 2.79 -100.81 24.11
N THR C 460 3.71 -100.71 23.15
CA THR C 460 3.34 -100.38 21.78
C THR C 460 2.33 -101.37 21.21
N GLN C 461 2.47 -102.64 21.57
CA GLN C 461 1.58 -103.66 21.02
C GLN C 461 0.16 -103.47 21.51
N LEU C 462 -0.02 -103.23 22.81
CA LEU C 462 -1.34 -102.96 23.33
C LEU C 462 -1.90 -101.66 22.77
N LEU C 463 -1.05 -100.65 22.60
CA LEU C 463 -1.51 -99.38 22.04
C LEU C 463 -2.04 -99.57 20.63
N VAL C 464 -1.31 -100.31 19.79
CA VAL C 464 -1.76 -100.48 18.41
C VAL C 464 -2.95 -101.41 18.34
N ASP C 465 -3.04 -102.42 19.22
CA ASP C 465 -4.20 -103.28 19.22
C ASP C 465 -5.43 -102.62 19.82
N LEU C 466 -5.25 -101.52 20.55
CA LEU C 466 -6.39 -100.72 20.98
C LEU C 466 -6.73 -99.61 20.01
N ALA C 467 -5.79 -99.21 19.15
CA ALA C 467 -6.15 -98.32 18.04
C ALA C 467 -7.33 -98.89 17.26
N GLU C 468 -7.37 -100.21 17.09
CA GLU C 468 -8.57 -100.93 16.70
C GLU C 468 -8.86 -101.95 17.80
N GLY C 469 -9.53 -101.49 18.85
CA GLY C 469 -9.84 -102.34 19.99
C GLY C 469 -11.29 -102.22 20.42
N CYS C 470 -12.19 -102.10 19.44
CA CYS C 470 -13.59 -101.83 19.71
C CYS C 470 -14.35 -103.04 20.25
N HIS C 471 -13.69 -104.18 20.50
CA HIS C 471 -14.38 -105.28 21.15
C HIS C 471 -14.41 -105.09 22.66
N THR C 472 -14.79 -103.89 23.10
CA THR C 472 -14.98 -103.56 24.51
C THR C 472 -13.82 -104.02 25.39
N HIS C 473 -12.63 -104.18 24.81
CA HIS C 473 -11.49 -104.70 25.54
C HIS C 473 -10.46 -103.63 25.88
N HIS C 474 -10.86 -102.37 25.87
CA HIS C 474 -10.04 -101.33 26.47
C HIS C 474 -9.76 -101.62 27.93
N PHE C 475 -10.56 -102.51 28.54
CA PHE C 475 -10.33 -102.92 29.91
C PHE C 475 -8.91 -103.45 30.10
N ASN C 476 -8.61 -104.57 29.46
CA ASN C 476 -7.31 -105.21 29.64
C ASN C 476 -6.19 -104.24 29.29
N SER C 477 -6.24 -103.67 28.08
CA SER C 477 -5.18 -102.80 27.61
C SER C 477 -4.93 -101.66 28.58
N LEU C 478 -5.95 -100.83 28.83
CA LEU C 478 -5.74 -99.63 29.61
C LEU C 478 -5.44 -99.93 31.07
N LEU C 479 -5.97 -101.03 31.60
CA LEU C 479 -5.61 -101.42 32.95
C LEU C 479 -4.14 -101.78 33.04
N ASP C 480 -3.66 -102.60 32.08
CA ASP C 480 -2.23 -102.88 32.01
C ASP C 480 -1.44 -101.58 31.90
N ILE C 481 -1.93 -100.65 31.10
CA ILE C 481 -1.21 -99.39 30.90
C ILE C 481 -1.09 -98.63 32.21
N ILE C 482 -2.20 -98.53 32.96
CA ILE C 482 -2.15 -97.89 34.27
C ILE C 482 -1.16 -98.62 35.16
N GLU C 483 -1.15 -99.95 35.11
CA GLU C 483 -0.13 -100.69 35.85
C GLU C 483 1.28 -100.29 35.43
N LYS C 484 1.46 -99.96 34.15
CA LYS C 484 2.77 -99.51 33.68
C LYS C 484 3.11 -98.15 34.27
N VAL C 485 2.17 -97.19 34.18
CA VAL C 485 2.50 -95.80 34.48
C VAL C 485 2.90 -95.63 35.94
N MET C 486 2.29 -96.39 36.84
CA MET C 486 2.61 -96.27 38.26
C MET C 486 3.82 -97.12 38.65
N ALA C 487 4.60 -97.58 37.68
CA ALA C 487 5.84 -98.27 37.99
C ALA C 487 6.73 -97.36 38.84
N ARG C 488 7.16 -96.25 38.25
CA ARG C 488 7.94 -95.23 38.92
C ARG C 488 8.19 -94.12 37.91
N SER C 489 8.64 -92.96 38.41
CA SER C 489 8.94 -91.85 37.53
C SER C 489 10.22 -91.10 37.85
N LEU C 490 10.86 -91.34 38.99
CA LEU C 490 12.08 -90.65 39.36
C LEU C 490 13.05 -91.65 39.98
N SER C 491 14.33 -91.39 39.80
CA SER C 491 15.38 -92.33 40.22
C SER C 491 15.44 -92.46 41.74
N PRO C 492 15.21 -93.64 42.30
CA PRO C 492 15.39 -93.82 43.75
C PRO C 492 16.84 -93.61 44.18
N PRO C 493 17.82 -94.28 43.57
CA PRO C 493 19.19 -94.15 44.08
C PRO C 493 19.76 -92.78 43.81
N PRO C 494 20.26 -92.10 44.83
CA PRO C 494 20.85 -90.77 44.62
C PRO C 494 22.29 -90.83 44.14
N GLU C 495 22.72 -92.01 43.68
CA GLU C 495 24.06 -92.21 43.16
C GLU C 495 24.09 -92.59 41.69
N LEU C 496 22.93 -92.64 41.02
CA LEU C 496 22.87 -93.08 39.64
C LEU C 496 23.25 -91.97 38.68
N GLU C 497 24.42 -91.36 38.88
CA GLU C 497 24.90 -90.33 37.97
C GLU C 497 25.31 -90.97 36.66
N GLU C 498 24.41 -90.98 35.68
CA GLU C 498 24.56 -91.69 34.41
C GLU C 498 24.70 -93.19 34.60
N ARG C 499 24.61 -93.68 35.84
CA ARG C 499 24.80 -95.10 36.10
C ARG C 499 23.53 -95.89 35.78
N ASP C 500 22.44 -95.61 36.49
CA ASP C 500 21.16 -96.21 36.19
C ASP C 500 20.33 -95.39 35.23
N VAL C 501 20.30 -94.07 35.40
CA VAL C 501 19.42 -93.17 34.64
C VAL C 501 19.57 -93.43 33.15
N ALA C 502 20.71 -93.98 32.73
CA ALA C 502 20.79 -94.55 31.39
C ALA C 502 19.81 -95.70 31.22
N ALA C 503 20.00 -96.77 31.99
CA ALA C 503 19.09 -97.91 31.90
C ALA C 503 17.77 -97.62 32.61
N TYR C 504 17.83 -96.88 33.71
CA TYR C 504 16.60 -96.44 34.37
C TYR C 504 15.73 -95.65 33.40
N SER C 505 16.34 -94.83 32.54
CA SER C 505 15.58 -94.08 31.56
C SER C 505 15.22 -94.93 30.35
N ALA C 506 16.03 -95.94 30.03
CA ALA C 506 15.59 -96.92 29.05
C ALA C 506 14.34 -97.65 29.51
N SER C 507 14.15 -97.68 30.84
CA SER C 507 12.96 -98.32 31.46
C SER C 507 11.81 -97.31 31.46
N LEU C 508 12.10 -96.06 31.82
CA LEU C 508 11.08 -95.01 31.88
C LEU C 508 10.59 -94.60 30.48
N GLU C 509 11.41 -94.81 29.45
CA GLU C 509 10.92 -94.50 28.11
C GLU C 509 9.90 -95.51 27.65
N ASP C 510 9.87 -96.70 28.25
CA ASP C 510 8.77 -97.62 27.99
C ASP C 510 7.44 -96.93 28.30
N VAL C 511 7.35 -96.29 29.46
CA VAL C 511 6.09 -95.66 29.84
C VAL C 511 5.91 -94.33 29.10
N LYS C 512 6.99 -93.66 28.74
CA LYS C 512 6.80 -92.45 27.92
C LYS C 512 6.20 -92.83 26.56
N THR C 513 6.65 -93.95 25.98
CA THR C 513 6.08 -94.45 24.74
C THR C 513 4.64 -94.90 24.94
N ALA C 514 4.36 -95.55 26.06
CA ALA C 514 2.99 -95.88 26.40
C ALA C 514 2.13 -94.62 26.41
N VAL C 515 2.62 -93.55 27.02
CA VAL C 515 1.89 -92.28 27.05
C VAL C 515 1.65 -91.76 25.64
N LEU C 516 2.69 -91.78 24.80
CA LEU C 516 2.53 -91.40 23.41
C LEU C 516 1.40 -92.17 22.77
N GLY C 517 1.39 -93.49 22.95
CA GLY C 517 0.33 -94.30 22.38
C GLY C 517 -1.03 -93.97 22.94
N LEU C 518 -1.10 -93.57 24.21
CA LEU C 518 -2.35 -93.07 24.75
C LEU C 518 -2.80 -91.83 24.01
N LEU C 519 -1.87 -90.92 23.74
CA LEU C 519 -2.20 -89.75 22.93
C LEU C 519 -2.77 -90.16 21.60
N VAL C 520 -2.14 -91.14 20.95
CA VAL C 520 -2.57 -91.59 19.64
C VAL C 520 -3.98 -92.18 19.71
N ILE C 521 -4.19 -93.12 20.63
CA ILE C 521 -5.48 -93.79 20.71
C ILE C 521 -6.57 -92.81 21.11
N LEU C 522 -6.24 -91.79 21.88
CA LEU C 522 -7.25 -90.79 22.23
C LEU C 522 -7.58 -89.91 21.03
N GLN C 523 -6.56 -89.58 20.22
CA GLN C 523 -6.84 -88.91 18.96
C GLN C 523 -7.78 -89.74 18.10
N THR C 524 -7.54 -91.05 18.04
CA THR C 524 -8.42 -91.93 17.27
C THR C 524 -9.84 -91.92 17.85
N LYS C 525 -9.95 -92.09 19.16
CA LYS C 525 -11.24 -92.14 19.85
C LYS C 525 -11.76 -90.76 20.20
N LEU C 526 -11.30 -89.73 19.48
CA LEU C 526 -11.89 -88.40 19.57
C LEU C 526 -13.41 -88.49 19.64
N TYR C 527 -14.02 -89.32 18.79
CA TYR C 527 -15.44 -89.61 18.86
C TYR C 527 -15.61 -91.13 18.80
N THR C 528 -16.21 -91.70 19.85
CA THR C 528 -16.47 -93.13 19.92
C THR C 528 -17.33 -93.40 21.14
N LEU C 529 -17.89 -94.62 21.18
CA LEU C 529 -18.74 -94.98 22.32
C LEU C 529 -17.94 -95.14 23.60
N PRO C 530 -16.86 -95.96 23.66
CA PRO C 530 -16.10 -96.03 24.91
C PRO C 530 -15.08 -94.92 25.03
N ALA C 531 -15.48 -93.70 24.63
CA ALA C 531 -14.59 -92.55 24.78
C ALA C 531 -14.28 -92.30 26.24
N SER C 532 -15.19 -92.69 27.13
CA SER C 532 -14.92 -92.69 28.56
C SER C 532 -13.55 -93.26 28.87
N HIS C 533 -13.24 -94.43 28.30
CA HIS C 533 -11.90 -95.00 28.44
C HIS C 533 -10.84 -93.95 28.22
N ALA C 534 -10.80 -93.35 27.03
CA ALA C 534 -9.89 -92.25 26.76
C ALA C 534 -9.89 -91.28 27.92
N THR C 535 -11.06 -90.71 28.22
CA THR C 535 -11.18 -89.75 29.31
C THR C 535 -10.49 -90.27 30.56
N ARG C 536 -10.87 -91.47 31.01
CA ARG C 536 -10.30 -91.95 32.27
C ARG C 536 -8.80 -92.13 32.17
N VAL C 537 -8.32 -92.70 31.06
CA VAL C 537 -6.87 -92.79 30.94
C VAL C 537 -6.29 -91.41 30.70
N TYR C 538 -7.04 -90.55 30.00
CA TYR C 538 -6.70 -89.13 29.99
C TYR C 538 -6.50 -88.62 31.41
N GLU C 539 -7.49 -88.91 32.27
CA GLU C 539 -7.35 -88.54 33.67
C GLU C 539 -6.11 -89.21 34.26
N MET C 540 -5.92 -90.49 33.96
CA MET C 540 -4.67 -91.15 34.30
C MET C 540 -3.51 -90.24 33.95
N LEU C 541 -3.46 -89.83 32.67
CA LEU C 541 -2.46 -88.88 32.20
C LEU C 541 -2.28 -87.75 33.20
N VAL C 542 -3.32 -86.97 33.42
CA VAL C 542 -3.16 -85.77 34.23
C VAL C 542 -2.80 -86.16 35.65
N SER C 543 -3.37 -87.24 36.16
CA SER C 543 -2.96 -87.73 37.47
C SER C 543 -1.53 -88.20 37.42
N HIS C 544 -1.19 -89.00 36.42
CA HIS C 544 0.22 -89.31 36.16
C HIS C 544 1.03 -88.04 35.99
N ILE C 545 0.43 -87.02 35.36
CA ILE C 545 1.14 -85.75 35.25
C ILE C 545 1.16 -85.03 36.59
N GLN C 546 0.07 -85.17 37.36
CA GLN C 546 0.02 -84.57 38.68
C GLN C 546 1.20 -85.02 39.53
N LEU C 547 1.26 -86.33 39.82
CA LEU C 547 2.40 -86.89 40.52
C LEU C 547 3.69 -86.53 39.79
N HIS C 548 3.63 -86.41 38.46
CA HIS C 548 4.81 -86.01 37.70
C HIS C 548 5.38 -84.71 38.22
N TYR C 549 4.54 -83.69 38.36
CA TYR C 549 5.02 -82.45 38.92
C TYR C 549 5.04 -82.45 40.45
N LYS C 550 4.54 -83.52 41.07
CA LYS C 550 4.48 -83.56 42.53
C LYS C 550 5.86 -83.53 43.15
N HIS C 551 6.73 -84.48 42.75
CA HIS C 551 8.05 -84.59 43.34
C HIS C 551 9.02 -83.50 42.90
N SER C 552 8.63 -82.67 41.93
CA SER C 552 9.53 -81.69 41.32
C SER C 552 10.75 -82.41 40.73
N TYR C 553 10.46 -83.22 39.71
CA TYR C 553 11.41 -84.15 39.12
C TYR C 553 12.72 -83.49 38.70
N THR C 554 13.77 -84.28 38.60
CA THR C 554 15.09 -83.82 38.14
C THR C 554 15.62 -84.79 37.09
N LEU C 555 14.77 -85.10 36.11
CA LEU C 555 15.13 -85.94 34.99
C LEU C 555 14.81 -85.19 33.70
N PRO C 556 15.78 -85.04 32.79
CA PRO C 556 15.48 -84.39 31.51
C PRO C 556 14.51 -85.19 30.66
N ILE C 557 14.58 -86.52 30.73
CA ILE C 557 13.65 -87.35 29.97
C ILE C 557 12.22 -87.15 30.48
N ALA C 558 12.05 -87.05 31.80
CA ALA C 558 10.75 -86.72 32.36
C ALA C 558 10.29 -85.35 31.86
N SER C 559 11.21 -84.40 31.74
CA SER C 559 10.86 -83.09 31.21
C SER C 559 10.37 -83.20 29.76
N SER C 560 11.04 -84.03 28.96
CA SER C 560 10.58 -84.24 27.58
C SER C 560 9.18 -84.83 27.58
N ILE C 561 8.93 -85.80 28.46
CA ILE C 561 7.59 -86.35 28.60
C ILE C 561 6.59 -85.25 28.87
N ARG C 562 6.90 -84.40 29.84
CA ARG C 562 6.09 -83.21 30.10
C ARG C 562 5.84 -82.44 28.82
N LEU C 563 6.88 -82.26 28.01
CA LEU C 563 6.75 -81.50 26.77
C LEU C 563 5.66 -82.08 25.88
N GLN C 564 5.80 -83.37 25.52
CA GLN C 564 4.82 -83.92 24.58
C GLN C 564 3.44 -83.98 25.21
N ALA C 565 3.37 -84.16 26.54
CA ALA C 565 2.09 -84.11 27.22
C ALA C 565 1.42 -82.76 26.99
N PHE C 566 2.09 -81.68 27.41
CA PHE C 566 1.58 -80.33 27.18
C PHE C 566 1.15 -80.13 25.73
N ASP C 567 1.98 -80.61 24.80
CA ASP C 567 1.68 -80.43 23.39
C ASP C 567 0.33 -81.05 23.04
N PHE C 568 0.11 -82.29 23.45
CA PHE C 568 -1.14 -82.94 23.06
C PHE C 568 -2.33 -82.35 23.82
N LEU C 569 -2.20 -82.19 25.14
CA LEU C 569 -3.36 -81.86 25.97
C LEU C 569 -3.92 -80.47 25.66
N LEU C 570 -3.15 -79.60 25.00
CA LEU C 570 -3.59 -78.25 24.70
C LEU C 570 -4.36 -78.16 23.39
N LEU C 571 -4.96 -79.25 22.94
CA LEU C 571 -5.59 -79.30 21.63
C LEU C 571 -7.02 -79.80 21.71
N LEU C 572 -7.71 -79.52 22.83
CA LEU C 572 -9.07 -80.01 23.03
C LEU C 572 -10.03 -79.12 22.24
N ARG C 573 -10.67 -79.69 21.23
CA ARG C 573 -11.78 -79.04 20.52
C ARG C 573 -12.83 -80.12 20.25
N ALA C 574 -13.81 -80.21 21.15
CA ALA C 574 -14.86 -81.22 21.03
C ALA C 574 -15.75 -80.94 19.83
N PRO C 636 -14.53 -83.91 30.53
CA PRO C 636 -13.10 -84.06 30.83
C PRO C 636 -12.37 -82.72 30.82
N TYR C 637 -12.46 -81.97 31.91
CA TYR C 637 -11.84 -80.65 31.98
C TYR C 637 -11.66 -80.28 33.44
N SER C 638 -10.92 -79.17 33.65
CA SER C 638 -10.63 -78.56 34.96
C SER C 638 -9.62 -79.38 35.75
N LEU C 639 -9.27 -80.56 35.27
CA LEU C 639 -8.13 -81.28 35.83
C LEU C 639 -6.84 -80.70 35.29
N LEU C 640 -6.71 -80.68 33.96
CA LEU C 640 -5.63 -79.98 33.29
C LEU C 640 -5.43 -78.58 33.83
N PHE C 641 -6.49 -77.95 34.33
CA PHE C 641 -6.35 -76.63 34.91
C PHE C 641 -5.38 -76.65 36.09
N ARG C 642 -5.70 -77.44 37.12
CA ARG C 642 -4.80 -77.55 38.26
C ARG C 642 -3.45 -78.11 37.84
N VAL C 643 -3.42 -78.96 36.82
CA VAL C 643 -2.14 -79.41 36.27
C VAL C 643 -1.29 -78.22 35.86
N LEU C 644 -1.86 -77.32 35.05
CA LEU C 644 -1.15 -76.13 34.61
C LEU C 644 -0.74 -75.29 35.81
N LEU C 645 -1.67 -75.09 36.74
CA LEU C 645 -1.38 -74.33 37.95
C LEU C 645 -0.13 -74.86 38.63
N GLN C 646 -0.07 -76.17 38.83
CA GLN C 646 1.08 -76.77 39.47
C GLN C 646 2.35 -76.55 38.66
N CYS C 647 2.33 -76.94 37.38
CA CYS C 647 3.58 -76.91 36.61
C CYS C 647 4.13 -75.50 36.50
N LEU C 648 3.26 -74.48 36.51
CA LEU C 648 3.79 -73.12 36.56
C LEU C 648 4.19 -72.71 37.97
N LYS C 649 3.54 -73.28 38.99
CA LYS C 649 3.77 -72.87 40.37
C LYS C 649 5.23 -73.04 40.75
N GLN C 650 5.72 -74.27 40.78
CA GLN C 650 7.14 -74.48 40.94
C GLN C 650 7.86 -74.09 39.66
N GLU C 651 9.08 -73.58 39.82
CA GLU C 651 9.88 -73.12 38.70
C GLU C 651 10.91 -74.20 38.35
N SER C 652 10.66 -74.90 37.24
CA SER C 652 11.57 -75.97 36.81
C SER C 652 12.94 -75.45 36.41
N ASP C 653 13.06 -74.13 36.18
CA ASP C 653 14.32 -73.45 35.91
C ASP C 653 14.99 -73.91 34.62
N TRP C 654 14.27 -74.64 33.77
CA TRP C 654 14.81 -75.07 32.49
C TRP C 654 13.88 -74.63 31.37
N LYS C 655 14.40 -74.76 30.14
CA LYS C 655 13.73 -74.40 28.85
C LYS C 655 12.25 -74.79 28.90
N VAL C 656 11.95 -75.90 29.57
CA VAL C 656 10.59 -76.37 29.80
C VAL C 656 9.73 -75.23 30.33
N LEU C 657 10.32 -74.33 31.13
CA LEU C 657 9.59 -73.12 31.54
C LEU C 657 9.20 -72.30 30.33
N LYS C 658 10.17 -71.89 29.51
CA LYS C 658 9.85 -71.15 28.31
C LYS C 658 9.00 -71.98 27.36
N LEU C 659 9.15 -73.31 27.40
CA LEU C 659 8.33 -74.17 26.55
C LEU C 659 6.86 -74.06 26.91
N VAL C 660 6.53 -74.20 28.20
CA VAL C 660 5.14 -74.05 28.61
C VAL C 660 4.70 -72.61 28.43
N LEU C 661 5.62 -71.66 28.56
CA LEU C 661 5.25 -70.26 28.34
C LEU C 661 4.84 -70.03 26.90
N GLY C 662 5.48 -70.74 25.96
CA GLY C 662 5.02 -70.71 24.58
C GLY C 662 3.79 -71.54 24.34
N ARG C 663 3.58 -72.57 25.16
CA ARG C 663 2.32 -73.30 25.12
C ARG C 663 1.14 -72.45 25.59
N LEU C 664 1.42 -71.40 26.38
CA LEU C 664 0.33 -70.59 26.92
C LEU C 664 -0.44 -69.84 25.85
N PRO C 665 0.17 -68.97 25.03
CA PRO C 665 -0.63 -68.00 24.26
C PRO C 665 -1.67 -68.63 23.36
N GLU C 666 -1.39 -69.77 22.73
CA GLU C 666 -2.42 -70.43 21.95
C GLU C 666 -3.50 -71.02 22.85
N SER C 667 -3.11 -71.54 24.01
CA SER C 667 -4.08 -71.96 25.00
C SER C 667 -4.97 -70.80 25.44
N LEU C 668 -4.50 -69.57 25.28
CA LEU C 668 -5.29 -68.39 25.55
C LEU C 668 -6.17 -68.00 24.37
N ARG C 669 -5.64 -68.15 23.14
CA ARG C 669 -6.51 -68.13 21.97
C ARG C 669 -7.64 -69.13 22.14
N TYR C 670 -7.30 -70.32 22.61
CA TYR C 670 -8.29 -71.34 22.97
C TYR C 670 -8.57 -71.37 24.46
N LYS C 671 -8.48 -70.21 25.13
CA LYS C 671 -9.01 -70.06 26.48
C LYS C 671 -10.53 -69.92 26.41
N VAL C 672 -11.14 -70.94 25.80
CA VAL C 672 -12.55 -70.93 25.51
C VAL C 672 -13.34 -71.91 26.39
N LEU C 673 -12.72 -72.99 26.83
CA LEU C 673 -13.39 -73.98 27.65
C LEU C 673 -13.44 -73.58 29.12
N ILE C 674 -13.16 -72.32 29.44
CA ILE C 674 -13.24 -71.84 30.81
C ILE C 674 -14.70 -71.57 31.15
N PHE C 675 -15.58 -71.78 30.17
CA PHE C 675 -17.01 -71.88 30.48
C PHE C 675 -17.26 -72.95 31.53
N THR C 676 -16.39 -73.96 31.59
CA THR C 676 -16.48 -74.99 32.61
C THR C 676 -15.75 -74.58 33.88
N SER C 677 -14.51 -74.09 33.76
CA SER C 677 -13.72 -73.72 34.92
C SER C 677 -14.33 -72.51 35.61
N PRO C 678 -14.76 -72.63 36.87
CA PRO C 678 -15.47 -71.53 37.56
C PRO C 678 -14.54 -70.46 38.09
N CYS C 679 -13.93 -69.71 37.16
CA CYS C 679 -13.15 -68.51 37.48
C CYS C 679 -11.99 -68.81 38.44
N SER C 680 -11.35 -69.98 38.27
CA SER C 680 -10.10 -70.22 38.98
C SER C 680 -8.91 -69.60 38.27
N VAL C 681 -9.09 -69.15 37.03
CA VAL C 681 -8.03 -68.46 36.29
C VAL C 681 -7.44 -67.33 37.12
N ASP C 682 -8.27 -66.67 37.94
CA ASP C 682 -7.77 -65.60 38.79
C ASP C 682 -6.48 -66.01 39.49
N GLN C 683 -6.49 -67.20 40.11
CA GLN C 683 -5.32 -67.60 40.87
C GLN C 683 -4.09 -67.70 39.96
N LEU C 684 -4.23 -68.33 38.79
CA LEU C 684 -3.09 -68.40 37.90
C LEU C 684 -2.66 -66.99 37.50
N CYS C 685 -3.63 -66.12 37.24
CA CYS C 685 -3.32 -64.73 36.98
C CYS C 685 -2.52 -64.15 38.13
N SER C 686 -2.99 -64.35 39.36
CA SER C 686 -2.19 -63.99 40.52
C SER C 686 -0.85 -64.71 40.46
N ALA C 687 -0.88 -66.03 40.28
CA ALA C 687 0.34 -66.79 40.09
C ALA C 687 1.21 -66.13 39.03
N LEU C 688 0.58 -65.74 37.92
CA LEU C 688 1.29 -65.00 36.88
C LEU C 688 2.04 -63.83 37.49
N CYS C 689 1.31 -62.87 38.08
CA CYS C 689 1.97 -61.74 38.71
C CYS C 689 2.88 -62.20 39.83
N SER C 690 2.52 -63.29 40.52
CA SER C 690 3.41 -63.87 41.51
C SER C 690 4.76 -64.19 40.90
N MET C 691 4.76 -64.91 39.78
CA MET C 691 6.02 -65.20 39.11
C MET C 691 6.44 -64.09 38.17
N LEU C 692 5.75 -62.94 38.21
CA LEU C 692 6.23 -61.80 37.44
C LEU C 692 7.54 -61.28 38.02
N SER C 693 7.60 -61.13 39.33
CA SER C 693 8.79 -60.62 40.00
C SER C 693 9.26 -61.62 41.04
N GLY C 694 10.56 -61.58 41.35
CA GLY C 694 11.13 -62.41 42.37
C GLY C 694 12.22 -63.34 41.86
N PRO C 695 13.25 -63.53 42.69
CA PRO C 695 14.30 -64.50 42.32
C PRO C 695 13.83 -65.94 42.30
N LYS C 696 12.65 -66.22 42.88
CA LYS C 696 12.08 -67.57 42.79
C LYS C 696 11.79 -67.98 41.35
N THR C 697 11.91 -67.06 40.41
CA THR C 697 11.90 -67.39 38.99
C THR C 697 13.25 -67.87 38.51
N LEU C 698 14.32 -67.16 38.87
CA LEU C 698 15.69 -67.52 38.48
C LEU C 698 16.35 -68.48 39.46
N GLU C 699 15.56 -69.23 40.22
CA GLU C 699 16.10 -70.15 41.22
C GLU C 699 16.90 -71.29 40.60
N SER C 709 17.57 -65.13 30.74
CA SER C 709 16.25 -65.54 30.30
C SER C 709 15.16 -64.79 31.07
N ARG C 710 15.55 -64.18 32.18
CA ARG C 710 14.60 -63.40 32.98
C ARG C 710 14.00 -62.27 32.17
N THR C 711 14.83 -61.61 31.34
CA THR C 711 14.29 -60.62 30.42
C THR C 711 13.29 -61.26 29.47
N ASP C 712 13.66 -62.40 28.88
CA ASP C 712 12.72 -63.14 28.05
C ASP C 712 11.55 -63.66 28.87
N LEU C 713 11.80 -64.05 30.12
CA LEU C 713 10.71 -64.42 31.02
C LEU C 713 9.64 -63.33 31.04
N HIS C 714 10.06 -62.10 31.34
CA HIS C 714 9.11 -60.98 31.36
C HIS C 714 8.49 -60.78 29.97
N LEU C 715 9.33 -60.72 28.95
CA LEU C 715 8.86 -60.38 27.61
C LEU C 715 8.00 -61.46 26.99
N ALA C 716 7.89 -62.62 27.63
CA ALA C 716 6.96 -63.64 27.19
C ALA C 716 5.76 -63.78 28.12
N VAL C 717 5.92 -63.51 29.41
CA VAL C 717 4.78 -63.55 30.31
C VAL C 717 3.87 -62.36 30.06
N VAL C 718 4.43 -61.25 29.57
CA VAL C 718 3.61 -60.08 29.27
C VAL C 718 2.63 -60.40 28.14
N PRO C 719 3.04 -61.10 27.07
CA PRO C 719 2.05 -61.52 26.07
C PRO C 719 0.95 -62.42 26.62
N VAL C 720 1.27 -63.31 27.58
CA VAL C 720 0.24 -64.25 28.00
C VAL C 720 -0.80 -63.55 28.86
N LEU C 721 -0.36 -62.68 29.78
CA LEU C 721 -1.34 -61.87 30.51
C LEU C 721 -2.05 -60.91 29.57
N THR C 722 -1.36 -60.47 28.52
CA THR C 722 -1.99 -59.66 27.49
C THR C 722 -3.21 -60.37 26.91
N ALA C 723 -3.00 -61.58 26.40
CA ALA C 723 -4.12 -62.37 25.91
C ALA C 723 -5.16 -62.59 27.00
N LEU C 724 -4.70 -62.83 28.23
CA LEU C 724 -5.57 -63.01 29.38
C LEU C 724 -6.52 -61.85 29.61
N ILE C 725 -6.08 -60.61 29.36
CA ILE C 725 -6.86 -59.42 29.67
C ILE C 725 -8.25 -59.41 29.03
N SER C 726 -8.52 -60.32 28.08
CA SER C 726 -9.81 -60.34 27.40
C SER C 726 -10.96 -60.33 28.39
N TYR C 727 -10.92 -61.29 29.34
CA TYR C 727 -12.02 -61.45 30.34
C TYR C 727 -12.03 -60.32 31.37
N HIS C 728 -12.67 -59.21 31.02
CA HIS C 728 -12.84 -58.14 32.00
C HIS C 728 -13.74 -58.53 33.15
N ASN C 729 -14.64 -59.48 32.93
CA ASN C 729 -15.63 -59.85 33.95
C ASN C 729 -15.02 -60.79 34.99
N TYR C 730 -14.57 -61.96 34.54
CA TYR C 730 -14.08 -62.97 35.47
C TYR C 730 -12.80 -62.54 36.16
N LEU C 731 -11.95 -61.79 35.46
CA LEU C 731 -10.76 -61.24 36.10
C LEU C 731 -11.16 -60.39 37.29
N ASP C 732 -10.67 -60.77 38.47
CA ASP C 732 -11.08 -60.09 39.69
C ASP C 732 -10.76 -58.60 39.61
N LYS C 733 -11.65 -57.79 40.20
CA LYS C 733 -11.51 -56.35 40.13
C LYS C 733 -10.22 -55.89 40.80
N THR C 734 -10.04 -56.27 42.07
CA THR C 734 -8.79 -55.97 42.75
C THR C 734 -7.61 -56.60 42.00
N LYS C 735 -7.81 -57.79 41.44
CA LYS C 735 -6.75 -58.40 40.65
C LYS C 735 -6.49 -57.62 39.37
N GLN C 736 -7.53 -57.04 38.78
CA GLN C 736 -7.30 -56.17 37.63
C GLN C 736 -6.49 -54.94 38.02
N ARG C 737 -6.78 -54.36 39.19
CA ARG C 737 -5.94 -53.29 39.72
C ARG C 737 -4.49 -53.75 39.84
N GLU C 738 -4.30 -54.96 40.38
CA GLU C 738 -2.97 -55.49 40.58
C GLU C 738 -2.23 -55.63 39.25
N MET C 739 -2.87 -56.26 38.26
CA MET C 739 -2.21 -56.45 36.97
C MET C 739 -1.96 -55.13 36.27
N VAL C 740 -2.82 -54.14 36.48
CA VAL C 740 -2.54 -52.80 35.98
C VAL C 740 -1.26 -52.27 36.60
N TYR C 741 -1.10 -52.46 37.91
CA TYR C 741 0.14 -52.06 38.56
C TYR C 741 1.33 -52.85 38.01
N CYS C 742 1.12 -54.12 37.69
CA CYS C 742 2.17 -54.93 37.10
C CYS C 742 2.63 -54.35 35.77
N LEU C 743 1.67 -53.94 34.94
CA LEU C 743 2.02 -53.29 33.69
C LEU C 743 2.73 -51.97 33.94
N GLU C 744 2.26 -51.21 34.91
CA GLU C 744 2.90 -49.95 35.29
C GLU C 744 4.37 -50.17 35.62
N GLN C 745 4.67 -51.24 36.35
CA GLN C 745 6.06 -51.54 36.65
C GLN C 745 6.79 -52.12 35.46
N GLY C 746 6.06 -52.79 34.56
CA GLY C 746 6.63 -53.30 33.33
C GLY C 746 6.95 -52.22 32.32
N LEU C 747 6.50 -50.99 32.54
CA LEU C 747 6.96 -49.88 31.72
C LEU C 747 8.46 -49.69 31.85
N ILE C 748 8.91 -49.33 33.05
CA ILE C 748 10.33 -49.30 33.35
C ILE C 748 10.85 -50.73 33.25
N HIS C 749 11.64 -51.01 32.22
CA HIS C 749 11.90 -52.39 31.83
C HIS C 749 12.96 -52.40 30.74
N ARG C 750 13.31 -53.62 30.31
CA ARG C 750 14.09 -53.76 29.08
C ARG C 750 13.30 -53.25 27.88
N CYS C 751 11.99 -53.49 27.88
CA CYS C 751 11.08 -52.96 26.87
C CYS C 751 9.66 -53.17 27.37
N ALA C 752 8.75 -52.34 26.86
CA ALA C 752 7.35 -52.44 27.24
C ALA C 752 6.41 -52.25 26.05
N SER C 753 6.93 -52.35 24.82
CA SER C 753 6.10 -52.19 23.64
C SER C 753 4.86 -53.07 23.71
N GLN C 754 5.09 -54.37 23.91
CA GLN C 754 3.98 -55.28 24.17
C GLN C 754 3.16 -54.79 25.36
N CYS C 755 3.84 -54.34 26.42
CA CYS C 755 3.14 -53.88 27.60
C CYS C 755 2.27 -52.67 27.30
N VAL C 756 2.80 -51.71 26.52
CA VAL C 756 2.04 -50.49 26.30
C VAL C 756 0.86 -50.74 25.35
N VAL C 757 1.04 -51.62 24.36
CA VAL C 757 -0.10 -51.90 23.49
C VAL C 757 -1.16 -52.69 24.25
N ALA C 758 -0.73 -53.60 25.12
CA ALA C 758 -1.68 -54.25 26.03
C ALA C 758 -2.37 -53.23 26.91
N LEU C 759 -1.66 -52.17 27.29
CA LEU C 759 -2.28 -51.11 28.07
C LEU C 759 -3.37 -50.43 27.27
N SER C 760 -3.10 -50.14 26.00
CA SER C 760 -4.14 -49.58 25.14
C SER C 760 -5.36 -50.50 25.11
N ILE C 761 -5.10 -51.80 25.00
CA ILE C 761 -6.20 -52.77 24.92
C ILE C 761 -7.00 -52.77 26.22
N CYS C 762 -6.32 -52.86 27.36
CA CYS C 762 -7.03 -52.91 28.62
C CYS C 762 -7.79 -51.62 28.86
N SER C 763 -7.21 -50.50 28.43
CA SER C 763 -7.91 -49.22 28.49
C SER C 763 -9.23 -49.29 27.74
N VAL C 764 -9.17 -49.65 26.46
CA VAL C 764 -10.44 -49.72 25.69
C VAL C 764 -11.37 -50.76 26.34
N GLU C 765 -10.81 -51.72 27.08
CA GLU C 765 -11.62 -52.82 27.59
C GLU C 765 -12.15 -52.57 29.00
N MET C 766 -11.27 -52.29 29.97
CA MET C 766 -11.68 -51.98 31.33
C MET C 766 -11.16 -50.59 31.71
N PRO C 767 -11.65 -49.54 31.06
CA PRO C 767 -11.16 -48.19 31.36
C PRO C 767 -11.43 -47.76 32.78
N ASP C 768 -12.50 -48.29 33.38
CA ASP C 768 -12.80 -47.99 34.78
C ASP C 768 -11.59 -48.23 35.66
N ILE C 769 -10.84 -49.31 35.40
CA ILE C 769 -9.67 -49.62 36.21
C ILE C 769 -8.56 -48.63 35.93
N ILE C 770 -8.28 -48.37 34.64
CA ILE C 770 -7.19 -47.48 34.29
C ILE C 770 -7.42 -46.07 34.79
N ILE C 771 -8.68 -45.69 35.02
CA ILE C 771 -9.06 -44.33 35.41
C ILE C 771 -8.09 -43.77 36.43
N LYS C 772 -7.80 -44.55 37.47
CA LYS C 772 -6.93 -44.06 38.53
C LYS C 772 -5.46 -44.05 38.10
N ALA C 773 -5.04 -45.03 37.31
CA ALA C 773 -3.63 -45.15 36.98
C ALA C 773 -3.18 -44.12 35.95
N LEU C 774 -4.08 -43.68 35.09
CA LEU C 774 -3.80 -42.76 33.99
C LEU C 774 -2.79 -41.67 34.33
N PRO C 775 -3.02 -40.85 35.38
CA PRO C 775 -2.11 -39.72 35.62
C PRO C 775 -0.68 -40.15 35.84
N VAL C 776 -0.45 -40.95 36.88
CA VAL C 776 0.91 -41.40 37.19
C VAL C 776 1.46 -42.23 36.04
N LEU C 777 0.58 -42.93 35.32
CA LEU C 777 1.00 -43.62 34.11
C LEU C 777 1.70 -42.67 33.17
N VAL C 778 1.03 -41.57 32.80
CA VAL C 778 1.63 -40.62 31.87
C VAL C 778 2.87 -39.97 32.48
N VAL C 779 2.83 -39.73 33.79
CA VAL C 779 4.00 -39.14 34.45
C VAL C 779 5.22 -40.02 34.25
N LYS C 780 5.07 -41.32 34.48
CA LYS C 780 6.19 -42.23 34.24
C LYS C 780 6.52 -42.29 32.75
N LEU C 781 5.50 -42.23 31.89
CA LEU C 781 5.73 -42.23 30.46
C LEU C 781 6.58 -41.05 30.01
N THR C 782 6.58 -39.97 30.79
CA THR C 782 7.45 -38.84 30.49
C THR C 782 8.91 -39.25 30.34
N HIS C 783 9.28 -40.43 30.83
CA HIS C 783 10.67 -40.83 30.95
C HIS C 783 10.98 -42.06 30.11
N ILE C 784 10.54 -42.06 28.85
CA ILE C 784 10.96 -43.09 27.92
C ILE C 784 12.06 -42.60 26.99
N SER C 785 12.27 -41.29 26.90
CA SER C 785 13.47 -40.70 26.33
C SER C 785 13.68 -41.01 24.86
N ALA C 786 12.69 -40.69 24.03
CA ALA C 786 12.84 -40.60 22.57
C ALA C 786 13.40 -41.89 21.97
N THR C 787 12.74 -43.00 22.28
CA THR C 787 13.14 -44.30 21.75
C THR C 787 12.45 -44.54 20.41
N ALA C 788 13.25 -44.67 19.35
CA ALA C 788 12.69 -44.99 18.03
C ALA C 788 11.96 -46.32 18.06
N SER C 789 12.36 -47.23 18.94
CA SER C 789 11.70 -48.52 19.04
C SER C 789 10.24 -48.36 19.45
N MET C 790 10.01 -47.83 20.65
CA MET C 790 8.65 -47.61 21.13
C MET C 790 7.98 -46.40 20.51
N ALA C 791 8.63 -45.76 19.52
CA ALA C 791 8.08 -44.54 18.94
C ALA C 791 6.64 -44.74 18.48
N VAL C 792 6.40 -45.82 17.76
CA VAL C 792 5.07 -46.07 17.18
C VAL C 792 4.05 -46.36 18.28
N PRO C 793 4.24 -47.42 19.08
CA PRO C 793 3.14 -47.83 19.98
C PRO C 793 2.69 -46.75 20.94
N LEU C 794 3.62 -45.90 21.41
CA LEU C 794 3.21 -44.81 22.28
C LEU C 794 2.17 -43.94 21.60
N LEU C 795 2.53 -43.32 20.49
CA LEU C 795 1.61 -42.48 19.74
C LEU C 795 0.32 -43.21 19.44
N GLU C 796 0.41 -44.48 19.04
CA GLU C 796 -0.81 -45.25 18.81
C GLU C 796 -1.71 -45.22 20.03
N PHE C 797 -1.12 -45.49 21.20
CA PHE C 797 -1.91 -45.56 22.42
C PHE C 797 -2.49 -44.19 22.77
N LEU C 798 -1.68 -43.14 22.68
CA LEU C 798 -2.17 -41.80 22.97
C LEU C 798 -3.36 -41.46 22.09
N SER C 799 -3.23 -41.70 20.78
CA SER C 799 -4.33 -41.49 19.86
C SER C 799 -5.57 -42.25 20.30
N THR C 800 -5.45 -43.57 20.44
CA THR C 800 -6.58 -44.39 20.82
C THR C 800 -7.26 -43.87 22.07
N LEU C 801 -6.46 -43.55 23.08
CA LEU C 801 -6.99 -42.96 24.30
C LEU C 801 -7.79 -41.70 23.99
N ALA C 802 -7.18 -40.80 23.22
CA ALA C 802 -7.85 -39.54 22.90
C ALA C 802 -9.21 -39.78 22.27
N ARG C 803 -9.31 -40.77 21.39
CA ARG C 803 -10.61 -41.07 20.81
C ARG C 803 -11.60 -41.61 21.83
N LEU C 804 -11.21 -41.75 23.09
CA LEU C 804 -12.09 -42.22 24.16
C LEU C 804 -12.29 -41.10 25.16
N PRO C 805 -13.13 -40.12 24.83
CA PRO C 805 -13.24 -38.93 25.70
C PRO C 805 -13.76 -39.25 27.09
N HIS C 806 -14.89 -39.95 27.19
CA HIS C 806 -15.52 -40.21 28.48
C HIS C 806 -14.54 -40.81 29.48
N LEU C 807 -13.56 -41.57 28.99
CA LEU C 807 -12.53 -42.09 29.89
C LEU C 807 -11.81 -40.94 30.58
N TYR C 808 -11.16 -40.06 29.81
CA TYR C 808 -10.46 -38.94 30.42
C TYR C 808 -11.34 -37.72 30.59
N ARG C 809 -12.65 -37.92 30.66
CA ARG C 809 -13.64 -36.86 30.68
C ARG C 809 -13.23 -35.70 31.59
N ASN C 810 -12.55 -36.01 32.69
CA ASN C 810 -11.94 -35.00 33.54
C ASN C 810 -10.43 -35.16 33.50
N PHE C 811 -9.74 -34.03 33.61
CA PHE C 811 -8.28 -33.97 33.64
C PHE C 811 -7.85 -32.67 34.30
N ALA C 812 -6.57 -32.36 34.17
CA ALA C 812 -6.01 -31.07 34.57
C ALA C 812 -4.81 -30.81 33.68
N ALA C 813 -4.27 -29.60 33.79
CA ALA C 813 -3.25 -29.13 32.85
C ALA C 813 -2.10 -30.10 32.70
N GLU C 814 -1.53 -30.55 33.82
CA GLU C 814 -0.34 -31.39 33.81
C GLU C 814 -0.49 -32.61 32.91
N GLN C 815 -1.67 -33.21 32.85
CA GLN C 815 -1.87 -34.34 31.96
C GLN C 815 -1.51 -33.97 30.52
N TYR C 816 -2.21 -32.96 29.99
CA TYR C 816 -1.97 -32.54 28.62
C TYR C 816 -0.53 -32.07 28.43
N ALA C 817 0.00 -31.33 29.41
CA ALA C 817 1.37 -30.84 29.30
C ALA C 817 2.33 -32.01 29.13
N SER C 818 2.19 -33.04 29.97
CA SER C 818 3.04 -34.21 29.87
C SER C 818 2.84 -34.92 28.53
N VAL C 819 1.60 -35.02 28.08
CA VAL C 819 1.31 -35.66 26.79
C VAL C 819 2.09 -34.96 25.68
N PHE C 820 2.00 -33.63 25.65
CA PHE C 820 2.68 -32.88 24.61
C PHE C 820 4.19 -33.00 24.74
N ALA C 821 4.70 -32.94 25.98
CA ALA C 821 6.13 -33.09 26.18
C ALA C 821 6.62 -34.43 25.67
N ILE C 822 5.81 -35.48 25.85
CA ILE C 822 6.16 -36.79 25.35
C ILE C 822 6.16 -36.80 23.83
N SER C 823 5.13 -36.21 23.23
CA SER C 823 4.98 -36.27 21.78
C SER C 823 6.09 -35.51 21.07
N LEU C 824 6.32 -34.26 21.50
CA LEU C 824 7.18 -33.29 20.82
C LEU C 824 8.47 -33.88 20.24
N PRO C 825 9.32 -34.54 21.04
CA PRO C 825 10.62 -34.98 20.50
C PRO C 825 10.49 -35.89 19.31
N TYR C 826 9.36 -36.61 19.22
CA TYR C 826 9.10 -37.56 18.10
C TYR C 826 8.88 -36.81 16.78
N THR C 827 9.00 -35.48 16.79
CA THR C 827 8.80 -34.69 15.58
C THR C 827 10.11 -34.29 14.92
N ASN C 828 11.18 -35.03 15.14
CA ASN C 828 12.45 -34.69 14.52
C ASN C 828 12.32 -34.74 13.00
N PRO C 829 12.97 -33.83 12.28
CA PRO C 829 12.93 -33.91 10.80
C PRO C 829 13.85 -34.98 10.24
N SER C 830 14.80 -35.48 11.03
CA SER C 830 15.77 -36.46 10.57
C SER C 830 15.67 -37.79 11.30
N LYS C 831 15.63 -37.76 12.63
CA LYS C 831 15.72 -38.96 13.44
C LYS C 831 14.64 -39.97 13.10
N PHE C 832 13.39 -39.62 13.34
CA PHE C 832 12.31 -40.58 13.29
C PHE C 832 11.80 -40.76 11.87
N ASN C 833 10.69 -41.47 11.73
CA ASN C 833 10.10 -41.77 10.43
C ASN C 833 9.21 -40.63 9.98
N GLN C 834 9.19 -40.42 8.66
CA GLN C 834 8.18 -39.54 8.08
C GLN C 834 6.79 -40.00 8.49
N TYR C 835 6.56 -41.31 8.51
CA TYR C 835 5.33 -41.83 9.08
C TYR C 835 5.21 -41.43 10.54
N ILE C 836 6.28 -41.62 11.31
CA ILE C 836 6.26 -41.22 12.71
C ILE C 836 6.04 -39.73 12.83
N VAL C 837 6.68 -38.94 11.96
CA VAL C 837 6.55 -37.49 12.02
C VAL C 837 5.10 -37.07 11.80
N CYS C 838 4.50 -37.54 10.71
CA CYS C 838 3.14 -37.14 10.40
C CYS C 838 2.17 -37.63 11.45
N LEU C 839 2.36 -38.86 11.93
CA LEU C 839 1.50 -39.37 12.98
C LEU C 839 1.62 -38.53 14.25
N ALA C 840 2.84 -38.13 14.60
CA ALA C 840 3.06 -37.30 15.75
C ALA C 840 2.31 -35.99 15.61
N HIS C 841 2.43 -35.35 14.45
CA HIS C 841 1.72 -34.09 14.25
C HIS C 841 0.22 -34.30 14.33
N HIS C 842 -0.27 -35.42 13.79
CA HIS C 842 -1.70 -35.69 13.84
C HIS C 842 -2.18 -35.83 15.27
N VAL C 843 -1.46 -36.60 16.08
CA VAL C 843 -1.92 -36.84 17.44
C VAL C 843 -1.78 -35.57 18.28
N ILE C 844 -0.70 -34.82 18.06
CA ILE C 844 -0.56 -33.51 18.69
C ILE C 844 -1.79 -32.66 18.41
N ALA C 845 -2.12 -32.52 17.13
CA ALA C 845 -3.25 -31.70 16.74
C ALA C 845 -4.52 -32.20 17.39
N MET C 846 -4.78 -33.50 17.33
CA MET C 846 -6.08 -33.99 17.75
C MET C 846 -6.24 -33.92 19.25
N TRP C 847 -5.16 -34.16 20.01
CA TRP C 847 -5.24 -33.94 21.45
C TRP C 847 -5.47 -32.46 21.75
N PHE C 848 -4.68 -31.59 21.13
CA PHE C 848 -4.87 -30.15 21.31
C PHE C 848 -6.28 -29.73 20.97
N ILE C 849 -6.95 -30.48 20.11
CA ILE C 849 -8.36 -30.22 19.83
C ILE C 849 -9.21 -30.70 21.01
N ARG C 850 -9.01 -31.97 21.36
CA ARG C 850 -9.70 -32.65 22.49
C ARG C 850 -9.35 -31.93 23.79
N CYS C 851 -8.23 -31.17 23.79
CA CYS C 851 -7.83 -30.38 24.93
C CYS C 851 -8.87 -29.34 25.26
N ARG C 852 -9.04 -29.08 26.56
CA ARG C 852 -10.07 -28.15 27.01
C ARG C 852 -9.85 -26.77 26.42
N LEU C 853 -10.96 -26.14 26.03
CA LEU C 853 -10.92 -24.73 25.65
C LEU C 853 -10.28 -23.85 26.71
N PRO C 854 -10.66 -23.91 27.98
CA PRO C 854 -9.84 -23.27 29.01
C PRO C 854 -8.51 -23.99 29.12
N PHE C 855 -7.53 -23.28 29.66
CA PHE C 855 -6.13 -23.71 29.71
C PHE C 855 -5.73 -24.42 28.41
N ARG C 856 -6.00 -23.75 27.30
CA ARG C 856 -5.58 -24.21 25.99
C ARG C 856 -4.38 -23.42 25.47
N LYS C 857 -4.40 -22.10 25.65
CA LYS C 857 -3.29 -21.25 25.26
C LYS C 857 -2.01 -21.58 26.02
N ASP C 858 -2.15 -22.14 27.22
CA ASP C 858 -1.02 -22.37 28.11
C ASP C 858 0.15 -23.04 27.41
N PHE C 859 -0.10 -24.22 26.82
CA PHE C 859 0.98 -24.97 26.21
C PHE C 859 1.53 -24.30 24.96
N VAL C 860 0.75 -23.39 24.36
CA VAL C 860 1.10 -22.86 23.05
C VAL C 860 2.57 -22.45 22.92
N PRO C 861 3.12 -21.62 23.80
CA PRO C 861 4.56 -21.33 23.68
C PRO C 861 5.41 -22.57 23.89
N PHE C 862 5.24 -23.25 25.02
CA PHE C 862 5.91 -24.52 25.26
C PHE C 862 5.85 -25.40 24.01
N ILE C 863 4.64 -25.53 23.44
CA ILE C 863 4.48 -26.32 22.23
C ILE C 863 5.46 -25.86 21.16
N THR C 864 5.36 -24.58 20.76
CA THR C 864 6.28 -24.11 19.75
C THR C 864 7.70 -24.10 20.27
N LYS C 865 7.88 -23.91 21.57
CA LYS C 865 9.17 -24.18 22.17
C LYS C 865 9.58 -25.62 21.89
N GLY C 866 8.74 -26.57 22.33
CA GLY C 866 8.95 -27.96 21.97
C GLY C 866 9.15 -28.14 20.48
N LEU C 867 8.55 -27.26 19.67
CA LEU C 867 8.77 -27.32 18.24
C LEU C 867 10.12 -26.71 17.87
N ARG C 868 10.38 -25.49 18.32
CA ARG C 868 11.66 -24.86 18.00
C ARG C 868 12.81 -25.64 18.60
N SER C 869 12.57 -26.35 19.69
CA SER C 869 13.60 -27.21 20.26
C SER C 869 13.76 -28.53 19.51
N ASN C 870 12.88 -28.81 18.55
CA ASN C 870 13.11 -29.92 17.64
C ASN C 870 13.79 -29.45 16.35
N VAL C 871 13.74 -28.16 16.07
CA VAL C 871 14.48 -27.58 14.95
C VAL C 871 15.81 -26.98 15.43
N LEU C 872 16.26 -27.37 16.63
CA LEU C 872 17.47 -26.82 17.22
C LEU C 872 18.62 -26.77 16.22
N LEU C 873 19.05 -27.94 15.73
CA LEU C 873 20.09 -28.00 14.70
C LEU C 873 19.59 -28.90 13.58
N SER C 874 18.76 -28.33 12.74
CA SER C 874 18.44 -28.81 11.40
C SER C 874 18.55 -27.70 10.38
N PHE C 875 18.10 -26.49 10.73
CA PHE C 875 18.41 -25.23 10.07
C PHE C 875 17.76 -24.12 10.88
N ASP C 876 18.33 -22.91 10.84
CA ASP C 876 17.85 -21.81 11.67
C ASP C 876 17.83 -20.51 10.88
N ASP C 877 17.28 -20.56 9.66
CA ASP C 877 17.11 -19.34 8.87
C ASP C 877 16.22 -18.34 9.61
N THR C 878 14.95 -18.70 9.83
CA THR C 878 14.02 -17.87 10.60
C THR C 878 13.22 -18.76 11.53
N PRO C 879 13.88 -19.39 12.51
CA PRO C 879 13.18 -20.30 13.42
C PRO C 879 12.61 -19.58 14.64
N GLU C 880 12.51 -18.26 14.56
CA GLU C 880 12.19 -17.44 15.72
C GLU C 880 10.91 -17.89 16.40
N LYS C 881 10.75 -17.46 17.65
CA LYS C 881 9.65 -17.93 18.49
C LYS C 881 8.30 -17.64 17.83
N ASP C 882 7.98 -16.36 17.64
CA ASP C 882 6.75 -15.91 16.99
C ASP C 882 5.49 -16.43 17.67
N SER C 883 5.62 -16.96 18.89
CA SER C 883 4.45 -17.44 19.62
C SER C 883 3.52 -16.28 19.91
N PHE C 884 2.24 -16.46 19.63
CA PHE C 884 1.29 -15.37 19.79
C PHE C 884 0.89 -15.13 21.23
N ARG C 885 1.63 -15.69 22.19
CA ARG C 885 1.47 -15.25 23.57
C ARG C 885 1.86 -13.80 23.74
N ALA C 886 2.83 -13.32 22.95
CA ALA C 886 3.15 -11.91 22.95
C ALA C 886 1.94 -11.08 22.53
N ARG C 887 1.45 -11.32 21.32
CA ARG C 887 0.28 -10.62 20.81
C ARG C 887 -1.02 -11.11 21.41
N SER C 888 -0.97 -11.99 22.41
CA SER C 888 -2.17 -12.43 23.10
C SER C 888 -1.82 -13.11 24.42
N LEU C 923 13.87 -33.09 3.32
CA LEU C 923 14.62 -31.81 3.44
C LEU C 923 14.04 -31.01 4.61
N LYS C 924 14.85 -30.09 5.17
CA LYS C 924 14.40 -29.26 6.29
C LYS C 924 13.28 -28.31 5.90
N ASN C 925 13.13 -28.02 4.61
CA ASN C 925 11.95 -27.28 4.15
C ASN C 925 10.67 -27.98 4.60
N LEU C 926 10.66 -29.31 4.54
CA LEU C 926 9.51 -30.04 5.06
C LEU C 926 9.32 -29.79 6.54
N HIS C 927 10.42 -29.67 7.29
CA HIS C 927 10.30 -29.37 8.71
C HIS C 927 9.69 -27.99 8.92
N LEU C 928 10.09 -27.01 8.11
CA LEU C 928 9.48 -25.70 8.18
C LEU C 928 7.99 -25.78 7.89
N GLU C 929 7.60 -26.54 6.87
CA GLU C 929 6.18 -26.71 6.57
C GLU C 929 5.46 -27.36 7.73
N LEU C 930 6.11 -28.32 8.39
CA LEU C 930 5.55 -28.95 9.57
C LEU C 930 5.22 -27.91 10.63
N THR C 931 6.23 -27.13 11.02
CA THR C 931 6.03 -26.09 12.03
C THR C 931 4.91 -25.16 11.61
N GLU C 932 4.93 -24.72 10.35
CA GLU C 932 3.88 -23.88 9.81
C GLU C 932 2.52 -24.47 10.13
N THR C 933 2.26 -25.65 9.58
CA THR C 933 0.94 -26.26 9.68
C THR C 933 0.52 -26.43 11.13
N CYS C 934 1.43 -26.87 11.99
CA CYS C 934 1.05 -27.14 13.36
C CYS C 934 0.66 -25.85 14.08
N LEU C 935 1.50 -24.83 14.00
CA LEU C 935 1.16 -23.59 14.70
C LEU C 935 -0.07 -22.94 14.09
N ASP C 936 -0.27 -23.09 12.78
CA ASP C 936 -1.48 -22.56 12.17
C ASP C 936 -2.72 -23.25 12.70
N MET C 937 -2.69 -24.59 12.75
CA MET C 937 -3.81 -25.31 13.32
C MET C 937 -4.10 -24.84 14.73
N MET C 938 -3.06 -24.68 15.55
CA MET C 938 -3.25 -24.19 16.90
C MET C 938 -3.94 -22.84 16.90
N ALA C 939 -3.39 -21.89 16.15
CA ALA C 939 -4.00 -20.57 16.05
C ALA C 939 -5.45 -20.65 15.63
N ARG C 940 -5.76 -21.55 14.71
CA ARG C 940 -7.13 -21.73 14.26
C ARG C 940 -8.02 -22.24 15.38
N TYR C 941 -7.48 -23.10 16.24
CA TYR C 941 -8.28 -23.74 17.26
C TYR C 941 -7.97 -23.25 18.67
N VAL C 942 -7.02 -22.34 18.82
CA VAL C 942 -6.86 -21.69 20.12
C VAL C 942 -8.06 -20.78 20.34
N PHE C 943 -8.41 -20.61 21.62
CA PHE C 943 -9.42 -19.65 22.06
C PHE C 943 -10.84 -20.06 21.71
N SER C 944 -11.00 -21.06 20.84
CA SER C 944 -12.27 -21.72 20.59
C SER C 944 -12.07 -22.78 19.53
N ASN C 945 -13.11 -23.57 19.31
CA ASN C 945 -13.15 -24.53 18.23
C ASN C 945 -14.27 -24.16 17.26
N PHE C 946 -14.06 -24.49 15.99
CA PHE C 946 -14.98 -24.16 14.91
C PHE C 946 -14.63 -25.01 13.71
N THR C 947 -15.64 -25.64 13.13
CA THR C 947 -15.44 -26.41 11.91
C THR C 947 -14.83 -25.54 10.82
N ALA C 948 -14.02 -26.17 9.97
CA ALA C 948 -13.27 -25.44 8.95
C ALA C 948 -14.05 -25.31 7.64
N VAL C 949 -15.37 -25.34 7.68
CA VAL C 949 -16.19 -25.26 6.49
C VAL C 949 -17.14 -24.07 6.64
N PRO C 950 -17.08 -23.09 5.75
CA PRO C 950 -18.07 -22.01 5.77
C PRO C 950 -19.23 -22.28 4.82
N LYS C 951 -20.45 -21.96 5.24
CA LYS C 951 -21.60 -22.04 4.35
C LYS C 951 -22.50 -20.84 4.64
N ARG C 952 -22.54 -19.90 3.69
CA ARG C 952 -23.24 -18.65 3.92
C ARG C 952 -24.74 -18.86 3.96
N SER C 953 -25.40 -18.19 4.89
CA SER C 953 -26.85 -18.21 4.95
C SER C 953 -27.43 -17.61 3.66
N PRO C 954 -28.61 -18.06 3.25
CA PRO C 954 -29.23 -17.52 2.02
C PRO C 954 -29.18 -16.01 1.91
N VAL C 955 -29.40 -15.30 3.02
CA VAL C 955 -29.35 -13.84 2.98
C VAL C 955 -28.04 -13.35 2.38
N GLY C 956 -26.92 -13.97 2.77
CA GLY C 956 -25.64 -13.55 2.23
C GLY C 956 -25.59 -13.69 0.73
N GLU C 957 -26.02 -14.85 0.22
CA GLU C 957 -26.02 -15.07 -1.21
C GLU C 957 -26.90 -14.05 -1.92
N PHE C 958 -28.14 -13.90 -1.45
CA PHE C 958 -29.04 -12.92 -2.02
C PHE C 958 -28.38 -11.54 -2.10
N LEU C 959 -27.67 -11.16 -1.05
CA LEU C 959 -27.09 -9.83 -1.01
C LEU C 959 -25.94 -9.69 -1.99
N LEU C 960 -24.95 -10.58 -1.91
CA LEU C 960 -23.71 -10.41 -2.66
C LEU C 960 -23.60 -11.32 -3.87
N ALA C 961 -24.72 -11.90 -4.32
CA ALA C 961 -24.69 -12.74 -5.51
C ALA C 961 -24.07 -11.99 -6.68
N GLY C 962 -23.11 -12.65 -7.33
CA GLY C 962 -22.42 -12.01 -8.43
C GLY C 962 -21.69 -10.73 -8.05
N GLY C 963 -21.48 -10.52 -6.75
CA GLY C 963 -20.86 -9.29 -6.31
C GLY C 963 -19.47 -9.09 -6.88
N ARG C 964 -19.08 -7.83 -6.94
CA ARG C 964 -17.73 -7.49 -7.37
C ARG C 964 -16.73 -8.00 -6.35
N THR C 965 -15.74 -8.74 -6.80
CA THR C 965 -14.83 -9.41 -5.89
C THR C 965 -13.39 -9.05 -6.14
N LYS C 966 -12.52 -9.52 -5.24
CA LYS C 966 -11.05 -9.30 -5.26
C LYS C 966 -10.39 -10.20 -4.19
N THR C 967 -9.31 -10.91 -4.56
CA THR C 967 -8.61 -11.84 -3.63
C THR C 967 -7.11 -11.51 -3.56
N TRP C 968 -6.53 -11.54 -2.35
CA TRP C 968 -5.07 -11.25 -2.17
C TRP C 968 -4.39 -12.33 -1.31
N LEU C 969 -3.06 -12.35 -1.30
CA LEU C 969 -2.25 -13.30 -0.55
C LEU C 969 -1.34 -12.46 0.33
N VAL C 970 -1.84 -12.04 1.49
CA VAL C 970 -1.02 -11.26 2.40
C VAL C 970 0.26 -12.01 2.75
N GLY C 971 0.13 -13.30 3.06
CA GLY C 971 1.25 -14.18 3.24
C GLY C 971 0.83 -15.56 2.79
N ASN C 972 1.09 -16.57 3.62
CA ASN C 972 0.58 -17.89 3.31
C ASN C 972 -0.93 -17.99 3.47
N LYS C 973 -1.58 -16.95 3.98
CA LYS C 973 -3.03 -16.92 4.06
C LYS C 973 -3.62 -16.41 2.76
N LEU C 974 -4.80 -16.92 2.42
CA LEU C 974 -5.53 -16.50 1.23
C LEU C 974 -6.73 -15.66 1.66
N VAL C 975 -6.71 -14.38 1.38
CA VAL C 975 -7.81 -13.51 1.76
C VAL C 975 -8.65 -13.19 0.53
N THR C 976 -9.97 -13.17 0.68
CA THR C 976 -10.89 -12.89 -0.39
C THR C 976 -11.92 -11.90 0.11
N VAL C 977 -12.23 -10.90 -0.71
CA VAL C 977 -13.25 -9.91 -0.39
C VAL C 977 -14.27 -9.89 -1.52
N THR C 978 -15.53 -9.77 -1.14
CA THR C 978 -16.63 -9.67 -2.08
C THR C 978 -17.54 -8.54 -1.64
N THR C 979 -18.17 -7.90 -2.60
CA THR C 979 -19.00 -6.73 -2.37
C THR C 979 -20.30 -6.85 -3.16
N SER C 980 -21.40 -6.54 -2.50
CA SER C 980 -22.71 -6.65 -3.11
C SER C 980 -23.00 -5.48 -4.04
N VAL C 981 -23.88 -5.72 -5.00
CA VAL C 981 -24.44 -4.69 -5.86
C VAL C 981 -25.96 -4.74 -5.89
N GLY C 982 -26.58 -5.27 -4.85
CA GLY C 982 -28.03 -5.28 -4.74
C GLY C 982 -28.74 -6.02 -5.86
N THR C 983 -28.22 -7.17 -6.25
CA THR C 983 -28.82 -7.93 -7.34
C THR C 983 -30.26 -8.33 -7.00
N GLY C 984 -30.46 -8.92 -5.83
CA GLY C 984 -31.78 -9.41 -5.47
C GLY C 984 -32.80 -8.31 -5.30
N THR C 985 -32.36 -7.13 -4.85
CA THR C 985 -33.27 -6.00 -4.75
C THR C 985 -33.79 -5.58 -6.12
N ARG C 986 -32.88 -5.29 -7.05
CA ARG C 986 -33.28 -4.94 -8.40
C ARG C 986 -34.06 -6.08 -9.04
N SER C 987 -33.85 -7.31 -8.58
CA SER C 987 -34.72 -8.40 -8.98
C SER C 987 -36.13 -8.19 -8.44
N LEU C 988 -36.19 -7.75 -7.19
CA LEU C 988 -37.48 -7.44 -6.51
C LEU C 988 -38.23 -6.46 -7.41
N LEU C 989 -37.51 -5.47 -7.96
CA LEU C 989 -38.17 -4.51 -8.86
C LEU C 989 -38.22 -4.99 -10.30
N GLY C 990 -37.30 -5.86 -10.70
CA GLY C 990 -37.25 -6.33 -12.07
C GLY C 990 -36.65 -5.31 -13.01
N LYS C 1088 -36.54 1.28 -14.14
CA LYS C 1088 -36.67 2.72 -13.96
C LYS C 1088 -35.38 3.32 -13.42
N THR C 1089 -34.70 4.11 -14.27
CA THR C 1089 -33.44 4.71 -13.86
C THR C 1089 -33.62 5.57 -12.61
N ASN C 1090 -34.77 6.25 -12.50
CA ASN C 1090 -35.07 7.03 -11.30
C ASN C 1090 -34.97 6.18 -10.03
N LEU C 1091 -35.12 4.87 -10.16
CA LEU C 1091 -34.88 3.96 -9.05
C LEU C 1091 -33.69 3.05 -9.32
N ALA C 1092 -33.73 2.30 -10.43
CA ALA C 1092 -32.70 1.31 -10.71
C ALA C 1092 -31.32 1.92 -10.84
N ALA C 1093 -31.22 3.23 -11.06
CA ALA C 1093 -29.91 3.86 -11.18
C ALA C 1093 -29.14 3.80 -9.88
N TYR C 1094 -29.81 4.06 -8.75
CA TYR C 1094 -29.14 4.07 -7.46
C TYR C 1094 -29.71 3.01 -6.51
N VAL C 1095 -30.47 2.06 -7.03
CA VAL C 1095 -30.87 0.91 -6.21
C VAL C 1095 -29.68 0.24 -5.51
N PRO C 1096 -28.58 -0.10 -6.18
CA PRO C 1096 -27.45 -0.70 -5.45
C PRO C 1096 -26.88 0.22 -4.41
N LEU C 1097 -26.87 1.53 -4.67
CA LEU C 1097 -26.42 2.50 -3.68
C LEU C 1097 -27.09 2.28 -2.33
N LEU C 1098 -28.32 1.77 -2.34
CA LEU C 1098 -29.05 1.53 -1.10
C LEU C 1098 -28.29 0.55 -0.20
N THR C 1099 -28.04 -0.65 -0.71
CA THR C 1099 -27.39 -1.70 0.06
C THR C 1099 -25.90 -1.81 -0.22
N GLN C 1100 -25.28 -0.74 -0.71
CA GLN C 1100 -23.88 -0.78 -1.10
C GLN C 1100 -22.94 -0.99 0.09
N GLY C 1101 -23.47 -1.13 1.30
CA GLY C 1101 -22.64 -1.28 2.47
C GLY C 1101 -22.18 -2.69 2.72
N TRP C 1102 -23.03 -3.67 2.45
CA TRP C 1102 -22.72 -5.04 2.82
C TRP C 1102 -21.51 -5.56 2.06
N ALA C 1103 -20.80 -6.50 2.68
CA ALA C 1103 -19.61 -7.07 2.08
C ALA C 1103 -19.32 -8.39 2.79
N GLU C 1104 -18.31 -9.10 2.29
CA GLU C 1104 -18.02 -10.43 2.82
C GLU C 1104 -16.54 -10.72 2.68
N ILE C 1105 -15.90 -11.19 3.76
CA ILE C 1105 -14.48 -11.48 3.73
C ILE C 1105 -14.28 -12.92 4.15
N LEU C 1106 -13.61 -13.69 3.30
CA LEU C 1106 -13.38 -15.12 3.51
C LEU C 1106 -11.89 -15.39 3.41
N VAL C 1107 -11.32 -16.01 4.43
CA VAL C 1107 -9.90 -16.29 4.47
C VAL C 1107 -9.72 -17.81 4.53
N ARG C 1108 -8.90 -18.32 3.62
CA ARG C 1108 -8.55 -19.73 3.55
C ARG C 1108 -7.09 -19.86 3.94
N ARG C 1109 -6.85 -20.48 5.09
CA ARG C 1109 -5.54 -20.84 5.56
C ARG C 1109 -5.36 -22.35 5.43
N PRO C 1110 -4.14 -22.85 5.62
CA PRO C 1110 -3.96 -24.30 5.69
C PRO C 1110 -4.95 -25.01 6.59
N THR C 1111 -5.38 -24.38 7.67
CA THR C 1111 -6.29 -25.01 8.61
C THR C 1111 -7.73 -25.02 8.14
N GLY C 1112 -7.98 -24.71 6.88
CA GLY C 1112 -9.34 -24.58 6.38
C GLY C 1112 -9.67 -23.12 6.08
N ASN C 1113 -10.93 -22.92 5.73
CA ASN C 1113 -11.40 -21.60 5.36
C ASN C 1113 -12.53 -21.18 6.28
N THR C 1114 -12.52 -19.90 6.65
CA THR C 1114 -13.59 -19.32 7.47
C THR C 1114 -13.81 -17.88 7.02
N SER C 1115 -15.00 -17.37 7.27
CA SER C 1115 -15.41 -16.10 6.68
C SER C 1115 -16.29 -15.33 7.63
N TRP C 1116 -16.64 -14.12 7.22
CA TRP C 1116 -17.65 -13.33 7.92
C TRP C 1116 -18.34 -12.39 6.94
N LEU C 1117 -19.65 -12.26 7.12
CA LEU C 1117 -20.44 -11.22 6.49
C LEU C 1117 -20.30 -9.93 7.29
N MET C 1118 -20.29 -8.80 6.60
CA MET C 1118 -20.00 -7.51 7.22
C MET C 1118 -20.93 -6.44 6.67
N SER C 1119 -21.21 -5.44 7.51
CA SER C 1119 -22.01 -4.27 7.12
C SER C 1119 -21.29 -3.04 7.66
N LEU C 1120 -20.62 -2.32 6.78
CA LEU C 1120 -20.04 -1.05 7.18
C LEU C 1120 -21.15 -0.17 7.77
N GLU C 1121 -20.83 0.52 8.86
CA GLU C 1121 -21.83 1.29 9.58
C GLU C 1121 -21.40 2.74 9.73
N ASN C 1122 -20.84 3.30 8.68
CA ASN C 1122 -20.52 4.72 8.63
C ASN C 1122 -21.27 5.30 7.45
N PRO C 1123 -22.29 6.11 7.69
CA PRO C 1123 -23.09 6.65 6.57
C PRO C 1123 -22.23 7.42 5.59
N LEU C 1124 -22.82 7.67 4.42
CA LEU C 1124 -22.15 8.43 3.39
C LEU C 1124 -21.72 9.79 3.89
N SER C 1125 -20.75 10.38 3.21
CA SER C 1125 -20.46 11.79 3.45
C SER C 1125 -21.73 12.58 3.22
N PRO C 1126 -22.25 13.28 4.23
CA PRO C 1126 -23.55 13.92 4.08
C PRO C 1126 -23.62 14.90 2.93
N PHE C 1127 -22.50 15.43 2.51
CA PHE C 1127 -22.50 16.39 1.41
C PHE C 1127 -21.55 16.01 0.29
N SER C 1128 -20.42 15.36 0.56
CA SER C 1128 -19.38 15.17 -0.48
C SER C 1128 -19.60 13.84 -1.20
N SER C 1129 -20.58 13.08 -0.72
CA SER C 1129 -20.85 11.81 -1.38
C SER C 1129 -22.32 11.70 -1.76
N ASP C 1130 -22.88 12.81 -2.22
CA ASP C 1130 -24.17 12.89 -2.92
C ASP C 1130 -25.20 11.91 -2.36
N ILE C 1131 -25.48 12.06 -1.07
CA ILE C 1131 -26.52 11.27 -0.43
C ILE C 1131 -27.87 12.01 -0.37
N ASN C 1132 -27.87 13.33 -0.52
CA ASN C 1132 -29.13 14.06 -0.54
C ASN C 1132 -29.95 13.70 -1.78
N ASN C 1133 -29.32 13.71 -2.95
CA ASN C 1133 -30.00 13.37 -4.19
C ASN C 1133 -30.19 11.85 -4.28
N MET C 1134 -30.92 11.35 -3.29
CA MET C 1134 -31.25 9.92 -3.18
C MET C 1134 -32.74 9.81 -2.89
N PRO C 1135 -33.57 10.02 -3.90
CA PRO C 1135 -35.02 9.96 -3.68
C PRO C 1135 -35.43 8.59 -3.14
N LEU C 1136 -36.26 8.61 -2.10
CA LEU C 1136 -36.58 7.42 -1.34
C LEU C 1136 -38.07 7.19 -1.13
N GLN C 1137 -38.91 8.22 -1.19
CA GLN C 1137 -40.35 8.01 -1.08
C GLN C 1137 -40.81 7.01 -2.14
N GLU C 1138 -40.45 7.27 -3.40
CA GLU C 1138 -40.75 6.30 -4.45
C GLU C 1138 -40.05 4.96 -4.18
N LEU C 1139 -38.90 4.99 -3.50
CA LEU C 1139 -38.27 3.73 -3.12
C LEU C 1139 -39.12 2.98 -2.10
N SER C 1140 -39.67 3.70 -1.13
CA SER C 1140 -40.61 3.06 -0.20
C SER C 1140 -41.80 2.48 -0.94
N ASN C 1141 -42.31 3.25 -1.91
CA ASN C 1141 -43.46 2.80 -2.75
C ASN C 1141 -43.03 1.51 -3.47
N ALA C 1142 -41.81 1.49 -4.01
CA ALA C 1142 -41.27 0.31 -4.72
C ALA C 1142 -41.16 -0.86 -3.74
N LEU C 1143 -40.75 -0.57 -2.50
CA LEU C 1143 -40.62 -1.62 -1.44
C LEU C 1143 -42.00 -2.22 -1.18
N MET C 1144 -43.03 -1.37 -1.10
CA MET C 1144 -44.42 -1.84 -0.89
C MET C 1144 -44.81 -2.72 -2.07
N ALA C 1145 -44.47 -2.29 -3.29
CA ALA C 1145 -44.75 -3.06 -4.52
C ALA C 1145 -44.06 -4.42 -4.41
N ALA C 1146 -42.80 -4.42 -3.92
CA ALA C 1146 -42.01 -5.67 -3.76
C ALA C 1146 -42.73 -6.58 -2.76
N GLU C 1147 -43.27 -5.99 -1.67
CA GLU C 1147 -44.00 -6.78 -0.65
C GLU C 1147 -45.24 -7.41 -1.30
N ARG C 1148 -45.92 -6.64 -2.15
CA ARG C 1148 -47.14 -7.13 -2.87
C ARG C 1148 -46.77 -8.35 -3.72
N PHE C 1149 -45.65 -8.26 -4.44
CA PHE C 1149 -45.17 -9.35 -5.29
C PHE C 1149 -45.17 -10.68 -4.56
N LYS C 1150 -44.76 -10.67 -3.30
CA LYS C 1150 -44.73 -11.87 -2.46
C LYS C 1150 -43.94 -13.00 -3.13
N LYS C 1376 -20.56 5.32 -12.69
CA LYS C 1376 -20.23 4.32 -13.69
C LYS C 1376 -20.30 2.92 -13.09
N VAL C 1377 -19.35 2.62 -12.22
CA VAL C 1377 -19.26 1.31 -11.56
C VAL C 1377 -20.47 1.16 -10.65
N PRO C 1378 -21.27 0.10 -10.81
CA PRO C 1378 -22.58 0.04 -10.15
C PRO C 1378 -22.50 -0.23 -8.65
N GLY C 1379 -21.32 -0.50 -8.09
CA GLY C 1379 -21.19 -0.77 -6.68
C GLY C 1379 -19.84 -0.32 -6.16
N ILE C 1380 -19.71 -0.34 -4.83
CA ILE C 1380 -18.44 0.07 -4.24
C ILE C 1380 -17.37 -0.97 -4.57
N ASN C 1381 -16.11 -0.56 -4.40
CA ASN C 1381 -15.00 -1.42 -4.75
C ASN C 1381 -14.54 -2.20 -3.54
N PRO C 1382 -14.69 -3.51 -3.52
CA PRO C 1382 -14.23 -4.30 -2.36
C PRO C 1382 -12.78 -4.06 -2.00
N SER C 1383 -11.98 -3.62 -2.98
CA SER C 1383 -10.60 -3.25 -2.69
C SER C 1383 -10.52 -2.32 -1.49
N PHE C 1384 -11.50 -1.43 -1.33
CA PHE C 1384 -11.54 -0.50 -0.22
C PHE C 1384 -11.35 -1.20 1.12
N VAL C 1385 -12.22 -2.18 1.42
CA VAL C 1385 -12.20 -2.84 2.72
C VAL C 1385 -10.84 -3.42 3.02
N PHE C 1386 -10.25 -4.11 2.04
CA PHE C 1386 -8.94 -4.70 2.24
C PHE C 1386 -7.92 -3.61 2.54
N LEU C 1387 -7.90 -2.55 1.73
CA LEU C 1387 -6.98 -1.45 1.97
C LEU C 1387 -7.10 -0.96 3.40
N GLN C 1388 -8.34 -0.72 3.83
CA GLN C 1388 -8.63 -0.33 5.20
C GLN C 1388 -7.94 -1.27 6.19
N LEU C 1389 -8.25 -2.56 6.10
CA LEU C 1389 -7.86 -3.48 7.15
C LEU C 1389 -6.36 -3.78 7.15
N TYR C 1390 -5.63 -3.39 6.12
CA TYR C 1390 -4.17 -3.54 6.14
C TYR C 1390 -3.59 -2.40 5.32
N HIS C 1391 -3.31 -1.28 5.99
CA HIS C 1391 -2.53 -0.24 5.35
C HIS C 1391 -1.61 0.44 6.35
N SER C 1392 -0.88 -0.34 7.14
CA SER C 1392 0.21 0.28 7.87
C SER C 1392 1.16 0.87 6.83
N PRO C 1393 1.18 2.19 6.67
CA PRO C 1393 1.82 2.76 5.47
C PRO C 1393 3.29 2.42 5.37
N PHE C 1394 3.98 2.30 6.50
CA PHE C 1394 5.36 1.84 6.52
C PHE C 1394 5.38 0.35 6.88
N PHE C 1395 4.96 -0.47 5.91
CA PHE C 1395 5.03 -1.91 6.06
C PHE C 1395 6.49 -2.32 6.26
N GLY C 1396 6.82 -2.79 7.46
CA GLY C 1396 8.19 -3.07 7.82
C GLY C 1396 8.67 -4.48 7.58
N ASP C 1397 7.93 -5.27 6.80
CA ASP C 1397 8.35 -6.63 6.45
C ASP C 1397 7.95 -6.86 4.99
N GLU C 1398 8.94 -6.90 4.10
CA GLU C 1398 8.64 -7.01 2.67
C GLU C 1398 7.82 -8.24 2.35
N SER C 1399 8.11 -9.35 3.03
CA SER C 1399 7.33 -10.57 2.81
C SER C 1399 5.85 -10.35 3.11
N ASN C 1400 5.55 -9.51 4.11
CA ASN C 1400 4.16 -9.26 4.49
C ASN C 1400 3.43 -8.39 3.47
N LYS C 1401 4.14 -7.77 2.53
CA LYS C 1401 3.51 -6.90 1.54
C LYS C 1401 2.47 -7.68 0.75
N PRO C 1402 1.19 -7.33 0.90
CA PRO C 1402 0.14 -8.11 0.25
C PRO C 1402 0.30 -8.11 -1.27
N ILE C 1403 -0.29 -9.13 -1.89
CA ILE C 1403 -0.19 -9.35 -3.32
C ILE C 1403 -1.59 -9.56 -3.88
N LEU C 1404 -1.96 -8.75 -4.88
CA LEU C 1404 -3.21 -8.95 -5.60
C LEU C 1404 -2.95 -9.84 -6.80
N LEU C 1405 -3.49 -11.04 -6.76
CA LEU C 1405 -3.48 -11.87 -7.95
C LEU C 1405 -4.34 -11.23 -9.03
N PRO C 1406 -3.90 -11.23 -10.28
CA PRO C 1406 -4.70 -10.63 -11.35
C PRO C 1406 -6.03 -11.35 -11.54
N ASN C 1407 -7.13 -10.65 -11.22
CA ASN C 1407 -8.46 -11.24 -11.27
C ASN C 1407 -8.80 -11.78 -12.65
N GLU C 1408 -8.31 -11.16 -13.72
CA GLU C 1408 -8.83 -11.47 -15.05
C GLU C 1408 -8.12 -12.65 -15.70
N SER C 1409 -6.79 -12.70 -15.64
CA SER C 1409 -6.06 -13.81 -16.23
C SER C 1409 -6.32 -15.06 -15.39
N GLN C 1410 -7.22 -15.92 -15.87
CA GLN C 1410 -7.78 -16.97 -15.02
C GLN C 1410 -6.85 -18.14 -14.79
N SER C 1411 -5.57 -18.01 -15.11
CA SER C 1411 -4.61 -19.02 -14.67
C SER C 1411 -4.59 -19.10 -13.15
N PHE C 1412 -4.30 -17.98 -12.49
CA PHE C 1412 -4.34 -17.96 -11.04
C PHE C 1412 -5.76 -18.21 -10.52
N GLU C 1413 -6.78 -17.81 -11.29
CA GLU C 1413 -8.15 -18.07 -10.88
C GLU C 1413 -8.42 -19.56 -10.79
N ARG C 1414 -8.02 -20.32 -11.80
CA ARG C 1414 -8.24 -21.76 -11.75
C ARG C 1414 -7.30 -22.41 -10.74
N SER C 1415 -6.13 -21.83 -10.50
CA SER C 1415 -5.33 -22.27 -9.36
C SER C 1415 -6.10 -22.16 -8.08
N VAL C 1416 -6.81 -21.04 -7.89
CA VAL C 1416 -7.64 -20.85 -6.71
C VAL C 1416 -8.73 -21.92 -6.65
N GLN C 1417 -9.32 -22.30 -7.79
CA GLN C 1417 -10.37 -23.36 -7.74
C GLN C 1417 -9.77 -24.70 -7.26
N LEU C 1418 -8.75 -25.19 -7.96
CA LEU C 1418 -8.09 -26.49 -7.65
C LEU C 1418 -7.46 -26.44 -6.26
N LEU C 1419 -6.82 -25.33 -5.89
CA LEU C 1419 -6.18 -25.20 -4.56
C LEU C 1419 -7.25 -25.33 -3.47
N ASP C 1420 -8.40 -24.70 -3.69
CA ASP C 1420 -9.54 -24.72 -2.72
C ASP C 1420 -10.07 -26.15 -2.57
N GLN C 1421 -10.16 -26.91 -3.68
CA GLN C 1421 -10.72 -28.30 -3.69
C GLN C 1421 -10.32 -29.17 -2.46
N ILE C 1422 -9.07 -29.61 -2.39
CA ILE C 1422 -8.51 -30.50 -1.38
C ILE C 1422 -9.01 -30.09 0.01
N PRO C 1423 -9.83 -30.91 0.64
CA PRO C 1423 -10.38 -30.52 1.94
C PRO C 1423 -9.32 -30.52 3.03
N SER C 1424 -9.51 -29.63 4.00
CA SER C 1424 -8.66 -29.65 5.19
C SER C 1424 -8.96 -30.87 6.04
N TYR C 1425 -9.96 -31.63 5.57
CA TYR C 1425 -10.39 -32.91 6.18
C TYR C 1425 -9.73 -34.08 5.45
N ASP C 1426 -8.70 -34.63 6.10
CA ASP C 1426 -7.93 -35.82 5.65
C ASP C 1426 -8.92 -36.91 5.23
N THR C 1427 -8.67 -37.48 4.05
CA THR C 1427 -9.46 -38.49 3.37
C THR C 1427 -9.01 -39.88 3.82
N HIS C 1428 -9.94 -40.83 3.80
CA HIS C 1428 -9.62 -42.22 4.14
C HIS C 1428 -10.56 -43.14 3.38
N LYS C 1429 -10.08 -43.65 2.24
CA LYS C 1429 -10.76 -44.68 1.48
C LYS C 1429 -10.37 -46.03 2.07
N ILE C 1430 -11.32 -46.71 2.69
CA ILE C 1430 -11.08 -48.02 3.27
C ILE C 1430 -12.02 -49.01 2.58
N ALA C 1431 -11.72 -50.30 2.73
CA ALA C 1431 -12.47 -51.34 2.04
C ALA C 1431 -12.72 -52.52 2.97
N VAL C 1432 -13.93 -53.06 2.92
CA VAL C 1432 -14.34 -54.18 3.75
C VAL C 1432 -14.63 -55.38 2.86
N LEU C 1433 -14.27 -56.57 3.34
CA LEU C 1433 -14.46 -57.81 2.61
C LEU C 1433 -15.26 -58.80 3.47
N TYR C 1434 -15.46 -60.00 2.92
CA TYR C 1434 -16.04 -61.09 3.67
C TYR C 1434 -15.63 -62.40 3.03
N VAL C 1435 -15.42 -63.43 3.86
CA VAL C 1435 -15.02 -64.74 3.37
C VAL C 1435 -15.92 -65.80 3.98
N GLY C 1436 -16.13 -66.88 3.21
CA GLY C 1436 -16.88 -68.02 3.66
C GLY C 1436 -16.09 -69.30 3.47
N GLU C 1437 -16.66 -70.40 3.94
CA GLU C 1437 -16.00 -71.69 3.87
C GLU C 1437 -15.57 -72.03 2.44
N GLY C 1438 -16.55 -72.09 1.53
CA GLY C 1438 -16.22 -72.29 0.14
C GLY C 1438 -15.42 -71.14 -0.44
N GLN C 1439 -15.67 -69.93 0.07
CA GLN C 1439 -15.01 -68.70 -0.43
C GLN C 1439 -13.58 -68.57 0.10
N SER C 1440 -13.13 -69.53 0.92
CA SER C 1440 -11.75 -69.46 1.46
C SER C 1440 -10.72 -69.61 0.34
N ASN C 1441 -9.69 -68.75 0.34
CA ASN C 1441 -8.60 -68.80 -0.68
C ASN C 1441 -9.20 -68.77 -2.09
N SER C 1442 -10.16 -67.87 -2.35
CA SER C 1442 -10.81 -67.78 -3.69
C SER C 1442 -10.74 -66.36 -4.23
N GLU C 1443 -10.45 -66.22 -5.53
CA GLU C 1443 -10.35 -64.89 -6.20
C GLU C 1443 -11.71 -64.52 -6.81
N LEU C 1444 -12.39 -65.49 -7.43
CA LEU C 1444 -13.70 -65.24 -8.11
C LEU C 1444 -14.87 -65.48 -7.14
N ALA C 1445 -14.61 -65.92 -5.92
CA ALA C 1445 -15.72 -66.19 -4.97
C ALA C 1445 -15.66 -65.23 -3.77
N ILE C 1446 -14.63 -64.38 -3.70
CA ILE C 1446 -14.53 -63.40 -2.57
C ILE C 1446 -15.32 -62.14 -2.93
N LEU C 1447 -15.21 -61.69 -4.19
CA LEU C 1447 -15.92 -60.46 -4.66
C LEU C 1447 -17.27 -60.83 -5.29
N SER C 1448 -17.64 -62.11 -5.28
CA SER C 1448 -18.91 -62.53 -5.87
C SER C 1448 -20.08 -62.24 -4.94
N ASN C 1449 -20.08 -62.88 -3.77
CA ASN C 1449 -21.26 -62.82 -2.91
C ASN C 1449 -21.55 -61.39 -2.50
N GLU C 1450 -22.82 -61.00 -2.62
CA GLU C 1450 -23.32 -59.76 -2.06
C GLU C 1450 -23.90 -59.97 -0.67
N HIS C 1451 -23.40 -60.96 0.07
CA HIS C 1451 -23.94 -61.33 1.35
C HIS C 1451 -22.84 -61.92 2.21
N GLY C 1452 -22.93 -61.68 3.51
CA GLY C 1452 -21.93 -62.18 4.44
C GLY C 1452 -22.54 -62.99 5.57
N SER C 1453 -21.98 -62.89 6.77
CA SER C 1453 -22.49 -63.60 7.93
C SER C 1453 -23.32 -62.67 8.80
N TYR C 1454 -23.94 -63.26 9.83
CA TYR C 1454 -24.72 -62.49 10.78
C TYR C 1454 -23.82 -61.58 11.60
N ARG C 1455 -22.80 -62.16 12.24
CA ARG C 1455 -21.82 -61.36 12.95
C ARG C 1455 -21.19 -60.33 12.03
N TYR C 1456 -20.93 -60.71 10.79
CA TYR C 1456 -20.42 -59.77 9.80
C TYR C 1456 -21.35 -58.56 9.68
N THR C 1457 -22.64 -58.81 9.51
CA THR C 1457 -23.58 -57.71 9.32
C THR C 1457 -23.68 -56.82 10.55
N GLU C 1458 -23.75 -57.41 11.74
CA GLU C 1458 -23.85 -56.57 12.94
C GLU C 1458 -22.58 -55.77 13.14
N PHE C 1459 -21.42 -56.36 12.83
CA PHE C 1459 -20.18 -55.60 12.82
C PHE C 1459 -20.25 -54.44 11.85
N LEU C 1460 -20.77 -54.69 10.65
CA LEU C 1460 -20.86 -53.64 9.64
C LEU C 1460 -21.69 -52.48 10.14
N THR C 1461 -22.89 -52.76 10.65
CA THR C 1461 -23.72 -51.67 11.13
C THR C 1461 -23.14 -51.03 12.38
N GLY C 1462 -22.30 -51.74 13.13
CA GLY C 1462 -21.59 -51.11 14.23
C GLY C 1462 -20.37 -50.32 13.83
N LEU C 1463 -19.92 -50.47 12.59
CA LEU C 1463 -18.71 -49.78 12.15
C LEU C 1463 -18.88 -48.27 12.22
N GLY C 1464 -19.80 -47.73 11.43
CA GLY C 1464 -20.06 -46.32 11.40
C GLY C 1464 -21.56 -46.05 11.45
N ARG C 1465 -21.91 -44.77 11.35
CA ARG C 1465 -23.30 -44.37 11.38
C ARG C 1465 -23.85 -44.33 9.95
N LEU C 1466 -25.18 -44.36 9.85
CA LEU C 1466 -25.89 -44.33 8.57
C LEU C 1466 -25.32 -43.29 7.63
N ILE C 1467 -25.29 -43.63 6.34
CA ILE C 1467 -24.82 -42.70 5.30
C ILE C 1467 -25.66 -42.93 4.06
N GLU C 1468 -25.94 -41.86 3.33
CA GLU C 1468 -26.62 -41.95 2.04
C GLU C 1468 -25.86 -41.14 1.00
N LEU C 1469 -25.97 -41.58 -0.26
CA LEU C 1469 -25.22 -41.01 -1.37
C LEU C 1469 -26.09 -40.07 -2.22
N LYS C 1470 -26.97 -39.32 -1.58
CA LYS C 1470 -27.85 -38.40 -2.28
C LYS C 1470 -27.04 -37.29 -2.96
N ASP C 1471 -27.75 -36.41 -3.66
CA ASP C 1471 -27.10 -35.29 -4.33
C ASP C 1471 -27.13 -34.02 -3.49
N CYS C 1472 -28.13 -33.87 -2.62
CA CYS C 1472 -28.22 -32.67 -1.78
C CYS C 1472 -27.03 -32.55 -0.85
N GLN C 1473 -26.46 -33.67 -0.43
CA GLN C 1473 -25.23 -33.63 0.34
C GLN C 1473 -24.08 -33.15 -0.55
N PRO C 1474 -23.10 -32.43 0.02
CA PRO C 1474 -22.01 -31.91 -0.82
C PRO C 1474 -21.10 -32.99 -1.37
N ASP C 1475 -20.05 -32.60 -2.06
CA ASP C 1475 -19.11 -33.50 -2.72
C ASP C 1475 -18.16 -34.20 -1.71
N LYS C 1476 -18.48 -34.15 -0.42
CA LYS C 1476 -17.59 -34.74 0.59
C LYS C 1476 -17.49 -36.26 0.48
N VAL C 1477 -18.22 -36.88 -0.44
CA VAL C 1477 -18.07 -38.31 -0.70
C VAL C 1477 -17.20 -38.50 -1.93
N TYR C 1478 -16.51 -39.63 -1.98
CA TYR C 1478 -15.58 -39.90 -3.08
C TYR C 1478 -16.23 -40.80 -4.12
N LEU C 1479 -15.44 -41.23 -5.10
CA LEU C 1479 -15.98 -42.06 -6.18
C LEU C 1479 -16.56 -43.36 -5.65
N GLY C 1480 -15.94 -43.95 -4.63
CA GLY C 1480 -16.50 -45.13 -4.01
C GLY C 1480 -17.78 -44.79 -3.28
N GLY C 1481 -18.89 -45.36 -3.73
CA GLY C 1481 -20.18 -45.00 -3.19
C GLY C 1481 -20.90 -43.90 -3.94
N LEU C 1482 -20.47 -43.61 -5.17
CA LEU C 1482 -21.19 -42.63 -5.99
C LEU C 1482 -22.47 -43.23 -6.54
N ASP C 1483 -22.36 -44.45 -7.09
CA ASP C 1483 -23.52 -45.16 -7.68
C ASP C 1483 -23.73 -46.49 -6.94
N VAL C 1484 -24.89 -46.63 -6.28
CA VAL C 1484 -25.28 -47.84 -5.50
C VAL C 1484 -24.09 -48.34 -4.66
N GLN C 1490 -25.41 -50.31 -0.19
CA GLN C 1490 -25.88 -49.00 -0.72
C GLN C 1490 -25.96 -47.99 0.43
N PHE C 1491 -25.65 -48.43 1.64
CA PHE C 1491 -25.70 -47.53 2.83
C PHE C 1491 -24.38 -46.76 2.96
N THR C 1492 -23.37 -47.18 2.17
CA THR C 1492 -22.02 -46.62 2.10
C THR C 1492 -21.54 -46.04 3.43
N TYR C 1493 -21.57 -46.89 4.46
CA TYR C 1493 -21.28 -46.49 5.83
C TYR C 1493 -20.00 -45.67 5.94
N CYS C 1494 -20.01 -44.67 6.81
CA CYS C 1494 -18.92 -43.72 6.95
C CYS C 1494 -18.84 -43.24 8.39
N TRP C 1495 -17.78 -42.49 8.67
CA TRP C 1495 -17.52 -41.99 10.03
C TRP C 1495 -16.71 -40.71 9.91
N HIS C 1496 -17.26 -39.62 10.44
CA HIS C 1496 -16.64 -38.30 10.39
C HIS C 1496 -15.98 -37.97 11.71
N ASP C 1497 -15.06 -37.02 11.68
CA ASP C 1497 -14.33 -36.60 12.87
C ASP C 1497 -13.67 -35.26 12.57
N ASP C 1498 -12.84 -34.80 13.50
CA ASP C 1498 -12.12 -33.53 13.35
C ASP C 1498 -11.40 -33.44 12.02
N ILE C 1499 -10.63 -34.45 11.56
CA ILE C 1499 -9.89 -34.27 10.27
C ILE C 1499 -9.93 -35.55 9.44
N MET C 1500 -10.44 -36.67 10.00
CA MET C 1500 -10.43 -37.94 9.23
C MET C 1500 -11.83 -38.36 8.76
N GLN C 1501 -12.04 -38.38 7.45
CA GLN C 1501 -13.27 -38.88 6.86
C GLN C 1501 -13.00 -40.30 6.40
N ALA C 1502 -13.95 -41.20 6.63
CA ALA C 1502 -13.72 -42.63 6.43
C ALA C 1502 -14.83 -43.23 5.58
N VAL C 1503 -14.57 -43.44 4.30
CA VAL C 1503 -15.52 -44.16 3.46
C VAL C 1503 -15.15 -45.64 3.48
N PHE C 1504 -16.16 -46.50 3.58
CA PHE C 1504 -15.96 -47.90 3.95
C PHE C 1504 -15.90 -48.87 2.78
N HIS C 1505 -16.67 -48.64 1.72
CA HIS C 1505 -16.68 -49.53 0.55
C HIS C 1505 -17.04 -50.97 0.96
N ILE C 1506 -18.28 -51.12 1.41
CA ILE C 1506 -18.76 -52.43 1.82
C ILE C 1506 -18.81 -53.36 0.62
N ALA C 1507 -18.23 -54.55 0.76
CA ALA C 1507 -18.19 -55.52 -0.34
C ALA C 1507 -19.57 -55.93 -0.82
N THR C 1508 -20.62 -55.56 -0.08
CA THR C 1508 -21.98 -55.93 -0.44
C THR C 1508 -22.75 -54.77 -1.07
N LEU C 1509 -22.09 -53.62 -1.28
CA LEU C 1509 -22.81 -52.42 -1.70
C LEU C 1509 -22.30 -51.87 -3.03
N MET C 1510 -21.67 -52.69 -3.86
CA MET C 1510 -21.43 -52.26 -5.23
C MET C 1510 -22.69 -52.45 -6.08
N PRO C 1511 -23.38 -53.60 -5.97
CA PRO C 1511 -24.65 -53.65 -6.69
C PRO C 1511 -25.86 -53.44 -5.77
N ASP C 1521 -15.96 -52.98 -11.61
CA ASP C 1521 -16.75 -52.09 -10.73
C ASP C 1521 -16.27 -52.27 -9.28
N LYS C 1522 -16.79 -53.28 -8.59
CA LYS C 1522 -16.38 -53.55 -7.18
C LYS C 1522 -14.88 -53.87 -7.16
N LYS C 1523 -14.43 -54.68 -8.13
CA LYS C 1523 -13.01 -55.07 -8.23
C LYS C 1523 -12.17 -53.81 -8.47
N ARG C 1524 -12.65 -52.92 -9.35
CA ARG C 1524 -11.92 -51.66 -9.67
C ARG C 1524 -11.82 -50.76 -8.42
N HIS C 1525 -12.84 -50.79 -7.56
CA HIS C 1525 -12.88 -49.91 -6.36
C HIS C 1525 -12.14 -50.52 -5.16
N LEU C 1526 -12.47 -51.76 -4.79
CA LEU C 1526 -11.84 -52.42 -3.61
C LEU C 1526 -10.33 -52.57 -3.81
N GLY C 1527 -9.91 -52.95 -5.01
CA GLY C 1527 -8.48 -53.13 -5.33
C GLY C 1527 -7.68 -51.84 -5.21
N ASN C 1528 -8.25 -50.73 -5.66
CA ASN C 1528 -7.57 -49.40 -5.72
C ASN C 1528 -7.11 -48.92 -4.33
N ASP C 1529 -7.90 -49.17 -3.27
CA ASP C 1529 -7.52 -48.68 -1.91
C ASP C 1529 -6.21 -49.31 -1.43
N PHE C 1530 -5.42 -48.54 -0.68
CA PHE C 1530 -4.11 -49.01 -0.14
C PHE C 1530 -4.36 -50.10 0.91
N VAL C 1531 -5.27 -49.85 1.85
CA VAL C 1531 -5.55 -50.85 2.92
C VAL C 1531 -7.02 -51.28 2.82
N SER C 1532 -7.34 -52.47 3.32
CA SER C 1532 -8.68 -53.03 3.30
C SER C 1532 -8.91 -53.84 4.57
N ILE C 1533 -10.19 -54.12 4.82
CA ILE C 1533 -10.62 -54.96 5.93
C ILE C 1533 -11.05 -56.30 5.37
N VAL C 1534 -10.68 -57.38 6.06
CA VAL C 1534 -11.05 -58.73 5.65
C VAL C 1534 -11.57 -59.46 6.88
N TYR C 1535 -12.87 -59.73 6.91
CA TYR C 1535 -13.48 -60.45 8.01
C TYR C 1535 -13.24 -61.93 7.79
N ASN C 1536 -12.31 -62.50 8.54
CA ASN C 1536 -12.06 -63.94 8.48
C ASN C 1536 -13.22 -64.64 9.19
N ASP C 1537 -14.16 -65.15 8.41
CA ASP C 1537 -15.36 -65.76 8.94
C ASP C 1537 -15.47 -67.24 8.68
N SER C 1538 -14.79 -67.77 7.66
CA SER C 1538 -14.85 -69.20 7.38
C SER C 1538 -14.36 -70.02 8.56
N GLY C 1539 -13.09 -69.85 8.92
CA GLY C 1539 -12.49 -70.64 9.97
C GLY C 1539 -11.10 -71.12 9.60
N GLU C 1540 -10.68 -70.81 8.37
CA GLU C 1540 -9.35 -71.13 7.89
C GLU C 1540 -8.53 -69.84 7.80
N ASP C 1541 -7.26 -69.99 7.45
CA ASP C 1541 -6.33 -68.87 7.48
C ASP C 1541 -6.55 -67.97 6.26
N PHE C 1542 -5.63 -67.05 6.02
CA PHE C 1542 -5.86 -66.03 5.01
C PHE C 1542 -4.52 -65.40 4.62
N LYS C 1543 -4.43 -65.00 3.35
CA LYS C 1543 -3.23 -64.33 2.84
C LYS C 1543 -3.65 -63.25 1.85
N LEU C 1544 -2.69 -62.40 1.49
CA LEU C 1544 -2.96 -61.37 0.50
C LEU C 1544 -3.29 -61.95 -0.86
N GLY C 1545 -2.79 -63.15 -1.13
CA GLY C 1545 -3.00 -63.83 -2.43
C GLY C 1545 -4.46 -64.04 -2.76
N THR C 1546 -5.36 -63.73 -1.82
CA THR C 1546 -6.82 -63.92 -2.07
C THR C 1546 -7.26 -63.05 -3.25
N ILE C 1547 -6.82 -61.79 -3.27
CA ILE C 1547 -7.16 -60.83 -4.36
C ILE C 1547 -5.87 -60.13 -4.82
N LYS C 1548 -5.64 -60.04 -6.13
CA LYS C 1548 -4.42 -59.36 -6.63
C LYS C 1548 -4.46 -57.89 -6.19
N GLY C 1549 -5.62 -57.25 -6.35
CA GLY C 1549 -5.81 -55.85 -5.93
C GLY C 1549 -5.09 -54.85 -6.82
N GLN C 1550 -4.92 -53.62 -6.32
CA GLN C 1550 -4.20 -52.53 -7.02
C GLN C 1550 -3.03 -52.11 -6.15
N PHE C 1551 -3.32 -51.77 -4.89
CA PHE C 1551 -2.28 -51.39 -3.89
C PHE C 1551 -2.73 -51.87 -2.50
N ASN C 1552 -3.48 -52.97 -2.44
CA ASN C 1552 -4.01 -53.48 -1.18
C ASN C 1552 -2.83 -53.95 -0.32
N PHE C 1553 -2.09 -52.96 0.19
CA PHE C 1553 -0.83 -53.21 0.88
C PHE C 1553 -1.01 -54.09 2.11
N VAL C 1554 -1.72 -53.62 3.11
CA VAL C 1554 -1.80 -54.27 4.40
C VAL C 1554 -3.22 -54.75 4.63
N HIS C 1555 -3.36 -55.93 5.21
CA HIS C 1555 -4.66 -56.49 5.54
C HIS C 1555 -4.80 -56.60 7.06
N VAL C 1556 -6.05 -56.63 7.50
CA VAL C 1556 -6.37 -56.82 8.91
C VAL C 1556 -7.42 -57.92 8.99
N ILE C 1557 -6.98 -59.08 9.50
CA ILE C 1557 -7.85 -60.29 9.61
C ILE C 1557 -8.52 -60.30 10.98
N VAL C 1558 -9.84 -60.48 10.99
CA VAL C 1558 -10.61 -60.52 12.23
C VAL C 1558 -11.46 -61.79 12.21
N THR C 1559 -11.35 -62.58 13.26
CA THR C 1559 -12.09 -63.82 13.31
C THR C 1559 -12.98 -63.87 14.54
N PRO C 1560 -14.18 -64.44 14.42
CA PRO C 1560 -15.04 -64.59 15.60
C PRO C 1560 -14.56 -65.70 16.50
N LEU C 1561 -15.32 -65.99 17.55
CA LEU C 1561 -15.00 -67.06 18.47
C LEU C 1561 -16.29 -67.53 19.12
N ASP C 1562 -16.18 -68.55 19.97
CA ASP C 1562 -17.35 -69.11 20.64
C ASP C 1562 -18.15 -68.02 21.36
N TYR C 1563 -17.53 -67.35 22.31
CA TYR C 1563 -18.19 -66.28 23.03
C TYR C 1563 -17.98 -64.95 22.31
N GLU C 1564 -18.31 -63.86 22.98
CA GLU C 1564 -18.26 -62.53 22.36
C GLU C 1564 -16.84 -62.15 21.97
N CYS C 1565 -15.86 -62.50 22.80
CA CYS C 1565 -14.48 -62.13 22.53
C CYS C 1565 -14.01 -62.73 21.21
N ASN C 1566 -13.40 -61.91 20.37
CA ASN C 1566 -13.01 -62.32 19.04
C ASN C 1566 -11.62 -61.79 18.72
N LEU C 1567 -10.92 -62.48 17.84
CA LEU C 1567 -9.50 -62.27 17.63
C LEU C 1567 -9.25 -61.34 16.45
N VAL C 1568 -8.15 -60.60 16.53
CA VAL C 1568 -7.77 -59.61 15.52
C VAL C 1568 -6.27 -59.70 15.29
N SER C 1569 -5.85 -59.59 14.03
CA SER C 1569 -4.44 -59.55 13.69
C SER C 1569 -4.28 -58.79 12.38
N LEU C 1570 -3.03 -58.61 11.95
CA LEU C 1570 -2.74 -57.83 10.75
C LEU C 1570 -1.59 -58.47 9.99
N GLN C 1571 -1.54 -58.18 8.69
CA GLN C 1571 -0.56 -58.76 7.78
C GLN C 1571 -0.03 -57.70 6.83
N CYS C 1572 1.29 -57.70 6.65
CA CYS C 1572 1.95 -56.81 5.71
C CYS C 1572 1.92 -57.36 4.30
N ARG C 1573 2.42 -56.54 3.37
CA ARG C 1573 2.70 -56.97 2.01
C ARG C 1573 4.14 -57.40 1.83
N LYS C 1574 4.78 -57.88 2.91
CA LYS C 1574 6.15 -58.37 2.89
C LYS C 1574 7.15 -57.30 2.46
N ASP C 1575 6.74 -56.04 2.47
CA ASP C 1575 7.57 -54.96 1.95
C ASP C 1575 7.65 -53.82 2.95
N MET C 1576 6.60 -53.62 3.73
CA MET C 1576 6.52 -52.52 4.67
C MET C 1576 6.33 -52.98 6.11
N GLU C 1577 6.52 -54.28 6.38
CA GLU C 1577 6.40 -54.77 7.74
C GLU C 1577 7.40 -54.09 8.67
N GLY C 1578 8.52 -53.60 8.12
CA GLY C 1578 9.41 -52.77 8.91
C GLY C 1578 8.72 -51.52 9.41
N LEU C 1579 7.88 -50.91 8.56
CA LEU C 1579 7.16 -49.71 8.96
C LEU C 1579 6.03 -50.05 9.93
N VAL C 1580 5.25 -51.08 9.61
CA VAL C 1580 4.11 -51.48 10.43
C VAL C 1580 4.36 -52.89 10.95
N ASP C 1581 4.44 -53.02 12.28
CA ASP C 1581 4.65 -54.33 12.88
C ASP C 1581 3.53 -55.28 12.50
N THR C 1582 3.85 -56.57 12.47
CA THR C 1582 2.92 -57.59 12.02
C THR C 1582 2.53 -58.59 13.11
N SER C 1583 3.38 -58.81 14.10
CA SER C 1583 3.10 -59.76 15.16
C SER C 1583 2.23 -59.12 16.26
N VAL C 1584 1.11 -58.57 15.82
CA VAL C 1584 0.19 -57.86 16.70
C VAL C 1584 -1.17 -58.53 16.58
N ALA C 1585 -1.45 -59.46 17.47
CA ALA C 1585 -2.77 -60.04 17.62
C ALA C 1585 -3.38 -59.57 18.93
N LYS C 1586 -4.69 -59.67 19.03
CA LYS C 1586 -5.36 -59.23 20.25
C LYS C 1586 -6.78 -59.73 20.28
N ILE C 1587 -7.29 -59.93 21.47
CA ILE C 1587 -8.66 -60.33 21.67
C ILE C 1587 -9.48 -59.09 22.00
N VAL C 1588 -10.73 -59.06 21.55
CA VAL C 1588 -11.58 -57.90 21.76
C VAL C 1588 -13.05 -58.32 21.71
N SER C 1589 -13.83 -57.86 22.68
CA SER C 1589 -15.24 -58.22 22.75
C SER C 1589 -16.05 -57.47 21.70
N ASP C 1590 -17.34 -57.76 21.66
CA ASP C 1590 -18.20 -57.26 20.58
C ASP C 1590 -18.25 -55.74 20.58
N ARG C 1591 -18.68 -55.14 21.67
CA ARG C 1591 -18.91 -53.70 21.69
C ARG C 1591 -17.63 -52.88 21.59
N ASN C 1592 -16.49 -53.55 21.39
CA ASN C 1592 -15.19 -52.82 21.31
C ASN C 1592 -14.41 -53.19 20.02
N LEU C 1593 -14.77 -54.28 19.34
CA LEU C 1593 -14.05 -54.67 18.14
C LEU C 1593 -14.20 -53.69 16.97
N PRO C 1594 -15.36 -53.10 16.67
CA PRO C 1594 -15.40 -52.16 15.54
C PRO C 1594 -14.47 -50.98 15.71
N PHE C 1595 -14.43 -50.40 16.90
CA PHE C 1595 -13.62 -49.21 17.11
C PHE C 1595 -12.13 -49.53 16.94
N VAL C 1596 -11.64 -50.52 17.68
CA VAL C 1596 -10.21 -50.85 17.59
C VAL C 1596 -9.87 -51.31 16.18
N ALA C 1597 -10.79 -52.01 15.53
CA ALA C 1597 -10.58 -52.42 14.15
C ALA C 1597 -10.34 -51.21 13.25
N ARG C 1598 -11.32 -50.31 13.20
CA ARG C 1598 -11.19 -49.13 12.37
C ARG C 1598 -9.97 -48.31 12.76
N GLN C 1599 -9.59 -48.35 14.04
CA GLN C 1599 -8.44 -47.58 14.49
C GLN C 1599 -7.16 -48.10 13.87
N MET C 1600 -6.86 -49.37 14.12
CA MET C 1600 -5.66 -49.96 13.52
C MET C 1600 -5.71 -49.88 12.01
N ALA C 1601 -6.91 -49.95 11.43
CA ALA C 1601 -7.04 -49.79 9.99
C ALA C 1601 -6.57 -48.41 9.56
N LEU C 1602 -6.99 -47.38 10.29
CA LEU C 1602 -6.56 -46.03 9.96
C LEU C 1602 -5.05 -45.90 10.09
N HIS C 1603 -4.48 -46.54 11.12
CA HIS C 1603 -3.04 -46.55 11.27
C HIS C 1603 -2.38 -47.15 10.03
N ALA C 1604 -2.91 -48.28 9.57
CA ALA C 1604 -2.36 -48.92 8.39
C ALA C 1604 -2.49 -48.02 7.16
N ASN C 1605 -3.62 -47.34 7.02
CA ASN C 1605 -3.81 -46.44 5.90
C ASN C 1605 -2.78 -45.31 5.94
N MET C 1606 -2.56 -44.76 7.13
CA MET C 1606 -1.49 -43.78 7.30
C MET C 1606 -0.17 -44.35 6.81
N ALA C 1607 0.17 -45.56 7.25
CA ALA C 1607 1.41 -46.18 6.82
C ALA C 1607 1.48 -46.28 5.31
N SER C 1608 0.38 -46.68 4.68
CA SER C 1608 0.38 -46.88 3.23
C SER C 1608 0.56 -45.57 2.48
N GLN C 1609 -0.15 -44.53 2.91
CA GLN C 1609 0.01 -43.23 2.26
C GLN C 1609 1.43 -42.73 2.43
N VAL C 1610 2.00 -42.90 3.63
CA VAL C 1610 3.39 -42.50 3.84
C VAL C 1610 4.31 -43.28 2.93
N HIS C 1611 4.00 -44.56 2.69
CA HIS C 1611 4.86 -45.36 1.83
C HIS C 1611 4.81 -44.86 0.39
N HIS C 1612 3.58 -44.68 -0.11
CA HIS C 1612 3.37 -44.18 -1.50
C HIS C 1612 4.12 -42.85 -1.67
N SER C 1613 3.89 -41.91 -0.75
CA SER C 1613 4.57 -40.62 -0.80
C SER C 1613 6.07 -40.80 -0.72
N ARG C 1614 6.53 -41.77 0.06
CA ARG C 1614 7.95 -42.05 0.17
C ARG C 1614 8.53 -42.53 -1.14
N SER C 1615 7.67 -43.05 -2.02
CA SER C 1615 8.13 -43.45 -3.38
C SER C 1615 8.36 -42.18 -4.20
N ASN C 1616 8.10 -41.01 -3.60
CA ASN C 1616 8.27 -39.70 -4.23
C ASN C 1616 7.56 -39.63 -5.58
N PRO C 1617 6.23 -39.71 -5.61
CA PRO C 1617 5.51 -39.51 -6.87
C PRO C 1617 5.03 -38.08 -7.10
N THR C 1618 5.46 -37.13 -6.27
CA THR C 1618 5.07 -35.72 -6.39
C THR C 1618 3.55 -35.57 -6.41
N ASP C 1619 2.87 -36.42 -5.65
CA ASP C 1619 1.42 -36.44 -5.61
C ASP C 1619 0.92 -35.74 -4.34
N ILE C 1620 -0.39 -35.85 -4.08
CA ILE C 1620 -0.98 -35.22 -2.92
C ILE C 1620 -0.38 -35.80 -1.65
N TYR C 1621 0.33 -34.97 -0.90
CA TYR C 1621 0.85 -35.39 0.39
C TYR C 1621 -0.31 -35.78 1.30
N PRO C 1622 -0.14 -36.80 2.14
CA PRO C 1622 -1.25 -37.19 3.05
C PRO C 1622 -1.69 -36.07 3.96
N SER C 1623 -0.76 -35.27 4.48
CA SER C 1623 -1.10 -34.13 5.33
C SER C 1623 -1.65 -33.04 4.43
N LYS C 1624 -2.96 -33.12 4.17
CA LYS C 1624 -3.62 -32.18 3.26
C LYS C 1624 -3.31 -30.74 3.60
N TRP C 1625 -3.06 -30.45 4.88
CA TRP C 1625 -2.70 -29.09 5.28
C TRP C 1625 -1.41 -28.66 4.61
N ILE C 1626 -0.33 -29.41 4.82
CA ILE C 1626 0.93 -29.08 4.15
C ILE C 1626 0.75 -29.17 2.65
N ALA C 1627 -0.16 -30.01 2.17
CA ALA C 1627 -0.45 -30.07 0.75
C ALA C 1627 -0.90 -28.72 0.22
N ARG C 1628 -1.98 -28.18 0.77
CA ARG C 1628 -2.47 -26.89 0.31
C ARG C 1628 -1.49 -25.77 0.63
N LEU C 1629 -0.65 -25.94 1.64
CA LEU C 1629 0.39 -24.95 1.87
C LEU C 1629 1.38 -24.96 0.71
N ARG C 1630 1.74 -26.14 0.23
CA ARG C 1630 2.55 -26.23 -0.97
C ARG C 1630 1.84 -25.60 -2.15
N HIS C 1631 0.53 -25.82 -2.24
CA HIS C 1631 -0.28 -25.16 -3.27
C HIS C 1631 -0.06 -23.65 -3.24
N ILE C 1632 -0.14 -23.06 -2.06
CA ILE C 1632 -0.03 -21.62 -1.92
C ILE C 1632 1.39 -21.15 -2.24
N LYS C 1633 2.40 -21.86 -1.74
CA LYS C 1633 3.77 -21.51 -2.08
C LYS C 1633 4.01 -21.64 -3.58
N ARG C 1634 3.32 -22.58 -4.23
CA ARG C 1634 3.41 -22.70 -5.67
C ARG C 1634 2.80 -21.50 -6.36
N LEU C 1635 1.67 -21.01 -5.84
CA LEU C 1635 1.12 -19.75 -6.34
C LEU C 1635 2.15 -18.63 -6.23
N ARG C 1636 2.76 -18.51 -5.06
CA ARG C 1636 3.79 -17.51 -4.83
C ARG C 1636 4.88 -17.60 -5.89
N GLN C 1637 5.47 -18.79 -6.03
CA GLN C 1637 6.50 -19.00 -7.05
C GLN C 1637 6.00 -18.68 -8.45
N ARG C 1638 4.73 -18.96 -8.71
CA ARG C 1638 4.15 -18.69 -10.02
C ARG C 1638 4.18 -17.20 -10.32
N ILE C 1639 3.78 -16.37 -9.34
CA ILE C 1639 3.76 -14.93 -9.57
C ILE C 1639 5.18 -14.42 -9.78
N CYS C 1640 6.06 -14.63 -8.81
CA CYS C 1640 7.42 -14.14 -8.90
C CYS C 1640 8.25 -15.03 -9.81
N ASP D 746 9.92 -150.83 -6.35
CA ASP D 746 9.54 -149.63 -5.61
C ASP D 746 8.97 -148.60 -6.59
N ILE D 747 9.17 -148.85 -7.88
CA ILE D 747 8.75 -147.91 -8.90
C ILE D 747 7.22 -147.82 -8.95
N GLN D 748 6.53 -148.96 -8.86
CA GLN D 748 5.08 -148.93 -8.75
C GLN D 748 4.65 -148.37 -7.40
N MET D 749 5.39 -148.70 -6.34
CA MET D 749 5.17 -148.04 -5.06
C MET D 749 5.44 -146.54 -5.17
N TRP D 750 6.36 -146.15 -6.05
CA TRP D 750 6.57 -144.73 -6.30
C TRP D 750 5.35 -144.10 -6.97
N LYS D 751 4.74 -144.81 -7.93
CA LYS D 751 3.48 -144.34 -8.52
C LYS D 751 2.41 -144.18 -7.44
N VAL D 752 2.36 -145.13 -6.49
CA VAL D 752 1.43 -145.04 -5.38
C VAL D 752 1.68 -143.78 -4.57
N SER D 753 2.94 -143.50 -4.26
CA SER D 753 3.29 -142.28 -3.56
C SER D 753 2.86 -141.04 -4.34
N LEU D 754 3.10 -141.05 -5.66
CA LEU D 754 2.62 -139.98 -6.53
C LEU D 754 1.14 -139.70 -6.31
N GLN D 755 0.31 -140.73 -6.50
CA GLN D 755 -1.14 -140.51 -6.44
C GLN D 755 -1.59 -140.15 -5.03
N LYS D 756 -0.89 -140.63 -4.00
CA LYS D 756 -1.22 -140.24 -2.63
C LYS D 756 -0.98 -138.75 -2.42
N GLU D 757 0.19 -138.27 -2.84
CA GLU D 757 0.49 -136.85 -2.72
C GLU D 757 -0.53 -136.01 -3.50
N GLN D 758 -0.83 -136.44 -4.73
CA GLN D 758 -1.78 -135.70 -5.56
C GLN D 758 -3.14 -135.62 -4.86
N ALA D 759 -3.60 -136.74 -4.31
CA ALA D 759 -4.89 -136.76 -3.62
C ALA D 759 -4.89 -135.81 -2.44
N ARG D 760 -3.87 -135.88 -1.59
CA ARG D 760 -3.84 -135.05 -0.38
C ARG D 760 -3.82 -133.56 -0.74
N TYR D 761 -3.04 -133.19 -1.75
CA TYR D 761 -2.91 -131.78 -2.06
C TYR D 761 -4.15 -131.24 -2.78
N ASN D 762 -4.74 -132.04 -3.68
CA ASN D 762 -6.03 -131.68 -4.23
C ASN D 762 -7.09 -131.58 -3.13
N GLN D 763 -6.92 -132.33 -2.05
CA GLN D 763 -7.86 -132.27 -0.94
C GLN D 763 -7.79 -130.93 -0.22
N LEU D 764 -6.58 -130.50 0.15
CA LEU D 764 -6.47 -129.20 0.82
C LEU D 764 -6.75 -128.03 -0.13
N GLN D 765 -6.61 -128.25 -1.44
CA GLN D 765 -6.90 -127.21 -2.43
C GLN D 765 -8.34 -126.70 -2.28
N GLU D 766 -9.29 -127.62 -2.10
CA GLU D 766 -10.69 -127.19 -1.99
C GLU D 766 -10.95 -126.43 -0.70
N GLN D 767 -10.24 -126.77 0.38
CA GLN D 767 -10.34 -125.97 1.60
C GLN D 767 -9.90 -124.54 1.34
N ARG D 768 -8.78 -124.38 0.63
CA ARG D 768 -8.33 -123.03 0.30
C ARG D 768 -9.34 -122.31 -0.59
N ASP D 769 -9.91 -123.02 -1.56
CA ASP D 769 -10.85 -122.37 -2.47
C ASP D 769 -12.15 -121.98 -1.78
N THR D 770 -12.59 -122.76 -0.78
CA THR D 770 -13.79 -122.34 -0.06
C THR D 770 -13.50 -121.18 0.88
N MET D 771 -12.28 -121.09 1.41
CA MET D 771 -11.88 -119.85 2.06
C MET D 771 -12.03 -118.66 1.10
N VAL D 772 -11.50 -118.81 -0.12
CA VAL D 772 -11.65 -117.77 -1.13
C VAL D 772 -13.12 -117.41 -1.34
N THR D 773 -13.97 -118.42 -1.44
CA THR D 773 -15.40 -118.16 -1.70
C THR D 773 -16.06 -117.44 -0.54
N LYS D 774 -15.68 -117.78 0.69
CA LYS D 774 -16.19 -117.04 1.86
C LYS D 774 -15.82 -115.57 1.75
N LEU D 775 -14.56 -115.29 1.42
CA LEU D 775 -14.15 -113.90 1.29
C LEU D 775 -14.88 -113.21 0.14
N HIS D 776 -15.17 -113.95 -0.93
CA HIS D 776 -15.93 -113.41 -2.05
C HIS D 776 -17.31 -112.96 -1.59
N SER D 777 -17.99 -113.81 -0.81
CA SER D 777 -19.32 -113.46 -0.32
C SER D 777 -19.26 -112.24 0.60
N GLN D 778 -18.24 -112.16 1.44
CA GLN D 778 -18.06 -110.97 2.26
C GLN D 778 -17.88 -109.73 1.39
N ILE D 779 -17.12 -109.86 0.30
CA ILE D 779 -16.94 -108.75 -0.64
C ILE D 779 -18.30 -108.30 -1.18
N ARG D 780 -19.12 -109.27 -1.62
CA ARG D 780 -20.44 -108.93 -2.13
C ARG D 780 -21.24 -108.15 -1.10
N GLN D 781 -21.28 -108.63 0.13
CA GLN D 781 -22.08 -107.98 1.16
C GLN D 781 -21.61 -106.55 1.41
N LEU D 782 -20.30 -106.37 1.62
CA LEU D 782 -19.76 -105.04 1.90
C LEU D 782 -20.03 -104.10 0.72
N GLN D 783 -19.85 -104.58 -0.50
CA GLN D 783 -20.06 -103.75 -1.68
C GLN D 783 -21.52 -103.29 -1.77
N HIS D 784 -22.45 -104.20 -1.52
CA HIS D 784 -23.87 -103.84 -1.55
C HIS D 784 -24.17 -102.78 -0.49
N ASP D 785 -23.65 -102.97 0.72
CA ASP D 785 -23.91 -102.00 1.79
C ASP D 785 -23.35 -100.63 1.44
N ARG D 786 -22.16 -100.60 0.84
CA ARG D 786 -21.57 -99.32 0.44
C ARG D 786 -22.40 -98.64 -0.65
N GLU D 787 -22.91 -99.41 -1.61
CA GLU D 787 -23.75 -98.82 -2.65
C GLU D 787 -25.01 -98.20 -2.06
N GLU D 788 -25.63 -98.89 -1.11
CA GLU D 788 -26.83 -98.32 -0.49
C GLU D 788 -26.51 -97.04 0.28
N PHE D 789 -25.40 -97.05 1.03
CA PHE D 789 -24.93 -95.82 1.67
C PHE D 789 -24.74 -94.70 0.66
N TYR D 790 -24.19 -95.04 -0.53
CA TYR D 790 -23.96 -94.03 -1.55
C TYR D 790 -25.28 -93.41 -2.02
N ASN D 791 -26.28 -94.26 -2.29
CA ASN D 791 -27.59 -93.75 -2.68
C ASN D 791 -28.14 -92.80 -1.61
N GLN D 792 -28.08 -93.22 -0.35
CA GLN D 792 -28.55 -92.38 0.74
C GLN D 792 -27.84 -91.03 0.74
N SER D 793 -26.51 -91.06 0.64
CA SER D 793 -25.72 -89.83 0.70
C SER D 793 -26.05 -88.89 -0.45
N GLN D 794 -26.17 -89.43 -1.66
CA GLN D 794 -26.46 -88.59 -2.81
C GLN D 794 -27.81 -87.91 -2.67
N GLU D 795 -28.84 -88.67 -2.26
CA GLU D 795 -30.14 -88.04 -2.13
C GLU D 795 -30.14 -87.00 -1.00
N LEU D 796 -29.44 -87.29 0.10
CA LEU D 796 -29.36 -86.32 1.18
C LEU D 796 -28.70 -85.03 0.72
N GLN D 797 -27.62 -85.14 -0.06
CA GLN D 797 -26.92 -83.92 -0.47
C GLN D 797 -27.72 -83.16 -1.52
N THR D 798 -28.55 -83.83 -2.32
CA THR D 798 -29.47 -83.08 -3.18
C THR D 798 -30.50 -82.33 -2.36
N LYS D 799 -31.01 -82.94 -1.29
CA LYS D 799 -31.91 -82.22 -0.39
C LYS D 799 -31.25 -80.98 0.17
N LEU D 800 -30.04 -81.16 0.72
CA LEU D 800 -29.24 -80.04 1.20
C LEU D 800 -29.08 -78.97 0.12
N GLU D 801 -28.79 -79.40 -1.11
CA GLU D 801 -28.57 -78.48 -2.21
C GLU D 801 -29.79 -77.58 -2.42
N ASP D 802 -30.96 -78.20 -2.61
CA ASP D 802 -32.15 -77.40 -2.90
C ASP D 802 -32.47 -76.46 -1.74
N CYS D 803 -32.34 -76.94 -0.50
CA CYS D 803 -32.73 -76.07 0.61
C CYS D 803 -31.75 -74.91 0.77
N ARG D 804 -30.45 -75.13 0.53
CA ARG D 804 -29.50 -74.03 0.61
C ARG D 804 -29.74 -73.02 -0.50
N ASN D 805 -29.99 -73.51 -1.72
CA ASN D 805 -30.29 -72.62 -2.83
C ASN D 805 -31.55 -71.79 -2.57
N MET D 806 -32.53 -72.32 -1.84
CA MET D 806 -33.66 -71.47 -1.49
C MET D 806 -33.33 -70.50 -0.37
N ILE D 807 -32.60 -70.99 0.65
CA ILE D 807 -32.29 -70.18 1.83
C ILE D 807 -31.52 -68.94 1.46
N ALA D 808 -30.56 -69.07 0.53
CA ALA D 808 -29.71 -67.93 0.18
C ALA D 808 -30.55 -66.75 -0.31
N GLU D 809 -31.31 -66.96 -1.39
CA GLU D 809 -32.09 -65.87 -1.94
C GLU D 809 -33.25 -65.48 -1.03
N LEU D 810 -33.74 -66.41 -0.21
CA LEU D 810 -34.71 -66.07 0.82
C LEU D 810 -34.18 -64.95 1.72
N ARG D 811 -33.04 -65.21 2.38
CA ARG D 811 -32.47 -64.20 3.26
C ARG D 811 -32.05 -62.96 2.49
N ILE D 812 -31.64 -63.12 1.23
CA ILE D 812 -31.31 -61.96 0.40
C ILE D 812 -32.51 -61.03 0.30
N GLU D 813 -33.65 -61.56 -0.15
CA GLU D 813 -34.85 -60.74 -0.29
C GLU D 813 -35.28 -60.16 1.05
N LEU D 814 -35.21 -60.96 2.12
CA LEU D 814 -35.60 -60.47 3.44
C LEU D 814 -34.78 -59.24 3.83
N LYS D 815 -33.46 -59.38 3.83
CA LYS D 815 -32.60 -58.28 4.26
C LYS D 815 -32.72 -57.09 3.31
N LYS D 816 -32.92 -57.34 2.02
CA LYS D 816 -33.12 -56.25 1.07
C LYS D 816 -34.33 -55.41 1.46
N ALA D 817 -35.49 -56.06 1.55
CA ALA D 817 -36.70 -55.34 1.91
C ALA D 817 -36.54 -54.62 3.25
N ASN D 818 -35.94 -55.29 4.24
CA ASN D 818 -35.86 -54.72 5.57
C ASN D 818 -34.97 -53.48 5.60
N ASN D 819 -33.78 -53.57 5.00
CA ASN D 819 -32.90 -52.41 4.97
C ASN D 819 -33.51 -51.29 4.14
N LYS D 820 -34.32 -51.61 3.13
CA LYS D 820 -35.01 -50.54 2.42
C LYS D 820 -36.02 -49.85 3.32
N VAL D 821 -36.70 -50.61 4.17
CA VAL D 821 -37.58 -50.00 5.17
C VAL D 821 -36.78 -49.08 6.09
N CYS D 822 -35.61 -49.54 6.52
CA CYS D 822 -34.76 -48.71 7.37
C CYS D 822 -34.41 -47.40 6.66
N HIS D 823 -34.03 -47.49 5.38
CA HIS D 823 -33.69 -46.31 4.60
C HIS D 823 -34.86 -45.33 4.54
N THR D 824 -36.05 -45.85 4.21
CA THR D 824 -37.24 -45.00 4.16
C THR D 824 -37.51 -44.35 5.51
N GLU D 825 -37.32 -45.11 6.60
CA GLU D 825 -37.51 -44.55 7.93
C GLU D 825 -36.52 -43.42 8.20
N LEU D 826 -35.28 -43.59 7.75
CA LEU D 826 -34.29 -42.53 7.91
C LEU D 826 -34.73 -41.26 7.19
N LEU D 827 -35.14 -41.40 5.93
CA LEU D 827 -35.60 -40.25 5.16
C LEU D 827 -36.78 -39.57 5.85
N LEU D 828 -37.74 -40.37 6.34
CA LEU D 828 -38.90 -39.79 6.99
C LEU D 828 -38.53 -39.13 8.30
N SER D 829 -37.55 -39.68 9.02
CA SER D 829 -37.06 -39.01 10.22
C SER D 829 -36.53 -37.63 9.88
N GLN D 830 -35.70 -37.55 8.84
CA GLN D 830 -35.22 -36.25 8.38
C GLN D 830 -36.37 -35.31 8.08
N VAL D 831 -37.38 -35.79 7.35
CA VAL D 831 -38.49 -34.95 6.92
C VAL D 831 -39.27 -34.43 8.12
N SER D 832 -39.62 -35.33 9.04
CA SER D 832 -40.39 -34.93 10.23
C SER D 832 -39.59 -34.01 11.14
N GLN D 833 -38.27 -34.21 11.22
CA GLN D 833 -37.45 -33.31 12.01
C GLN D 833 -37.46 -31.90 11.42
N LYS D 834 -37.26 -31.78 10.11
CA LYS D 834 -37.35 -30.48 9.48
C LYS D 834 -38.74 -29.88 9.63
N LEU D 835 -39.77 -30.73 9.66
CA LEU D 835 -41.12 -30.26 9.92
C LEU D 835 -41.23 -29.62 11.29
N SER D 836 -40.77 -30.33 12.33
CA SER D 836 -40.82 -29.80 13.69
C SER D 836 -40.04 -28.50 13.79
N ASN D 837 -38.87 -28.47 13.15
CA ASN D 837 -38.04 -27.25 13.15
C ASN D 837 -38.83 -26.13 12.45
N SER D 838 -39.43 -26.47 11.30
CA SER D 838 -40.21 -25.50 10.49
C SER D 838 -41.37 -24.95 11.33
N GLU D 839 -42.23 -25.83 11.83
CA GLU D 839 -43.41 -25.41 12.63
C GLU D 839 -42.95 -24.68 13.89
N SER D 840 -41.89 -25.19 14.55
CA SER D 840 -41.38 -24.56 15.79
C SER D 840 -40.88 -23.14 15.48
N VAL D 841 -40.14 -22.97 14.37
CA VAL D 841 -39.62 -21.62 13.97
C VAL D 841 -40.79 -20.74 13.51
N GLN D 842 -42.04 -21.22 13.53
CA GLN D 842 -43.12 -20.31 13.03
C GLN D 842 -43.32 -19.13 13.98
N GLN D 843 -43.17 -19.33 15.30
CA GLN D 843 -43.30 -18.13 16.18
C GLN D 843 -42.27 -17.08 15.77
N GLN D 844 -41.04 -17.53 15.46
CA GLN D 844 -39.96 -16.60 15.03
C GLN D 844 -40.39 -15.93 13.72
N MET D 845 -40.96 -16.71 12.79
CA MET D 845 -41.43 -16.16 11.50
C MET D 845 -42.51 -15.10 11.77
N GLU D 846 -43.44 -15.41 12.67
CA GLU D 846 -44.54 -14.48 13.04
C GLU D 846 -43.96 -13.17 13.58
N PHE D 847 -42.93 -13.26 14.43
CA PHE D 847 -42.29 -12.08 15.05
C PHE D 847 -41.96 -11.02 13.98
N LEU D 848 -41.31 -11.46 12.89
CA LEU D 848 -40.91 -10.60 11.75
C LEU D 848 -42.10 -9.73 11.33
N ASN D 849 -43.30 -10.31 11.31
CA ASN D 849 -44.53 -9.57 10.90
C ASN D 849 -44.64 -8.28 11.72
N ARG D 850 -44.63 -8.40 13.05
CA ARG D 850 -44.75 -7.23 13.97
C ARG D 850 -43.76 -6.14 13.56
N GLN D 851 -42.46 -6.45 13.60
CA GLN D 851 -41.39 -5.52 13.26
C GLN D 851 -41.69 -4.82 11.93
N LEU D 852 -42.42 -5.48 11.05
CA LEU D 852 -42.80 -4.87 9.78
C LEU D 852 -43.69 -3.68 10.02
N LEU D 853 -44.70 -3.84 10.86
CA LEU D 853 -45.60 -2.75 11.18
C LEU D 853 -44.86 -1.61 11.86
N VAL D 854 -43.99 -1.93 12.82
CA VAL D 854 -43.30 -0.85 13.52
C VAL D 854 -42.37 -0.10 12.56
N LEU D 855 -41.74 -0.83 11.63
CA LEU D 855 -40.91 -0.16 10.63
C LEU D 855 -41.77 0.71 9.72
N GLY D 856 -42.94 0.22 9.34
CA GLY D 856 -43.83 1.04 8.52
C GLY D 856 -44.19 2.35 9.21
N GLU D 857 -44.57 2.28 10.48
CA GLU D 857 -45.02 3.48 11.16
C GLU D 857 -43.87 4.44 11.42
N VAL D 858 -42.68 3.92 11.74
CA VAL D 858 -41.55 4.85 11.89
C VAL D 858 -41.17 5.45 10.56
N ASN D 859 -41.33 4.70 9.47
CA ASN D 859 -41.13 5.26 8.14
C ASN D 859 -42.07 6.42 7.91
N GLU D 860 -43.35 6.24 8.25
CA GLU D 860 -44.31 7.33 8.09
C GLU D 860 -43.90 8.53 8.93
N LEU D 861 -43.51 8.30 10.17
CA LEU D 861 -43.11 9.40 11.04
C LEU D 861 -41.94 10.19 10.45
N TYR D 862 -40.91 9.47 9.99
CA TYR D 862 -39.74 10.15 9.43
C TYR D 862 -40.11 10.89 8.15
N LEU D 863 -40.95 10.28 7.31
CA LEU D 863 -41.35 10.94 6.07
C LEU D 863 -42.10 12.23 6.37
N GLU D 864 -42.96 12.22 7.39
CA GLU D 864 -43.72 13.43 7.65
C GLU D 864 -42.91 14.47 8.40
N GLN D 865 -41.85 14.00 9.08
CA GLN D 865 -40.88 14.91 9.73
C GLN D 865 -40.18 15.63 8.58
N LEU D 866 -39.73 14.85 7.59
CA LEU D 866 -39.14 15.38 6.36
C LEU D 866 -40.09 16.36 5.68
N GLN D 867 -41.39 16.07 5.73
CA GLN D 867 -42.38 16.98 5.17
C GLN D 867 -42.36 18.32 5.90
N ASN D 868 -42.63 18.31 7.20
CA ASN D 868 -42.83 19.57 7.90
C ASN D 868 -41.54 20.32 8.18
N LYS D 869 -40.36 19.73 7.94
CA LYS D 869 -39.11 20.46 8.08
C LYS D 869 -38.38 20.68 6.77
N HIS D 870 -38.75 19.98 5.71
CA HIS D 870 -38.13 20.07 4.39
C HIS D 870 -39.02 20.79 3.40
N SER D 871 -40.30 20.41 3.33
CA SER D 871 -41.28 21.11 2.51
C SER D 871 -41.78 22.33 3.28
N ASP D 872 -40.87 23.28 3.46
CA ASP D 872 -41.15 24.57 4.08
C ASP D 872 -41.04 25.65 3.02
N THR D 873 -41.23 26.90 3.46
CA THR D 873 -41.35 28.02 2.52
C THR D 873 -40.07 28.86 2.55
N THR D 874 -39.11 28.43 1.74
CA THR D 874 -38.00 29.31 1.40
C THR D 874 -38.43 30.28 0.31
N LYS D 875 -37.48 31.10 -0.13
CA LYS D 875 -37.62 32.00 -1.28
C LYS D 875 -38.65 33.10 -1.04
N GLU D 876 -39.40 32.99 0.05
CA GLU D 876 -40.17 34.14 0.54
C GLU D 876 -39.25 35.06 1.31
N VAL D 877 -38.32 34.43 2.04
CA VAL D 877 -37.29 35.12 2.88
C VAL D 877 -36.41 35.94 1.94
N GLU D 878 -35.99 35.36 0.82
CA GLU D 878 -35.16 36.08 -0.18
C GLU D 878 -35.99 37.26 -0.70
N MET D 879 -37.27 37.02 -0.99
CA MET D 879 -38.20 38.09 -1.45
C MET D 879 -38.33 39.12 -0.33
N MET D 880 -38.45 38.64 0.92
CA MET D 880 -38.54 39.55 2.09
C MET D 880 -37.26 40.39 2.17
N LYS D 881 -36.11 39.73 1.95
CA LYS D 881 -34.80 40.43 1.94
C LYS D 881 -34.80 41.40 0.76
N ALA D 882 -35.26 40.91 -0.40
CA ALA D 882 -35.34 41.73 -1.63
C ALA D 882 -36.42 42.80 -1.43
N ALA D 883 -37.54 42.44 -0.80
CA ALA D 883 -38.63 43.40 -0.53
C ALA D 883 -38.11 44.51 0.40
N TYR D 884 -37.34 44.13 1.44
CA TYR D 884 -36.78 45.14 2.37
C TYR D 884 -35.80 46.05 1.61
N ARG D 885 -35.00 45.44 0.72
CA ARG D 885 -34.00 46.17 -0.09
C ARG D 885 -34.71 47.33 -0.79
N LYS D 886 -35.83 47.07 -1.48
CA LYS D 886 -36.54 48.22 -2.12
C LYS D 886 -37.14 49.17 -1.07
N GLU D 887 -36.83 49.09 0.25
CA GLU D 887 -37.47 50.06 1.17
C GLU D 887 -36.35 50.78 1.92
N LEU D 888 -35.53 50.03 2.65
CA LEU D 888 -34.47 50.67 3.46
C LEU D 888 -33.55 51.46 2.54
N GLU D 889 -33.12 50.91 1.42
CA GLU D 889 -32.16 51.65 0.56
C GLU D 889 -32.78 52.97 0.06
N LYS D 890 -34.01 52.92 -0.45
CA LYS D 890 -34.64 54.14 -1.00
C LYS D 890 -34.83 55.18 0.10
N ASN D 891 -35.31 54.72 1.26
CA ASN D 891 -35.60 55.62 2.41
C ASN D 891 -34.29 56.26 2.88
N ARG D 892 -33.21 55.46 2.91
CA ARG D 892 -31.86 55.90 3.34
C ARG D 892 -31.36 56.98 2.37
N SER D 893 -31.57 56.78 1.07
CA SER D 893 -31.13 57.78 0.07
C SER D 893 -31.91 59.09 0.31
N HIS D 894 -33.21 58.96 0.59
CA HIS D 894 -34.04 60.17 0.86
C HIS D 894 -33.51 60.89 2.11
N VAL D 895 -33.17 60.12 3.15
CA VAL D 895 -32.65 60.70 4.42
C VAL D 895 -31.33 61.42 4.15
N LEU D 896 -30.47 60.81 3.31
CA LEU D 896 -29.15 61.40 2.96
C LEU D 896 -29.39 62.74 2.25
N GLN D 897 -30.39 62.83 1.37
CA GLN D 897 -30.65 64.12 0.68
C GLN D 897 -30.91 65.22 1.72
N GLN D 898 -31.86 64.95 2.62
CA GLN D 898 -32.23 65.91 3.70
C GLN D 898 -30.98 66.25 4.51
N THR D 899 -30.12 65.27 4.76
CA THR D 899 -28.87 65.51 5.54
C THR D 899 -28.01 66.52 4.79
N GLN D 900 -27.87 66.34 3.47
CA GLN D 900 -27.04 67.25 2.63
C GLN D 900 -27.64 68.66 2.69
N ARG D 901 -28.98 68.73 2.61
CA ARG D 901 -29.69 70.04 2.63
C ARG D 901 -29.41 70.74 3.96
N LEU D 902 -29.47 70.01 5.07
CA LEU D 902 -29.20 70.61 6.41
C LEU D 902 -27.75 71.07 6.49
N ASP D 903 -26.83 70.25 5.97
CA ASP D 903 -25.37 70.54 6.03
C ASP D 903 -25.06 71.89 5.36
N THR D 904 -25.70 72.18 4.23
CA THR D 904 -25.40 73.43 3.47
C THR D 904 -25.50 74.68 4.35
N SER D 905 -26.73 75.02 4.75
CA SER D 905 -27.13 76.12 5.62
C SER D 905 -26.06 76.42 6.66
N GLN D 906 -25.47 75.39 7.25
CA GLN D 906 -24.42 75.60 8.25
C GLN D 906 -23.28 76.41 7.68
N LYS D 907 -22.70 75.93 6.58
CA LYS D 907 -21.55 76.61 6.00
C LYS D 907 -21.90 78.02 5.55
N ARG D 908 -23.12 78.22 5.08
CA ARG D 908 -23.50 79.57 4.67
C ARG D 908 -23.58 80.50 5.87
N ILE D 909 -24.14 80.01 6.98
CA ILE D 909 -24.12 80.77 8.23
C ILE D 909 -22.69 81.16 8.56
N LEU D 910 -21.77 80.19 8.45
CA LEU D 910 -20.37 80.45 8.76
C LEU D 910 -19.82 81.60 7.92
N GLU D 911 -19.92 81.48 6.60
CA GLU D 911 -19.33 82.49 5.73
C GLU D 911 -19.99 83.85 5.91
N LEU D 912 -21.29 83.87 6.19
CA LEU D 912 -21.96 85.15 6.38
C LEU D 912 -21.51 85.82 7.68
N GLU D 913 -21.32 85.05 8.74
CA GLU D 913 -20.74 85.62 9.95
C GLU D 913 -19.35 86.19 9.67
N SER D 914 -18.55 85.44 8.92
CA SER D 914 -17.22 85.93 8.55
C SER D 914 -17.32 87.26 7.80
N HIS D 915 -18.28 87.36 6.88
CA HIS D 915 -18.44 88.60 6.12
C HIS D 915 -18.86 89.74 7.03
N LEU D 916 -19.82 89.50 7.93
CA LEU D 916 -20.23 90.52 8.88
C LEU D 916 -19.03 91.05 9.64
N ALA D 917 -18.24 90.14 10.20
CA ALA D 917 -17.06 90.54 10.96
C ALA D 917 -16.11 91.39 10.11
N LYS D 918 -15.71 90.85 8.95
CA LYS D 918 -14.72 91.55 8.14
C LYS D 918 -15.23 92.92 7.70
N LYS D 919 -16.51 93.02 7.39
CA LYS D 919 -17.03 94.28 6.86
C LYS D 919 -17.19 95.32 7.97
N ASP D 920 -17.63 94.87 9.16
CA ASP D 920 -17.78 95.79 10.31
C ASP D 920 -16.40 96.36 10.65
N HIS D 921 -15.40 95.48 10.68
CA HIS D 921 -13.99 95.86 10.95
C HIS D 921 -13.52 96.79 9.82
N LEU D 922 -13.90 96.48 8.58
CA LEU D 922 -13.54 97.30 7.40
C LEU D 922 -14.16 98.69 7.57
N LEU D 923 -15.41 98.75 8.05
CA LEU D 923 -16.12 100.03 8.29
C LEU D 923 -15.36 100.83 9.35
N LEU D 924 -14.90 100.17 10.42
CA LEU D 924 -14.13 100.87 11.49
C LEU D 924 -12.83 101.43 10.88
N GLU D 925 -12.19 100.64 10.02
CA GLU D 925 -10.93 101.05 9.36
C GLU D 925 -11.22 102.27 8.49
N GLN D 926 -12.36 102.27 7.79
CA GLN D 926 -12.78 103.39 6.91
C GLN D 926 -12.98 104.65 7.75
N LYS D 927 -13.61 104.53 8.93
CA LYS D 927 -13.82 105.70 9.81
C LYS D 927 -12.46 106.26 10.24
N LYS D 928 -11.52 105.35 10.58
CA LYS D 928 -10.16 105.78 11.00
C LYS D 928 -9.49 106.51 9.83
N TYR D 929 -9.66 105.98 8.62
CA TYR D 929 -9.07 106.55 7.38
C TYR D 929 -9.65 107.97 7.17
N LEU D 930 -10.95 108.14 7.40
CA LEU D 930 -11.59 109.47 7.23
C LEU D 930 -10.96 110.44 8.23
N GLU D 931 -10.78 110.02 9.49
CA GLU D 931 -10.16 110.96 10.47
C GLU D 931 -8.75 111.31 10.00
N ASP D 932 -7.99 110.31 9.54
CA ASP D 932 -6.59 110.55 9.10
C ASP D 932 -6.57 111.52 7.91
N VAL D 933 -7.47 111.35 6.94
CA VAL D 933 -7.49 112.24 5.74
C VAL D 933 -7.86 113.67 6.17
N LYS D 934 -8.80 113.81 7.12
CA LYS D 934 -9.19 115.16 7.59
C LYS D 934 -7.97 115.83 8.23
N LEU D 935 -7.22 115.07 9.04
CA LEU D 935 -6.01 115.61 9.72
C LEU D 935 -4.96 116.00 8.67
N GLN D 936 -4.77 115.16 7.65
CA GLN D 936 -3.77 115.43 6.58
C GLN D 936 -4.15 116.72 5.84
N ALA D 937 -5.44 116.89 5.56
CA ALA D 937 -5.95 118.09 4.85
C ALA D 937 -5.65 119.34 5.70
N ARG D 938 -5.86 119.23 7.01
CA ARG D 938 -5.61 120.40 7.91
C ARG D 938 -4.14 120.85 7.83
N GLY D 939 -3.20 119.90 7.88
CA GLY D 939 -1.77 120.17 7.92
C GLY D 939 -1.26 120.75 6.61
N GLN D 940 -1.73 120.21 5.49
CA GLN D 940 -1.31 120.74 4.20
C GLN D 940 -1.74 122.19 4.04
N LEU D 941 -2.97 122.50 4.45
CA LEU D 941 -3.44 123.88 4.40
C LEU D 941 -2.52 124.79 5.20
N GLN D 942 -2.21 124.40 6.44
CA GLN D 942 -1.38 125.25 7.28
C GLN D 942 0.01 125.40 6.68
N ALA D 943 0.55 124.34 6.09
CA ALA D 943 1.86 124.42 5.46
C ALA D 943 1.85 125.43 4.32
N ALA D 944 0.85 125.34 3.44
CA ALA D 944 0.75 126.28 2.34
C ALA D 944 0.62 127.71 2.86
N GLU D 945 -0.18 127.89 3.91
CA GLU D 945 -0.36 129.23 4.47
C GLU D 945 0.97 129.77 4.99
N SER D 946 1.71 128.94 5.72
CA SER D 946 3.01 129.35 6.24
C SER D 946 3.97 129.71 5.11
N ARG D 947 3.86 128.96 4.01
CA ARG D 947 4.69 129.24 2.81
C ARG D 947 4.35 130.67 2.36
N TYR D 948 3.05 130.97 2.24
CA TYR D 948 2.61 132.30 1.86
C TYR D 948 3.14 133.35 2.82
N GLU D 949 3.21 133.01 4.11
CA GLU D 949 3.72 133.97 5.08
C GLU D 949 5.19 134.27 4.83
N ALA D 950 5.97 133.20 4.63
CA ALA D 950 7.42 133.34 4.35
C ALA D 950 7.58 134.24 3.11
N GLN D 951 6.84 133.90 2.06
CA GLN D 951 6.86 134.66 0.78
C GLN D 951 6.53 136.11 1.11
N LYS D 952 5.57 136.32 2.00
CA LYS D 952 5.14 137.69 2.42
C LYS D 952 6.32 138.42 3.06
N ARG D 953 7.13 137.72 3.86
CA ARG D 953 8.29 138.36 4.52
C ARG D 953 9.27 138.89 3.46
N ILE D 954 9.58 138.08 2.44
CA ILE D 954 10.50 138.57 1.36
C ILE D 954 9.80 139.72 0.60
N THR D 955 8.50 139.56 0.34
CA THR D 955 7.69 140.58 -0.36
C THR D 955 7.75 141.90 0.42
N GLN D 956 7.59 141.83 1.75
CA GLN D 956 7.60 143.07 2.57
C GLN D 956 9.03 143.62 2.60
N VAL D 957 10.01 142.73 2.76
CA VAL D 957 11.45 143.14 2.79
C VAL D 957 11.80 143.79 1.44
N PHE D 958 11.34 143.19 0.34
CA PHE D 958 11.61 143.73 -1.02
C PHE D 958 10.98 145.11 -1.15
N GLU D 959 9.75 145.26 -0.64
CA GLU D 959 9.02 146.55 -0.70
C GLU D 959 9.80 147.61 0.07
N LEU D 960 10.35 147.23 1.23
CA LEU D 960 11.14 148.17 2.07
C LEU D 960 12.36 148.67 1.29
N GLU D 961 13.22 147.75 0.83
CA GLU D 961 14.42 148.15 0.08
C GLU D 961 14.06 149.07 -1.07
N ILE D 962 12.89 148.87 -1.68
CA ILE D 962 12.41 149.77 -2.72
C ILE D 962 12.26 151.18 -2.16
N LEU D 963 11.63 151.30 -0.99
CA LEU D 963 11.48 152.61 -0.39
C LEU D 963 12.82 153.18 0.06
N ASP D 964 13.74 152.32 0.50
CA ASP D 964 15.08 152.78 0.87
C ASP D 964 15.78 153.42 -0.32
N LEU D 965 15.78 152.74 -1.45
CA LEU D 965 16.39 153.32 -2.64
C LEU D 965 15.61 154.54 -3.12
N TYR D 966 14.30 154.57 -2.87
CA TYR D 966 13.56 155.82 -3.04
C TYR D 966 14.16 156.92 -2.18
N GLY D 967 14.72 156.56 -1.03
CA GLY D 967 15.42 157.49 -0.17
C GLY D 967 16.49 158.30 -0.88
N ARG D 968 16.95 157.79 -2.03
CA ARG D 968 17.80 158.62 -2.89
C ARG D 968 17.01 159.79 -3.43
N LEU D 969 15.94 159.51 -4.18
CA LEU D 969 15.02 160.53 -4.67
C LEU D 969 13.65 159.93 -4.96
N GLY E 1 -41.96 136.02 -11.29
CA GLY E 1 -41.65 134.66 -10.89
C GLY E 1 -41.17 134.56 -9.45
N VAL E 2 -42.06 134.89 -8.51
CA VAL E 2 -41.69 134.83 -7.10
C VAL E 2 -41.58 133.38 -6.63
N GLU E 3 -42.41 132.49 -7.18
CA GLU E 3 -42.24 131.07 -6.87
C GLU E 3 -40.90 130.56 -7.41
N GLU E 4 -40.49 131.05 -8.57
CA GLU E 4 -39.14 130.75 -9.06
C GLU E 4 -38.08 131.29 -8.11
N LYS E 5 -38.33 132.46 -7.52
CA LYS E 5 -37.38 133.02 -6.56
C LYS E 5 -37.29 132.16 -5.30
N LYS E 6 -38.42 131.60 -4.86
CA LYS E 6 -38.40 130.73 -3.70
C LYS E 6 -37.72 129.40 -4.03
N SER E 7 -37.91 128.88 -5.24
CA SER E 7 -37.19 127.69 -5.66
C SER E 7 -35.69 127.98 -5.74
N LEU E 8 -35.31 129.18 -6.14
CA LEU E 8 -33.92 129.58 -6.13
C LEU E 8 -33.36 129.60 -4.71
N GLU E 9 -34.08 130.24 -3.79
CA GLU E 9 -33.58 130.34 -2.42
C GLU E 9 -33.55 128.98 -1.75
N ILE E 10 -34.41 128.03 -2.16
CA ILE E 10 -34.33 126.71 -1.58
C ILE E 10 -33.22 125.90 -2.24
N LEU E 11 -32.89 126.20 -3.50
CA LEU E 11 -31.67 125.66 -4.09
C LEU E 11 -30.44 126.17 -3.34
N LEU E 12 -30.52 127.39 -2.81
CA LEU E 12 -29.43 127.96 -2.04
C LEU E 12 -29.50 127.64 -0.56
N LYS E 13 -30.58 127.00 -0.09
CA LYS E 13 -30.72 126.73 1.33
C LYS E 13 -29.73 125.67 1.81
N ASP E 14 -29.48 124.65 1.01
CA ASP E 14 -28.56 123.59 1.40
C ASP E 14 -27.13 124.08 1.35
N ASP E 15 -26.33 123.66 2.34
CA ASP E 15 -24.90 123.98 2.33
C ASP E 15 -24.14 123.20 1.28
N ARG E 16 -24.84 122.45 0.41
CA ARG E 16 -24.25 121.79 -0.75
C ARG E 16 -24.82 122.51 -1.97
N LEU E 17 -24.14 123.56 -2.41
CA LEU E 17 -24.64 124.46 -3.44
C LEU E 17 -24.21 123.93 -4.81
N ASP E 18 -25.00 123.02 -5.36
CA ASP E 18 -24.73 122.50 -6.69
C ASP E 18 -24.79 123.63 -7.72
N THR E 19 -24.08 123.44 -8.83
CA THR E 19 -24.12 124.39 -9.92
C THR E 19 -25.07 123.99 -11.05
N GLU E 20 -25.21 122.69 -11.32
CA GLU E 20 -26.04 122.27 -12.45
C GLU E 20 -27.52 122.50 -12.17
N LYS E 21 -27.95 122.39 -10.92
CA LYS E 21 -29.28 122.84 -10.57
C LYS E 21 -29.45 124.32 -10.88
N LEU E 22 -28.49 125.13 -10.43
CA LEU E 22 -28.49 126.54 -10.78
C LEU E 22 -28.31 126.75 -12.28
N CYS E 23 -27.54 125.87 -12.93
CA CYS E 23 -27.35 125.98 -14.37
C CYS E 23 -28.67 125.82 -15.11
N THR E 24 -29.47 124.81 -14.73
CA THR E 24 -30.77 124.62 -15.34
C THR E 24 -31.71 125.77 -15.00
N PHE E 25 -31.72 126.19 -13.73
CA PHE E 25 -32.50 127.36 -13.32
C PHE E 25 -32.21 128.54 -14.25
N SER E 26 -30.94 128.77 -14.54
CA SER E 26 -30.57 129.85 -15.44
C SER E 26 -31.07 129.59 -16.86
N GLN E 27 -30.71 128.42 -17.41
CA GLN E 27 -31.03 128.12 -18.80
C GLN E 27 -32.53 128.14 -19.08
N ARG E 28 -33.37 128.02 -18.05
CA ARG E 28 -34.79 128.13 -18.25
C ARG E 28 -35.40 129.41 -17.71
N PHE E 29 -34.70 130.11 -16.80
CA PHE E 29 -35.25 131.30 -16.18
C PHE E 29 -34.14 132.33 -15.97
N PRO E 30 -34.35 133.58 -16.38
CA PRO E 30 -33.48 134.66 -15.91
C PRO E 30 -33.56 134.77 -14.39
N LEU E 31 -32.55 135.38 -13.82
CA LEU E 31 -32.39 135.33 -12.37
C LEU E 31 -32.82 136.62 -11.72
N PRO E 32 -33.18 136.58 -10.44
CA PRO E 32 -33.34 137.82 -9.68
C PRO E 32 -32.03 138.60 -9.64
N SER E 33 -32.11 139.86 -10.07
CA SER E 33 -30.93 140.77 -10.16
C SER E 33 -30.22 140.90 -8.81
N MET E 34 -30.98 140.99 -7.72
CA MET E 34 -30.40 141.15 -6.36
C MET E 34 -29.53 139.92 -6.04
N TYR E 35 -29.99 138.73 -6.41
CA TYR E 35 -29.23 137.48 -6.11
C TYR E 35 -28.38 137.07 -7.31
N ARG E 36 -28.34 137.86 -8.37
CA ARG E 36 -27.55 137.49 -9.53
C ARG E 36 -26.07 137.36 -9.19
N ALA E 37 -25.45 138.48 -8.79
CA ALA E 37 -24.04 138.47 -8.41
C ALA E 37 -23.68 137.26 -7.58
N LEU E 38 -24.44 137.04 -6.50
CA LEU E 38 -24.18 135.92 -5.60
C LEU E 38 -24.00 134.63 -6.38
N VAL E 39 -25.02 134.22 -7.15
CA VAL E 39 -24.94 132.93 -7.80
C VAL E 39 -23.79 132.92 -8.79
N TRP E 40 -23.52 134.06 -9.43
CA TRP E 40 -22.38 134.14 -10.34
C TRP E 40 -21.09 133.78 -9.63
N LYS E 41 -20.92 134.29 -8.40
CA LYS E 41 -19.75 133.93 -7.60
C LYS E 41 -19.63 132.42 -7.45
N VAL E 42 -20.74 131.75 -7.20
CA VAL E 42 -20.68 130.29 -7.15
C VAL E 42 -20.70 129.71 -8.55
N LEU E 43 -21.35 130.39 -9.49
CA LEU E 43 -21.32 129.92 -10.88
C LEU E 43 -19.90 129.99 -11.43
N LEU E 44 -19.15 131.01 -11.05
CA LEU E 44 -17.81 131.25 -11.60
C LEU E 44 -16.72 130.77 -10.67
N GLY E 45 -16.97 129.71 -9.90
CA GLY E 45 -15.97 129.11 -9.06
C GLY E 45 -15.45 129.96 -7.94
N ILE E 46 -15.85 131.23 -7.85
CA ILE E 46 -15.37 132.10 -6.79
C ILE E 46 -15.77 131.55 -5.43
N LEU E 47 -16.84 130.75 -5.37
CA LEU E 47 -17.30 130.21 -4.12
C LEU E 47 -17.61 128.73 -4.26
N PRO E 48 -17.22 127.92 -3.27
CA PRO E 48 -17.48 126.49 -3.35
C PRO E 48 -18.94 126.19 -3.06
N PRO E 49 -19.39 124.95 -3.31
CA PRO E 49 -20.78 124.59 -3.01
C PRO E 49 -21.13 124.63 -1.54
N HIS E 50 -20.22 125.04 -0.67
CA HIS E 50 -20.46 125.09 0.76
C HIS E 50 -20.28 126.52 1.24
N HIS E 51 -21.40 127.20 1.49
CA HIS E 51 -21.45 128.64 1.85
C HIS E 51 -20.68 128.95 3.14
N GLU E 52 -20.71 128.05 4.12
CA GLU E 52 -20.05 128.34 5.39
C GLU E 52 -18.55 128.54 5.20
N SER E 53 -17.97 127.91 4.17
CA SER E 53 -16.57 128.12 3.87
C SER E 53 -16.33 129.46 3.19
N HIS E 54 -17.34 130.01 2.50
CA HIS E 54 -17.19 131.28 1.75
C HIS E 54 -16.59 132.37 2.66
N ALA E 55 -16.77 132.24 3.98
CA ALA E 55 -16.18 133.22 4.91
C ALA E 55 -14.67 133.34 4.66
N LYS E 56 -13.96 132.20 4.71
CA LYS E 56 -12.49 132.17 4.49
C LYS E 56 -12.17 132.62 3.05
N VAL E 57 -12.93 132.15 2.07
CA VAL E 57 -12.70 132.53 0.64
C VAL E 57 -12.73 134.06 0.55
N MET E 58 -13.69 134.71 1.24
CA MET E 58 -13.78 136.19 1.23
C MET E 58 -12.46 136.77 1.75
N MET E 59 -11.93 136.22 2.84
CA MET E 59 -10.66 136.73 3.43
C MET E 59 -9.54 136.56 2.39
N TYR E 60 -9.50 135.42 1.71
CA TYR E 60 -8.49 135.16 0.66
C TYR E 60 -8.67 136.18 -0.47
N ARG E 61 -9.92 136.43 -0.86
CA ARG E 61 -10.24 137.39 -1.94
C ARG E 61 -9.81 138.80 -1.52
N LYS E 62 -10.34 139.30 -0.40
CA LYS E 62 -9.97 140.65 0.09
C LYS E 62 -8.44 140.77 0.19
N GLU E 63 -7.77 139.70 0.62
CA GLU E 63 -6.29 139.73 0.77
C GLU E 63 -5.59 139.83 -0.59
N GLN E 64 -5.96 138.99 -1.56
CA GLN E 64 -5.28 139.03 -2.88
C GLN E 64 -5.66 140.31 -3.62
N TYR E 65 -6.66 141.03 -3.10
CA TYR E 65 -7.10 142.29 -3.70
C TYR E 65 -6.32 143.47 -3.11
N LEU E 66 -6.34 143.58 -1.79
CA LEU E 66 -5.51 144.58 -1.11
C LEU E 66 -4.05 144.44 -1.51
N ASP E 67 -3.57 143.19 -1.61
CA ASP E 67 -2.16 142.98 -1.92
C ASP E 67 -1.80 143.58 -3.28
N VAL E 68 -2.56 143.22 -4.31
CA VAL E 68 -2.27 143.69 -5.66
C VAL E 68 -2.43 145.21 -5.74
N LEU E 69 -3.46 145.76 -5.08
CA LEU E 69 -3.63 147.20 -5.12
C LEU E 69 -2.45 147.91 -4.47
N HIS E 70 -2.07 147.46 -3.27
CA HIS E 70 -0.94 148.06 -2.57
C HIS E 70 0.33 147.94 -3.39
N ALA E 71 0.51 146.81 -4.08
CA ALA E 71 1.69 146.63 -4.92
C ALA E 71 1.71 147.65 -6.05
N LEU E 72 0.61 147.70 -6.81
CA LEU E 72 0.52 148.67 -7.90
C LEU E 72 0.75 150.09 -7.41
N LYS E 73 0.30 150.40 -6.20
CA LYS E 73 0.63 151.69 -5.59
C LYS E 73 2.14 151.82 -5.42
N VAL E 74 2.76 150.81 -4.80
CA VAL E 74 4.20 150.84 -4.55
C VAL E 74 4.97 151.11 -5.83
N VAL E 75 4.63 150.38 -6.89
CA VAL E 75 5.39 150.51 -8.17
C VAL E 75 4.93 151.76 -8.92
N ARG E 76 3.79 152.33 -8.47
CA ARG E 76 3.15 153.55 -9.04
C ARG E 76 2.62 153.28 -10.46
N PHE E 77 2.32 152.02 -10.80
CA PHE E 77 1.74 151.67 -12.12
C PHE E 77 0.35 152.31 -12.21
N VAL E 78 -0.38 152.23 -11.09
CA VAL E 78 -1.75 152.82 -11.00
C VAL E 78 -1.73 154.04 -10.07
N SER E 79 -2.52 155.04 -10.44
CA SER E 79 -2.73 156.29 -9.72
C SER E 79 -4.18 156.36 -9.26
N ASP E 80 -4.40 156.93 -8.08
CA ASP E 80 -5.75 157.04 -7.54
C ASP E 80 -6.67 157.89 -8.40
N ALA E 81 -6.09 158.56 -9.42
CA ALA E 81 -6.90 159.38 -10.35
C ALA E 81 -7.20 158.54 -11.60
N THR E 82 -7.71 157.32 -11.41
CA THR E 82 -8.04 156.41 -12.55
C THR E 82 -9.47 155.86 -12.34
N PRO E 83 -10.08 155.19 -13.35
CA PRO E 83 -11.43 154.64 -13.24
C PRO E 83 -11.43 153.24 -12.61
N GLN E 84 -12.59 152.60 -12.54
CA GLN E 84 -12.71 151.24 -11.95
C GLN E 84 -12.23 150.19 -12.96
N ALA E 85 -12.64 150.31 -14.23
CA ALA E 85 -12.19 149.34 -15.24
C ALA E 85 -10.68 149.45 -15.42
N GLU E 86 -10.18 150.70 -15.50
CA GLU E 86 -8.74 151.01 -15.69
C GLU E 86 -7.89 150.56 -14.49
N VAL E 87 -8.38 150.75 -13.26
CA VAL E 87 -7.58 150.34 -12.06
C VAL E 87 -7.38 148.81 -12.04
N TYR E 88 -8.40 148.06 -12.47
CA TYR E 88 -8.37 146.57 -12.54
C TYR E 88 -7.37 146.07 -13.59
N LEU E 89 -7.11 146.88 -14.63
CA LEU E 89 -6.21 146.48 -15.74
C LEU E 89 -4.82 146.15 -15.21
N ARG E 90 -4.31 146.95 -14.27
CA ARG E 90 -2.97 146.72 -13.68
C ARG E 90 -2.98 145.36 -12.96
N MET E 91 -4.06 145.07 -12.23
CA MET E 91 -4.23 143.81 -11.46
C MET E 91 -4.29 142.60 -12.40
N TYR E 92 -5.03 142.71 -13.51
CA TYR E 92 -5.19 141.58 -14.47
C TYR E 92 -3.83 141.28 -15.12
N GLN E 93 -3.30 142.24 -15.88
CA GLN E 93 -1.99 142.15 -16.57
C GLN E 93 -0.96 141.59 -15.58
N LEU E 94 -1.00 142.06 -14.32
CA LEU E 94 -0.06 141.60 -13.27
C LEU E 94 -0.38 140.13 -12.94
N GLU E 95 -1.60 139.86 -12.49
CA GLU E 95 -1.99 138.50 -12.14
C GLU E 95 -1.71 137.54 -13.28
N SER E 96 -1.86 138.00 -14.51
CA SER E 96 -1.49 137.21 -15.68
C SER E 96 -0.01 137.33 -16.02
N GLY E 97 0.78 137.96 -15.16
CA GLY E 97 2.21 138.06 -15.37
C GLY E 97 2.64 138.93 -16.54
N LYS E 98 1.70 139.41 -17.35
CA LYS E 98 2.03 140.20 -18.55
C LYS E 98 1.86 141.69 -18.30
N LEU E 99 2.12 142.15 -17.09
CA LEU E 99 2.02 143.57 -16.80
C LEU E 99 3.11 144.34 -17.53
N PRO E 100 2.78 145.36 -18.31
CA PRO E 100 3.80 146.09 -19.06
C PRO E 100 4.67 146.98 -18.17
N ARG E 101 5.56 147.75 -18.79
CA ARG E 101 6.52 148.57 -18.06
C ARG E 101 6.13 150.04 -17.99
N SER E 102 5.71 150.62 -19.12
CA SER E 102 5.34 152.03 -19.13
C SER E 102 3.86 152.16 -18.78
N PRO E 103 3.51 152.88 -17.71
CA PRO E 103 2.09 153.08 -17.40
C PRO E 103 1.31 153.69 -18.55
N SER E 104 1.96 154.43 -19.44
CA SER E 104 1.33 155.03 -20.59
C SER E 104 1.45 154.17 -21.84
N PHE E 105 1.63 152.87 -21.68
CA PHE E 105 1.76 152.00 -22.83
C PHE E 105 0.42 151.89 -23.56
N PRO E 106 0.43 151.79 -24.89
CA PRO E 106 -0.82 151.57 -25.62
C PRO E 106 -1.49 150.27 -25.20
N LEU E 107 -2.74 150.13 -25.62
CA LEU E 107 -3.56 149.00 -25.19
C LEU E 107 -3.76 148.01 -26.33
N GLU E 108 -4.30 146.86 -25.98
CA GLU E 108 -4.50 145.72 -26.87
C GLU E 108 -5.98 145.34 -26.85
N PRO E 109 -6.45 144.64 -27.88
CA PRO E 109 -7.90 144.32 -27.94
C PRO E 109 -8.45 143.71 -26.66
N ASP E 110 -7.77 142.69 -26.13
CA ASP E 110 -8.18 142.10 -24.87
C ASP E 110 -8.31 143.16 -23.78
N ASP E 111 -7.41 144.14 -23.77
CA ASP E 111 -7.49 145.21 -22.78
C ASP E 111 -8.82 145.94 -22.87
N GLU E 112 -9.21 146.34 -24.08
CA GLU E 112 -10.44 147.08 -24.26
C GLU E 112 -11.67 146.22 -23.95
N VAL E 113 -11.60 144.95 -24.37
CA VAL E 113 -12.72 143.99 -24.10
C VAL E 113 -12.82 143.84 -22.59
N PHE E 114 -11.67 143.58 -21.94
CA PHE E 114 -11.61 143.43 -20.46
C PHE E 114 -12.05 144.75 -19.82
N LEU E 115 -11.60 145.88 -20.37
CA LEU E 115 -11.96 147.21 -19.82
C LEU E 115 -13.48 147.42 -19.93
N ALA E 116 -14.07 147.04 -21.07
CA ALA E 116 -15.53 147.19 -21.28
C ALA E 116 -16.28 146.31 -20.26
N ILE E 117 -15.85 145.05 -20.13
CA ILE E 117 -16.51 144.08 -19.20
C ILE E 117 -16.47 144.66 -17.78
N ALA E 118 -15.33 145.23 -17.37
CA ALA E 118 -15.19 145.79 -16.01
C ALA E 118 -16.19 146.92 -15.80
N LYS E 119 -16.35 147.79 -16.81
CA LYS E 119 -17.31 148.93 -16.70
C LYS E 119 -18.72 148.35 -16.56
N ALA E 120 -19.08 147.37 -17.40
CA ALA E 120 -20.40 146.74 -17.35
C ALA E 120 -20.55 145.98 -16.03
N MET E 121 -19.49 145.27 -15.63
CA MET E 121 -19.49 144.47 -14.38
C MET E 121 -19.70 145.40 -13.17
N GLU E 122 -19.09 146.59 -13.19
CA GLU E 122 -19.22 147.55 -12.08
C GLU E 122 -20.70 147.93 -11.92
N GLU E 123 -21.40 148.17 -13.04
CA GLU E 123 -22.85 148.51 -12.97
C GLU E 123 -23.62 147.30 -12.44
N MET E 124 -23.29 146.10 -12.91
CA MET E 124 -23.99 144.85 -12.51
C MET E 124 -23.86 144.61 -11.00
N VAL E 125 -22.65 144.67 -10.45
CA VAL E 125 -22.45 144.37 -9.00
C VAL E 125 -21.75 145.55 -8.31
N GLU E 126 -22.38 146.13 -7.30
CA GLU E 126 -21.84 147.29 -6.55
C GLU E 126 -20.52 146.94 -5.86
N ASP E 127 -20.41 145.72 -5.33
CA ASP E 127 -19.21 145.25 -4.57
C ASP E 127 -18.01 145.15 -5.50
N SER E 128 -16.97 145.94 -5.23
CA SER E 128 -15.73 145.93 -6.04
C SER E 128 -15.04 144.56 -5.92
N VAL E 129 -15.00 143.99 -4.72
CA VAL E 129 -14.31 142.67 -4.53
C VAL E 129 -15.05 141.62 -5.36
N ASP E 130 -16.38 141.63 -5.33
CA ASP E 130 -17.19 140.65 -6.11
C ASP E 130 -16.96 140.88 -7.60
N CYS E 131 -16.90 142.14 -8.03
CA CYS E 131 -16.73 142.51 -9.46
C CYS E 131 -15.38 141.99 -9.99
N TYR E 132 -14.30 142.13 -9.21
CA TYR E 132 -12.96 141.68 -9.66
C TYR E 132 -12.97 140.17 -9.90
N TRP E 133 -13.56 139.41 -8.96
CA TRP E 133 -13.65 137.94 -9.09
C TRP E 133 -14.53 137.56 -10.28
N ILE E 134 -15.64 138.29 -10.47
CA ILE E 134 -16.60 138.03 -11.57
C ILE E 134 -15.95 138.29 -12.93
N THR E 135 -15.41 139.51 -13.14
CA THR E 135 -14.82 139.83 -14.43
C THR E 135 -13.68 138.88 -14.77
N ARG E 136 -12.82 138.61 -13.78
CA ARG E 136 -11.72 137.67 -13.95
C ARG E 136 -12.23 136.34 -14.48
N ARG E 137 -13.13 135.71 -13.71
CA ARG E 137 -13.60 134.38 -14.09
C ARG E 137 -14.37 134.40 -15.40
N PHE E 138 -15.07 135.49 -15.68
CA PHE E 138 -15.87 135.57 -16.90
C PHE E 138 -14.98 135.66 -18.13
N VAL E 139 -14.08 136.65 -18.16
CA VAL E 139 -13.09 136.74 -19.22
C VAL E 139 -12.32 135.43 -19.33
N ASN E 140 -12.07 134.78 -18.20
CA ASN E 140 -11.37 133.51 -18.22
C ASN E 140 -12.14 132.48 -19.03
N GLN E 141 -13.33 132.12 -18.56
CA GLN E 141 -14.12 131.12 -19.26
C GLN E 141 -14.39 131.51 -20.71
N LEU E 142 -14.34 132.80 -21.02
CA LEU E 142 -14.34 133.21 -22.42
C LEU E 142 -13.11 132.68 -23.14
N ASN E 143 -11.93 133.05 -22.65
CA ASN E 143 -10.71 132.77 -23.40
C ASN E 143 -10.27 131.31 -23.30
N THR E 144 -10.79 130.54 -22.35
CA THR E 144 -10.33 129.18 -22.14
C THR E 144 -11.42 128.12 -22.29
N LYS E 145 -12.68 128.46 -22.02
CA LYS E 145 -13.77 127.52 -22.17
C LYS E 145 -14.55 127.73 -23.46
N TYR E 146 -15.03 128.95 -23.70
CA TYR E 146 -15.88 129.24 -24.84
C TYR E 146 -15.14 129.80 -26.04
N ARG E 147 -13.84 130.07 -25.92
CA ARG E 147 -13.03 130.43 -27.08
C ARG E 147 -13.10 129.37 -28.17
N ASP E 148 -13.59 128.16 -27.87
CA ASP E 148 -13.79 127.15 -28.88
C ASP E 148 -14.77 127.61 -29.95
N SER E 149 -15.78 128.40 -29.58
CA SER E 149 -16.79 128.83 -30.53
C SER E 149 -16.74 130.31 -30.85
N LEU E 150 -15.89 131.10 -30.18
CA LEU E 150 -15.87 132.53 -30.42
C LEU E 150 -15.40 132.93 -31.83
N PRO E 151 -14.40 132.29 -32.44
CA PRO E 151 -14.00 132.74 -33.79
C PRO E 151 -15.05 132.50 -34.85
N GLN E 152 -15.80 131.40 -34.76
CA GLN E 152 -16.76 131.01 -35.77
C GLN E 152 -18.19 131.42 -35.40
N LEU E 153 -18.35 132.52 -34.68
CA LEU E 153 -19.64 133.00 -34.25
C LEU E 153 -20.43 133.74 -35.34
N PRO E 154 -19.80 134.61 -36.15
CA PRO E 154 -20.58 135.30 -37.19
C PRO E 154 -21.24 134.35 -38.19
N LYS E 155 -20.53 133.30 -38.61
CA LYS E 155 -21.12 132.35 -39.55
C LYS E 155 -22.30 131.62 -38.92
N ALA E 156 -22.18 131.24 -37.65
CA ALA E 156 -23.29 130.62 -36.95
C ALA E 156 -24.46 131.58 -36.85
N PHE E 157 -24.19 132.87 -36.60
CA PHE E 157 -25.25 133.85 -36.52
C PHE E 157 -25.99 133.99 -37.84
N GLU E 158 -25.24 134.02 -38.95
CA GLU E 158 -25.87 134.03 -40.27
C GLU E 158 -26.72 132.78 -40.47
N GLN E 159 -26.19 131.62 -40.07
CA GLN E 159 -26.93 130.38 -40.22
C GLN E 159 -28.22 130.36 -39.41
N TYR E 160 -28.21 130.99 -38.24
CA TYR E 160 -29.33 130.86 -37.32
C TYR E 160 -30.40 131.92 -37.55
N LEU E 161 -29.99 133.16 -37.87
CA LEU E 161 -30.96 134.12 -38.37
C LEU E 161 -31.42 133.76 -39.78
N ASN E 162 -30.67 132.90 -40.47
CA ASN E 162 -31.00 132.56 -41.85
C ASN E 162 -32.37 131.89 -41.95
N LEU E 163 -32.52 130.73 -41.31
CA LEU E 163 -33.75 129.96 -41.40
C LEU E 163 -34.92 130.62 -40.69
N GLU E 164 -34.70 131.72 -39.98
CA GLU E 164 -35.77 132.45 -39.32
C GLU E 164 -36.05 133.81 -39.94
N ASP E 165 -35.07 134.40 -40.63
CA ASP E 165 -35.32 135.59 -41.42
C ASP E 165 -34.21 135.66 -42.48
N GLY E 166 -34.54 135.28 -43.72
CA GLY E 166 -33.55 135.34 -44.81
C GLY E 166 -33.58 136.69 -45.50
N ARG E 167 -34.67 137.45 -45.30
CA ARG E 167 -34.85 138.80 -45.93
C ARG E 167 -33.78 139.78 -45.41
N LEU E 168 -33.52 139.76 -44.10
CA LEU E 168 -32.52 140.71 -43.50
C LEU E 168 -31.11 140.15 -43.68
N LEU E 169 -30.99 139.01 -44.38
CA LEU E 169 -29.68 138.35 -44.63
C LEU E 169 -29.35 138.47 -46.13
N THR E 170 -30.36 138.25 -46.98
CA THR E 170 -30.20 138.33 -48.46
C THR E 170 -29.72 139.74 -48.86
N HIS E 171 -30.37 140.76 -48.31
CA HIS E 171 -30.00 142.18 -48.63
C HIS E 171 -28.56 142.44 -48.20
N LEU E 172 -28.16 141.91 -47.04
CA LEU E 172 -26.78 142.09 -46.51
C LEU E 172 -25.77 141.59 -47.56
N ARG E 173 -25.98 140.39 -48.10
CA ARG E 173 -25.03 139.83 -49.11
C ARG E 173 -24.86 140.83 -50.26
N MET E 174 -25.97 141.40 -50.73
CA MET E 174 -25.97 142.42 -51.83
C MET E 174 -25.25 143.67 -51.32
N CYS E 175 -25.47 144.01 -50.04
CA CYS E 175 -24.92 145.21 -49.35
C CYS E 175 -23.39 145.20 -49.28
N SER E 176 -22.78 144.02 -49.25
CA SER E 176 -21.30 143.81 -49.13
C SER E 176 -20.85 144.27 -47.74
N ALA E 177 -21.77 144.16 -46.77
CA ALA E 177 -21.57 144.48 -45.38
C ALA E 177 -21.40 143.25 -44.50
N ALA E 178 -21.59 142.05 -45.03
CA ALA E 178 -21.44 140.84 -44.23
C ALA E 178 -20.04 140.66 -43.65
N PRO E 179 -18.95 140.72 -44.43
CA PRO E 179 -17.64 140.37 -43.85
C PRO E 179 -17.07 141.45 -42.94
N LYS E 180 -17.83 142.51 -42.68
CA LYS E 180 -17.36 143.60 -41.84
C LYS E 180 -18.26 143.87 -40.65
N LEU E 181 -19.17 142.96 -40.31
CA LEU E 181 -20.03 143.17 -39.15
C LEU E 181 -19.30 142.77 -37.87
N PRO E 182 -18.90 143.74 -37.05
CA PRO E 182 -18.06 143.48 -35.87
C PRO E 182 -18.87 143.13 -34.61
N TYR E 183 -19.32 141.88 -34.54
CA TYR E 183 -20.07 141.44 -33.37
C TYR E 183 -19.23 141.39 -32.11
N ASP E 184 -17.93 141.69 -32.20
CA ASP E 184 -17.05 141.62 -31.04
C ASP E 184 -17.65 142.33 -29.83
N LEU E 185 -18.08 143.58 -30.00
CA LEU E 185 -18.70 144.30 -28.90
C LEU E 185 -19.89 143.55 -28.33
N TRP E 186 -20.63 142.85 -29.20
CA TRP E 186 -21.78 142.08 -28.78
C TRP E 186 -21.47 140.60 -28.57
N PHE E 187 -20.34 140.12 -29.07
CA PHE E 187 -19.95 138.73 -28.91
C PHE E 187 -18.71 138.58 -28.04
N LYS E 188 -17.62 139.27 -28.38
CA LYS E 188 -16.42 139.19 -27.57
C LYS E 188 -16.51 140.10 -26.36
N ARG E 189 -16.87 141.37 -26.58
CA ARG E 189 -17.13 142.27 -25.46
C ARG E 189 -18.52 142.08 -24.88
N CYS E 190 -19.38 141.32 -25.56
CA CYS E 190 -20.66 140.87 -25.01
C CYS E 190 -21.52 142.05 -24.56
N PHE E 191 -21.88 142.89 -25.54
CA PHE E 191 -22.84 143.98 -25.35
C PHE E 191 -22.43 144.97 -24.27
N ALA E 192 -21.20 144.89 -23.78
CA ALA E 192 -20.80 145.68 -22.62
C ALA E 192 -20.63 147.14 -22.98
N GLY E 193 -21.67 147.94 -22.75
CA GLY E 193 -21.62 149.38 -22.98
C GLY E 193 -22.60 149.86 -24.03
N CYS E 194 -22.76 149.11 -25.12
CA CYS E 194 -23.72 149.50 -26.15
C CYS E 194 -25.14 149.30 -25.66
N LEU E 195 -25.47 148.08 -25.23
CA LEU E 195 -26.76 147.88 -24.59
C LEU E 195 -26.70 148.37 -23.15
N PRO E 196 -27.83 148.83 -22.61
CA PRO E 196 -27.84 149.30 -21.22
C PRO E 196 -27.48 148.19 -20.26
N GLU E 197 -26.44 148.43 -19.45
CA GLU E 197 -25.99 147.41 -18.44
C GLU E 197 -27.14 147.06 -17.49
N SER E 198 -27.72 148.08 -16.84
CA SER E 198 -28.80 147.90 -15.83
C SER E 198 -29.89 146.92 -16.33
N SER E 199 -29.92 146.64 -17.64
CA SER E 199 -30.91 145.74 -18.21
C SER E 199 -30.25 144.77 -19.19
N LEU E 200 -29.06 144.29 -18.85
CA LEU E 200 -28.29 143.43 -19.74
C LEU E 200 -27.93 142.08 -19.13
N GLN E 201 -27.77 141.99 -17.82
CA GLN E 201 -27.35 140.74 -17.19
C GLN E 201 -28.40 139.65 -17.26
N ARG E 202 -29.56 139.90 -17.88
CA ARG E 202 -30.53 138.84 -18.07
C ARG E 202 -29.96 137.71 -18.93
N VAL E 203 -29.43 138.05 -20.11
CA VAL E 203 -28.77 137.05 -20.94
C VAL E 203 -27.48 136.59 -20.28
N TRP E 204 -26.77 137.51 -19.61
CA TRP E 204 -25.53 137.14 -18.95
C TRP E 204 -25.76 136.15 -17.82
N ASP E 205 -27.00 136.00 -17.36
CA ASP E 205 -27.31 134.91 -16.45
C ASP E 205 -26.94 133.57 -17.06
N LYS E 206 -27.55 133.24 -18.20
CA LYS E 206 -27.21 132.00 -18.89
C LYS E 206 -25.77 132.02 -19.40
N VAL E 207 -25.25 133.20 -19.77
CA VAL E 207 -23.88 133.26 -20.28
C VAL E 207 -22.89 132.81 -19.21
N VAL E 208 -22.90 133.47 -18.05
CA VAL E 208 -22.02 133.07 -16.96
C VAL E 208 -22.36 131.67 -16.50
N SER E 209 -23.62 131.25 -16.66
CA SER E 209 -23.98 129.87 -16.40
C SER E 209 -23.70 128.96 -17.60
N GLY E 210 -23.05 129.49 -18.64
CA GLY E 210 -22.60 128.66 -19.73
C GLY E 210 -23.47 128.66 -20.97
N SER E 211 -23.85 129.83 -21.46
CA SER E 211 -24.50 129.97 -22.76
C SER E 211 -23.58 130.79 -23.65
N CYS E 212 -22.99 130.15 -24.66
CA CYS E 212 -22.01 130.79 -25.52
C CYS E 212 -22.65 131.39 -26.77
N LYS E 213 -23.30 130.56 -27.58
CA LYS E 213 -23.89 131.03 -28.81
C LYS E 213 -25.16 131.85 -28.59
N ILE E 214 -25.59 132.03 -27.34
CA ILE E 214 -26.83 132.76 -27.08
C ILE E 214 -26.72 134.20 -27.57
N LEU E 215 -25.52 134.79 -27.50
CA LEU E 215 -25.33 136.13 -28.02
C LEU E 215 -25.67 136.18 -29.49
N VAL E 216 -25.33 135.13 -30.23
CA VAL E 216 -25.75 134.97 -31.61
C VAL E 216 -27.24 135.28 -31.74
N PHE E 217 -28.05 134.60 -30.94
CA PHE E 217 -29.49 134.82 -30.99
C PHE E 217 -29.83 136.26 -30.62
N VAL E 218 -29.15 136.82 -29.62
CA VAL E 218 -29.36 138.22 -29.29
C VAL E 218 -28.99 139.09 -30.49
N ALA E 219 -27.89 138.76 -31.16
CA ALA E 219 -27.57 139.43 -32.41
C ALA E 219 -28.69 139.27 -33.42
N VAL E 220 -29.24 138.06 -33.53
CA VAL E 220 -30.43 137.86 -34.35
C VAL E 220 -31.52 138.84 -33.91
N GLU E 221 -31.75 138.94 -32.60
CA GLU E 221 -32.78 139.80 -32.07
C GLU E 221 -32.38 141.27 -32.06
N ILE E 222 -31.20 141.62 -32.55
CA ILE E 222 -30.94 143.03 -32.88
C ILE E 222 -31.21 143.31 -34.34
N LEU E 223 -31.19 142.29 -35.20
CA LEU E 223 -31.57 142.50 -36.59
C LEU E 223 -33.08 142.40 -36.77
N LEU E 224 -33.77 141.72 -35.86
CA LEU E 224 -35.23 141.67 -35.91
C LEU E 224 -35.82 142.92 -35.25
N THR E 225 -35.32 143.31 -34.08
CA THR E 225 -35.86 144.45 -33.36
C THR E 225 -35.58 145.77 -34.08
N PHE E 226 -34.52 145.83 -34.88
CA PHE E 226 -34.11 147.04 -35.56
C PHE E 226 -33.86 146.75 -37.04
N LYS E 227 -34.83 146.08 -37.67
CA LYS E 227 -34.68 145.64 -39.04
C LYS E 227 -34.69 146.81 -40.02
N ILE E 228 -35.65 147.72 -39.80
CA ILE E 228 -35.87 148.92 -40.65
C ILE E 228 -34.60 149.77 -40.73
N LYS E 229 -33.98 150.09 -39.58
CA LYS E 229 -32.77 150.95 -39.60
C LYS E 229 -31.67 150.26 -40.41
N VAL E 230 -31.44 148.97 -40.18
CA VAL E 230 -30.38 148.24 -40.95
C VAL E 230 -30.80 148.18 -42.44
N MET E 231 -32.07 147.87 -42.71
CA MET E 231 -32.59 147.78 -44.10
C MET E 231 -32.53 149.15 -44.79
N ALA E 232 -32.90 150.21 -44.07
CA ALA E 232 -32.87 151.56 -44.67
C ALA E 232 -31.43 151.90 -45.08
N LEU E 233 -30.49 150.98 -44.87
CA LEU E 233 -29.09 151.30 -45.23
C LEU E 233 -28.48 150.16 -46.06
N ASN E 234 -27.32 150.41 -46.67
CA ASN E 234 -26.64 149.40 -47.47
C ASN E 234 -25.17 149.28 -47.12
N SER E 235 -24.39 150.36 -47.22
CA SER E 235 -22.95 150.25 -47.09
C SER E 235 -22.57 149.77 -45.70
N ALA E 236 -21.50 148.97 -45.63
CA ALA E 236 -21.05 148.41 -44.36
C ALA E 236 -20.81 149.49 -43.31
N GLU E 237 -20.42 150.70 -43.75
CA GLU E 237 -20.16 151.78 -42.80
C GLU E 237 -21.45 152.24 -42.14
N LYS E 238 -22.48 152.57 -42.93
CA LYS E 238 -23.75 152.96 -42.35
C LYS E 238 -24.34 151.84 -41.50
N ILE E 239 -24.25 150.60 -41.99
CA ILE E 239 -24.77 149.45 -41.25
C ILE E 239 -24.10 149.37 -39.88
N THR E 240 -22.76 149.32 -39.86
CA THR E 240 -22.04 149.14 -38.61
C THR E 240 -22.18 150.35 -37.69
N LYS E 241 -22.32 151.55 -38.26
CA LYS E 241 -22.52 152.73 -37.43
C LYS E 241 -23.89 152.68 -36.76
N PHE E 242 -24.93 152.31 -37.51
CA PHE E 242 -26.24 152.13 -36.89
C PHE E 242 -26.17 151.05 -35.81
N LEU E 243 -25.46 149.96 -36.07
CA LEU E 243 -25.23 148.95 -35.04
C LEU E 243 -24.54 149.56 -33.83
N GLU E 244 -23.70 150.57 -34.04
CA GLU E 244 -23.07 151.27 -32.92
C GLU E 244 -24.04 152.24 -32.27
N ASN E 245 -24.69 153.08 -33.08
CA ASN E 245 -25.64 154.06 -32.57
C ASN E 245 -27.03 153.48 -32.35
N ILE E 246 -27.13 152.16 -32.22
CA ILE E 246 -28.36 151.49 -31.81
C ILE E 246 -29.01 152.23 -30.64
N PRO E 247 -30.32 152.44 -30.68
CA PRO E 247 -31.00 153.07 -29.55
C PRO E 247 -30.89 152.22 -28.30
N GLN E 248 -31.32 152.80 -27.18
CA GLN E 248 -31.28 152.15 -25.88
C GLN E 248 -32.69 151.95 -25.36
N ASP E 249 -33.60 151.54 -26.26
CA ASP E 249 -35.02 151.50 -25.93
C ASP E 249 -35.46 150.14 -25.39
N SER E 250 -35.27 149.08 -26.19
CA SER E 250 -35.95 147.81 -25.95
C SER E 250 -34.97 146.65 -25.96
N SER E 251 -33.85 146.79 -25.25
CA SER E 251 -32.98 145.64 -25.02
C SER E 251 -33.74 144.52 -24.31
N ASP E 252 -34.68 144.89 -23.44
CA ASP E 252 -35.54 143.93 -22.78
C ASP E 252 -36.17 142.96 -23.77
N ALA E 253 -36.90 143.50 -24.75
CA ALA E 253 -37.57 142.66 -25.73
C ALA E 253 -36.56 141.86 -26.55
N ILE E 254 -35.42 142.47 -26.87
CA ILE E 254 -34.38 141.77 -27.63
C ILE E 254 -33.96 140.50 -26.90
N VAL E 255 -33.65 140.62 -25.61
CA VAL E 255 -33.24 139.45 -24.85
C VAL E 255 -34.38 138.47 -24.67
N SER E 256 -35.60 138.98 -24.48
CA SER E 256 -36.74 138.09 -24.30
C SER E 256 -37.00 137.25 -25.54
N LYS E 257 -36.80 137.83 -26.73
CA LYS E 257 -36.93 137.08 -27.95
C LYS E 257 -35.76 136.13 -28.15
N ALA E 258 -34.54 136.58 -27.81
CA ALA E 258 -33.37 135.72 -27.94
C ALA E 258 -33.49 134.50 -27.04
N ILE E 259 -34.23 134.60 -25.94
CA ILE E 259 -34.54 133.44 -25.12
C ILE E 259 -35.16 132.34 -25.97
N ASP E 260 -36.28 132.66 -26.62
CA ASP E 260 -36.96 131.67 -27.45
C ASP E 260 -36.13 131.30 -28.68
N LEU E 261 -35.31 132.23 -29.18
CA LEU E 261 -34.43 131.91 -30.30
C LEU E 261 -33.44 130.81 -29.92
N TRP E 262 -32.69 131.04 -28.83
CA TRP E 262 -31.78 130.04 -28.31
C TRP E 262 -32.50 128.75 -27.97
N HIS E 263 -33.76 128.83 -27.57
CA HIS E 263 -34.55 127.61 -27.38
C HIS E 263 -34.86 126.94 -28.71
N LYS E 264 -35.00 127.72 -29.78
CA LYS E 264 -35.40 127.18 -31.07
C LYS E 264 -34.25 126.47 -31.76
N HIS E 265 -33.06 127.05 -31.77
CA HIS E 265 -31.95 126.40 -32.45
C HIS E 265 -31.30 125.33 -31.55
N CYS E 266 -31.17 125.62 -30.26
CA CYS E 266 -30.48 124.70 -29.35
C CYS E 266 -31.47 123.85 -28.55
N GLY E 267 -32.39 124.50 -27.82
CA GLY E 267 -33.34 123.78 -27.01
C GLY E 267 -33.90 124.59 -25.85
N UNK F 18 77.95 -190.56 12.04
CA UNK F 18 77.70 -191.14 13.36
C UNK F 18 77.26 -190.06 14.35
N UNK F 19 78.24 -189.39 14.97
CA UNK F 19 77.91 -188.31 15.91
C UNK F 19 77.12 -187.22 15.22
N UNK F 20 77.61 -186.73 14.08
CA UNK F 20 76.82 -185.81 13.28
C UNK F 20 75.55 -186.46 12.77
N UNK F 21 75.60 -187.76 12.46
CA UNK F 21 74.39 -188.47 12.07
C UNK F 21 73.39 -188.54 13.21
N UNK F 22 73.89 -188.71 14.45
CA UNK F 22 72.99 -188.69 15.60
C UNK F 22 72.39 -187.31 15.81
N UNK F 23 73.19 -186.26 15.65
CA UNK F 23 72.65 -184.90 15.72
C UNK F 23 71.59 -184.68 14.65
N UNK F 24 71.81 -185.21 13.45
CA UNK F 24 70.82 -185.05 12.39
C UNK F 24 69.55 -185.81 12.68
N UNK F 25 69.67 -187.01 13.26
CA UNK F 25 68.49 -187.78 13.64
C UNK F 25 67.69 -187.05 14.71
N UNK F 26 68.37 -186.54 15.73
CA UNK F 26 67.69 -185.76 16.76
C UNK F 26 67.04 -184.52 16.17
N UNK F 27 67.72 -183.87 15.22
CA UNK F 27 67.16 -182.69 14.59
C UNK F 27 65.91 -183.02 13.79
N UNK F 28 65.91 -184.15 13.09
CA UNK F 28 64.73 -184.57 12.35
C UNK F 28 63.57 -184.85 13.30
N UNK F 29 63.85 -185.56 14.39
CA UNK F 29 62.81 -185.83 15.37
C UNK F 29 62.23 -184.54 15.94
N UNK F 30 63.11 -183.58 16.28
CA UNK F 30 62.64 -182.35 16.89
C UNK F 30 61.89 -181.48 15.89
N UNK F 31 62.33 -181.47 14.63
CA UNK F 31 61.60 -180.73 13.61
C UNK F 31 60.22 -181.32 13.39
N UNK F 32 60.12 -182.65 13.43
CA UNK F 32 58.81 -183.28 13.44
C UNK F 32 58.04 -182.97 14.72
N UNK F 33 58.74 -182.60 15.79
CA UNK F 33 58.10 -182.26 17.06
C UNK F 33 58.04 -180.76 17.31
N UNK F 34 58.78 -179.94 16.56
CA UNK F 34 58.75 -178.49 16.75
C UNK F 34 58.98 -177.78 15.42
N UNK F 40 65.11 -176.10 7.48
CA UNK F 40 66.46 -175.78 7.03
C UNK F 40 67.49 -176.75 7.62
N UNK F 41 67.05 -177.97 7.91
CA UNK F 41 67.95 -178.98 8.47
C UNK F 41 69.03 -179.40 7.48
N UNK F 42 68.85 -179.11 6.19
CA UNK F 42 69.89 -179.39 5.21
C UNK F 42 71.17 -178.63 5.52
N UNK F 43 71.09 -177.50 6.22
CA UNK F 43 72.31 -176.80 6.64
C UNK F 43 73.12 -177.65 7.60
N UNK F 44 72.47 -178.22 8.60
CA UNK F 44 73.16 -179.14 9.50
C UNK F 44 73.63 -180.38 8.74
N UNK F 45 72.83 -180.85 7.77
CA UNK F 45 73.24 -182.01 6.98
C UNK F 45 74.53 -181.73 6.22
N UNK F 46 74.65 -180.53 5.66
CA UNK F 46 75.86 -180.16 4.94
C UNK F 46 77.04 -179.99 5.88
N UNK F 47 76.81 -179.31 7.01
CA UNK F 47 77.86 -179.21 8.02
C UNK F 47 78.35 -180.59 8.45
N UNK F 48 77.45 -181.58 8.44
CA UNK F 48 77.83 -182.94 8.78
C UNK F 48 78.66 -183.57 7.67
N UNK F 49 78.12 -183.60 6.45
CA UNK F 49 78.84 -184.18 5.32
C UNK F 49 80.20 -183.52 5.11
N UNK F 50 80.38 -182.30 5.61
CA UNK F 50 81.67 -181.62 5.50
C UNK F 50 82.79 -182.46 6.09
N UNK F 51 82.69 -182.80 7.36
CA UNK F 51 83.70 -183.61 8.02
C UNK F 51 83.53 -185.09 7.66
N UNK F 55 73.29 -190.98 3.54
CA UNK F 55 72.12 -191.83 3.54
C UNK F 55 71.10 -191.37 4.59
N UNK F 56 71.26 -190.12 5.04
CA UNK F 56 70.41 -189.60 6.11
C UNK F 56 69.82 -188.24 5.74
N UNK F 57 70.50 -187.48 4.88
CA UNK F 57 70.08 -186.12 4.55
C UNK F 57 68.68 -186.04 3.95
N UNK F 58 68.09 -187.17 3.56
CA UNK F 58 66.73 -187.15 3.03
C UNK F 58 65.74 -186.67 4.09
N UNK F 59 65.90 -187.12 5.33
CA UNK F 59 65.03 -186.65 6.41
C UNK F 59 65.27 -185.16 6.69
N UNK F 60 66.53 -184.73 6.65
CA UNK F 60 66.83 -183.31 6.83
C UNK F 60 66.13 -182.47 5.76
N UNK F 61 66.13 -182.94 4.52
CA UNK F 61 65.45 -182.21 3.46
C UNK F 61 63.94 -182.24 3.64
N UNK F 62 63.40 -183.40 4.02
CA UNK F 62 61.96 -183.50 4.27
C UNK F 62 61.53 -182.53 5.37
N UNK F 63 62.40 -182.31 6.34
CA UNK F 63 62.13 -181.34 7.39
C UNK F 63 62.53 -179.91 7.03
N UNK F 64 63.24 -179.72 5.90
CA UNK F 64 63.71 -178.39 5.55
C UNK F 64 62.56 -177.44 5.27
N UNK F 65 61.57 -177.88 4.48
CA UNK F 65 60.41 -177.07 4.13
C UNK F 65 60.80 -175.72 3.55
N UNK F 69 68.56 -176.79 -2.80
CA UNK F 69 69.89 -176.83 -3.39
C UNK F 69 70.43 -178.25 -3.39
N UNK F 70 69.55 -179.20 -3.71
CA UNK F 70 69.98 -180.59 -3.81
C UNK F 70 71.07 -180.77 -4.86
N UNK F 71 71.10 -179.90 -5.87
CA UNK F 71 72.11 -180.00 -6.92
C UNK F 71 73.51 -179.76 -6.37
N UNK F 72 73.63 -178.99 -5.29
CA UNK F 72 74.94 -178.80 -4.66
C UNK F 72 75.51 -180.13 -4.19
N UNK F 73 74.77 -180.84 -3.34
CA UNK F 73 75.20 -182.16 -2.89
C UNK F 73 75.28 -183.14 -4.05
N UNK F 74 74.49 -182.92 -5.10
CA UNK F 74 74.58 -183.76 -6.28
C UNK F 74 75.95 -183.66 -6.92
N UNK F 75 76.39 -182.44 -7.24
CA UNK F 75 77.73 -182.25 -7.79
C UNK F 75 78.80 -182.70 -6.81
N UNK F 76 78.54 -182.53 -5.51
CA UNK F 76 79.49 -183.00 -4.50
C UNK F 76 79.70 -184.50 -4.61
N UNK F 77 78.62 -185.29 -4.48
CA UNK F 77 78.71 -186.72 -4.66
C UNK F 77 79.25 -187.08 -6.04
N UNK F 78 79.03 -186.23 -7.03
CA UNK F 78 79.57 -186.46 -8.36
C UNK F 78 81.08 -186.35 -8.38
N UNK F 79 81.65 -185.50 -7.53
CA UNK F 79 83.09 -185.41 -7.44
C UNK F 79 83.72 -186.75 -7.10
N UNK F 80 83.03 -187.56 -6.30
CA UNK F 80 83.51 -188.89 -5.94
C UNK F 80 82.73 -189.96 -6.69
N UNK F 81 83.11 -191.21 -6.48
CA UNK F 81 82.42 -192.34 -7.10
C UNK F 81 82.81 -193.66 -6.43
N UNK F 82 81.82 -194.42 -5.97
CA UNK F 82 82.02 -195.74 -5.38
C UNK F 82 80.66 -196.35 -5.09
N UNK F 83 80.66 -197.64 -4.77
CA UNK F 83 79.47 -198.36 -4.32
C UNK F 83 78.34 -198.25 -5.35
N UNK F 84 78.60 -198.88 -6.50
CA UNK F 84 77.76 -198.71 -7.69
C UNK F 84 76.27 -198.88 -7.38
N UNK F 85 75.87 -200.07 -6.90
CA UNK F 85 74.48 -200.29 -6.56
C UNK F 85 74.02 -199.36 -5.44
N UNK F 86 74.89 -199.15 -4.45
CA UNK F 86 74.57 -198.26 -3.35
C UNK F 86 74.42 -196.81 -3.83
N UNK F 87 75.29 -196.37 -4.75
CA UNK F 87 75.19 -195.00 -5.24
C UNK F 87 73.93 -194.82 -6.09
N UNK F 88 73.58 -195.82 -6.90
CA UNK F 88 72.35 -195.74 -7.66
C UNK F 88 71.13 -195.66 -6.74
N UNK F 89 71.06 -196.56 -5.75
CA UNK F 89 69.98 -196.48 -4.77
C UNK F 89 70.04 -195.20 -3.95
N UNK F 90 71.21 -194.57 -3.85
CA UNK F 90 71.31 -193.30 -3.13
C UNK F 90 70.68 -192.17 -3.94
N UNK F 91 70.97 -192.13 -5.24
CA UNK F 91 70.24 -191.22 -6.11
C UNK F 91 68.73 -191.47 -6.02
N UNK F 92 68.35 -192.75 -6.03
CA UNK F 92 66.93 -193.10 -5.93
C UNK F 92 66.33 -192.58 -4.63
N UNK F 93 67.04 -192.73 -3.51
CA UNK F 93 66.51 -192.30 -2.23
C UNK F 93 66.46 -190.78 -2.13
N UNK F 94 67.48 -190.10 -2.65
CA UNK F 94 67.44 -188.65 -2.72
C UNK F 94 66.25 -188.16 -3.52
N UNK F 95 65.84 -188.93 -4.54
CA UNK F 95 64.62 -188.60 -5.27
C UNK F 95 63.37 -188.99 -4.49
N UNK F 96 63.48 -189.98 -3.60
CA UNK F 96 62.33 -190.56 -2.89
C UNK F 96 61.70 -189.61 -1.89
N UNK F 97 62.16 -188.36 -1.78
CA UNK F 97 61.56 -187.39 -0.87
C UNK F 97 61.03 -186.15 -1.58
N UNK F 98 60.90 -186.19 -2.91
CA UNK F 98 60.41 -185.04 -3.66
C UNK F 98 58.93 -184.76 -3.44
N UNK F 99 58.21 -185.63 -2.73
CA UNK F 99 56.79 -185.42 -2.47
C UNK F 99 56.33 -186.26 -1.29
N UNK F 104 59.34 -192.43 -8.32
CA UNK F 104 58.10 -192.67 -9.06
C UNK F 104 58.39 -192.81 -10.55
N UNK F 105 58.91 -191.73 -11.15
CA UNK F 105 59.24 -191.76 -12.57
C UNK F 105 60.21 -192.89 -12.89
N UNK F 106 61.22 -193.08 -12.06
CA UNK F 106 62.16 -194.18 -12.27
C UNK F 106 61.91 -195.35 -11.34
N UNK F 107 61.01 -195.19 -10.36
CA UNK F 107 60.71 -196.28 -9.43
C UNK F 107 60.14 -197.48 -10.18
N UNK F 108 59.24 -197.24 -11.12
CA UNK F 108 58.74 -198.31 -11.97
C UNK F 108 59.79 -198.79 -12.96
N UNK F 109 60.87 -198.03 -13.13
CA UNK F 109 61.93 -198.34 -14.09
C UNK F 109 63.23 -198.75 -13.40
N UNK F 110 63.12 -199.54 -12.34
CA UNK F 110 64.28 -199.99 -11.58
C UNK F 110 65.01 -201.04 -12.40
N UNK F 111 65.79 -200.56 -13.37
CA UNK F 111 66.50 -201.43 -14.30
C UNK F 111 67.91 -201.72 -13.81
N UNK F 112 68.48 -202.79 -14.34
CA UNK F 112 69.84 -203.18 -13.95
C UNK F 112 70.88 -202.32 -14.65
N UNK F 113 70.65 -201.97 -15.92
CA UNK F 113 71.63 -201.24 -16.71
C UNK F 113 70.94 -200.16 -17.52
N UNK F 114 71.68 -199.08 -17.77
CA UNK F 114 71.19 -197.97 -18.58
C UNK F 114 72.38 -197.12 -19.01
N UNK F 115 72.42 -196.75 -20.30
CA UNK F 115 73.54 -196.00 -20.85
C UNK F 115 72.99 -194.75 -21.54
N UNK F 116 72.82 -193.67 -20.78
CA UNK F 116 72.27 -192.42 -21.28
C UNK F 116 71.00 -192.67 -22.09
N UNK F 117 70.21 -193.63 -21.64
CA UNK F 117 69.09 -194.14 -22.42
C UNK F 117 68.00 -194.56 -21.45
N UNK F 118 67.07 -195.39 -21.93
CA UNK F 118 65.88 -195.83 -21.21
C UNK F 118 64.97 -194.68 -20.82
N UNK F 119 65.19 -193.49 -21.39
CA UNK F 119 64.27 -192.38 -21.19
C UNK F 119 62.89 -192.67 -21.77
N UNK F 120 62.77 -193.73 -22.57
CA UNK F 120 61.44 -194.22 -22.92
C UNK F 120 60.74 -194.79 -21.70
N UNK F 121 61.49 -195.40 -20.78
CA UNK F 121 60.91 -195.85 -19.53
C UNK F 121 60.62 -194.69 -18.59
N UNK F 122 61.23 -193.53 -18.81
CA UNK F 122 60.94 -192.34 -17.99
C UNK F 122 61.32 -191.11 -18.81
N UNK F 123 60.32 -190.40 -19.31
CA UNK F 123 60.54 -189.26 -20.19
C UNK F 123 60.34 -187.95 -19.43
N UNK F 124 61.14 -186.95 -19.80
CA UNK F 124 61.04 -185.64 -19.15
C UNK F 124 59.75 -184.93 -19.53
N UNK F 125 59.44 -184.91 -20.82
CA UNK F 125 58.18 -184.31 -21.27
C UNK F 125 57.00 -185.02 -20.63
N UNK F 126 57.07 -186.34 -20.50
CA UNK F 126 56.01 -187.09 -19.83
C UNK F 126 55.85 -186.63 -18.38
N UNK F 127 56.97 -186.41 -17.69
CA UNK F 127 56.92 -185.95 -16.31
C UNK F 127 56.28 -184.57 -16.21
N UNK F 128 56.72 -183.65 -17.07
CA UNK F 128 56.16 -182.30 -17.06
C UNK F 128 54.67 -182.33 -17.35
N UNK F 129 54.23 -183.17 -18.30
CA UNK F 129 52.82 -183.23 -18.63
C UNK F 129 52.00 -183.83 -17.50
N UNK F 130 52.49 -184.93 -16.90
CA UNK F 130 51.77 -185.54 -15.78
C UNK F 130 51.73 -184.62 -14.58
N UNK F 131 52.71 -183.72 -14.44
CA UNK F 131 52.68 -182.76 -13.35
C UNK F 131 51.71 -181.62 -13.63
N UNK F 132 51.71 -181.09 -14.86
CA UNK F 132 50.93 -179.90 -15.16
C UNK F 132 49.46 -180.21 -15.42
N UNK F 133 49.14 -181.40 -15.92
CA UNK F 133 47.75 -181.73 -16.23
C UNK F 133 46.85 -181.70 -15.00
N UNK F 134 47.42 -181.79 -13.81
CA UNK F 134 46.69 -181.68 -12.55
C UNK F 134 46.81 -180.28 -11.97
N UNK F 135 46.78 -179.27 -12.84
CA UNK F 135 47.14 -177.90 -12.51
C UNK F 135 46.59 -177.44 -11.17
N UNK F 136 45.26 -177.42 -11.02
CA UNK F 136 44.66 -176.95 -9.78
C UNK F 136 43.20 -177.40 -9.73
N UNK F 137 42.64 -177.32 -8.53
CA UNK F 137 41.22 -177.62 -8.34
C UNK F 137 40.32 -176.49 -8.81
N UNK F 138 40.88 -175.32 -9.13
CA UNK F 138 40.11 -174.18 -9.61
C UNK F 138 40.54 -173.68 -10.97
N UNK F 139 41.75 -174.00 -11.43
CA UNK F 139 42.23 -173.57 -12.73
C UNK F 139 42.81 -174.77 -13.47
N UNK F 140 42.38 -174.95 -14.72
CA UNK F 140 42.80 -176.10 -15.52
C UNK F 140 43.08 -175.66 -16.96
N UNK F 141 43.79 -174.54 -17.12
CA UNK F 141 44.16 -174.09 -18.46
C UNK F 141 45.22 -174.98 -19.07
N UNK F 142 46.41 -175.00 -18.45
CA UNK F 142 47.49 -175.96 -18.70
C UNK F 142 48.19 -175.77 -20.04
N UNK F 143 47.71 -174.87 -20.90
CA UNK F 143 48.37 -174.56 -22.16
C UNK F 143 48.62 -175.81 -23.01
N UNK F 144 47.53 -176.40 -23.51
CA UNK F 144 47.62 -177.61 -24.32
C UNK F 144 48.48 -177.38 -25.57
N UNK F 145 48.64 -176.12 -25.97
CA UNK F 145 49.61 -175.81 -27.01
C UNK F 145 51.01 -176.25 -26.59
N UNK F 146 51.38 -175.97 -25.34
CA UNK F 146 52.62 -176.52 -24.81
C UNK F 146 52.60 -178.04 -24.78
N UNK F 147 51.42 -178.64 -24.64
CA UNK F 147 51.32 -180.10 -24.70
C UNK F 147 51.70 -180.62 -26.08
N UNK F 148 51.23 -179.96 -27.13
CA UNK F 148 51.61 -180.37 -28.48
C UNK F 148 53.09 -180.09 -28.75
N UNK F 149 53.60 -178.96 -28.26
CA UNK F 149 55.02 -178.67 -28.40
C UNK F 149 55.87 -179.74 -27.74
N UNK F 150 55.52 -180.13 -26.52
CA UNK F 150 56.24 -181.18 -25.81
C UNK F 150 56.08 -182.52 -26.52
N UNK F 151 54.90 -182.78 -27.07
CA UNK F 151 54.70 -184.01 -27.85
C UNK F 151 55.69 -184.09 -28.99
N UNK F 152 55.81 -183.01 -29.77
CA UNK F 152 56.76 -182.99 -30.88
C UNK F 152 58.20 -183.13 -30.37
N UNK F 153 58.55 -182.37 -29.33
CA UNK F 153 59.92 -182.37 -28.84
C UNK F 153 60.32 -183.75 -28.33
N UNK F 154 59.41 -184.45 -27.65
CA UNK F 154 59.71 -185.79 -27.15
C UNK F 154 59.70 -186.82 -28.26
N UNK F 155 58.76 -186.69 -29.21
CA UNK F 155 58.74 -187.59 -30.37
C UNK F 155 60.01 -187.46 -31.19
N UNK F 156 60.71 -186.33 -31.09
CA UNK F 156 62.00 -186.19 -31.75
C UNK F 156 63.01 -187.26 -31.32
N UNK F 157 62.71 -188.03 -30.27
CA UNK F 157 63.57 -189.12 -29.82
C UNK F 157 62.73 -190.37 -29.51
N UNK F 158 61.82 -190.72 -30.42
CA UNK F 158 60.96 -191.89 -30.19
C UNK F 158 61.81 -193.15 -30.05
N UNK F 159 62.74 -193.37 -30.98
CA UNK F 159 63.69 -194.47 -30.91
C UNK F 159 65.08 -194.05 -31.37
N UNK F 160 65.42 -192.77 -31.26
CA UNK F 160 66.65 -192.25 -31.83
C UNK F 160 67.86 -192.67 -31.01
N UNK F 161 69.04 -192.12 -31.38
CA UNK F 161 70.28 -192.57 -30.74
C UNK F 161 70.76 -191.57 -29.69
N UNK F 162 71.00 -190.31 -30.08
CA UNK F 162 71.64 -189.36 -29.18
C UNK F 162 70.71 -188.21 -28.77
N UNK F 163 70.17 -187.46 -29.73
CA UNK F 163 69.31 -186.31 -29.45
C UNK F 163 69.94 -185.40 -28.40
N UNK F 164 71.11 -184.85 -28.75
CA UNK F 164 71.87 -184.04 -27.82
C UNK F 164 71.24 -182.69 -27.54
N UNK F 165 70.11 -182.36 -28.18
CA UNK F 165 69.48 -181.06 -27.99
C UNK F 165 69.13 -180.84 -26.52
N UNK F 166 68.27 -181.69 -25.96
CA UNK F 166 67.92 -181.54 -24.56
C UNK F 166 69.11 -181.79 -23.65
N UNK F 167 70.02 -182.69 -24.05
CA UNK F 167 71.22 -182.94 -23.27
C UNK F 167 71.96 -181.65 -23.00
N UNK F 168 72.17 -180.84 -24.05
CA UNK F 168 72.74 -179.50 -23.84
C UNK F 168 71.75 -178.62 -23.07
N UNK F 169 70.46 -178.77 -23.33
CA UNK F 169 69.47 -177.89 -22.72
C UNK F 169 69.16 -178.32 -21.28
N UNK F 170 68.63 -179.52 -21.11
CA UNK F 170 68.22 -180.00 -19.80
C UNK F 170 68.14 -181.52 -19.76
N UNK F 185 55.42 -202.31 -30.74
CA UNK F 185 54.36 -201.44 -30.25
C UNK F 185 53.73 -202.02 -28.98
N UNK F 186 54.42 -202.99 -28.37
CA UNK F 186 53.94 -203.56 -27.12
C UNK F 186 53.84 -202.50 -26.03
N UNK F 187 54.75 -201.53 -26.04
CA UNK F 187 54.69 -200.46 -25.05
C UNK F 187 53.43 -199.62 -25.22
N UNK F 188 52.96 -199.46 -26.46
CA UNK F 188 51.70 -198.76 -26.68
C UNK F 188 50.55 -199.47 -25.98
N UNK F 189 50.53 -200.80 -26.05
CA UNK F 189 49.54 -201.56 -25.31
C UNK F 189 49.83 -201.56 -23.82
N UNK F 190 51.04 -201.21 -23.42
CA UNK F 190 51.37 -201.12 -22.00
C UNK F 190 50.88 -199.81 -21.39
N UNK F 191 51.39 -198.69 -21.91
CA UNK F 191 50.97 -197.35 -21.46
C UNK F 191 50.73 -196.50 -22.70
N UNK F 192 49.47 -196.15 -22.95
CA UNK F 192 49.13 -195.44 -24.18
C UNK F 192 49.35 -193.94 -24.08
N UNK F 193 48.62 -193.27 -23.19
CA UNK F 193 48.59 -191.81 -23.13
C UNK F 193 47.87 -191.40 -21.85
N UNK F 194 47.60 -190.10 -21.73
CA UNK F 194 46.89 -189.54 -20.58
C UNK F 194 45.85 -188.55 -21.11
N UNK F 195 44.61 -189.04 -21.29
CA UNK F 195 43.48 -188.23 -21.74
C UNK F 195 43.75 -187.62 -23.12
N UNK F 196 44.22 -188.45 -24.04
CA UNK F 196 44.51 -187.99 -25.39
C UNK F 196 44.48 -189.19 -26.33
N UNK F 197 43.60 -189.15 -27.33
CA UNK F 197 43.51 -190.21 -28.33
C UNK F 197 44.36 -189.93 -29.55
N UNK F 198 44.44 -188.66 -29.96
CA UNK F 198 45.32 -188.31 -31.07
C UNK F 198 46.78 -188.60 -30.75
N UNK F 199 47.16 -188.50 -29.47
CA UNK F 199 48.54 -188.80 -29.09
C UNK F 199 48.86 -190.28 -29.26
N UNK F 200 47.93 -191.15 -28.82
CA UNK F 200 48.12 -192.58 -29.04
C UNK F 200 48.09 -192.92 -30.51
N UNK F 201 47.23 -192.24 -31.29
CA UNK F 201 47.23 -192.42 -32.73
C UNK F 201 48.58 -192.08 -33.33
N UNK F 202 49.18 -190.96 -32.88
CA UNK F 202 50.48 -190.56 -33.39
C UNK F 202 51.56 -191.56 -33.01
N UNK F 203 51.53 -192.04 -31.76
CA UNK F 203 52.51 -193.04 -31.33
C UNK F 203 52.40 -194.31 -32.17
N UNK F 204 51.17 -194.79 -32.39
CA UNK F 204 50.99 -196.01 -33.18
C UNK F 204 51.41 -195.80 -34.63
N UNK F 205 51.14 -194.62 -35.18
CA UNK F 205 51.55 -194.33 -36.55
C UNK F 205 53.07 -194.26 -36.65
N UNK F 206 53.73 -193.70 -35.65
CA UNK F 206 55.18 -193.72 -35.61
C UNK F 206 55.71 -195.14 -35.58
N UNK F 207 55.11 -195.98 -34.72
CA UNK F 207 55.51 -197.39 -34.68
C UNK F 207 55.32 -198.07 -36.02
N UNK F 208 54.22 -197.77 -36.70
CA UNK F 208 53.96 -198.38 -38.01
C UNK F 208 54.89 -197.84 -39.08
N UNK F 209 55.41 -196.63 -38.93
CA UNK F 209 56.31 -196.06 -39.92
C UNK F 209 57.52 -196.94 -40.17
N UNK F 210 57.83 -197.85 -39.26
CA UNK F 210 58.91 -198.81 -39.46
C UNK F 210 58.38 -200.23 -39.25
N UNK F 216 46.12 -211.43 -28.76
CA UNK F 216 45.59 -212.44 -27.85
C UNK F 216 45.23 -211.83 -26.51
N UNK F 217 46.23 -211.58 -25.66
CA UNK F 217 45.98 -210.93 -24.38
C UNK F 217 45.61 -209.47 -24.58
N UNK F 218 46.25 -208.81 -25.56
CA UNK F 218 45.87 -207.45 -25.90
C UNK F 218 44.40 -207.35 -26.27
N UNK F 219 43.82 -208.43 -26.79
CA UNK F 219 42.40 -208.44 -27.10
C UNK F 219 41.57 -208.19 -25.84
N UNK F 220 41.76 -209.03 -24.82
CA UNK F 220 41.03 -208.87 -23.56
C UNK F 220 41.36 -207.53 -22.91
N UNK F 221 42.63 -207.12 -23.00
CA UNK F 221 43.03 -205.84 -22.42
C UNK F 221 42.23 -204.68 -23.04
N UNK F 222 42.19 -204.62 -24.37
CA UNK F 222 41.45 -203.56 -25.03
C UNK F 222 39.94 -203.70 -24.79
N UNK F 223 39.44 -204.93 -24.73
CA UNK F 223 38.03 -205.13 -24.43
C UNK F 223 37.67 -204.57 -23.06
N UNK F 224 38.60 -204.64 -22.12
CA UNK F 224 38.36 -204.04 -20.81
C UNK F 224 38.48 -202.53 -20.86
N UNK F 225 39.58 -202.02 -21.43
CA UNK F 225 39.85 -200.58 -21.38
C UNK F 225 39.12 -199.83 -22.48
N UNK F 226 39.26 -200.28 -23.73
CA UNK F 226 38.67 -199.62 -24.91
C UNK F 226 39.13 -198.16 -25.00
N UNK F 227 40.44 -198.01 -25.20
CA UNK F 227 41.03 -196.68 -25.35
C UNK F 227 42.04 -196.67 -26.50
N UNK F 230 32.16 -182.96 -35.07
CA UNK F 230 32.33 -184.41 -34.96
C UNK F 230 32.72 -185.01 -36.30
N UNK F 231 31.98 -184.65 -37.35
CA UNK F 231 32.29 -185.17 -38.68
C UNK F 231 33.63 -184.66 -39.19
N UNK F 232 34.09 -183.52 -38.68
CA UNK F 232 35.42 -183.04 -39.03
C UNK F 232 36.48 -184.06 -38.64
N UNK F 233 36.30 -184.72 -37.50
CA UNK F 233 37.20 -185.80 -37.11
C UNK F 233 36.98 -187.05 -37.96
N UNK F 234 35.75 -187.26 -38.43
CA UNK F 234 35.48 -188.38 -39.32
C UNK F 234 36.11 -188.18 -40.69
N UNK F 235 36.44 -186.94 -41.06
CA UNK F 235 36.91 -186.61 -42.39
C UNK F 235 38.41 -186.35 -42.45
N UNK F 236 38.92 -185.47 -41.58
CA UNK F 236 40.29 -185.00 -41.72
C UNK F 236 41.31 -186.12 -41.61
N UNK F 237 41.15 -187.00 -40.61
CA UNK F 237 42.13 -188.04 -40.32
C UNK F 237 41.89 -189.31 -41.14
N UNK F 238 41.19 -189.21 -42.26
CA UNK F 238 40.93 -190.38 -43.09
C UNK F 238 42.21 -190.83 -43.80
N UNK F 244 56.40 -186.91 -42.22
CA UNK F 244 55.83 -186.39 -43.46
C UNK F 244 54.92 -185.20 -43.16
N UNK F 245 53.63 -185.38 -43.42
CA UNK F 245 52.62 -184.35 -43.12
C UNK F 245 52.30 -184.28 -41.64
N UNK F 246 53.11 -184.90 -40.79
CA UNK F 246 52.81 -185.02 -39.36
C UNK F 246 52.61 -183.66 -38.71
N UNK F 247 53.63 -182.80 -38.73
CA UNK F 247 53.59 -181.58 -37.93
C UNK F 247 52.42 -180.68 -38.30
N UNK F 248 52.02 -180.69 -39.57
CA UNK F 248 50.90 -179.85 -40.00
C UNK F 248 49.61 -180.24 -39.29
N UNK F 249 49.20 -181.50 -39.46
CA UNK F 249 48.00 -181.96 -38.77
C UNK F 249 48.18 -181.95 -37.26
N UNK F 250 49.43 -182.01 -36.79
CA UNK F 250 49.68 -181.93 -35.35
C UNK F 250 49.29 -180.57 -34.80
N UNK F 251 49.79 -179.51 -35.42
CA UNK F 251 49.38 -178.16 -35.02
C UNK F 251 47.89 -177.95 -35.24
N UNK F 252 47.36 -178.48 -36.35
CA UNK F 252 45.93 -178.37 -36.61
C UNK F 252 45.12 -178.97 -35.46
N UNK F 253 45.47 -180.18 -35.03
CA UNK F 253 44.74 -180.83 -33.96
C UNK F 253 44.98 -180.15 -32.62
N UNK F 254 46.17 -179.57 -32.42
CA UNK F 254 46.39 -178.76 -31.23
C UNK F 254 45.39 -177.63 -31.15
N UNK F 255 45.29 -176.87 -32.25
CA UNK F 255 44.32 -175.77 -32.29
C UNK F 255 42.90 -176.28 -32.14
N UNK F 256 42.60 -177.44 -32.74
CA UNK F 256 41.25 -177.97 -32.69
C UNK F 256 40.85 -178.35 -31.27
N UNK F 257 41.73 -179.08 -30.57
CA UNK F 257 41.47 -179.40 -29.17
C UNK F 257 41.40 -178.15 -28.32
N UNK F 258 42.14 -177.10 -28.70
CA UNK F 258 42.01 -175.83 -28.00
C UNK F 258 40.67 -175.19 -28.27
N UNK F 259 40.04 -175.48 -29.40
CA UNK F 259 38.83 -174.77 -29.82
C UNK F 259 37.65 -175.07 -28.89
N UNK F 260 37.44 -176.32 -28.53
CA UNK F 260 36.29 -176.68 -27.72
C UNK F 260 36.42 -176.30 -26.26
N UNK F 261 37.43 -175.51 -25.90
CA UNK F 261 37.62 -175.08 -24.52
C UNK F 261 36.55 -174.08 -24.10
#